data_6UB9
#
_entry.id   6UB9
#
_cell.length_a   135.373
_cell.length_b   159.619
_cell.length_c   164.932
_cell.angle_alpha   90.000
_cell.angle_beta   90.000
_cell.angle_gamma   90.000
#
_symmetry.space_group_name_H-M   'P 21 21 21'
#
loop_
_entity.id
_entity.type
_entity.pdbx_description
1 polymer 'Tryptophan synthase alpha chain'
2 polymer 'Tryptophan synthase beta chain'
3 non-polymer 'FORMIC ACID'
4 non-polymer 'MALONIC ACID'
5 non-polymer '2-[({3-HYDROXY-2-METHYL-5-[(PHOSPHONOOXY)METHYL]PYRIDIN-4-YL}METHYL)AMINO]ACRYLIC ACID'
6 non-polymer "(2R,3S,4R)-3-(4'-chloro-2',6'-difluoro[1,1'-biphenyl]-4-yl)-4-(fluoromethyl)azetidine-2-carbonitrile"
7 non-polymer 'CESIUM ION'
8 non-polymer 'ACETATE ION'
9 non-polymer 'TRIETHYLENE GLYCOL'
10 non-polymer 1,2-ETHANEDIOL
11 water water
#
loop_
_entity_poly.entity_id
_entity_poly.type
_entity_poly.pdbx_seq_one_letter_code
_entity_poly.pdbx_strand_id
1 'polypeptide(L)'
;MVAVEQSEASRLGPVFDSCRANNRAALIGYLPTGYPDVPASVAAMTALVESGCDIIEVGVPYSDPGMDGPTIARATEAAL
RGGVRVRDTLAAVEAISIAGGRAVVMTYWNPVLRYGVDAFARDLAAAGGLGLITPDLIPDEAQQWLAASEEHRLDRIFLV
APSSTPERLAATVEASRGFVYAASTMGVTGARDAVSQAAPELVGRVKAVSDIPVGVGLGVRSRAQAAQIAQYADGVIVGS
ALVTALTEGLPRLRALTGELAAGVRLGMSAHHHHHH
;
A,C,E,G
2 'polypeptide(L)'
;MSAAIAEPTSHDPDSGGHFGGPSGWGGRYVPEALMAVIEEVTAAYQKERVSQDFLDDLDRLQANYAGRPSPLYEATRLSQ
HAGSARIFLKREDLNHTGSHKINNVLGQALLARRMGKTRVIAETGAGQHGVATATACALLGLDCVIYMGGIDTARQALNV
ARMRLLGAEVVAVQTGSKTLKDAINEAFRDWVANADNTYYCFGTAAGPHPFPTMVRDFQRIIGMEARVQIQGQAGRLPDA
VVACVGGGSNAIGIFHAFLDDPGVRLVGFEAAGDGVETGRHAATFTAGSPGAFHGSFSYLLQDEDGQTIESHSISAGLDY
PGVGPEHAWLKEAGRVDYRPITDSEAMDAFGLLCRMEGIIPAIESAHAVAGALKLGVELGRGAVIVVNLSGRGDKDVETA
AKWFGLLGND
;
B,D,F,H
#
loop_
_chem_comp.id
_chem_comp.type
_chem_comp.name
_chem_comp.formula
ACT non-polymer 'ACETATE ION' 'C2 H3 O2 -1'
CS non-polymer 'CESIUM ION' 'Cs 1'
EDO non-polymer 1,2-ETHANEDIOL 'C2 H6 O2'
FMT non-polymer 'FORMIC ACID' 'C H2 O2'
H9V non-polymer (2R,3S,4R)-3-(4'-chloro-2',6'-difluoro[1,1'-biphenyl]-4-yl)-4-(fluoromethyl)azetidine-2-carbonitrile 'C17 H12 Cl F3 N2'
MLA non-polymer 'MALONIC ACID' 'C3 H4 O4'
P1T non-polymer '2-[({3-HYDROXY-2-METHYL-5-[(PHOSPHONOOXY)METHYL]PYRIDIN-4-YL}METHYL)AMINO]ACRYLIC ACID' 'C11 H15 N2 O7 P'
PGE non-polymer 'TRIETHYLENE GLYCOL' 'C6 H14 O4'
#
# COMPACT_ATOMS: atom_id res chain seq x y z
N GLU A 8 -12.96 61.49 -10.00
CA GLU A 8 -12.52 62.61 -9.17
C GLU A 8 -11.35 62.21 -8.27
N ALA A 9 -10.89 63.16 -7.45
CA ALA A 9 -9.72 62.96 -6.61
C ALA A 9 -10.10 62.31 -5.28
N SER A 10 -9.09 61.72 -4.63
CA SER A 10 -9.30 61.12 -3.33
C SER A 10 -9.41 62.21 -2.26
N ARG A 11 -9.94 61.81 -1.10
CA ARG A 11 -10.11 62.77 -0.01
C ARG A 11 -8.76 63.26 0.51
N LEU A 12 -7.78 62.35 0.62
CA LEU A 12 -6.46 62.70 1.12
C LEU A 12 -5.55 63.26 0.02
N GLY A 13 -6.04 63.41 -1.21
CA GLY A 13 -5.27 63.96 -2.29
C GLY A 13 -4.69 65.33 -2.01
N PRO A 14 -5.53 66.31 -1.65
CA PRO A 14 -5.02 67.65 -1.35
C PRO A 14 -3.97 67.68 -0.25
N VAL A 15 -4.06 66.77 0.73
CA VAL A 15 -3.10 66.79 1.84
C VAL A 15 -1.69 66.49 1.33
N PHE A 16 -1.52 65.38 0.61
CA PHE A 16 -0.22 65.06 0.05
C PHE A 16 0.22 66.08 -0.99
N ASP A 17 -0.74 66.67 -1.72
CA ASP A 17 -0.39 67.74 -2.65
C ASP A 17 0.29 68.90 -1.92
N SER A 18 -0.24 69.28 -0.75
CA SER A 18 0.36 70.37 0.01
C SER A 18 1.70 69.98 0.60
N CYS A 19 1.83 68.74 1.08
CA CYS A 19 3.09 68.30 1.66
C CYS A 19 4.19 68.25 0.61
N ARG A 20 3.90 67.64 -0.55
CA ARG A 20 4.90 67.57 -1.62
C ARG A 20 5.29 68.95 -2.12
N ALA A 21 4.40 69.94 -1.98
CA ALA A 21 4.72 71.31 -2.33
C ALA A 21 5.59 72.00 -1.28
N ASN A 22 5.60 71.51 -0.05
CA ASN A 22 6.44 72.04 1.01
C ASN A 22 7.72 71.25 1.21
N ASN A 23 8.08 70.39 0.26
CA ASN A 23 9.30 69.58 0.32
C ASN A 23 9.33 68.78 1.63
N ARG A 24 8.25 68.05 1.87
CA ARG A 24 8.13 67.30 3.12
C ARG A 24 7.16 66.14 2.90
N ALA A 25 7.15 65.24 3.89
CA ALA A 25 6.20 64.13 3.90
C ALA A 25 5.10 64.41 4.91
N ALA A 26 4.00 63.67 4.76
CA ALA A 26 2.89 63.80 5.70
C ALA A 26 3.15 62.95 6.93
N LEU A 27 2.94 63.53 8.10
CA LEU A 27 3.09 62.81 9.37
C LEU A 27 1.75 62.19 9.72
N ILE A 28 1.69 60.86 9.73
CA ILE A 28 0.47 60.11 9.97
C ILE A 28 0.58 59.45 11.33
N GLY A 29 -0.29 59.83 12.26
CA GLY A 29 -0.22 59.39 13.63
C GLY A 29 -1.36 58.45 14.00
N TYR A 30 -1.03 57.38 14.72
CA TYR A 30 -1.99 56.39 15.17
C TYR A 30 -2.15 56.47 16.68
N LEU A 31 -3.39 56.40 17.15
CA LEU A 31 -3.70 56.28 18.56
C LEU A 31 -4.97 55.46 18.66
N PRO A 32 -5.05 54.49 19.58
CA PRO A 32 -6.27 53.71 19.71
C PRO A 32 -7.31 54.40 20.57
N THR A 33 -8.57 54.28 20.16
CA THR A 33 -9.66 54.90 20.90
C THR A 33 -9.83 54.23 22.26
N GLY A 34 -9.91 55.04 23.32
CA GLY A 34 -10.22 54.54 24.63
C GLY A 34 -9.05 54.21 25.52
N TYR A 35 -7.81 54.51 25.09
CA TYR A 35 -6.64 54.29 25.94
C TYR A 35 -6.08 55.64 26.36
N PRO A 36 -5.92 55.92 27.67
CA PRO A 36 -6.23 55.07 28.82
C PRO A 36 -7.73 54.94 29.10
N ASP A 37 -8.47 55.98 28.74
CA ASP A 37 -9.93 55.95 28.73
C ASP A 37 -10.39 56.77 27.52
N VAL A 38 -11.70 56.85 27.33
CA VAL A 38 -12.23 57.51 26.14
C VAL A 38 -11.93 59.01 26.18
N PRO A 39 -12.21 59.73 27.28
CA PRO A 39 -11.89 61.18 27.27
C PRO A 39 -10.41 61.49 27.14
N ALA A 40 -9.54 60.69 27.75
CA ALA A 40 -8.11 60.96 27.65
C ALA A 40 -7.60 60.72 26.24
N SER A 41 -8.10 59.67 25.57
CA SER A 41 -7.67 59.38 24.20
C SER A 41 -8.11 60.45 23.23
N VAL A 42 -9.30 61.02 23.44
CA VAL A 42 -9.74 62.13 22.60
C VAL A 42 -8.91 63.38 22.88
N ALA A 43 -8.51 63.57 24.14
CA ALA A 43 -7.58 64.65 24.45
C ALA A 43 -6.25 64.48 23.73
N ALA A 44 -5.80 63.23 23.58
CA ALA A 44 -4.51 62.97 22.97
C ALA A 44 -4.58 63.08 21.46
N MET A 45 -5.70 62.66 20.85
CA MET A 45 -5.83 62.81 19.41
C MET A 45 -5.95 64.28 19.02
N THR A 46 -6.67 65.07 19.83
CA THR A 46 -6.67 66.51 19.62
C THR A 46 -5.27 67.08 19.75
N ALA A 47 -4.51 66.61 20.76
CA ALA A 47 -3.15 67.07 20.94
C ALA A 47 -2.30 66.76 19.71
N LEU A 48 -2.55 65.63 19.05
CA LEU A 48 -1.82 65.30 17.83
C LEU A 48 -2.09 66.32 16.72
N VAL A 49 -3.35 66.74 16.57
CA VAL A 49 -3.68 67.76 15.58
C VAL A 49 -2.97 69.07 15.91
N GLU A 50 -2.97 69.45 17.19
CA GLU A 50 -2.32 70.68 17.61
C GLU A 50 -0.81 70.64 17.44
N SER A 51 -0.22 69.46 17.40
CA SER A 51 1.24 69.31 17.39
C SER A 51 1.80 69.00 16.01
N GLY A 52 0.99 69.09 14.96
CA GLY A 52 1.49 68.99 13.60
C GLY A 52 1.28 67.67 12.91
N CYS A 53 0.23 66.92 13.24
CA CYS A 53 -0.05 65.64 12.60
C CYS A 53 -0.98 65.88 11.42
N ASP A 54 -0.51 65.53 10.22
CA ASP A 54 -1.28 65.81 9.01
C ASP A 54 -2.47 64.86 8.86
N ILE A 55 -2.36 63.61 9.32
CA ILE A 55 -3.44 62.64 9.26
C ILE A 55 -3.43 61.85 10.56
N ILE A 56 -4.62 61.60 11.11
CA ILE A 56 -4.77 60.84 12.35
C ILE A 56 -5.40 59.49 12.03
N GLU A 57 -4.72 58.42 12.39
CA GLU A 57 -5.26 57.06 12.28
C GLU A 57 -5.97 56.72 13.58
N VAL A 58 -7.29 56.83 13.59
CA VAL A 58 -8.08 56.46 14.76
C VAL A 58 -8.27 54.95 14.76
N GLY A 59 -7.74 54.29 15.77
CA GLY A 59 -7.76 52.84 15.83
C GLY A 59 -8.95 52.31 16.60
N VAL A 60 -9.63 51.33 16.02
CA VAL A 60 -10.73 50.63 16.68
C VAL A 60 -10.14 49.44 17.43
N PRO A 61 -10.16 49.43 18.76
CA PRO A 61 -9.62 48.29 19.50
C PRO A 61 -10.38 47.01 19.18
N TYR A 62 -9.65 45.94 18.91
CA TYR A 62 -10.22 44.64 18.58
C TYR A 62 -9.75 43.60 19.58
N SER A 63 -10.61 42.62 19.85
CA SER A 63 -10.31 41.63 20.88
C SER A 63 -9.16 40.72 20.49
N ASP A 64 -9.02 40.40 19.20
CA ASP A 64 -7.98 39.50 18.72
C ASP A 64 -7.19 40.16 17.59
N PRO A 65 -6.42 41.23 17.90
CA PRO A 65 -5.67 41.93 16.86
C PRO A 65 -4.37 41.24 16.49
N GLY A 66 -4.38 40.51 15.38
CA GLY A 66 -3.21 39.73 15.00
C GLY A 66 -2.06 40.56 14.44
N MET A 67 -2.36 41.75 13.92
CA MET A 67 -1.35 42.58 13.29
C MET A 67 -0.67 43.55 14.25
N ASP A 68 -1.19 43.70 15.47
CA ASP A 68 -0.70 44.71 16.39
C ASP A 68 0.48 44.20 17.19
N GLY A 69 1.48 45.07 17.36
CA GLY A 69 2.62 44.76 18.17
C GLY A 69 2.29 44.82 19.65
N PRO A 70 3.27 44.46 20.48
CA PRO A 70 3.00 44.36 21.93
C PRO A 70 2.56 45.67 22.56
N THR A 71 3.15 46.80 22.15
CA THR A 71 2.77 48.08 22.76
C THR A 71 1.32 48.41 22.48
N ILE A 72 0.88 48.24 21.24
CA ILE A 72 -0.51 48.56 20.89
C ILE A 72 -1.46 47.48 21.38
N ALA A 73 -1.00 46.23 21.46
CA ALA A 73 -1.84 45.15 21.96
C ALA A 73 -2.25 45.41 23.41
N ARG A 74 -1.29 45.77 24.26
CA ARG A 74 -1.60 46.07 25.66
C ARG A 74 -2.58 47.23 25.76
N ALA A 75 -2.40 48.26 24.93
CA ALA A 75 -3.26 49.42 24.99
C ALA A 75 -4.68 49.09 24.54
N THR A 76 -4.81 48.25 23.51
CA THR A 76 -6.15 47.88 23.04
C THR A 76 -6.88 47.00 24.05
N GLU A 77 -6.15 46.14 24.76
CA GLU A 77 -6.78 45.36 25.83
C GLU A 77 -7.26 46.26 26.96
N ALA A 78 -6.45 47.24 27.35
CA ALA A 78 -6.84 48.18 28.39
C ALA A 78 -8.07 48.98 27.99
N ALA A 79 -8.09 49.47 26.75
CA ALA A 79 -9.24 50.23 26.27
C ALA A 79 -10.51 49.38 26.29
N LEU A 80 -10.39 48.11 25.90
CA LEU A 80 -11.54 47.22 25.92
C LEU A 80 -12.01 46.93 27.33
N ARG A 81 -11.08 46.73 28.28
CA ARG A 81 -11.46 46.55 29.66
C ARG A 81 -12.21 47.78 30.19
N GLY A 82 -11.84 48.97 29.74
CA GLY A 82 -12.55 50.18 30.10
C GLY A 82 -13.91 50.34 29.46
N GLY A 83 -14.28 49.45 28.56
CA GLY A 83 -15.58 49.51 27.93
C GLY A 83 -15.66 50.37 26.68
N VAL A 84 -14.59 50.45 25.91
CA VAL A 84 -14.61 51.27 24.69
C VAL A 84 -15.54 50.63 23.67
N ARG A 85 -16.26 51.46 22.94
CA ARG A 85 -17.20 51.01 21.93
C ARG A 85 -16.75 51.48 20.55
N VAL A 86 -17.33 50.87 19.51
CA VAL A 86 -17.05 51.32 18.15
C VAL A 86 -17.62 52.72 17.94
N ARG A 87 -18.78 53.00 18.53
CA ARG A 87 -19.36 54.33 18.46
C ARG A 87 -18.48 55.39 19.10
N ASP A 88 -17.58 54.99 20.01
CA ASP A 88 -16.62 55.95 20.56
C ASP A 88 -15.55 56.31 19.53
N THR A 89 -15.30 55.45 18.54
CA THR A 89 -14.35 55.80 17.50
C THR A 89 -14.93 56.84 16.56
N LEU A 90 -16.22 56.74 16.26
CA LEU A 90 -16.88 57.77 15.46
C LEU A 90 -16.91 59.11 16.19
N ALA A 91 -17.09 59.08 17.51
CA ALA A 91 -17.02 60.32 18.29
C ALA A 91 -15.63 60.92 18.28
N ALA A 92 -14.59 60.08 18.24
CA ALA A 92 -13.23 60.58 18.14
C ALA A 92 -13.02 61.31 16.83
N VAL A 93 -13.59 60.79 15.74
CA VAL A 93 -13.45 61.44 14.44
C VAL A 93 -14.13 62.81 14.45
N GLU A 94 -15.32 62.90 15.02
CA GLU A 94 -15.98 64.20 15.14
C GLU A 94 -15.10 65.20 15.89
N ALA A 95 -14.47 64.74 16.98
CA ALA A 95 -13.59 65.62 17.75
C ALA A 95 -12.39 66.08 16.93
N ILE A 96 -11.85 65.18 16.09
CA ILE A 96 -10.71 65.56 15.26
C ILE A 96 -11.15 66.48 14.12
N SER A 97 -12.32 66.20 13.52
CA SER A 97 -12.84 67.11 12.50
C SER A 97 -13.11 68.49 13.07
N ILE A 98 -13.58 68.56 14.32
CA ILE A 98 -13.87 69.85 14.94
C ILE A 98 -12.58 70.64 15.16
N ALA A 99 -11.52 69.96 15.59
CA ALA A 99 -10.24 70.60 15.83
C ALA A 99 -9.47 70.89 14.53
N GLY A 100 -10.07 70.68 13.37
CA GLY A 100 -9.43 70.96 12.11
C GLY A 100 -8.58 69.83 11.56
N GLY A 101 -8.45 68.72 12.27
CA GLY A 101 -7.63 67.62 11.81
C GLY A 101 -8.29 66.84 10.68
N ARG A 102 -7.63 65.74 10.34
CA ARG A 102 -8.09 64.84 9.28
C ARG A 102 -7.96 63.41 9.81
N ALA A 103 -9.06 62.68 9.83
CA ALA A 103 -9.10 61.38 10.48
C ALA A 103 -9.40 60.29 9.45
N VAL A 104 -8.62 59.21 9.53
CA VAL A 104 -8.98 57.93 8.93
C VAL A 104 -9.10 56.93 10.07
N VAL A 105 -9.83 55.84 9.82
CA VAL A 105 -10.08 54.83 10.82
C VAL A 105 -9.37 53.54 10.40
N MET A 106 -8.57 52.99 11.31
CA MET A 106 -7.92 51.71 11.12
C MET A 106 -8.63 50.67 11.98
N THR A 107 -9.09 49.60 11.36
CA THR A 107 -9.88 48.61 12.08
C THR A 107 -9.79 47.26 11.38
N TYR A 108 -9.90 46.20 12.18
CA TYR A 108 -10.09 44.88 11.64
C TYR A 108 -11.52 44.76 11.09
N TRP A 109 -11.72 43.80 10.20
CA TRP A 109 -12.93 43.87 9.38
C TRP A 109 -14.18 43.47 10.15
N ASN A 110 -14.07 42.54 11.10
CA ASN A 110 -15.28 42.03 11.74
C ASN A 110 -16.10 43.10 12.46
N PRO A 111 -15.52 44.04 13.21
CA PRO A 111 -16.35 45.10 13.78
C PRO A 111 -17.09 45.92 12.73
N VAL A 112 -16.53 46.03 11.53
CA VAL A 112 -17.23 46.72 10.44
C VAL A 112 -18.40 45.88 9.95
N LEU A 113 -18.19 44.57 9.77
CA LEU A 113 -19.28 43.69 9.39
C LEU A 113 -20.40 43.70 10.44
N ARG A 114 -20.03 43.65 11.72
CA ARG A 114 -21.04 43.64 12.77
C ARG A 114 -21.84 44.93 12.79
N TYR A 115 -21.18 46.05 12.44
CA TYR A 115 -21.86 47.34 12.37
C TYR A 115 -22.71 47.47 11.11
N GLY A 116 -22.29 46.83 10.02
CA GLY A 116 -22.89 47.05 8.71
C GLY A 116 -21.98 47.90 7.84
N VAL A 117 -21.50 47.33 6.74
CA VAL A 117 -20.46 48.00 5.95
C VAL A 117 -20.99 49.32 5.40
N ASP A 118 -22.17 49.30 4.77
CA ASP A 118 -22.74 50.53 4.26
C ASP A 118 -23.08 51.49 5.41
N ALA A 119 -23.63 50.95 6.50
CA ALA A 119 -23.98 51.81 7.64
C ALA A 119 -22.75 52.47 8.24
N PHE A 120 -21.68 51.69 8.43
CA PHE A 120 -20.47 52.25 9.02
C PHE A 120 -19.84 53.28 8.10
N ALA A 121 -19.85 53.04 6.78
CA ALA A 121 -19.30 54.01 5.85
C ALA A 121 -20.10 55.31 5.87
N ARG A 122 -21.43 55.20 5.89
CA ARG A 122 -22.28 56.38 5.99
C ARG A 122 -21.98 57.18 7.25
N ASP A 123 -21.93 56.50 8.40
CA ASP A 123 -21.72 57.19 9.67
C ASP A 123 -20.30 57.72 9.80
N LEU A 124 -19.33 57.09 9.15
CA LEU A 124 -17.95 57.58 9.22
C LEU A 124 -17.80 58.88 8.44
N ALA A 125 -18.34 58.92 7.22
CA ALA A 125 -18.26 60.14 6.42
C ALA A 125 -19.06 61.28 7.06
N ALA A 126 -20.19 60.95 7.71
CA ALA A 126 -20.97 61.97 8.40
C ALA A 126 -20.17 62.59 9.54
N ALA A 127 -19.38 61.78 10.25
CA ALA A 127 -18.51 62.26 11.32
C ALA A 127 -17.30 63.03 10.80
N GLY A 128 -17.15 63.19 9.49
CA GLY A 128 -16.00 63.87 8.93
C GLY A 128 -14.82 62.99 8.59
N GLY A 129 -14.95 61.67 8.72
CA GLY A 129 -13.85 60.79 8.38
C GLY A 129 -13.54 60.81 6.90
N LEU A 130 -12.28 60.54 6.57
CA LEU A 130 -11.81 60.62 5.19
C LEU A 130 -11.48 59.29 4.56
N GLY A 131 -11.32 58.23 5.34
CA GLY A 131 -10.93 56.96 4.76
C GLY A 131 -10.88 55.88 5.82
N LEU A 132 -10.56 54.67 5.35
CA LEU A 132 -10.59 53.47 6.18
C LEU A 132 -9.40 52.60 5.82
N ILE A 133 -8.56 52.31 6.80
CA ILE A 133 -7.44 51.39 6.63
C ILE A 133 -7.90 50.00 7.05
N THR A 134 -7.66 49.00 6.21
CA THR A 134 -8.17 47.64 6.42
C THR A 134 -7.02 46.65 6.39
N PRO A 135 -6.36 46.43 7.53
CA PRO A 135 -5.18 45.55 7.54
C PRO A 135 -5.49 44.07 7.35
N ASP A 136 -6.70 43.60 7.68
CA ASP A 136 -7.07 42.21 7.45
C ASP A 136 -8.10 42.04 6.35
N LEU A 137 -8.35 43.08 5.55
CA LEU A 137 -9.25 43.00 4.40
C LEU A 137 -8.42 43.20 3.15
N ILE A 138 -8.29 42.14 2.35
CA ILE A 138 -7.62 42.21 1.06
C ILE A 138 -8.66 42.58 0.01
N PRO A 139 -8.25 43.11 -1.15
CA PRO A 139 -9.24 43.44 -2.20
C PRO A 139 -10.05 42.24 -2.67
N ASP A 140 -9.57 41.02 -2.47
CA ASP A 140 -10.29 39.83 -2.91
C ASP A 140 -11.65 39.69 -2.22
N GLU A 141 -11.77 40.19 -1.00
CA GLU A 141 -12.98 40.05 -0.20
C GLU A 141 -13.71 41.38 0.02
N ALA A 142 -13.28 42.44 -0.65
CA ALA A 142 -13.72 43.80 -0.34
C ALA A 142 -14.76 44.33 -1.31
N GLN A 143 -15.64 43.47 -1.82
CA GLN A 143 -16.67 43.93 -2.75
C GLN A 143 -17.64 44.90 -2.08
N GLN A 144 -18.15 44.53 -0.89
CA GLN A 144 -19.04 45.43 -0.16
C GLN A 144 -18.34 46.75 0.16
N TRP A 145 -17.07 46.68 0.57
CA TRP A 145 -16.35 47.89 0.95
C TRP A 145 -16.08 48.78 -0.24
N LEU A 146 -15.82 48.20 -1.41
CA LEU A 146 -15.60 49.00 -2.61
C LEU A 146 -16.85 49.78 -2.99
N ALA A 147 -18.03 49.18 -2.82
CA ALA A 147 -19.27 49.86 -3.18
C ALA A 147 -19.58 50.98 -2.20
N ALA A 148 -19.45 50.70 -0.90
CA ALA A 148 -19.67 51.74 0.11
C ALA A 148 -18.62 52.84 0.01
N SER A 149 -17.40 52.50 -0.39
CA SER A 149 -16.34 53.50 -0.48
C SER A 149 -16.59 54.47 -1.63
N GLU A 150 -17.01 53.96 -2.79
CA GLU A 150 -17.36 54.85 -3.89
C GLU A 150 -18.60 55.67 -3.59
N GLU A 151 -19.54 55.09 -2.82
CA GLU A 151 -20.79 55.77 -2.51
C GLU A 151 -20.56 56.96 -1.58
N HIS A 152 -19.94 56.72 -0.42
CA HIS A 152 -19.80 57.73 0.62
C HIS A 152 -18.50 58.52 0.52
N ARG A 153 -17.82 58.46 -0.63
CA ARG A 153 -16.64 59.28 -0.91
C ARG A 153 -15.57 59.12 0.17
N LEU A 154 -15.25 57.86 0.47
CA LEU A 154 -14.24 57.52 1.48
C LEU A 154 -13.03 56.90 0.81
N ASP A 155 -11.85 57.28 1.27
CA ASP A 155 -10.63 56.64 0.79
C ASP A 155 -10.52 55.23 1.34
N ARG A 156 -9.81 54.38 0.61
CA ARG A 156 -9.61 52.99 1.01
C ARG A 156 -8.13 52.67 0.94
N ILE A 157 -7.49 52.56 2.10
CA ILE A 157 -6.07 52.31 2.19
C ILE A 157 -5.86 50.82 2.45
N PHE A 158 -5.39 50.10 1.44
CA PHE A 158 -4.99 48.72 1.59
C PHE A 158 -3.49 48.64 1.90
N LEU A 159 -3.05 47.46 2.33
CA LEU A 159 -1.67 47.22 2.70
C LEU A 159 -0.96 46.37 1.67
N VAL A 160 0.33 46.67 1.46
CA VAL A 160 1.23 45.84 0.68
C VAL A 160 2.43 45.52 1.54
N ALA A 161 2.98 44.32 1.35
CA ALA A 161 4.08 43.81 2.14
C ALA A 161 5.28 43.52 1.25
N PRO A 162 6.48 43.43 1.82
CA PRO A 162 7.65 43.07 1.00
C PRO A 162 7.52 41.75 0.28
N SER A 163 6.60 40.88 0.70
CA SER A 163 6.42 39.58 0.09
C SER A 163 5.33 39.58 -0.98
N SER A 164 4.70 40.72 -1.25
CA SER A 164 3.60 40.76 -2.21
C SER A 164 4.09 40.45 -3.61
N THR A 165 3.39 39.55 -4.30
CA THR A 165 3.72 39.22 -5.67
C THR A 165 3.44 40.42 -6.58
N PRO A 166 4.13 40.50 -7.73
CA PRO A 166 3.81 41.59 -8.68
C PRO A 166 2.34 41.66 -9.04
N GLU A 167 1.67 40.51 -9.17
CA GLU A 167 0.25 40.51 -9.50
C GLU A 167 -0.57 41.15 -8.39
N ARG A 168 -0.37 40.69 -7.15
CA ARG A 168 -1.17 41.20 -6.04
C ARG A 168 -0.81 42.64 -5.71
N LEU A 169 0.48 43.02 -5.85
CA LEU A 169 0.87 44.39 -5.54
C LEU A 169 0.20 45.37 -6.50
N ALA A 170 0.25 45.08 -7.80
CA ALA A 170 -0.42 45.93 -8.77
C ALA A 170 -1.94 45.95 -8.54
N ALA A 171 -2.51 44.81 -8.16
CA ALA A 171 -3.95 44.76 -7.90
C ALA A 171 -4.31 45.50 -6.62
N THR A 172 -3.43 45.48 -5.61
CA THR A 172 -3.72 46.18 -4.37
C THR A 172 -3.59 47.69 -4.56
N VAL A 173 -2.57 48.12 -5.32
CA VAL A 173 -2.42 49.55 -5.59
C VAL A 173 -3.57 50.06 -6.45
N GLU A 174 -3.99 49.27 -7.43
CA GLU A 174 -5.14 49.65 -8.24
C GLU A 174 -6.38 49.85 -7.38
N ALA A 175 -6.54 49.04 -6.34
CA ALA A 175 -7.73 49.06 -5.52
C ALA A 175 -7.74 50.17 -4.47
N SER A 176 -6.62 50.85 -4.25
CA SER A 176 -6.51 51.80 -3.16
C SER A 176 -6.83 53.22 -3.61
N ARG A 177 -7.28 54.03 -2.65
CA ARG A 177 -7.53 55.46 -2.83
C ARG A 177 -6.92 56.20 -1.66
N GLY A 178 -6.40 57.39 -1.94
CA GLY A 178 -5.76 58.16 -0.88
C GLY A 178 -4.28 57.86 -0.79
N PHE A 179 -3.93 56.75 -0.13
CA PHE A 179 -2.55 56.30 -0.10
C PHE A 179 -2.52 54.80 0.10
N VAL A 180 -1.35 54.21 -0.14
CA VAL A 180 -1.11 52.78 0.04
C VAL A 180 -0.20 52.60 1.26
N TYR A 181 -0.61 51.73 2.17
CA TYR A 181 0.16 51.47 3.38
C TYR A 181 1.23 50.42 3.08
N ALA A 182 2.49 50.79 3.24
CA ALA A 182 3.62 49.90 3.03
C ALA A 182 4.12 49.43 4.40
N ALA A 183 3.51 48.35 4.90
CA ALA A 183 3.85 47.82 6.21
C ALA A 183 5.10 46.95 6.14
N SER A 184 5.98 47.12 7.12
CA SER A 184 7.21 46.35 7.21
C SER A 184 7.51 45.93 8.65
N SER A 196 17.38 47.90 7.73
CA SER A 196 16.97 47.03 6.65
C SER A 196 16.47 47.85 5.45
N GLN A 197 16.70 47.33 4.25
CA GLN A 197 16.37 48.03 3.01
C GLN A 197 15.08 47.53 2.38
N ALA A 198 14.25 46.80 3.14
CA ALA A 198 13.00 46.29 2.58
C ALA A 198 12.00 47.40 2.31
N ALA A 199 12.04 48.48 3.11
CA ALA A 199 11.02 49.53 2.96
C ALA A 199 11.21 50.34 1.69
N PRO A 200 12.36 50.99 1.44
CA PRO A 200 12.46 51.80 0.21
C PRO A 200 12.35 50.97 -1.07
N GLU A 201 12.74 49.69 -1.01
CA GLU A 201 12.59 48.82 -2.18
C GLU A 201 11.12 48.51 -2.45
N LEU A 202 10.30 48.46 -1.40
CA LEU A 202 8.87 48.24 -1.60
C LEU A 202 8.19 49.48 -2.16
N VAL A 203 8.57 50.66 -1.68
CA VAL A 203 8.02 51.91 -2.22
C VAL A 203 8.39 52.03 -3.69
N GLY A 204 9.58 51.57 -4.07
CA GLY A 204 9.98 51.62 -5.46
C GLY A 204 9.13 50.74 -6.36
N ARG A 205 8.64 49.62 -5.84
CA ARG A 205 7.77 48.76 -6.62
C ARG A 205 6.39 49.37 -6.82
N VAL A 206 5.92 50.14 -5.84
CA VAL A 206 4.60 50.77 -5.97
C VAL A 206 4.66 51.93 -6.94
N LYS A 207 5.68 52.80 -6.80
CA LYS A 207 5.83 53.93 -7.68
C LYS A 207 6.28 53.52 -9.08
N ALA A 208 6.53 52.23 -9.32
CA ALA A 208 6.79 51.74 -10.66
C ALA A 208 5.52 51.45 -11.43
N VAL A 209 4.36 51.42 -10.77
CA VAL A 209 3.13 51.01 -11.41
C VAL A 209 2.02 52.03 -11.20
N SER A 210 2.27 53.05 -10.37
CA SER A 210 1.22 54.01 -10.05
C SER A 210 1.83 55.25 -9.39
N ASP A 211 1.05 56.32 -9.39
CA ASP A 211 1.41 57.60 -8.78
C ASP A 211 0.79 57.80 -7.40
N ILE A 212 0.09 56.81 -6.87
CA ILE A 212 -0.63 57.00 -5.61
C ILE A 212 0.37 57.27 -4.49
N PRO A 213 0.08 58.17 -3.55
CA PRO A 213 1.00 58.38 -2.42
C PRO A 213 1.18 57.10 -1.62
N VAL A 214 2.36 56.95 -1.06
CA VAL A 214 2.74 55.76 -0.29
C VAL A 214 3.15 56.18 1.11
N GLY A 215 2.54 55.58 2.11
CA GLY A 215 2.96 55.74 3.49
C GLY A 215 3.75 54.54 3.95
N VAL A 216 4.67 54.76 4.89
CA VAL A 216 5.58 53.72 5.35
C VAL A 216 5.47 53.63 6.86
N GLY A 217 5.04 52.46 7.34
CA GLY A 217 5.14 52.12 8.74
C GLY A 217 6.38 51.30 8.97
N LEU A 218 7.25 51.77 9.87
CA LEU A 218 8.54 51.13 10.07
C LEU A 218 8.94 51.07 11.54
N GLY A 219 7.99 51.18 12.45
CA GLY A 219 8.32 51.26 13.86
C GLY A 219 9.18 52.48 14.16
N VAL A 220 8.71 53.65 13.70
CA VAL A 220 9.46 54.88 13.90
C VAL A 220 9.33 55.33 15.35
N ARG A 221 10.44 55.77 15.93
CA ARG A 221 10.41 56.25 17.31
C ARG A 221 11.26 57.50 17.52
N SER A 222 11.84 58.08 16.46
CA SER A 222 12.68 59.25 16.61
C SER A 222 12.63 60.09 15.34
N ARG A 223 13.06 61.34 15.47
CA ARG A 223 13.10 62.24 14.31
C ARG A 223 14.04 61.71 13.24
N ALA A 224 15.18 61.13 13.65
CA ALA A 224 16.15 60.63 12.69
C ALA A 224 15.55 59.57 11.78
N GLN A 225 14.77 58.65 12.35
CA GLN A 225 14.13 57.62 11.55
C GLN A 225 12.99 58.21 10.71
N ALA A 226 12.33 59.26 11.21
CA ALA A 226 11.25 59.89 10.46
C ALA A 226 11.78 60.61 9.23
N ALA A 227 12.88 61.36 9.39
CA ALA A 227 13.49 62.01 8.25
C ALA A 227 14.09 61.00 7.28
N GLN A 228 14.57 59.86 7.79
CA GLN A 228 15.17 58.84 6.95
C GLN A 228 14.14 58.23 6.00
N ILE A 229 12.88 58.17 6.44
CA ILE A 229 11.83 57.62 5.59
C ILE A 229 11.29 58.68 4.63
N ALA A 230 11.27 59.94 5.05
CA ALA A 230 10.72 61.01 4.22
C ALA A 230 11.49 61.22 2.93
N GLN A 231 12.65 60.57 2.76
CA GLN A 231 13.39 60.71 1.51
C GLN A 231 12.67 60.04 0.35
N TYR A 232 12.06 58.88 0.60
CA TYR A 232 11.43 58.11 -0.47
C TYR A 232 9.93 57.95 -0.33
N ALA A 233 9.37 58.14 0.86
CA ALA A 233 7.94 57.92 1.09
C ALA A 233 7.19 59.24 1.05
N ASP A 234 5.90 59.15 0.68
CA ASP A 234 5.03 60.32 0.71
C ASP A 234 4.46 60.58 2.11
N GLY A 235 4.46 59.57 2.97
CA GLY A 235 3.98 59.74 4.32
C GLY A 235 4.70 58.85 5.30
N VAL A 236 4.94 59.35 6.51
CA VAL A 236 5.57 58.58 7.58
C VAL A 236 4.48 58.22 8.59
N ILE A 237 4.36 56.93 8.87
CA ILE A 237 3.32 56.41 9.76
C ILE A 237 3.97 56.04 11.09
N VAL A 238 3.47 56.62 12.17
CA VAL A 238 3.97 56.37 13.52
C VAL A 238 2.81 55.91 14.39
N GLY A 239 3.01 54.77 15.07
CA GLY A 239 1.96 54.21 15.90
C GLY A 239 2.41 53.82 17.30
N SER A 240 3.32 52.86 17.39
CA SER A 240 3.74 52.36 18.70
C SER A 240 4.40 53.45 19.53
N ALA A 241 5.27 54.26 18.91
CA ALA A 241 5.98 55.29 19.67
C ALA A 241 5.03 56.34 20.24
N LEU A 242 3.89 56.57 19.59
CA LEU A 242 2.93 57.53 20.11
C LEU A 242 2.19 56.95 21.31
N VAL A 243 1.90 55.65 21.29
CA VAL A 243 1.24 55.03 22.44
C VAL A 243 2.18 55.00 23.64
N THR A 244 3.44 54.63 23.42
CA THR A 244 4.41 54.62 24.51
C THR A 244 4.59 56.01 25.10
N ALA A 245 4.53 57.05 24.25
CA ALA A 245 4.62 58.42 24.73
C ALA A 245 3.37 58.82 25.51
N LEU A 246 2.19 58.45 25.00
CA LEU A 246 0.96 58.78 25.70
C LEU A 246 0.91 58.12 27.08
N THR A 247 1.48 56.93 27.21
CA THR A 247 1.55 56.28 28.51
C THR A 247 2.30 57.15 29.51
N GLU A 248 3.33 57.86 29.05
CA GLU A 248 4.07 58.76 29.91
C GLU A 248 3.33 60.07 30.17
N GLY A 249 2.40 60.45 29.30
CA GLY A 249 1.60 61.65 29.51
C GLY A 249 1.50 62.54 28.30
N LEU A 250 0.51 63.43 28.28
CA LEU A 250 0.32 64.32 27.14
C LEU A 250 1.52 65.21 26.85
N PRO A 251 2.22 65.80 27.83
CA PRO A 251 3.40 66.61 27.48
C PRO A 251 4.45 65.83 26.69
N ARG A 252 4.70 64.57 27.05
CA ARG A 252 5.66 63.77 26.29
C ARG A 252 5.16 63.49 24.88
N LEU A 253 3.85 63.35 24.69
CA LEU A 253 3.32 63.10 23.35
C LEU A 253 3.53 64.30 22.45
N ARG A 254 3.24 65.52 22.95
CA ARG A 254 3.46 66.71 22.15
C ARG A 254 4.93 66.86 21.77
N ALA A 255 5.83 66.61 22.71
CA ALA A 255 7.26 66.70 22.43
C ALA A 255 7.66 65.75 21.32
N LEU A 256 7.27 64.47 21.43
CA LEU A 256 7.64 63.48 20.43
C LEU A 256 7.05 63.81 19.07
N THR A 257 5.78 64.24 19.04
CA THR A 257 5.16 64.61 17.77
C THR A 257 5.87 65.80 17.15
N GLY A 258 6.27 66.77 17.97
CA GLY A 258 7.02 67.90 17.45
C GLY A 258 8.34 67.48 16.82
N GLU A 259 9.03 66.52 17.45
CA GLU A 259 10.26 66.00 16.88
C GLU A 259 9.99 65.32 15.54
N LEU A 260 8.90 64.54 15.46
CA LEU A 260 8.58 63.85 14.22
C LEU A 260 8.12 64.82 13.14
N ALA A 261 7.37 65.85 13.52
CA ALA A 261 6.95 66.85 12.54
C ALA A 261 8.14 67.57 11.92
N ALA A 262 9.22 67.74 12.69
CA ALA A 262 10.43 68.33 12.14
C ALA A 262 11.16 67.35 11.22
N GLY A 263 11.02 66.05 11.48
CA GLY A 263 11.74 65.07 10.67
C GLY A 263 11.15 64.90 9.29
N VAL A 264 9.82 64.93 9.19
CA VAL A 264 9.17 64.75 7.89
C VAL A 264 9.44 65.90 6.94
N ARG A 265 10.12 66.96 7.41
CA ARG A 265 10.46 68.10 6.57
C ARG A 265 11.92 68.04 6.16
N LEU A 266 12.21 68.50 4.94
CA LEU A 266 13.56 68.45 4.38
C LEU A 266 14.10 69.80 3.95
N GLY A 267 13.25 70.79 3.68
CA GLY A 267 13.70 72.10 3.25
C GLY A 267 12.60 72.94 2.63
N ILE B 5 -8.77 5.77 -7.05
CA ILE B 5 -8.62 7.09 -7.65
C ILE B 5 -8.57 8.19 -6.58
N ALA B 6 -8.90 9.42 -6.99
CA ALA B 6 -8.86 10.57 -6.09
C ALA B 6 -10.21 10.78 -5.40
N GLU B 7 -10.69 12.03 -5.37
CA GLU B 7 -11.95 12.37 -4.72
C GLU B 7 -12.65 13.45 -5.54
N PRO B 8 -13.98 13.35 -5.68
CA PRO B 8 -14.71 14.31 -6.50
C PRO B 8 -14.70 15.71 -5.89
N THR B 9 -15.18 16.66 -6.68
CA THR B 9 -15.12 18.09 -6.37
C THR B 9 -16.52 18.70 -6.37
N SER B 10 -17.49 18.01 -5.77
CA SER B 10 -18.88 18.44 -5.86
C SER B 10 -19.24 19.47 -4.79
N HIS B 11 -18.71 19.31 -3.58
CA HIS B 11 -19.05 20.18 -2.46
C HIS B 11 -17.94 21.18 -2.13
N ASP B 12 -17.04 21.43 -3.08
CA ASP B 12 -15.89 22.28 -2.83
C ASP B 12 -16.26 23.75 -3.03
N PRO B 13 -15.48 24.65 -2.43
CA PRO B 13 -15.71 26.08 -2.65
C PRO B 13 -15.11 26.52 -3.97
N ASP B 14 -15.29 27.80 -4.30
CA ASP B 14 -14.78 28.34 -5.56
C ASP B 14 -13.27 28.58 -5.44
N SER B 15 -12.68 29.17 -6.48
CA SER B 15 -11.24 29.41 -6.47
C SER B 15 -10.81 30.33 -5.33
N GLY B 16 -11.72 31.18 -4.84
CA GLY B 16 -11.46 32.06 -3.72
C GLY B 16 -11.72 31.47 -2.35
N GLY B 17 -12.25 30.24 -2.29
CA GLY B 17 -12.52 29.60 -1.03
C GLY B 17 -13.88 29.90 -0.42
N HIS B 18 -14.89 30.18 -1.25
CA HIS B 18 -16.20 30.57 -0.77
C HIS B 18 -17.21 29.45 -0.98
N PHE B 19 -17.98 29.15 0.06
CA PHE B 19 -19.02 28.13 0.02
C PHE B 19 -20.38 28.81 -0.21
N GLY B 20 -21.08 28.39 -1.25
CA GLY B 20 -22.45 28.82 -1.47
C GLY B 20 -22.62 30.25 -1.96
N GLY B 21 -21.80 30.66 -2.93
CA GLY B 21 -21.85 32.02 -3.43
C GLY B 21 -20.49 32.66 -3.38
N PRO B 22 -20.26 33.63 -4.28
CA PRO B 22 -18.92 34.27 -4.34
C PRO B 22 -18.62 35.17 -3.16
N SER B 23 -19.61 35.51 -2.33
CA SER B 23 -19.37 36.31 -1.12
C SER B 23 -19.92 35.61 0.12
N GLY B 24 -20.10 34.29 0.06
CA GLY B 24 -20.62 33.56 1.19
C GLY B 24 -19.53 33.14 2.18
N TRP B 25 -19.65 31.92 2.69
CA TRP B 25 -18.80 31.47 3.78
C TRP B 25 -17.39 31.18 3.29
N GLY B 26 -16.44 31.21 4.22
CA GLY B 26 -15.05 30.92 3.91
C GLY B 26 -14.30 32.17 3.47
N GLY B 27 -13.61 32.08 2.33
CA GLY B 27 -12.81 33.18 1.85
C GLY B 27 -11.46 33.26 2.55
N ARG B 28 -10.84 34.44 2.45
CA ARG B 28 -9.53 34.71 3.04
C ARG B 28 -9.56 36.09 3.69
N TYR B 29 -9.86 36.11 4.99
CA TYR B 29 -9.77 37.34 5.76
C TYR B 29 -8.42 37.36 6.49
N VAL B 30 -7.39 37.61 5.70
CA VAL B 30 -6.01 37.59 6.16
C VAL B 30 -5.32 38.88 5.70
N PRO B 31 -4.25 39.27 6.36
CA PRO B 31 -3.46 40.41 5.87
C PRO B 31 -2.72 40.06 4.59
N GLU B 32 -2.36 41.10 3.84
CA GLU B 32 -1.62 40.90 2.60
C GLU B 32 -0.27 40.24 2.84
N ALA B 33 0.32 40.45 4.02
CA ALA B 33 1.63 39.87 4.32
C ALA B 33 1.62 38.35 4.29
N LEU B 34 0.45 37.73 4.46
CA LEU B 34 0.34 36.28 4.42
C LEU B 34 -0.07 35.73 3.06
N MET B 35 -0.46 36.59 2.11
CA MET B 35 -1.08 36.09 0.89
C MET B 35 -0.09 35.36 -0.01
N ALA B 36 1.19 35.71 0.08
CA ALA B 36 2.19 35.00 -0.73
C ALA B 36 2.29 33.55 -0.32
N VAL B 37 2.42 33.30 0.99
CA VAL B 37 2.61 31.92 1.45
C VAL B 37 1.31 31.15 1.39
N ILE B 38 0.15 31.82 1.46
CA ILE B 38 -1.12 31.12 1.33
C ILE B 38 -1.32 30.66 -0.12
N GLU B 39 -1.04 31.53 -1.08
CA GLU B 39 -1.12 31.14 -2.49
C GLU B 39 -0.14 30.02 -2.80
N GLU B 40 1.06 30.07 -2.21
CA GLU B 40 2.03 29.00 -2.42
C GLU B 40 1.51 27.66 -1.89
N VAL B 41 0.79 27.69 -0.76
CA VAL B 41 0.22 26.45 -0.24
C VAL B 41 -0.96 26.00 -1.08
N THR B 42 -1.77 26.96 -1.53
CA THR B 42 -2.90 26.61 -2.39
C THR B 42 -2.42 25.98 -3.69
N ALA B 43 -1.39 26.56 -4.31
CA ALA B 43 -0.84 25.98 -5.53
C ALA B 43 -0.26 24.60 -5.26
N ALA B 44 0.49 24.46 -4.16
CA ALA B 44 1.09 23.17 -3.84
C ALA B 44 0.03 22.12 -3.58
N TYR B 45 -1.04 22.48 -2.85
CA TYR B 45 -2.05 21.47 -2.55
C TYR B 45 -2.83 21.08 -3.80
N GLN B 46 -3.16 22.05 -4.66
CA GLN B 46 -3.87 21.72 -5.89
C GLN B 46 -3.07 20.75 -6.74
N LYS B 47 -1.75 20.92 -6.77
CA LYS B 47 -0.90 20.05 -7.58
C LYS B 47 -0.80 18.65 -6.98
N GLU B 48 -0.64 18.55 -5.65
CA GLU B 48 -0.41 17.25 -5.03
C GLU B 48 -1.70 16.48 -4.76
N ARG B 49 -2.84 17.15 -4.65
CA ARG B 49 -4.10 16.45 -4.37
C ARG B 49 -4.51 15.52 -5.50
N VAL B 50 -3.98 15.73 -6.71
CA VAL B 50 -4.26 14.88 -7.86
C VAL B 50 -3.05 14.05 -8.25
N SER B 51 -2.01 14.01 -7.42
CA SER B 51 -0.81 13.24 -7.70
C SER B 51 -0.95 11.86 -7.07
N GLN B 52 -0.91 10.82 -7.90
CA GLN B 52 -1.00 9.47 -7.38
C GLN B 52 0.19 9.14 -6.48
N ASP B 53 1.37 9.69 -6.79
CA ASP B 53 2.53 9.45 -5.95
C ASP B 53 2.34 10.07 -4.57
N PHE B 54 1.68 11.22 -4.49
CA PHE B 54 1.41 11.82 -3.19
C PHE B 54 0.36 11.01 -2.43
N LEU B 55 -0.74 10.67 -3.09
CA LEU B 55 -1.77 9.86 -2.43
C LEU B 55 -1.24 8.50 -2.03
N ASP B 56 -0.27 7.97 -2.76
CA ASP B 56 0.36 6.71 -2.37
C ASP B 56 1.21 6.89 -1.12
N ASP B 57 2.05 7.92 -1.08
CA ASP B 57 2.87 8.18 0.10
C ASP B 57 1.99 8.38 1.34
N LEU B 58 0.84 9.02 1.16
CA LEU B 58 -0.05 9.27 2.30
C LEU B 58 -0.73 7.98 2.73
N ASP B 59 -1.28 7.21 1.79
CA ASP B 59 -1.92 5.95 2.14
C ASP B 59 -0.94 4.98 2.78
N ARG B 60 0.33 5.01 2.36
CA ARG B 60 1.32 4.09 2.93
C ARG B 60 1.56 4.40 4.40
N LEU B 61 1.72 5.69 4.74
CA LEU B 61 1.87 6.05 6.14
C LEU B 61 0.58 5.79 6.91
N GLN B 62 -0.57 6.02 6.29
N GLN B 62 -0.57 6.00 6.26
CA GLN B 62 -1.84 5.82 7.00
CA GLN B 62 -1.85 5.83 6.94
C GLN B 62 -2.06 4.35 7.34
C GLN B 62 -2.10 4.36 7.29
N ALA B 63 -1.60 3.43 6.49
CA ALA B 63 -1.82 2.01 6.75
C ALA B 63 -0.79 1.44 7.71
N ASN B 64 0.49 1.55 7.36
CA ASN B 64 1.55 0.88 8.11
C ASN B 64 2.04 1.67 9.31
N TYR B 65 1.83 2.98 9.34
CA TYR B 65 2.36 3.81 10.42
C TYR B 65 1.28 4.26 11.41
N ALA B 66 0.09 4.56 10.93
CA ALA B 66 -0.98 5.04 11.80
C ALA B 66 -2.05 4.00 12.11
N GLY B 67 -2.03 2.85 11.45
CA GLY B 67 -2.91 1.75 11.80
C GLY B 67 -4.27 1.72 11.14
N ARG B 68 -4.50 2.55 10.12
CA ARG B 68 -5.77 2.52 9.41
C ARG B 68 -5.91 1.24 8.61
N PRO B 69 -7.14 0.76 8.38
CA PRO B 69 -8.41 1.38 8.79
C PRO B 69 -8.76 1.20 10.26
N SER B 70 -9.41 2.20 10.84
CA SER B 70 -9.91 2.09 12.19
C SER B 70 -11.21 1.29 12.20
N PRO B 71 -11.44 0.47 13.21
CA PRO B 71 -12.64 -0.39 13.22
C PRO B 71 -13.90 0.39 13.57
N LEU B 72 -15.02 -0.27 13.33
CA LEU B 72 -16.35 0.24 13.68
C LEU B 72 -16.97 -0.72 14.67
N TYR B 73 -17.04 -0.32 15.95
CA TYR B 73 -17.52 -1.19 17.01
C TYR B 73 -18.96 -0.86 17.36
N GLU B 74 -19.81 -1.87 17.38
CA GLU B 74 -21.19 -1.70 17.84
C GLU B 74 -21.20 -1.82 19.36
N ALA B 75 -21.38 -0.69 20.04
CA ALA B 75 -21.41 -0.63 21.50
C ALA B 75 -22.80 -1.09 21.95
N THR B 76 -22.98 -2.41 21.97
CA THR B 76 -24.29 -2.98 22.28
C THR B 76 -24.75 -2.61 23.68
N ARG B 77 -23.82 -2.47 24.63
CA ARG B 77 -24.20 -2.17 26.00
C ARG B 77 -24.55 -0.71 26.21
N LEU B 78 -24.51 0.12 25.17
CA LEU B 78 -25.02 1.48 25.23
C LEU B 78 -26.47 1.59 24.81
N SER B 79 -27.02 0.54 24.20
CA SER B 79 -28.34 0.64 23.56
C SER B 79 -29.41 1.03 24.56
N GLN B 80 -29.32 0.54 25.79
CA GLN B 80 -30.34 0.79 26.80
C GLN B 80 -30.51 2.28 27.07
N HIS B 81 -29.41 3.03 27.09
CA HIS B 81 -29.45 4.46 27.38
C HIS B 81 -29.69 5.31 26.15
N ALA B 82 -30.03 4.69 25.02
CA ALA B 82 -30.21 5.40 23.77
C ALA B 82 -31.54 5.01 23.14
N GLY B 83 -32.56 4.77 23.96
CA GLY B 83 -33.86 4.40 23.44
C GLY B 83 -33.84 3.11 22.64
N SER B 84 -32.96 2.19 22.99
CA SER B 84 -32.79 0.90 22.31
C SER B 84 -32.30 1.08 20.87
N ALA B 85 -31.62 2.18 20.57
CA ALA B 85 -30.96 2.34 19.28
C ALA B 85 -29.60 1.66 19.30
N ARG B 86 -29.05 1.44 18.11
CA ARG B 86 -27.78 0.72 17.95
C ARG B 86 -26.67 1.73 17.67
N ILE B 87 -25.79 1.91 18.65
CA ILE B 87 -24.68 2.87 18.53
C ILE B 87 -23.47 2.16 17.92
N PHE B 88 -22.92 2.75 16.85
CA PHE B 88 -21.70 2.25 16.22
C PHE B 88 -20.60 3.28 16.39
N LEU B 89 -19.54 2.90 17.10
CA LEU B 89 -18.43 3.82 17.38
C LEU B 89 -17.36 3.69 16.31
N LYS B 90 -17.12 4.76 15.57
CA LYS B 90 -16.00 4.82 14.62
C LYS B 90 -14.73 5.08 15.43
N ARG B 91 -13.90 4.05 15.58
CA ARG B 91 -12.85 4.03 16.59
C ARG B 91 -11.60 4.79 16.13
N GLU B 92 -11.76 6.09 15.95
CA GLU B 92 -10.58 6.92 15.71
C GLU B 92 -9.67 7.02 16.93
N ASP B 93 -10.15 6.61 18.12
CA ASP B 93 -9.31 6.61 19.30
C ASP B 93 -8.14 5.63 19.19
N LEU B 94 -8.17 4.71 18.22
CA LEU B 94 -7.11 3.72 18.07
C LEU B 94 -6.05 4.15 17.06
N ASN B 95 -6.13 5.37 16.52
CA ASN B 95 -5.10 5.87 15.64
C ASN B 95 -3.82 6.20 16.43
N HIS B 96 -2.70 6.16 15.72
CA HIS B 96 -1.44 6.62 16.30
C HIS B 96 -1.60 8.02 16.84
N THR B 97 -1.03 8.26 18.03
CA THR B 97 -1.12 9.46 18.86
C THR B 97 -2.49 9.59 19.54
N GLY B 98 -3.50 8.83 19.13
CA GLY B 98 -4.73 8.73 19.90
C GLY B 98 -5.91 9.56 19.44
N SER B 99 -5.90 10.08 18.22
CA SER B 99 -7.04 10.85 17.75
C SER B 99 -7.02 10.90 16.22
N HIS B 100 -8.04 11.57 15.66
CA HIS B 100 -8.14 11.76 14.23
C HIS B 100 -7.13 12.76 13.70
N LYS B 101 -6.54 13.58 14.56
CA LYS B 101 -5.66 14.65 14.11
C LYS B 101 -4.52 14.13 13.23
N ILE B 102 -4.10 12.88 13.43
CA ILE B 102 -2.95 12.37 12.70
C ILE B 102 -3.27 12.23 11.21
N ASN B 103 -4.55 12.05 10.86
CA ASN B 103 -4.92 11.97 9.45
C ASN B 103 -4.55 13.24 8.71
N ASN B 104 -4.86 14.39 9.32
CA ASN B 104 -4.61 15.68 8.68
C ASN B 104 -3.15 16.06 8.76
N VAL B 105 -2.48 15.73 9.87
CA VAL B 105 -1.08 16.10 10.04
C VAL B 105 -0.21 15.36 9.03
N LEU B 106 -0.50 14.09 8.76
CA LEU B 106 0.29 13.33 7.81
C LEU B 106 0.22 13.94 6.42
N GLY B 107 -0.98 14.32 5.98
CA GLY B 107 -1.10 14.98 4.69
C GLY B 107 -0.33 16.28 4.63
N GLN B 108 -0.48 17.11 5.67
CA GLN B 108 0.15 18.44 5.65
C GLN B 108 1.64 18.37 5.87
N ALA B 109 2.13 17.41 6.66
CA ALA B 109 3.57 17.24 6.80
C ALA B 109 4.19 16.76 5.49
N LEU B 110 3.55 15.79 4.83
CA LEU B 110 4.00 15.38 3.50
C LEU B 110 4.01 16.54 2.54
N LEU B 111 2.98 17.40 2.62
CA LEU B 111 2.93 18.57 1.74
C LEU B 111 4.03 19.56 2.06
N ALA B 112 4.31 19.76 3.35
CA ALA B 112 5.35 20.70 3.75
C ALA B 112 6.73 20.24 3.28
N ARG B 113 6.93 18.93 3.16
CA ARG B 113 8.18 18.43 2.58
C ARG B 113 8.22 18.65 1.07
N ARG B 114 7.09 18.42 0.38
CA ARG B 114 7.05 18.65 -1.06
C ARG B 114 7.33 20.12 -1.39
N MET B 115 7.03 21.02 -0.47
CA MET B 115 7.25 22.45 -0.69
C MET B 115 8.65 22.89 -0.29
N GLY B 116 9.44 22.02 0.34
CA GLY B 116 10.77 22.41 0.74
C GLY B 116 10.84 23.19 2.02
N LYS B 117 9.73 23.34 2.74
CA LYS B 117 9.77 23.95 4.06
C LYS B 117 10.59 23.11 5.01
N THR B 118 11.29 23.79 5.93
CA THR B 118 12.09 23.14 6.94
C THR B 118 11.55 23.33 8.35
N ARG B 119 10.56 24.21 8.52
CA ARG B 119 10.04 24.57 9.83
C ARG B 119 8.53 24.46 9.79
N VAL B 120 7.96 23.83 10.82
CA VAL B 120 6.52 23.65 10.92
C VAL B 120 6.07 24.22 12.25
N ILE B 121 5.06 25.08 12.21
CA ILE B 121 4.43 25.59 13.42
C ILE B 121 2.98 25.13 13.43
N ALA B 122 2.44 24.97 14.64
CA ALA B 122 1.06 24.56 14.80
C ALA B 122 0.53 25.10 16.12
N GLU B 123 -0.80 25.17 16.20
CA GLU B 123 -1.51 25.51 17.43
C GLU B 123 -2.14 24.25 18.01
N THR B 124 -2.46 24.29 19.29
CA THR B 124 -3.13 23.14 19.90
C THR B 124 -3.86 23.57 21.15
N GLY B 125 -5.05 22.98 21.35
CA GLY B 125 -5.84 23.22 22.54
C GLY B 125 -5.83 22.01 23.47
N ALA B 126 -6.31 20.87 22.98
CA ALA B 126 -6.30 19.64 23.76
C ALA B 126 -4.94 18.97 23.77
N GLY B 127 -4.00 19.40 22.93
CA GLY B 127 -2.70 18.77 22.84
C GLY B 127 -2.59 17.67 21.82
N GLN B 128 -3.72 17.21 21.26
CA GLN B 128 -3.70 16.08 20.34
C GLN B 128 -3.14 16.48 18.98
N HIS B 129 -3.57 17.62 18.45
CA HIS B 129 -2.99 18.10 17.21
C HIS B 129 -1.52 18.47 17.40
N GLY B 130 -1.18 19.08 18.53
CA GLY B 130 0.22 19.39 18.80
C GLY B 130 1.10 18.16 18.84
N VAL B 131 0.61 17.09 19.48
CA VAL B 131 1.38 15.86 19.55
C VAL B 131 1.51 15.24 18.16
N ALA B 132 0.42 15.28 17.38
CA ALA B 132 0.47 14.70 16.04
C ALA B 132 1.44 15.45 15.15
N THR B 133 1.48 16.78 15.26
CA THR B 133 2.41 17.56 14.47
C THR B 133 3.85 17.24 14.85
N ALA B 134 4.16 17.27 16.15
CA ALA B 134 5.49 16.88 16.60
C ALA B 134 5.82 15.45 16.20
N THR B 135 4.80 14.60 16.08
CA THR B 135 5.01 13.23 15.64
C THR B 135 5.46 13.19 14.19
N ALA B 136 4.74 13.88 13.31
CA ALA B 136 5.11 13.88 11.90
C ALA B 136 6.43 14.61 11.67
N CYS B 137 6.67 15.69 12.42
CA CYS B 137 7.91 16.44 12.23
C CYS B 137 9.13 15.64 12.68
N ALA B 138 8.96 14.83 13.73
CA ALA B 138 10.04 13.90 14.09
C ALA B 138 10.20 12.83 13.01
N LEU B 139 9.08 12.37 12.44
CA LEU B 139 9.14 11.32 11.43
C LEU B 139 9.80 11.80 10.14
N LEU B 140 9.54 13.05 9.75
CA LEU B 140 10.02 13.61 8.48
C LEU B 140 11.16 14.59 8.65
N GLY B 141 11.79 14.65 9.82
CA GLY B 141 12.97 15.47 9.99
C GLY B 141 12.75 16.96 9.90
N LEU B 142 11.58 17.45 10.31
CA LEU B 142 11.26 18.87 10.28
C LEU B 142 11.34 19.46 11.69
N ASP B 143 11.77 20.71 11.76
CA ASP B 143 11.75 21.44 13.02
C ASP B 143 10.33 21.86 13.35
N CYS B 144 9.97 21.76 14.63
CA CYS B 144 8.59 21.87 15.06
C CYS B 144 8.49 22.82 16.25
N VAL B 145 7.52 23.75 16.18
CA VAL B 145 7.21 24.66 17.27
C VAL B 145 5.69 24.68 17.44
N ILE B 146 5.22 24.33 18.63
CA ILE B 146 3.79 24.23 18.92
C ILE B 146 3.40 25.36 19.86
N TYR B 147 2.26 26.00 19.57
CA TYR B 147 1.71 27.06 20.39
C TYR B 147 0.49 26.53 21.13
N MET B 148 0.44 26.79 22.45
CA MET B 148 -0.61 26.24 23.29
C MET B 148 -0.97 27.28 24.35
N GLY B 149 -2.26 27.37 24.67
CA GLY B 149 -2.71 28.28 25.70
C GLY B 149 -2.28 27.79 27.08
N GLY B 150 -1.85 28.74 27.92
CA GLY B 150 -1.34 28.40 29.24
C GLY B 150 -2.33 27.67 30.12
N ILE B 151 -3.62 28.00 29.99
CA ILE B 151 -4.64 27.26 30.73
C ILE B 151 -4.72 25.82 30.22
N ASP B 152 -4.46 25.61 28.92
CA ASP B 152 -4.52 24.26 28.37
C ASP B 152 -3.25 23.45 28.66
N THR B 153 -2.10 24.11 28.80
CA THR B 153 -0.89 23.39 29.20
C THR B 153 -1.04 22.78 30.59
N ALA B 154 -1.99 23.26 31.38
CA ALA B 154 -2.23 22.78 32.73
C ALA B 154 -3.21 21.61 32.77
N ARG B 155 -4.34 21.73 32.06
CA ARG B 155 -5.36 20.68 32.08
C ARG B 155 -5.11 19.59 31.04
N GLN B 156 -4.09 19.73 30.20
CA GLN B 156 -3.68 18.70 29.24
C GLN B 156 -2.16 18.52 29.30
N ALA B 157 -1.61 18.50 30.52
CA ALA B 157 -0.16 18.46 30.71
C ALA B 157 0.48 17.18 30.18
N LEU B 158 -0.28 16.09 30.10
CA LEU B 158 0.27 14.84 29.55
C LEU B 158 0.72 15.04 28.11
N ASN B 159 -0.03 15.82 27.33
CA ASN B 159 0.37 16.06 25.96
C ASN B 159 1.53 17.05 25.85
N VAL B 160 1.66 17.98 26.79
CA VAL B 160 2.80 18.90 26.76
C VAL B 160 4.10 18.12 26.84
N ALA B 161 4.16 17.11 27.71
CA ALA B 161 5.38 16.35 27.88
C ALA B 161 5.65 15.45 26.67
N ARG B 162 4.59 14.89 26.07
CA ARG B 162 4.76 14.08 24.87
C ARG B 162 5.38 14.89 23.74
N MET B 163 4.91 16.13 23.56
CA MET B 163 5.46 16.98 22.50
C MET B 163 6.95 17.26 22.72
N ARG B 164 7.34 17.49 23.97
CA ARG B 164 8.74 17.81 24.26
C ARG B 164 9.63 16.61 24.00
N LEU B 165 9.16 15.40 24.34
CA LEU B 165 9.92 14.18 24.07
C LEU B 165 10.09 13.93 22.58
N LEU B 166 9.14 14.42 21.77
CA LEU B 166 9.24 14.25 20.32
C LEU B 166 10.15 15.29 19.67
N GLY B 167 10.73 16.21 20.44
CA GLY B 167 11.67 17.17 19.91
C GLY B 167 11.10 18.54 19.59
N ALA B 168 9.82 18.76 19.86
CA ALA B 168 9.19 20.05 19.58
C ALA B 168 9.41 21.03 20.73
N GLU B 169 9.34 22.31 20.39
CA GLU B 169 9.34 23.38 21.38
C GLU B 169 7.91 23.83 21.63
N VAL B 170 7.50 23.82 22.90
CA VAL B 170 6.15 24.22 23.29
C VAL B 170 6.21 25.62 23.87
N VAL B 171 5.34 26.50 23.39
CA VAL B 171 5.25 27.88 23.85
C VAL B 171 3.87 28.06 24.47
N ALA B 172 3.84 28.51 25.71
CA ALA B 172 2.59 28.71 26.44
C ALA B 172 2.09 30.12 26.20
N VAL B 173 0.92 30.24 25.58
CA VAL B 173 0.35 31.54 25.24
C VAL B 173 -0.37 32.11 26.45
N GLN B 174 0.00 33.33 26.84
CA GLN B 174 -0.53 33.96 28.04
C GLN B 174 -1.50 35.10 27.73
N THR B 175 -1.71 35.44 26.47
CA THR B 175 -2.64 36.51 26.12
C THR B 175 -4.07 35.98 26.06
N GLY B 176 -5.02 36.91 26.15
CA GLY B 176 -6.43 36.58 25.96
C GLY B 176 -6.94 35.58 26.97
N SER B 177 -7.82 34.69 26.50
CA SER B 177 -8.42 33.65 27.33
C SER B 177 -7.47 32.49 27.60
N LYS B 178 -6.23 32.57 27.10
CA LYS B 178 -5.20 31.54 27.34
C LYS B 178 -5.68 30.15 26.95
N THR B 179 -6.59 30.07 25.97
CA THR B 179 -7.04 28.79 25.45
C THR B 179 -6.77 28.69 23.96
N LEU B 180 -7.60 27.94 23.24
CA LEU B 180 -7.28 27.58 21.85
C LEU B 180 -7.21 28.81 20.95
N LYS B 181 -8.22 29.68 21.02
CA LYS B 181 -8.28 30.82 20.09
C LYS B 181 -7.05 31.72 20.23
N ASP B 182 -6.43 31.75 21.41
CA ASP B 182 -5.27 32.59 21.64
C ASP B 182 -3.98 31.92 21.19
N ALA B 183 -3.94 30.58 21.24
CA ALA B 183 -2.84 29.86 20.62
C ALA B 183 -2.80 30.13 19.12
N ILE B 184 -3.98 30.16 18.48
CA ILE B 184 -4.05 30.40 17.04
C ILE B 184 -3.56 31.81 16.72
N ASN B 185 -3.92 32.79 17.54
CA ASN B 185 -3.45 34.16 17.31
C ASN B 185 -1.93 34.23 17.36
N GLU B 186 -1.31 33.50 18.29
CA GLU B 186 0.15 33.54 18.39
C GLU B 186 0.82 32.80 17.25
N ALA B 187 0.27 31.65 16.84
CA ALA B 187 0.80 30.95 15.68
C ALA B 187 0.69 31.80 14.42
N PHE B 188 -0.40 32.56 14.29
CA PHE B 188 -0.54 33.48 13.18
C PHE B 188 0.57 34.51 13.16
N ARG B 189 0.90 35.06 14.33
CA ARG B 189 2.01 36.02 14.41
C ARG B 189 3.33 35.39 13.98
N ASP B 190 3.54 34.13 14.34
CA ASP B 190 4.77 33.43 13.95
C ASP B 190 4.86 33.28 12.43
N TRP B 191 3.73 32.97 11.79
CA TRP B 191 3.74 32.75 10.35
C TRP B 191 4.00 34.05 9.59
N VAL B 192 3.44 35.16 10.06
CA VAL B 192 3.66 36.45 9.40
C VAL B 192 5.14 36.79 9.38
N ALA B 193 5.85 36.46 10.46
CA ALA B 193 7.26 36.80 10.58
C ALA B 193 8.16 35.80 9.85
N ASN B 194 7.71 34.56 9.71
CA ASN B 194 8.53 33.51 9.12
C ASN B 194 7.80 32.83 7.98
N ALA B 195 7.09 33.61 7.16
CA ALA B 195 6.40 33.03 6.02
C ALA B 195 7.35 32.40 5.02
N ASP B 196 8.63 32.76 5.05
CA ASP B 196 9.56 32.34 4.01
C ASP B 196 9.89 30.86 4.15
N ASN B 197 10.26 30.41 5.35
CA ASN B 197 10.78 29.06 5.56
C ASN B 197 9.84 28.16 6.36
N THR B 198 8.70 28.67 6.82
CA THR B 198 7.87 27.96 7.78
C THR B 198 6.55 27.54 7.16
N TYR B 199 6.13 26.32 7.46
CA TYR B 199 4.82 25.81 7.11
C TYR B 199 3.90 25.87 8.33
N TYR B 200 2.67 26.34 8.14
CA TYR B 200 1.68 26.41 9.21
C TYR B 200 0.75 25.20 9.09
N CYS B 201 0.91 24.26 10.00
CA CYS B 201 0.09 23.03 9.99
C CYS B 201 -1.14 23.28 10.85
N PHE B 202 -2.18 23.83 10.24
CA PHE B 202 -3.41 24.11 10.98
C PHE B 202 -4.17 22.81 11.26
N GLY B 203 -4.77 22.73 12.45
CA GLY B 203 -5.29 21.46 12.91
C GLY B 203 -6.79 21.30 12.90
N THR B 204 -7.51 22.13 12.16
CA THR B 204 -8.95 21.99 12.12
C THR B 204 -9.50 22.57 10.83
N ALA B 205 -10.75 22.23 10.54
CA ALA B 205 -11.37 22.61 9.28
C ALA B 205 -11.85 24.06 9.28
N ALA B 206 -10.95 24.98 9.64
CA ALA B 206 -11.28 26.40 9.64
C ALA B 206 -10.10 27.15 9.03
N GLY B 207 -10.06 28.45 9.24
CA GLY B 207 -9.01 29.28 8.69
C GLY B 207 -9.29 29.70 7.26
N PRO B 208 -8.34 30.38 6.65
CA PRO B 208 -8.51 30.85 5.26
C PRO B 208 -8.31 29.71 4.28
N HIS B 209 -8.90 29.90 3.11
CA HIS B 209 -8.64 29.01 1.99
C HIS B 209 -7.13 28.88 1.80
N PRO B 210 -6.60 27.66 1.61
CA PRO B 210 -7.30 26.41 1.31
C PRO B 210 -7.53 25.48 2.50
N PHE B 211 -7.36 25.97 3.72
CA PHE B 211 -7.29 25.06 4.87
C PHE B 211 -8.60 24.36 5.19
N PRO B 212 -9.77 25.02 5.13
CA PRO B 212 -11.01 24.27 5.35
C PRO B 212 -11.18 23.11 4.39
N THR B 213 -10.77 23.27 3.13
CA THR B 213 -10.91 22.19 2.16
C THR B 213 -9.82 21.13 2.35
N MET B 214 -8.58 21.58 2.56
CA MET B 214 -7.46 20.64 2.67
C MET B 214 -7.60 19.76 3.90
N VAL B 215 -7.94 20.35 5.05
CA VAL B 215 -8.13 19.55 6.27
C VAL B 215 -9.26 18.57 6.07
N ARG B 216 -10.37 19.01 5.47
CA ARG B 216 -11.48 18.11 5.22
C ARG B 216 -11.08 16.97 4.30
N ASP B 217 -10.34 17.26 3.24
CA ASP B 217 -9.91 16.21 2.31
C ASP B 217 -9.01 15.18 2.98
N PHE B 218 -8.22 15.59 3.97
CA PHE B 218 -7.38 14.62 4.68
C PHE B 218 -8.16 13.83 5.72
N GLN B 219 -9.31 14.33 6.16
CA GLN B 219 -10.15 13.58 7.09
C GLN B 219 -11.29 12.83 6.40
N ARG B 220 -11.44 13.01 5.09
CA ARG B 220 -12.49 12.31 4.34
C ARG B 220 -12.41 10.80 4.53
N ILE B 221 -11.21 10.28 4.80
CA ILE B 221 -11.03 8.82 4.90
C ILE B 221 -11.88 8.23 6.02
N ILE B 222 -12.14 9.01 7.08
CA ILE B 222 -12.97 8.50 8.17
C ILE B 222 -14.35 8.14 7.64
N GLY B 223 -15.02 9.07 6.96
CA GLY B 223 -16.34 8.79 6.44
C GLY B 223 -16.35 7.78 5.32
N MET B 224 -15.31 7.79 4.48
N MET B 224 -15.30 7.77 4.49
CA MET B 224 -15.20 6.79 3.41
CA MET B 224 -15.24 6.78 3.42
C MET B 224 -15.17 5.39 3.99
C MET B 224 -15.14 5.36 3.97
N GLU B 225 -14.37 5.18 5.04
CA GLU B 225 -14.28 3.86 5.66
C GLU B 225 -15.57 3.51 6.39
N ALA B 226 -16.09 4.46 7.19
CA ALA B 226 -17.27 4.19 7.99
C ALA B 226 -18.47 3.86 7.11
N ARG B 227 -18.60 4.55 5.98
CA ARG B 227 -19.73 4.28 5.09
C ARG B 227 -19.70 2.85 4.57
N VAL B 228 -18.50 2.31 4.34
CA VAL B 228 -18.39 0.91 3.91
C VAL B 228 -18.60 -0.03 5.09
N GLN B 229 -18.00 0.30 6.23
CA GLN B 229 -18.07 -0.60 7.39
C GLN B 229 -19.50 -0.73 7.91
N ILE B 230 -20.26 0.37 7.92
CA ILE B 230 -21.61 0.31 8.48
C ILE B 230 -22.54 -0.49 7.58
N GLN B 231 -22.34 -0.45 6.25
CA GLN B 231 -23.19 -1.25 5.38
C GLN B 231 -22.89 -2.73 5.52
N GLY B 232 -21.64 -3.08 5.83
CA GLY B 232 -21.28 -4.48 6.00
C GLY B 232 -21.75 -5.07 7.31
N GLN B 233 -21.93 -4.23 8.34
CA GLN B 233 -22.28 -4.71 9.67
C GLN B 233 -23.76 -4.56 9.98
N ALA B 234 -24.39 -3.47 9.55
CA ALA B 234 -25.81 -3.26 9.79
C ALA B 234 -26.67 -3.55 8.56
N GLY B 235 -26.05 -3.81 7.41
CA GLY B 235 -26.80 -4.17 6.22
C GLY B 235 -27.48 -3.03 5.51
N ARG B 236 -27.26 -1.80 5.94
CA ARG B 236 -27.90 -0.65 5.32
C ARG B 236 -27.15 0.61 5.74
N LEU B 237 -27.48 1.71 5.09
CA LEU B 237 -26.96 3.01 5.50
C LEU B 237 -27.53 3.37 6.87
N PRO B 238 -26.79 4.14 7.66
CA PRO B 238 -27.28 4.49 9.00
C PRO B 238 -28.44 5.48 8.93
N ASP B 239 -29.18 5.56 10.03
CA ASP B 239 -30.20 6.59 10.16
C ASP B 239 -29.61 7.94 10.51
N ALA B 240 -28.40 7.97 11.07
CA ALA B 240 -27.76 9.22 11.44
C ALA B 240 -26.27 8.99 11.67
N VAL B 241 -25.48 10.02 11.38
CA VAL B 241 -24.06 10.06 11.68
C VAL B 241 -23.82 11.30 12.53
N VAL B 242 -23.13 11.12 13.66
CA VAL B 242 -22.94 12.20 14.61
C VAL B 242 -21.46 12.34 14.96
N ALA B 243 -21.08 13.57 15.34
CA ALA B 243 -19.72 13.85 15.77
C ALA B 243 -19.74 15.15 16.56
N CYS B 244 -18.72 15.32 17.41
CA CYS B 244 -18.57 16.60 18.10
C CYS B 244 -17.95 17.62 17.16
N VAL B 245 -18.19 18.89 17.46
CA VAL B 245 -17.76 19.99 16.60
C VAL B 245 -17.02 21.03 17.44
N GLY B 246 -15.71 21.13 17.25
CA GLY B 246 -14.96 22.27 17.73
C GLY B 246 -14.68 23.18 16.55
N GLY B 247 -13.50 23.10 15.98
CA GLY B 247 -13.27 23.73 14.69
C GLY B 247 -14.03 23.03 13.58
N GLY B 248 -14.07 21.70 13.61
CA GLY B 248 -14.95 20.94 12.75
C GLY B 248 -14.32 19.84 11.91
N SER B 249 -13.04 19.53 12.15
CA SER B 249 -12.33 18.62 11.25
C SER B 249 -12.86 17.19 11.36
N ASN B 250 -12.97 16.65 12.57
CA ASN B 250 -13.40 15.26 12.68
C ASN B 250 -14.85 15.10 12.26
N ALA B 251 -15.68 16.13 12.46
CA ALA B 251 -17.08 16.06 12.01
C ALA B 251 -17.15 16.04 10.50
N ILE B 252 -16.54 17.05 9.85
CA ILE B 252 -16.61 17.10 8.39
C ILE B 252 -15.93 15.89 7.77
N GLY B 253 -14.97 15.29 8.46
CA GLY B 253 -14.29 14.12 7.92
C GLY B 253 -15.22 12.92 7.81
N ILE B 254 -15.99 12.65 8.87
CA ILE B 254 -16.91 11.53 8.84
C ILE B 254 -18.24 11.90 8.18
N PHE B 255 -18.56 13.20 8.08
CA PHE B 255 -19.82 13.61 7.46
C PHE B 255 -19.79 13.49 5.94
N HIS B 256 -18.62 13.70 5.33
CA HIS B 256 -18.60 14.02 3.90
C HIS B 256 -19.11 12.87 3.05
N ALA B 257 -18.72 11.64 3.37
CA ALA B 257 -19.12 10.50 2.57
C ALA B 257 -20.63 10.30 2.55
N PHE B 258 -21.36 10.87 3.51
CA PHE B 258 -22.79 10.65 3.63
C PHE B 258 -23.62 11.82 3.10
N LEU B 259 -22.97 12.90 2.63
CA LEU B 259 -23.71 14.10 2.24
C LEU B 259 -24.75 13.82 1.16
N ASP B 260 -24.43 12.93 0.22
CA ASP B 260 -25.32 12.64 -0.89
C ASP B 260 -26.28 11.49 -0.60
N ASP B 261 -26.40 11.08 0.66
CA ASP B 261 -27.35 10.04 1.05
C ASP B 261 -28.54 10.71 1.70
N PRO B 262 -29.66 10.88 1.00
CA PRO B 262 -30.74 11.74 1.52
C PRO B 262 -31.41 11.19 2.78
N GLY B 263 -31.24 9.91 3.09
CA GLY B 263 -31.86 9.33 4.26
C GLY B 263 -31.02 9.34 5.52
N VAL B 264 -29.83 9.91 5.48
CA VAL B 264 -28.88 9.85 6.59
C VAL B 264 -28.86 11.22 7.25
N ARG B 265 -29.36 11.29 8.49
CA ARG B 265 -29.25 12.51 9.28
C ARG B 265 -27.80 12.75 9.68
N LEU B 266 -27.44 14.03 9.79
CA LEU B 266 -26.11 14.43 10.23
C LEU B 266 -26.27 15.42 11.37
N VAL B 267 -25.72 15.10 12.54
CA VAL B 267 -25.85 15.95 13.71
C VAL B 267 -24.47 16.17 14.31
N GLY B 268 -24.05 17.42 14.36
CA GLY B 268 -22.86 17.81 15.08
C GLY B 268 -23.22 18.34 16.46
N PHE B 269 -22.37 18.06 17.43
CA PHE B 269 -22.63 18.43 18.82
C PHE B 269 -21.49 19.31 19.33
N GLU B 270 -21.83 20.54 19.72
CA GLU B 270 -20.87 21.50 20.20
C GLU B 270 -20.90 21.61 21.73
N ALA B 271 -19.83 22.16 22.28
CA ALA B 271 -19.68 22.26 23.73
C ALA B 271 -20.52 23.39 24.29
N ALA B 272 -21.38 23.06 25.27
CA ALA B 272 -22.21 24.06 25.93
C ALA B 272 -21.71 24.43 27.31
N GLY B 273 -20.60 23.86 27.76
CA GLY B 273 -20.01 24.28 29.03
C GLY B 273 -20.99 24.16 30.18
N ASP B 274 -21.07 25.22 30.99
CA ASP B 274 -22.02 25.26 32.08
C ASP B 274 -23.46 25.46 31.63
N GLY B 275 -23.67 25.84 30.37
CA GLY B 275 -25.01 26.11 29.86
C GLY B 275 -25.03 27.29 28.92
N VAL B 276 -25.87 27.21 27.88
CA VAL B 276 -25.89 28.28 26.88
C VAL B 276 -26.44 29.56 27.48
N GLU B 277 -27.30 29.46 28.50
CA GLU B 277 -27.87 30.64 29.14
C GLU B 277 -26.93 31.28 30.14
N THR B 278 -25.84 30.60 30.52
CA THR B 278 -24.94 31.08 31.57
C THR B 278 -23.86 32.02 31.06
N GLY B 279 -23.64 32.09 29.75
CA GLY B 279 -22.54 32.87 29.22
C GLY B 279 -21.20 32.21 29.29
N ARG B 280 -21.12 30.98 29.80
CA ARG B 280 -19.87 30.21 29.89
C ARG B 280 -20.06 28.95 29.06
N HIS B 281 -19.78 29.05 27.76
CA HIS B 281 -20.03 27.93 26.84
C HIS B 281 -19.18 28.13 25.60
N ALA B 282 -19.42 27.29 24.60
CA ALA B 282 -18.80 27.41 23.29
C ALA B 282 -19.77 26.99 22.20
N ALA B 283 -21.07 27.18 22.42
CA ALA B 283 -22.10 26.76 21.48
C ALA B 283 -22.19 27.79 20.37
N THR B 284 -21.27 27.67 19.42
CA THR B 284 -21.14 28.67 18.37
C THR B 284 -22.40 28.76 17.51
N PHE B 285 -22.95 27.61 17.11
CA PHE B 285 -24.16 27.66 16.28
C PHE B 285 -25.40 28.00 17.10
N THR B 286 -25.42 27.66 18.38
CA THR B 286 -26.58 27.93 19.22
C THR B 286 -26.68 29.40 19.62
N ALA B 287 -25.55 30.01 19.99
CA ALA B 287 -25.54 31.35 20.55
C ALA B 287 -24.68 32.33 19.77
N GLY B 288 -24.21 31.96 18.58
CA GLY B 288 -23.36 32.81 17.78
C GLY B 288 -24.07 33.33 16.53
N SER B 289 -23.33 34.14 15.79
CA SER B 289 -23.82 34.84 14.62
C SER B 289 -22.68 34.92 13.61
N PRO B 290 -22.98 35.22 12.35
CA PRO B 290 -21.94 35.24 11.32
C PRO B 290 -20.95 36.39 11.53
N GLY B 291 -19.70 36.12 11.18
CA GLY B 291 -18.66 37.14 11.28
C GLY B 291 -17.35 36.60 10.76
N ALA B 292 -16.40 37.51 10.56
CA ALA B 292 -15.08 37.16 10.06
C ALA B 292 -14.12 36.97 11.22
N PHE B 293 -13.53 35.77 11.31
CA PHE B 293 -12.68 35.45 12.44
C PHE B 293 -11.73 34.34 12.05
N HIS B 294 -10.47 34.49 12.44
CA HIS B 294 -9.42 33.51 12.19
C HIS B 294 -9.35 33.12 10.72
N GLY B 295 -9.43 34.14 9.86
CA GLY B 295 -9.15 33.98 8.45
C GLY B 295 -10.30 33.57 7.58
N SER B 296 -11.49 33.35 8.14
CA SER B 296 -12.64 32.95 7.34
C SER B 296 -13.88 33.69 7.81
N PHE B 297 -14.92 33.63 6.98
CA PHE B 297 -16.24 34.14 7.33
C PHE B 297 -17.12 32.96 7.70
N SER B 298 -17.55 32.91 8.96
CA SER B 298 -18.30 31.78 9.48
C SER B 298 -19.08 32.26 10.70
N TYR B 299 -19.49 31.33 11.56
CA TYR B 299 -20.13 31.66 12.82
C TYR B 299 -19.07 31.83 13.91
N LEU B 300 -19.32 32.78 14.81
CA LEU B 300 -18.51 32.90 16.02
C LEU B 300 -19.30 33.59 17.09
N LEU B 301 -18.88 33.38 18.34
CA LEU B 301 -19.49 34.03 19.49
C LEU B 301 -18.93 35.44 19.62
N GLN B 302 -19.81 36.44 19.52
CA GLN B 302 -19.36 37.82 19.45
C GLN B 302 -20.40 38.74 20.06
N ASP B 303 -19.94 39.76 20.77
CA ASP B 303 -20.82 40.74 21.40
C ASP B 303 -21.38 41.68 20.32
N GLU B 304 -22.12 42.69 20.76
CA GLU B 304 -22.80 43.57 19.82
C GLU B 304 -21.84 44.41 18.98
N ASP B 305 -20.61 44.62 19.45
CA ASP B 305 -19.64 45.42 18.71
C ASP B 305 -18.81 44.62 17.73
N GLY B 306 -18.80 43.29 17.84
CA GLY B 306 -17.98 42.44 17.00
C GLY B 306 -16.78 41.83 17.69
N GLN B 307 -16.59 42.07 18.98
CA GLN B 307 -15.47 41.49 19.72
C GLN B 307 -15.75 40.03 20.02
N THR B 308 -14.71 39.20 19.92
CA THR B 308 -14.86 37.79 20.18
C THR B 308 -15.15 37.55 21.67
N ILE B 309 -16.23 36.83 21.93
CA ILE B 309 -16.55 36.42 23.30
C ILE B 309 -15.71 35.21 23.67
N GLU B 310 -15.01 35.29 24.80
CA GLU B 310 -14.18 34.18 25.23
C GLU B 310 -15.07 32.97 25.56
N SER B 311 -14.62 31.80 25.11
CA SER B 311 -15.37 30.57 25.27
C SER B 311 -14.88 29.79 26.50
N HIS B 312 -15.72 28.87 26.95
CA HIS B 312 -15.38 28.01 28.08
C HIS B 312 -15.98 26.63 27.85
N SER B 313 -15.22 25.59 28.22
CA SER B 313 -15.68 24.21 28.20
C SER B 313 -14.71 23.36 29.03
N ILE B 314 -15.23 22.26 29.56
CA ILE B 314 -14.36 21.34 30.29
C ILE B 314 -13.44 20.61 29.32
N SER B 315 -13.83 20.53 28.05
CA SER B 315 -13.00 19.96 27.00
C SER B 315 -12.18 21.07 26.36
N ALA B 316 -10.85 20.91 26.37
CA ALA B 316 -10.00 21.90 25.72
C ALA B 316 -10.10 21.84 24.20
N GLY B 317 -10.51 20.70 23.65
CA GLY B 317 -10.60 20.58 22.21
C GLY B 317 -11.80 21.28 21.61
N LEU B 318 -12.83 21.53 22.42
CA LEU B 318 -14.02 22.23 21.96
C LEU B 318 -14.11 23.65 22.50
N ASP B 319 -13.09 24.11 23.23
CA ASP B 319 -13.12 25.43 23.85
C ASP B 319 -12.69 26.48 22.82
N TYR B 320 -13.58 26.71 21.86
CA TYR B 320 -13.28 27.58 20.73
C TYR B 320 -14.54 28.33 20.30
N PRO B 321 -14.52 29.66 20.27
CA PRO B 321 -15.74 30.41 19.98
C PRO B 321 -16.12 30.49 18.51
N GLY B 322 -15.37 29.84 17.62
CA GLY B 322 -15.67 29.85 16.21
C GLY B 322 -15.92 28.45 15.67
N VAL B 323 -16.14 28.38 14.36
CA VAL B 323 -16.37 27.10 13.69
C VAL B 323 -15.96 27.26 12.23
N GLY B 324 -15.66 26.13 11.59
CA GLY B 324 -15.27 26.10 10.20
C GLY B 324 -16.38 26.55 9.26
N PRO B 325 -16.00 27.11 8.11
CA PRO B 325 -17.01 27.66 7.20
C PRO B 325 -17.87 26.62 6.50
N GLU B 326 -17.34 25.43 6.20
CA GLU B 326 -18.17 24.43 5.54
C GLU B 326 -19.31 23.97 6.44
N HIS B 327 -19.09 23.97 7.76
CA HIS B 327 -20.20 23.68 8.68
C HIS B 327 -21.24 24.79 8.65
N ALA B 328 -20.80 26.04 8.55
CA ALA B 328 -21.74 27.14 8.41
C ALA B 328 -22.58 26.99 7.15
N TRP B 329 -21.95 26.60 6.04
CA TRP B 329 -22.69 26.39 4.80
C TRP B 329 -23.67 25.24 4.94
N LEU B 330 -23.24 24.13 5.56
CA LEU B 330 -24.14 23.00 5.75
C LEU B 330 -25.25 23.33 6.73
N LYS B 331 -24.98 24.17 7.73
CA LYS B 331 -26.03 24.59 8.65
C LYS B 331 -27.07 25.46 7.95
N GLU B 332 -26.61 26.41 7.11
CA GLU B 332 -27.54 27.27 6.40
C GLU B 332 -28.37 26.48 5.38
N ALA B 333 -27.73 25.55 4.66
CA ALA B 333 -28.43 24.75 3.68
C ALA B 333 -29.35 23.71 4.30
N GLY B 334 -29.27 23.50 5.62
CA GLY B 334 -30.12 22.54 6.29
C GLY B 334 -29.68 21.10 6.19
N ARG B 335 -28.45 20.85 5.73
CA ARG B 335 -27.99 19.47 5.58
C ARG B 335 -27.56 18.87 6.91
N VAL B 336 -27.02 19.67 7.82
CA VAL B 336 -26.53 19.20 9.11
C VAL B 336 -27.21 19.99 10.22
N ASP B 337 -27.62 19.30 11.27
CA ASP B 337 -28.15 19.91 12.47
C ASP B 337 -27.04 20.03 13.51
N TYR B 338 -27.06 21.11 14.28
CA TYR B 338 -26.04 21.34 15.30
C TYR B 338 -26.73 21.61 16.64
N ARG B 339 -26.36 20.83 17.65
CA ARG B 339 -27.01 20.86 18.95
C ARG B 339 -25.98 20.99 20.06
N PRO B 340 -26.33 21.64 21.17
CA PRO B 340 -25.40 21.77 22.30
C PRO B 340 -25.45 20.58 23.25
N ILE B 341 -24.28 20.31 23.83
CA ILE B 341 -24.11 19.32 24.89
C ILE B 341 -23.27 19.97 25.99
N THR B 342 -23.74 19.88 27.23
CA THR B 342 -23.07 20.56 28.33
C THR B 342 -21.92 19.74 28.89
N ASP B 343 -21.19 20.34 29.83
CA ASP B 343 -20.13 19.62 30.54
C ASP B 343 -20.69 18.39 31.24
N SER B 344 -21.77 18.57 32.01
CA SER B 344 -22.32 17.46 32.79
C SER B 344 -22.83 16.33 31.91
N GLU B 345 -23.50 16.68 30.80
CA GLU B 345 -23.96 15.66 29.87
C GLU B 345 -22.79 14.86 29.30
N ALA B 346 -21.72 15.55 28.90
CA ALA B 346 -20.56 14.86 28.36
C ALA B 346 -19.94 13.92 29.38
N MET B 347 -19.75 14.40 30.61
CA MET B 347 -19.07 13.58 31.62
C MET B 347 -19.90 12.37 32.01
N ASP B 348 -21.23 12.48 31.98
CA ASP B 348 -22.06 11.29 32.13
C ASP B 348 -21.77 10.29 31.03
N ALA B 349 -21.71 10.75 29.79
CA ALA B 349 -21.39 9.86 28.67
C ALA B 349 -19.98 9.31 28.80
N PHE B 350 -19.04 10.14 29.26
CA PHE B 350 -17.69 9.68 29.48
C PHE B 350 -17.68 8.49 30.42
N GLY B 351 -18.26 8.65 31.61
CA GLY B 351 -18.27 7.56 32.58
C GLY B 351 -19.08 6.37 32.12
N LEU B 352 -20.14 6.60 31.34
CA LEU B 352 -20.93 5.49 30.84
C LEU B 352 -20.13 4.65 29.86
N LEU B 353 -19.38 5.30 28.96
CA LEU B 353 -18.58 4.54 28.01
C LEU B 353 -17.52 3.71 28.72
N CYS B 354 -16.94 4.26 29.80
CA CYS B 354 -15.97 3.50 30.58
C CYS B 354 -16.62 2.29 31.24
N ARG B 355 -17.76 2.50 31.93
CA ARG B 355 -18.41 1.42 32.67
C ARG B 355 -18.95 0.34 31.74
N MET B 356 -19.52 0.73 30.61
CA MET B 356 -20.26 -0.19 29.76
C MET B 356 -19.41 -0.86 28.69
N GLU B 357 -18.38 -0.19 28.17
CA GLU B 357 -17.65 -0.71 27.03
C GLU B 357 -16.15 -0.84 27.23
N GLY B 358 -15.59 -0.28 28.30
CA GLY B 358 -14.17 -0.35 28.48
C GLY B 358 -13.37 0.59 27.61
N ILE B 359 -14.01 1.58 26.99
CA ILE B 359 -13.34 2.58 26.19
C ILE B 359 -13.32 3.88 26.99
N ILE B 360 -12.12 4.41 27.22
CA ILE B 360 -11.98 5.72 27.86
C ILE B 360 -11.91 6.77 26.77
N PRO B 361 -13.00 7.45 26.45
CA PRO B 361 -12.97 8.39 25.32
C PRO B 361 -12.34 9.73 25.72
N ALA B 362 -11.93 10.47 24.72
CA ALA B 362 -11.61 11.87 24.96
C ALA B 362 -12.86 12.62 25.37
N ILE B 363 -12.68 13.62 26.23
CA ILE B 363 -13.82 14.41 26.70
C ILE B 363 -14.51 15.12 25.54
N GLU B 364 -13.74 15.47 24.50
CA GLU B 364 -14.36 15.96 23.27
C GLU B 364 -15.30 14.90 22.69
N SER B 365 -14.81 13.68 22.52
CA SER B 365 -15.63 12.59 21.98
C SER B 365 -16.82 12.29 22.88
N ALA B 366 -16.67 12.50 24.19
CA ALA B 366 -17.79 12.25 25.11
C ALA B 366 -18.98 13.13 24.79
N HIS B 367 -18.74 14.35 24.30
CA HIS B 367 -19.84 15.19 23.83
C HIS B 367 -20.61 14.49 22.72
N ALA B 368 -19.92 13.82 21.80
CA ALA B 368 -20.59 13.14 20.71
C ALA B 368 -21.38 11.94 21.22
N VAL B 369 -20.80 11.18 22.16
CA VAL B 369 -21.49 10.02 22.70
C VAL B 369 -22.75 10.45 23.45
N ALA B 370 -22.67 11.53 24.22
CA ALA B 370 -23.85 12.05 24.91
C ALA B 370 -24.91 12.50 23.92
N GLY B 371 -24.50 13.14 22.83
CA GLY B 371 -25.47 13.52 21.81
C GLY B 371 -26.12 12.32 21.15
N ALA B 372 -25.36 11.26 20.93
CA ALA B 372 -25.91 10.06 20.32
C ALA B 372 -26.94 9.40 21.22
N LEU B 373 -26.70 9.39 22.53
CA LEU B 373 -27.67 8.82 23.46
C LEU B 373 -29.00 9.55 23.38
N LYS B 374 -28.96 10.89 23.38
CA LYS B 374 -30.19 11.66 23.23
C LYS B 374 -30.83 11.41 21.87
N LEU B 375 -30.02 11.42 20.81
CA LEU B 375 -30.57 11.20 19.48
C LEU B 375 -31.21 9.82 19.37
N GLY B 376 -30.59 8.82 19.99
CA GLY B 376 -31.16 7.47 19.94
C GLY B 376 -32.56 7.43 20.52
N VAL B 377 -32.80 8.16 21.61
CA VAL B 377 -34.13 8.19 22.21
C VAL B 377 -35.14 8.77 21.23
N GLU B 378 -34.74 9.79 20.48
CA GLU B 378 -35.64 10.43 19.52
C GLU B 378 -35.97 9.50 18.37
N LEU B 379 -34.97 8.77 17.85
CA LEU B 379 -35.21 7.89 16.72
C LEU B 379 -35.84 6.58 17.16
N GLY B 380 -35.42 6.04 18.29
CA GLY B 380 -36.09 4.90 18.88
C GLY B 380 -35.44 3.57 18.57
N ARG B 381 -36.21 2.52 18.83
CA ARG B 381 -35.70 1.14 18.73
C ARG B 381 -35.25 0.82 17.32
N GLY B 382 -34.05 0.24 17.21
CA GLY B 382 -33.54 -0.26 15.95
C GLY B 382 -32.79 0.75 15.10
N ALA B 383 -32.90 2.04 15.40
CA ALA B 383 -32.20 3.05 14.61
C ALA B 383 -30.70 2.84 14.65
N VAL B 384 -30.05 3.05 13.52
CA VAL B 384 -28.62 2.83 13.39
C VAL B 384 -27.92 4.19 13.42
N ILE B 385 -27.14 4.43 14.47
CA ILE B 385 -26.44 5.70 14.67
C ILE B 385 -24.95 5.42 14.68
N VAL B 386 -24.21 6.06 13.78
CA VAL B 386 -22.76 5.98 13.76
C VAL B 386 -22.19 7.19 14.50
N VAL B 387 -21.28 6.94 15.43
CA VAL B 387 -20.66 7.99 16.22
C VAL B 387 -19.16 7.97 15.95
N ASN B 388 -18.59 9.15 15.72
CA ASN B 388 -17.15 9.28 15.50
C ASN B 388 -16.49 9.44 16.86
N LEU B 389 -15.88 8.37 17.35
CA LEU B 389 -15.12 8.41 18.59
C LEU B 389 -13.76 9.01 18.26
N SER B 390 -13.68 10.34 18.35
CA SER B 390 -12.56 11.07 17.75
C SER B 390 -11.23 10.79 18.45
N GLY B 391 -11.25 10.50 19.75
CA GLY B 391 -10.00 10.28 20.44
C GLY B 391 -10.17 9.56 21.75
N ARG B 392 -9.05 9.09 22.28
CA ARG B 392 -9.03 8.44 23.58
C ARG B 392 -8.76 9.47 24.68
N GLY B 393 -9.08 9.08 25.91
CA GLY B 393 -9.06 10.02 27.01
C GLY B 393 -7.88 9.90 27.96
N ASP B 394 -6.77 9.32 27.50
CA ASP B 394 -5.57 9.27 28.32
C ASP B 394 -5.14 10.67 28.74
N LYS B 395 -5.34 11.66 27.87
CA LYS B 395 -5.03 13.04 28.22
C LYS B 395 -5.94 13.58 29.31
N ASP B 396 -7.16 13.05 29.40
CA ASP B 396 -8.18 13.58 30.29
C ASP B 396 -8.33 12.78 31.58
N VAL B 397 -7.45 11.81 31.80
CA VAL B 397 -7.63 10.89 32.92
C VAL B 397 -7.62 11.63 34.25
N GLU B 398 -6.73 12.60 34.39
CA GLU B 398 -6.69 13.35 35.65
C GLU B 398 -7.93 14.22 35.82
N THR B 399 -8.40 14.85 34.74
CA THR B 399 -9.62 15.64 34.80
C THR B 399 -10.82 14.74 35.15
N ALA B 400 -10.93 13.58 34.50
CA ALA B 400 -12.05 12.69 34.76
C ALA B 400 -12.00 12.08 36.16
N ALA B 401 -10.79 11.78 36.65
CA ALA B 401 -10.66 11.22 37.99
C ALA B 401 -11.16 12.19 39.05
N LYS B 402 -10.81 13.48 38.92
CA LYS B 402 -11.33 14.48 39.86
C LYS B 402 -12.85 14.57 39.77
N TRP B 403 -13.39 14.55 38.55
CA TRP B 403 -14.84 14.68 38.37
C TRP B 403 -15.59 13.57 39.09
N PHE B 404 -15.06 12.35 39.07
CA PHE B 404 -15.76 11.18 39.61
C PHE B 404 -15.27 10.78 41.00
N GLY B 405 -14.52 11.64 41.67
CA GLY B 405 -14.17 11.38 43.05
C GLY B 405 -13.14 10.30 43.27
N LEU B 406 -12.32 10.01 42.27
CA LEU B 406 -11.23 9.06 42.41
C LEU B 406 -9.94 9.73 42.88
N LEU B 407 -9.98 11.03 43.16
CA LEU B 407 -8.87 11.73 43.80
C LEU B 407 -9.41 12.31 45.10
N GLY B 408 -9.46 13.63 45.25
CA GLY B 408 -9.97 14.25 46.46
C GLY B 408 -9.86 15.76 46.50
N GLU C 8 8.75 -51.08 56.20
CA GLU C 8 7.56 -51.72 56.73
C GLU C 8 6.45 -50.70 57.01
N ALA C 9 6.59 -49.96 58.11
CA ALA C 9 5.63 -48.94 58.51
C ALA C 9 6.25 -47.56 58.41
N SER C 10 5.40 -46.54 58.56
CA SER C 10 5.88 -45.18 58.51
C SER C 10 6.66 -44.83 59.79
N ARG C 11 7.43 -43.75 59.71
CA ARG C 11 8.26 -43.34 60.85
C ARG C 11 7.40 -42.77 61.98
N LEU C 12 6.37 -42.01 61.64
CA LEU C 12 5.45 -41.46 62.62
C LEU C 12 4.33 -42.41 62.99
N GLY C 13 4.31 -43.61 62.38
CA GLY C 13 3.33 -44.61 62.70
C GLY C 13 3.27 -44.97 64.18
N PRO C 14 4.41 -45.34 64.76
CA PRO C 14 4.42 -45.64 66.20
C PRO C 14 3.99 -44.47 67.08
N VAL C 15 4.16 -43.23 66.62
CA VAL C 15 3.78 -42.08 67.44
C VAL C 15 2.26 -42.00 67.58
N PHE C 16 1.54 -42.18 66.47
CA PHE C 16 0.08 -42.12 66.53
C PHE C 16 -0.50 -43.34 67.24
N ASP C 17 0.21 -44.47 67.21
CA ASP C 17 -0.24 -45.64 67.97
C ASP C 17 -0.17 -45.37 69.47
N SER C 18 0.93 -44.78 69.93
CA SER C 18 1.04 -44.40 71.34
C SER C 18 -0.05 -43.43 71.74
N CYS C 19 -0.47 -42.55 70.83
CA CYS C 19 -1.59 -41.66 71.10
C CYS C 19 -2.92 -42.40 71.05
N ARG C 20 -3.00 -43.49 70.30
CA ARG C 20 -4.24 -44.27 70.25
C ARG C 20 -4.48 -44.98 71.58
N ALA C 21 -3.44 -45.58 72.15
CA ALA C 21 -3.61 -46.32 73.41
C ALA C 21 -3.98 -45.38 74.55
N ASN C 22 -3.45 -44.16 74.55
CA ASN C 22 -3.70 -43.19 75.61
C ASN C 22 -4.99 -42.40 75.38
N ASN C 23 -5.82 -42.80 74.43
CA ASN C 23 -7.12 -42.18 74.15
C ASN C 23 -6.96 -40.67 73.97
N ARG C 24 -6.20 -40.30 72.94
CA ARG C 24 -5.88 -38.90 72.69
C ARG C 24 -5.40 -38.77 71.25
N ALA C 25 -5.27 -37.52 70.81
CA ALA C 25 -4.65 -37.19 69.56
C ALA C 25 -3.25 -36.62 69.82
N ALA C 26 -2.45 -36.53 68.75
CA ALA C 26 -1.08 -36.04 68.86
C ALA C 26 -1.04 -34.53 68.70
N LEU C 27 -0.17 -33.89 69.48
CA LEU C 27 0.04 -32.45 69.36
C LEU C 27 1.21 -32.19 68.42
N ILE C 28 0.93 -31.50 67.31
CA ILE C 28 1.94 -31.20 66.30
C ILE C 28 2.19 -29.69 66.35
N GLY C 29 3.42 -29.32 66.70
CA GLY C 29 3.79 -27.93 66.92
C GLY C 29 4.73 -27.43 65.85
N TYR C 30 4.37 -26.31 65.23
CA TYR C 30 5.17 -25.67 64.20
C TYR C 30 5.87 -24.45 64.76
N LEU C 31 7.14 -24.29 64.37
CA LEU C 31 7.92 -23.09 64.65
C LEU C 31 8.87 -22.89 63.47
N PRO C 32 9.07 -21.65 63.03
CA PRO C 32 10.05 -21.40 61.97
C PRO C 32 11.46 -21.22 62.52
N THR C 33 12.42 -21.84 61.83
CA THR C 33 13.83 -21.73 62.21
C THR C 33 14.28 -20.28 62.15
N GLY C 34 15.10 -19.87 63.11
CA GLY C 34 15.68 -18.56 63.07
C GLY C 34 14.79 -17.42 63.49
N TYR C 35 13.62 -17.69 64.08
CA TYR C 35 12.84 -16.62 64.67
C TYR C 35 12.77 -16.81 66.18
N PRO C 36 13.10 -15.79 66.98
CA PRO C 36 13.57 -14.47 66.53
C PRO C 36 15.04 -14.48 66.09
N ASP C 37 15.75 -15.56 66.44
CA ASP C 37 17.07 -15.84 65.89
C ASP C 37 17.29 -17.35 66.01
N VAL C 38 18.37 -17.82 65.39
CA VAL C 38 18.63 -19.26 65.36
C VAL C 38 18.80 -19.84 66.75
N PRO C 39 19.65 -19.29 67.64
CA PRO C 39 19.74 -19.87 69.00
C PRO C 39 18.44 -19.82 69.76
N ALA C 40 17.66 -18.74 69.62
CA ALA C 40 16.40 -18.64 70.34
C ALA C 40 15.36 -19.61 69.80
N SER C 41 15.27 -19.74 68.47
CA SER C 41 14.28 -20.64 67.89
C SER C 41 14.56 -22.08 68.28
N VAL C 42 15.83 -22.49 68.26
CA VAL C 42 16.18 -23.85 68.67
C VAL C 42 15.90 -24.04 70.16
N ALA C 43 16.11 -23.00 70.96
CA ALA C 43 15.75 -23.06 72.38
C ALA C 43 14.25 -23.22 72.55
N ALA C 44 13.47 -22.52 71.72
CA ALA C 44 12.01 -22.62 71.82
C ALA C 44 11.51 -23.98 71.33
N MET C 45 12.13 -24.52 70.27
CA MET C 45 11.72 -25.81 69.76
C MET C 45 11.98 -26.92 70.79
N THR C 46 13.10 -26.84 71.49
CA THR C 46 13.37 -27.80 72.56
C THR C 46 12.36 -27.66 73.69
N ALA C 47 11.96 -26.42 73.99
CA ALA C 47 10.93 -26.18 74.99
C ALA C 47 9.63 -26.88 74.63
N LEU C 48 9.29 -26.91 73.34
CA LEU C 48 8.08 -27.60 72.90
C LEU C 48 8.13 -29.09 73.28
N VAL C 49 9.30 -29.71 73.14
CA VAL C 49 9.42 -31.12 73.48
C VAL C 49 9.25 -31.32 74.98
N GLU C 50 9.85 -30.45 75.79
CA GLU C 50 9.73 -30.54 77.24
C GLU C 50 8.33 -30.17 77.73
N SER C 51 7.51 -29.54 76.90
CA SER C 51 6.20 -29.06 77.31
C SER C 51 5.06 -29.94 76.83
N GLY C 52 5.35 -31.00 76.08
CA GLY C 52 4.35 -31.97 75.69
C GLY C 52 3.99 -32.03 74.23
N CYS C 53 4.87 -31.60 73.32
CA CYS C 53 4.61 -31.68 71.89
C CYS C 53 5.06 -33.05 71.38
N ASP C 54 4.14 -33.75 70.71
CA ASP C 54 4.47 -35.08 70.19
C ASP C 54 5.31 -35.01 68.94
N ILE C 55 4.99 -34.09 68.03
CA ILE C 55 5.71 -33.90 66.78
C ILE C 55 6.03 -32.41 66.63
N ILE C 56 7.22 -32.10 66.14
CA ILE C 56 7.67 -30.73 65.94
C ILE C 56 7.78 -30.51 64.44
N GLU C 57 6.94 -29.62 63.90
CA GLU C 57 7.10 -29.15 62.53
C GLU C 57 8.15 -28.06 62.52
N VAL C 58 9.30 -28.33 61.92
CA VAL C 58 10.35 -27.32 61.79
C VAL C 58 10.20 -26.66 60.43
N GLY C 59 9.89 -25.36 60.44
CA GLY C 59 9.63 -24.64 59.21
C GLY C 59 10.89 -24.02 58.62
N VAL C 60 11.00 -24.11 57.30
CA VAL C 60 12.11 -23.50 56.56
C VAL C 60 11.62 -22.14 56.05
N PRO C 61 12.16 -21.04 56.56
CA PRO C 61 11.70 -19.72 56.10
C PRO C 61 11.95 -19.53 54.61
N TYR C 62 10.89 -19.14 53.89
CA TYR C 62 10.95 -18.93 52.46
C TYR C 62 10.61 -17.48 52.13
N SER C 63 11.20 -16.98 51.05
CA SER C 63 11.07 -15.57 50.70
C SER C 63 9.71 -15.22 50.13
N ASP C 64 8.95 -16.20 49.64
CA ASP C 64 7.64 -15.94 49.04
C ASP C 64 6.66 -17.01 49.50
N PRO C 65 6.30 -17.01 50.80
CA PRO C 65 5.43 -18.07 51.34
C PRO C 65 3.96 -17.84 51.02
N GLY C 66 3.47 -18.49 49.97
CA GLY C 66 2.10 -18.23 49.52
C GLY C 66 1.04 -18.78 50.45
N MET C 67 1.31 -19.90 51.12
CA MET C 67 0.32 -20.60 51.91
C MET C 67 0.28 -20.17 53.38
N ASP C 68 1.11 -19.21 53.79
CA ASP C 68 1.26 -18.86 55.19
C ASP C 68 0.48 -17.60 55.55
N GLY C 69 -0.21 -17.66 56.70
CA GLY C 69 -0.89 -16.51 57.21
C GLY C 69 0.09 -15.45 57.72
N PRO C 70 -0.47 -14.35 58.23
CA PRO C 70 0.39 -13.19 58.56
C PRO C 70 1.29 -13.41 59.76
N THR C 71 0.85 -14.15 60.78
CA THR C 71 1.69 -14.38 61.95
C THR C 71 2.96 -15.13 61.57
N ILE C 72 2.82 -16.18 60.76
CA ILE C 72 3.99 -16.95 60.37
C ILE C 72 4.78 -16.24 59.27
N ALA C 73 4.08 -15.59 58.33
CA ALA C 73 4.76 -14.93 57.23
C ALA C 73 5.70 -13.83 57.73
N ARG C 74 5.24 -13.02 58.68
CA ARG C 74 6.09 -11.95 59.20
C ARG C 74 7.19 -12.50 60.10
N ALA C 75 6.99 -13.69 60.68
CA ALA C 75 8.05 -14.29 61.49
C ALA C 75 9.15 -14.89 60.64
N THR C 76 8.81 -15.44 59.47
CA THR C 76 9.84 -15.94 58.57
C THR C 76 10.57 -14.80 57.86
N GLU C 77 9.87 -13.69 57.59
CA GLU C 77 10.53 -12.52 57.04
C GLU C 77 11.59 -11.99 57.99
N ALA C 78 11.29 -11.96 59.29
CA ALA C 78 12.27 -11.53 60.27
C ALA C 78 13.43 -12.51 60.39
N ALA C 79 13.15 -13.80 60.25
CA ALA C 79 14.23 -14.79 60.30
C ALA C 79 15.17 -14.65 59.12
N LEU C 80 14.63 -14.36 57.93
CA LEU C 80 15.47 -14.18 56.75
C LEU C 80 16.25 -12.87 56.82
N ARG C 81 15.64 -11.81 57.35
CA ARG C 81 16.38 -10.58 57.60
C ARG C 81 17.55 -10.84 58.53
N GLY C 82 17.36 -11.69 59.55
CA GLY C 82 18.42 -12.08 60.44
C GLY C 82 19.47 -12.97 59.82
N GLY C 83 19.20 -13.53 58.64
CA GLY C 83 20.17 -14.34 57.94
C GLY C 83 20.04 -15.83 58.12
N VAL C 84 18.85 -16.35 58.45
CA VAL C 84 18.68 -17.79 58.61
C VAL C 84 19.05 -18.51 57.31
N ARG C 85 19.67 -19.66 57.44
CA ARG C 85 20.03 -20.51 56.32
C ARG C 85 19.29 -21.83 56.41
N VAL C 86 19.31 -22.59 55.32
CA VAL C 86 18.63 -23.88 55.31
C VAL C 86 19.35 -24.85 56.24
N ARG C 87 20.68 -24.78 56.30
CA ARG C 87 21.44 -25.64 57.22
C ARG C 87 21.04 -25.40 58.67
N ASP C 88 20.53 -24.20 58.99
CA ASP C 88 20.07 -23.94 60.35
C ASP C 88 18.88 -24.83 60.72
N THR C 89 18.01 -25.11 59.75
CA THR C 89 16.89 -26.02 60.01
C THR C 89 17.38 -27.43 60.33
N LEU C 90 18.36 -27.93 59.57
CA LEU C 90 18.91 -29.25 59.87
C LEU C 90 19.60 -29.27 61.22
N ALA C 91 20.26 -28.17 61.59
CA ALA C 91 20.83 -28.05 62.93
C ALA C 91 19.75 -28.09 64.00
N ALA C 92 18.56 -27.56 63.69
CA ALA C 92 17.46 -27.60 64.66
C ALA C 92 16.86 -28.99 64.77
N VAL C 93 16.82 -29.75 63.68
CA VAL C 93 16.30 -31.11 63.74
C VAL C 93 17.20 -31.97 64.64
N GLU C 94 18.52 -31.86 64.44
CA GLU C 94 19.45 -32.63 65.26
C GLU C 94 19.32 -32.27 66.73
N ALA C 95 19.05 -31.00 67.03
CA ALA C 95 18.86 -30.60 68.43
C ALA C 95 17.60 -31.21 69.02
N ILE C 96 16.50 -31.21 68.25
CA ILE C 96 15.27 -31.82 68.71
C ILE C 96 15.45 -33.32 68.91
N SER C 97 16.14 -33.99 67.99
CA SER C 97 16.31 -35.44 68.10
C SER C 97 17.16 -35.80 69.31
N ILE C 98 18.20 -35.02 69.59
CA ILE C 98 19.04 -35.28 70.76
C ILE C 98 18.24 -35.12 72.04
N ALA C 99 17.35 -34.12 72.08
CA ALA C 99 16.52 -33.86 73.24
C ALA C 99 15.34 -34.82 73.37
N GLY C 100 15.26 -35.85 72.54
CA GLY C 100 14.21 -36.84 72.64
C GLY C 100 12.99 -36.57 71.79
N GLY C 101 12.94 -35.43 71.11
CA GLY C 101 11.79 -35.09 70.30
C GLY C 101 11.76 -35.81 68.96
N ARG C 102 10.65 -35.61 68.26
CA ARG C 102 10.42 -36.22 66.95
C ARG C 102 10.04 -35.11 65.98
N ALA C 103 10.92 -34.83 65.01
CA ALA C 103 10.82 -33.64 64.18
C ALA C 103 10.62 -34.00 62.71
N VAL C 104 9.73 -33.26 62.05
CA VAL C 104 9.63 -33.23 60.59
C VAL C 104 9.93 -31.81 60.13
N VAL C 105 10.10 -31.65 58.83
CA VAL C 105 10.43 -30.36 58.24
C VAL C 105 9.31 -29.96 57.29
N MET C 106 8.74 -28.78 57.51
CA MET C 106 7.78 -28.18 56.59
C MET C 106 8.48 -27.09 55.80
N THR C 107 8.56 -27.28 54.49
CA THR C 107 9.31 -26.38 53.62
C THR C 107 8.59 -26.24 52.30
N TYR C 108 8.79 -25.09 51.66
CA TYR C 108 8.43 -24.96 50.27
C TYR C 108 9.46 -25.69 49.41
N TRP C 109 9.10 -25.93 48.15
CA TRP C 109 9.86 -26.93 47.41
C TRP C 109 11.14 -26.37 46.79
N ASN C 110 11.16 -25.10 46.41
CA ASN C 110 12.35 -24.57 45.74
C ASN C 110 13.60 -24.65 46.60
N PRO C 111 13.57 -24.40 47.92
CA PRO C 111 14.77 -24.65 48.73
C PRO C 111 15.27 -26.08 48.64
N VAL C 112 14.36 -27.05 48.51
CA VAL C 112 14.76 -28.44 48.37
C VAL C 112 15.43 -28.68 47.02
N LEU C 113 14.86 -28.11 45.95
CA LEU C 113 15.48 -28.23 44.64
C LEU C 113 16.88 -27.63 44.63
N ARG C 114 17.05 -26.49 45.29
CA ARG C 114 18.37 -25.85 45.32
C ARG C 114 19.37 -26.69 46.09
N TYR C 115 18.93 -27.27 47.21
CA TYR C 115 19.78 -28.18 47.97
C TYR C 115 20.06 -29.45 47.18
N GLY C 116 19.08 -29.91 46.41
CA GLY C 116 19.13 -31.22 45.80
C GLY C 116 18.22 -32.17 46.56
N VAL C 117 17.20 -32.71 45.87
CA VAL C 117 16.17 -33.50 46.54
C VAL C 117 16.80 -34.68 47.27
N ASP C 118 17.67 -35.41 46.59
CA ASP C 118 18.30 -36.57 47.25
C ASP C 118 19.23 -36.12 48.37
N ALA C 119 20.00 -35.06 48.15
CA ALA C 119 20.95 -34.61 49.16
C ALA C 119 20.24 -34.10 50.40
N PHE C 120 19.13 -33.40 50.23
CA PHE C 120 18.40 -32.88 51.39
C PHE C 120 17.75 -34.00 52.17
N ALA C 121 17.19 -34.99 51.47
CA ALA C 121 16.61 -36.14 52.16
C ALA C 121 17.67 -36.88 52.96
N ARG C 122 18.84 -37.11 52.35
CA ARG C 122 19.93 -37.78 53.05
C ARG C 122 20.34 -37.00 54.30
N ASP C 123 20.50 -35.69 54.18
CA ASP C 123 20.95 -34.89 55.32
C ASP C 123 19.84 -34.73 56.36
N LEU C 124 18.58 -34.68 55.92
CA LEU C 124 17.47 -34.62 56.88
C LEU C 124 17.40 -35.89 57.72
N ALA C 125 17.56 -37.04 57.08
CA ALA C 125 17.51 -38.31 57.81
C ALA C 125 18.68 -38.41 58.79
N ALA C 126 19.87 -37.96 58.38
CA ALA C 126 21.03 -38.06 59.25
C ALA C 126 20.90 -37.17 60.48
N ALA C 127 20.20 -36.05 60.36
CA ALA C 127 19.95 -35.21 61.52
C ALA C 127 18.91 -35.80 62.46
N GLY C 128 18.26 -36.89 62.06
CA GLY C 128 17.19 -37.46 62.85
C GLY C 128 15.79 -37.08 62.40
N GLY C 129 15.66 -36.36 61.28
CA GLY C 129 14.35 -36.01 60.79
C GLY C 129 13.53 -37.23 60.45
N LEU C 130 12.21 -37.11 60.64
CA LEU C 130 11.31 -38.23 60.39
C LEU C 130 10.46 -38.07 59.15
N GLY C 131 10.38 -36.88 58.57
CA GLY C 131 9.54 -36.70 57.40
C GLY C 131 9.56 -35.27 56.92
N LEU C 132 8.85 -35.05 55.82
CA LEU C 132 8.83 -33.78 55.12
C LEU C 132 7.39 -33.41 54.78
N ILE C 133 7.01 -32.17 55.11
CA ILE C 133 5.70 -31.63 54.77
C ILE C 133 5.89 -30.65 53.61
N THR C 134 5.17 -30.87 52.51
CA THR C 134 5.39 -30.17 51.25
C THR C 134 4.11 -29.46 50.82
N PRO C 135 3.89 -28.23 51.27
CA PRO C 135 2.62 -27.54 50.96
C PRO C 135 2.48 -27.14 49.49
N ASP C 136 3.58 -26.90 48.77
CA ASP C 136 3.51 -26.48 47.38
C ASP C 136 3.98 -27.55 46.41
N LEU C 137 4.06 -28.80 46.86
CA LEU C 137 4.43 -29.92 46.00
C LEU C 137 3.29 -30.93 46.03
N ILE C 138 2.63 -31.09 44.89
CA ILE C 138 1.57 -32.09 44.75
C ILE C 138 2.20 -33.39 44.26
N PRO C 139 1.57 -34.55 44.45
CA PRO C 139 2.19 -35.80 44.02
C PRO C 139 2.56 -35.83 42.54
N ASP C 140 1.83 -35.08 41.71
CA ASP C 140 2.08 -35.05 40.27
C ASP C 140 3.51 -34.62 39.93
N GLU C 141 4.21 -33.96 40.85
CA GLU C 141 5.56 -33.47 40.61
C GLU C 141 6.60 -34.10 41.52
N ALA C 142 6.22 -35.12 42.30
CA ALA C 142 7.05 -35.61 43.39
C ALA C 142 7.85 -36.85 43.02
N GLN C 143 8.12 -37.08 41.73
CA GLN C 143 8.87 -38.26 41.33
C GLN C 143 10.24 -38.29 42.00
N GLN C 144 10.96 -37.17 41.96
CA GLN C 144 12.24 -37.07 42.69
C GLN C 144 12.04 -37.30 44.18
N TRP C 145 10.97 -36.73 44.74
CA TRP C 145 10.75 -36.81 46.18
C TRP C 145 10.30 -38.20 46.59
N LEU C 146 9.50 -38.87 45.77
CA LEU C 146 9.07 -40.23 46.11
C LEU C 146 10.26 -41.17 46.19
N ALA C 147 11.17 -41.09 45.22
CA ALA C 147 12.35 -41.95 45.23
C ALA C 147 13.24 -41.66 46.44
N ALA C 148 13.42 -40.38 46.77
CA ALA C 148 14.23 -40.03 47.92
C ALA C 148 13.55 -40.45 49.23
N SER C 149 12.22 -40.34 49.28
CA SER C 149 11.50 -40.73 50.49
C SER C 149 11.64 -42.22 50.76
N GLU C 150 11.64 -43.04 49.72
CA GLU C 150 11.83 -44.48 49.91
C GLU C 150 13.28 -44.80 50.27
N GLU C 151 14.23 -44.18 49.58
CA GLU C 151 15.64 -44.50 49.80
C GLU C 151 16.07 -44.19 51.23
N HIS C 152 15.64 -43.05 51.76
CA HIS C 152 16.11 -42.59 53.06
C HIS C 152 15.07 -42.77 54.16
N ARG C 153 14.03 -43.56 53.92
CA ARG C 153 13.06 -43.95 54.94
C ARG C 153 12.46 -42.74 55.65
N LEU C 154 12.03 -41.77 54.86
CA LEU C 154 11.38 -40.56 55.37
C LEU C 154 9.90 -40.58 55.03
N ASP C 155 9.08 -40.16 55.99
CA ASP C 155 7.66 -40.01 55.73
C ASP C 155 7.43 -38.81 54.82
N ARG C 156 6.38 -38.88 54.01
CA ARG C 156 6.02 -37.80 53.11
C ARG C 156 4.59 -37.37 53.41
N ILE C 157 4.43 -36.12 53.84
CA ILE C 157 3.15 -35.58 54.27
C ILE C 157 2.67 -34.60 53.21
N PHE C 158 1.65 -34.99 52.46
CA PHE C 158 1.01 -34.10 51.50
C PHE C 158 -0.23 -33.47 52.12
N LEU C 159 -0.69 -32.39 51.49
CA LEU C 159 -1.85 -31.65 51.97
C LEU C 159 -3.08 -31.98 51.14
N VAL C 160 -4.21 -32.11 51.80
CA VAL C 160 -5.51 -32.17 51.14
C VAL C 160 -6.25 -30.87 51.47
N ALA C 161 -7.31 -30.62 50.71
CA ALA C 161 -8.08 -29.39 50.87
C ALA C 161 -9.55 -29.72 50.77
N PRO C 162 -10.42 -28.86 51.31
CA PRO C 162 -11.87 -29.09 51.13
C PRO C 162 -12.29 -29.13 49.68
N SER C 163 -11.59 -28.40 48.81
CA SER C 163 -11.91 -28.36 47.38
C SER C 163 -11.34 -29.55 46.62
N SER C 164 -10.59 -30.44 47.27
CA SER C 164 -9.96 -31.55 46.57
C SER C 164 -11.01 -32.45 45.93
N THR C 165 -10.85 -32.70 44.64
CA THR C 165 -11.75 -33.59 43.94
C THR C 165 -11.57 -35.02 44.46
N PRO C 166 -12.62 -35.85 44.40
CA PRO C 166 -12.51 -37.22 44.92
C PRO C 166 -11.34 -38.00 44.32
N GLU C 167 -11.13 -37.88 43.01
CA GLU C 167 -10.03 -38.60 42.37
C GLU C 167 -8.68 -38.15 42.91
N ARG C 168 -8.51 -36.84 43.08
CA ARG C 168 -7.22 -36.32 43.55
C ARG C 168 -7.02 -36.60 45.04
N LEU C 169 -8.09 -36.59 45.83
CA LEU C 169 -7.95 -36.93 47.24
C LEU C 169 -7.44 -38.35 47.42
N ALA C 170 -8.01 -39.29 46.66
CA ALA C 170 -7.53 -40.67 46.73
C ALA C 170 -6.09 -40.78 46.25
N ALA C 171 -5.74 -40.03 45.21
CA ALA C 171 -4.36 -40.04 44.71
C ALA C 171 -3.40 -39.47 45.75
N THR C 172 -3.80 -38.38 46.41
CA THR C 172 -2.94 -37.75 47.40
C THR C 172 -2.74 -38.65 48.61
N VAL C 173 -3.82 -39.27 49.11
CA VAL C 173 -3.72 -40.16 50.26
C VAL C 173 -2.84 -41.36 49.94
N GLU C 174 -3.07 -41.97 48.77
CA GLU C 174 -2.29 -43.12 48.33
C GLU C 174 -0.79 -42.80 48.26
N ALA C 175 -0.43 -41.53 48.10
CA ALA C 175 0.97 -41.14 47.97
C ALA C 175 1.57 -40.64 49.29
N SER C 176 0.83 -40.73 50.40
CA SER C 176 1.29 -40.19 51.67
C SER C 176 1.77 -41.30 52.60
N ARG C 177 2.79 -40.97 53.40
CA ARG C 177 3.31 -41.85 54.44
C ARG C 177 3.46 -41.04 55.71
N GLY C 178 3.03 -41.62 56.83
CA GLY C 178 3.08 -40.92 58.10
C GLY C 178 1.72 -40.39 58.51
N PHE C 179 1.37 -39.21 57.99
CA PHE C 179 0.02 -38.68 58.17
C PHE C 179 -0.27 -37.71 57.02
N VAL C 180 -1.52 -37.25 56.97
CA VAL C 180 -2.00 -36.37 55.91
C VAL C 180 -2.44 -35.05 56.53
N TYR C 181 -1.94 -33.95 55.98
CA TYR C 181 -2.24 -32.61 56.49
C TYR C 181 -3.55 -32.14 55.88
N ALA C 182 -4.58 -31.99 56.71
CA ALA C 182 -5.90 -31.53 56.25
C ALA C 182 -5.98 -30.03 56.48
N ALA C 183 -5.52 -29.27 55.50
CA ALA C 183 -5.44 -27.81 55.62
C ALA C 183 -6.78 -27.17 55.31
N SER C 184 -7.16 -26.20 56.13
CA SER C 184 -8.39 -25.44 55.92
C SER C 184 -8.37 -24.14 56.70
N SER C 196 -17.19 -23.58 60.42
CA SER C 196 -18.11 -24.41 59.66
C SER C 196 -17.87 -25.88 59.94
N GLN C 197 -18.33 -26.75 59.04
CA GLN C 197 -18.13 -28.19 59.14
C GLN C 197 -17.03 -28.68 58.20
N ALA C 198 -16.15 -27.78 57.75
CA ALA C 198 -15.21 -28.13 56.69
C ALA C 198 -14.15 -29.11 57.16
N ALA C 199 -13.63 -28.92 58.39
CA ALA C 199 -12.54 -29.78 58.85
C ALA C 199 -12.99 -31.22 59.06
N PRO C 200 -14.02 -31.52 59.87
CA PRO C 200 -14.39 -32.93 60.07
C PRO C 200 -14.89 -33.60 58.81
N GLU C 201 -15.60 -32.88 57.94
CA GLU C 201 -16.09 -33.48 56.70
C GLU C 201 -14.93 -33.89 55.81
N LEU C 202 -13.88 -33.07 55.73
CA LEU C 202 -12.71 -33.44 54.95
C LEU C 202 -12.00 -34.65 55.57
N VAL C 203 -11.87 -34.67 56.90
CA VAL C 203 -11.25 -35.81 57.56
C VAL C 203 -12.05 -37.08 57.31
N GLY C 204 -13.38 -36.98 57.30
CA GLY C 204 -14.20 -38.14 57.02
C GLY C 204 -13.99 -38.68 55.61
N ARG C 205 -13.80 -37.79 54.65
CA ARG C 205 -13.53 -38.23 53.28
C ARG C 205 -12.17 -38.91 53.17
N VAL C 206 -11.22 -38.52 54.03
CA VAL C 206 -9.93 -39.21 54.05
C VAL C 206 -10.06 -40.54 54.77
N LYS C 207 -10.78 -40.57 55.88
CA LYS C 207 -10.99 -41.82 56.62
C LYS C 207 -11.74 -42.85 55.80
N ALA C 208 -12.44 -42.44 54.75
CA ALA C 208 -13.25 -43.35 53.95
C ALA C 208 -12.47 -44.04 52.85
N VAL C 209 -11.19 -43.72 52.66
CA VAL C 209 -10.40 -44.32 51.59
C VAL C 209 -9.11 -44.91 52.12
N SER C 210 -8.76 -44.60 53.37
CA SER C 210 -7.52 -45.12 53.94
C SER C 210 -7.57 -44.97 55.46
N ASP C 211 -6.69 -45.72 56.13
CA ASP C 211 -6.57 -45.69 57.57
C ASP C 211 -5.41 -44.81 58.05
N ILE C 212 -4.79 -44.05 57.15
CA ILE C 212 -3.64 -43.23 57.51
C ILE C 212 -4.09 -42.15 58.49
N PRO C 213 -3.28 -41.80 59.50
CA PRO C 213 -3.65 -40.71 60.40
C PRO C 213 -3.83 -39.39 59.65
N VAL C 214 -4.70 -38.54 60.18
CA VAL C 214 -4.99 -37.24 59.59
C VAL C 214 -4.70 -36.17 60.64
N GLY C 215 -3.82 -35.23 60.29
CA GLY C 215 -3.62 -34.06 61.10
C GLY C 215 -4.47 -32.91 60.60
N VAL C 216 -4.88 -32.04 61.53
CA VAL C 216 -5.76 -30.92 61.20
C VAL C 216 -5.13 -29.63 61.70
N GLY C 217 -4.91 -28.69 60.78
CA GLY C 217 -4.49 -27.36 61.15
C GLY C 217 -5.62 -26.38 60.93
N LEU C 218 -6.04 -25.69 61.98
CA LEU C 218 -7.24 -24.87 61.91
C LEU C 218 -7.09 -23.57 62.70
N GLY C 219 -5.87 -23.02 62.78
CA GLY C 219 -5.63 -21.83 63.55
C GLY C 219 -6.00 -21.99 65.02
N VAL C 220 -5.58 -23.10 65.63
CA VAL C 220 -5.92 -23.39 67.01
C VAL C 220 -5.28 -22.35 67.92
N ARG C 221 -6.02 -21.93 68.94
CA ARG C 221 -5.54 -20.89 69.86
C ARG C 221 -5.70 -21.30 71.31
N SER C 222 -6.71 -22.11 71.62
CA SER C 222 -7.08 -22.39 73.00
C SER C 222 -7.18 -23.89 73.24
N ARG C 223 -7.22 -24.25 74.53
CA ARG C 223 -7.39 -25.64 74.92
C ARG C 223 -8.72 -26.20 74.42
N ALA C 224 -9.78 -25.39 74.47
CA ALA C 224 -11.08 -25.85 74.01
C ALA C 224 -11.06 -26.16 72.51
N GLN C 225 -10.37 -25.33 71.72
CA GLN C 225 -10.30 -25.57 70.28
C GLN C 225 -9.53 -26.85 69.97
N ALA C 226 -8.42 -27.09 70.68
CA ALA C 226 -7.65 -28.31 70.45
C ALA C 226 -8.43 -29.55 70.87
N ALA C 227 -9.34 -29.40 71.84
CA ALA C 227 -10.15 -30.53 72.28
C ALA C 227 -11.23 -30.88 71.27
N GLN C 228 -11.84 -29.86 70.65
CA GLN C 228 -12.88 -30.10 69.67
C GLN C 228 -12.34 -30.81 68.43
N ILE C 229 -11.07 -30.56 68.09
CA ILE C 229 -10.49 -31.17 66.90
C ILE C 229 -10.10 -32.61 67.17
N ALA C 230 -9.60 -32.90 68.38
CA ALA C 230 -9.14 -34.25 68.70
C ALA C 230 -10.26 -35.28 68.72
N GLN C 231 -11.52 -34.85 68.62
CA GLN C 231 -12.65 -35.78 68.59
C GLN C 231 -12.75 -36.52 67.27
N TYR C 232 -12.11 -36.03 66.22
CA TYR C 232 -12.15 -36.70 64.91
C TYR C 232 -10.81 -36.78 64.21
N ALA C 233 -9.83 -35.94 64.55
CA ALA C 233 -8.52 -35.96 63.92
C ALA C 233 -7.54 -36.75 64.79
N ASP C 234 -6.60 -37.41 64.12
CA ASP C 234 -5.55 -38.14 64.84
C ASP C 234 -4.46 -37.22 65.37
N GLY C 235 -4.34 -36.02 64.83
CA GLY C 235 -3.36 -35.06 65.30
C GLY C 235 -3.86 -33.65 65.10
N VAL C 236 -3.48 -32.76 66.02
CA VAL C 236 -3.85 -31.35 65.98
C VAL C 236 -2.61 -30.53 65.70
N ILE C 237 -2.70 -29.64 64.72
CA ILE C 237 -1.56 -28.86 64.24
C ILE C 237 -1.72 -27.42 64.70
N VAL C 238 -0.75 -26.93 65.47
CA VAL C 238 -0.72 -25.57 65.96
C VAL C 238 0.57 -24.91 65.48
N GLY C 239 0.45 -23.69 64.95
CA GLY C 239 1.60 -22.98 64.44
C GLY C 239 1.57 -21.50 64.76
N SER C 240 0.62 -20.79 64.15
CA SER C 240 0.52 -19.35 64.36
C SER C 240 0.44 -19.00 65.85
N ALA C 241 -0.36 -19.75 66.61
CA ALA C 241 -0.52 -19.45 68.03
C ALA C 241 0.78 -19.68 68.81
N LEU C 242 1.63 -20.60 68.35
CA LEU C 242 2.93 -20.80 69.00
C LEU C 242 3.87 -19.65 68.66
N VAL C 243 3.86 -19.20 67.41
CA VAL C 243 4.68 -18.05 67.02
C VAL C 243 4.26 -16.82 67.82
N THR C 244 2.95 -16.55 67.90
CA THR C 244 2.45 -15.42 68.67
C THR C 244 2.89 -15.51 70.13
N ALA C 245 2.90 -16.72 70.69
CA ALA C 245 3.33 -16.89 72.07
C ALA C 245 4.83 -16.63 72.22
N LEU C 246 5.64 -17.22 71.34
CA LEU C 246 7.08 -17.01 71.41
C LEU C 246 7.44 -15.53 71.27
N THR C 247 6.61 -14.75 70.58
CA THR C 247 6.90 -13.32 70.43
C THR C 247 6.72 -12.58 71.75
N GLU C 248 5.69 -12.94 72.53
CA GLU C 248 5.53 -12.32 73.85
C GLU C 248 6.66 -12.74 74.77
N GLY C 249 6.97 -14.04 74.80
CA GLY C 249 8.05 -14.54 75.63
C GLY C 249 8.13 -16.05 75.65
N LEU C 250 9.31 -16.59 75.96
CA LEU C 250 9.46 -18.02 76.07
C LEU C 250 8.62 -18.67 77.18
N PRO C 251 8.37 -18.02 78.34
CA PRO C 251 7.44 -18.65 79.30
C PRO C 251 6.02 -18.73 78.79
N ARG C 252 5.56 -17.76 77.99
CA ARG C 252 4.21 -17.82 77.45
C ARG C 252 4.04 -19.01 76.52
N LEU C 253 5.07 -19.33 75.73
CA LEU C 253 5.00 -20.52 74.89
C LEU C 253 4.92 -21.79 75.73
N ARG C 254 5.65 -21.84 76.84
CA ARG C 254 5.63 -23.03 77.69
C ARG C 254 4.24 -23.28 78.26
N ALA C 255 3.61 -22.21 78.76
CA ALA C 255 2.27 -22.36 79.34
C ALA C 255 1.23 -22.66 78.28
N LEU C 256 1.31 -22.00 77.13
CA LEU C 256 0.34 -22.25 76.06
C LEU C 256 0.47 -23.67 75.52
N THR C 257 1.72 -24.14 75.35
CA THR C 257 1.92 -25.52 74.95
C THR C 257 1.36 -26.49 75.98
N GLY C 258 1.43 -26.12 77.26
CA GLY C 258 0.84 -26.97 78.29
C GLY C 258 -0.66 -27.08 78.17
N GLU C 259 -1.33 -25.95 77.93
CA GLU C 259 -2.78 -25.98 77.74
C GLU C 259 -3.15 -26.78 76.51
N LEU C 260 -2.36 -26.67 75.44
CA LEU C 260 -2.61 -27.47 74.25
C LEU C 260 -2.36 -28.95 74.51
N ALA C 261 -1.41 -29.28 75.39
CA ALA C 261 -1.14 -30.68 75.70
C ALA C 261 -2.31 -31.31 76.45
N ALA C 262 -3.07 -30.51 77.20
CA ALA C 262 -4.21 -31.04 77.94
C ALA C 262 -5.43 -31.22 77.06
N GLY C 263 -5.63 -30.30 76.10
CA GLY C 263 -6.81 -30.35 75.27
C GLY C 263 -6.87 -31.57 74.37
N VAL C 264 -5.72 -32.08 73.94
CA VAL C 264 -5.69 -33.22 73.04
C VAL C 264 -6.06 -34.54 73.70
N ARG C 265 -6.17 -34.56 75.03
CA ARG C 265 -6.47 -35.80 75.76
C ARG C 265 -7.94 -35.94 76.12
N LEU C 266 -8.79 -35.02 75.69
CA LEU C 266 -10.22 -35.08 75.98
C LEU C 266 -10.96 -35.87 74.90
N THR D 9 0.08 -27.37 18.41
CA THR D 9 1.39 -27.35 17.74
C THR D 9 2.29 -28.47 18.25
N SER D 10 3.41 -28.69 17.56
CA SER D 10 4.39 -29.68 17.98
C SER D 10 5.24 -29.22 19.16
N HIS D 11 5.07 -27.98 19.61
CA HIS D 11 5.83 -27.42 20.73
C HIS D 11 5.01 -27.36 22.02
N ASP D 12 3.93 -28.16 22.10
CA ASP D 12 3.07 -28.15 23.27
C ASP D 12 3.63 -29.05 24.37
N PRO D 13 3.32 -28.77 25.63
CA PRO D 13 3.71 -29.65 26.73
C PRO D 13 2.82 -30.88 26.75
N ASP D 14 3.12 -31.78 27.68
CA ASP D 14 2.29 -32.97 27.86
C ASP D 14 1.04 -32.61 28.65
N SER D 15 0.30 -33.62 29.11
CA SER D 15 -0.95 -33.36 29.83
C SER D 15 -0.70 -32.66 31.15
N GLY D 16 0.45 -32.89 31.78
CA GLY D 16 0.84 -32.24 33.01
C GLY D 16 1.52 -30.90 32.83
N GLY D 17 1.64 -30.41 31.60
CA GLY D 17 2.22 -29.11 31.37
C GLY D 17 3.73 -29.06 31.41
N HIS D 18 4.39 -30.13 30.98
CA HIS D 18 5.85 -30.19 30.99
C HIS D 18 6.39 -30.03 29.57
N PHE D 19 7.35 -29.12 29.41
CA PHE D 19 8.06 -28.93 28.16
C PHE D 19 9.35 -29.74 28.15
N GLY D 20 9.55 -30.54 27.10
CA GLY D 20 10.85 -31.10 26.84
C GLY D 20 11.26 -32.32 27.64
N GLY D 21 10.29 -33.13 28.06
CA GLY D 21 10.59 -34.42 28.64
C GLY D 21 11.34 -34.38 29.95
N PRO D 22 12.59 -34.86 29.94
CA PRO D 22 13.32 -35.03 31.21
C PRO D 22 13.66 -33.72 31.91
N SER D 23 13.89 -32.64 31.17
CA SER D 23 14.19 -31.36 31.80
C SER D 23 13.06 -30.91 32.73
N GLY D 24 11.82 -31.11 32.29
CA GLY D 24 10.68 -30.85 33.16
C GLY D 24 10.30 -29.40 33.32
N TRP D 25 10.50 -28.59 32.29
CA TRP D 25 10.08 -27.18 32.38
C TRP D 25 8.57 -27.09 32.47
N GLY D 26 8.08 -26.19 33.30
CA GLY D 26 6.65 -25.97 33.44
C GLY D 26 6.06 -26.78 34.58
N GLY D 27 5.08 -27.62 34.27
CA GLY D 27 4.40 -28.38 35.29
C GLY D 27 3.45 -27.52 36.11
N ARG D 28 3.17 -28.01 37.32
CA ARG D 28 2.28 -27.33 38.27
C ARG D 28 2.91 -27.42 39.65
N TYR D 29 3.53 -26.34 40.10
CA TYR D 29 4.13 -26.27 41.42
C TYR D 29 3.26 -25.32 42.26
N VAL D 30 2.12 -25.85 42.69
CA VAL D 30 1.10 -25.07 43.39
C VAL D 30 0.54 -25.93 44.51
N PRO D 31 -0.11 -25.31 45.50
CA PRO D 31 -0.75 -26.10 46.55
C PRO D 31 -1.95 -26.86 46.03
N GLU D 32 -2.21 -28.02 46.66
CA GLU D 32 -3.37 -28.84 46.32
C GLU D 32 -4.67 -28.05 46.35
N ALA D 33 -4.75 -27.01 47.18
CA ALA D 33 -5.96 -26.20 47.28
C ALA D 33 -6.32 -25.52 45.96
N LEU D 34 -5.35 -25.31 45.07
CA LEU D 34 -5.62 -24.69 43.78
C LEU D 34 -5.84 -25.69 42.66
N MET D 35 -5.71 -27.00 42.92
CA MET D 35 -5.76 -27.96 41.83
C MET D 35 -7.18 -28.12 41.27
N ALA D 36 -8.21 -27.90 42.08
CA ALA D 36 -9.57 -28.06 41.59
C ALA D 36 -9.93 -26.99 40.57
N VAL D 37 -9.52 -25.74 40.80
CA VAL D 37 -9.83 -24.69 39.84
C VAL D 37 -8.83 -24.70 38.69
N ILE D 38 -7.59 -25.12 38.92
CA ILE D 38 -6.61 -25.19 37.85
C ILE D 38 -7.01 -26.24 36.83
N GLU D 39 -7.40 -27.43 37.30
CA GLU D 39 -7.93 -28.44 36.38
C GLU D 39 -9.22 -27.96 35.73
N GLU D 40 -10.02 -27.16 36.45
CA GLU D 40 -11.26 -26.62 35.89
C GLU D 40 -10.98 -25.69 34.72
N VAL D 41 -10.01 -24.78 34.89
CA VAL D 41 -9.65 -23.87 33.80
C VAL D 41 -9.02 -24.64 32.63
N THR D 42 -8.22 -25.67 32.94
CA THR D 42 -7.60 -26.46 31.88
C THR D 42 -8.66 -27.12 31.01
N ALA D 43 -9.61 -27.83 31.63
CA ALA D 43 -10.65 -28.49 30.88
C ALA D 43 -11.50 -27.49 30.10
N ALA D 44 -11.81 -26.35 30.70
CA ALA D 44 -12.59 -25.33 30.01
C ALA D 44 -11.84 -24.81 28.78
N TYR D 45 -10.52 -24.66 28.89
CA TYR D 45 -9.75 -24.18 27.74
C TYR D 45 -9.68 -25.22 26.64
N GLN D 46 -9.41 -26.49 27.00
CA GLN D 46 -9.40 -27.56 26.00
C GLN D 46 -10.73 -27.67 25.27
N LYS D 47 -11.84 -27.41 25.96
CA LYS D 47 -13.16 -27.53 25.35
C LYS D 47 -13.48 -26.33 24.46
N GLU D 48 -13.24 -25.12 24.96
CA GLU D 48 -13.64 -23.92 24.23
C GLU D 48 -12.66 -23.52 23.12
N ARG D 49 -11.41 -24.00 23.16
CA ARG D 49 -10.47 -23.66 22.10
C ARG D 49 -10.85 -24.29 20.77
N VAL D 50 -11.73 -25.29 20.77
CA VAL D 50 -12.19 -25.93 19.54
C VAL D 50 -13.68 -25.67 19.31
N SER D 51 -14.23 -24.67 19.99
CA SER D 51 -15.63 -24.29 19.86
C SER D 51 -15.74 -23.08 18.93
N GLN D 52 -16.43 -23.26 17.81
CA GLN D 52 -16.52 -22.17 16.84
C GLN D 52 -17.21 -20.95 17.43
N ASP D 53 -18.20 -21.15 18.31
CA ASP D 53 -18.83 -20.02 18.98
C ASP D 53 -17.81 -19.21 19.75
N PHE D 54 -16.87 -19.88 20.42
CA PHE D 54 -15.84 -19.16 21.18
C PHE D 54 -14.84 -18.48 20.25
N LEU D 55 -14.42 -19.18 19.18
CA LEU D 55 -13.47 -18.61 18.25
C LEU D 55 -14.07 -17.42 17.50
N ASP D 56 -15.35 -17.51 17.14
CA ASP D 56 -15.99 -16.39 16.45
C ASP D 56 -16.09 -15.16 17.35
N ASP D 57 -16.29 -15.36 18.65
CA ASP D 57 -16.34 -14.21 19.57
C ASP D 57 -14.97 -13.58 19.74
N LEU D 58 -13.92 -14.40 19.78
CA LEU D 58 -12.57 -13.85 19.93
C LEU D 58 -12.15 -13.07 18.69
N ASP D 59 -12.40 -13.63 17.50
CA ASP D 59 -12.06 -12.92 16.26
C ASP D 59 -12.86 -11.63 16.12
N ARG D 60 -14.14 -11.68 16.46
N ARG D 60 -14.14 -11.68 16.47
CA ARG D 60 -14.98 -10.48 16.37
CA ARG D 60 -15.00 -10.50 16.39
C ARG D 60 -14.43 -9.36 17.25
C ARG D 60 -14.48 -9.37 17.27
N LEU D 61 -13.97 -9.70 18.45
CA LEU D 61 -13.46 -8.67 19.36
C LEU D 61 -12.08 -8.18 18.94
N GLN D 62 -11.20 -9.08 18.51
N GLN D 62 -11.20 -9.08 18.51
CA GLN D 62 -9.87 -8.67 18.06
CA GLN D 62 -9.88 -8.65 18.07
C GLN D 62 -9.97 -7.72 16.87
C GLN D 62 -9.96 -7.73 16.86
N ALA D 63 -10.94 -7.95 15.99
CA ALA D 63 -11.09 -7.11 14.80
C ALA D 63 -11.75 -5.77 15.13
N ASN D 64 -13.00 -5.82 15.58
CA ASN D 64 -13.82 -4.61 15.72
C ASN D 64 -13.60 -3.87 17.03
N TYR D 65 -12.93 -4.48 18.01
CA TYR D 65 -12.75 -3.86 19.32
C TYR D 65 -11.29 -3.62 19.64
N ALA D 66 -10.44 -4.63 19.53
CA ALA D 66 -9.03 -4.48 19.87
C ALA D 66 -8.25 -3.70 18.81
N GLY D 67 -8.65 -3.79 17.55
CA GLY D 67 -7.96 -3.11 16.47
C GLY D 67 -7.07 -3.97 15.62
N ARG D 68 -7.12 -5.29 15.76
CA ARG D 68 -6.26 -6.16 14.97
C ARG D 68 -6.67 -6.15 13.50
N PRO D 69 -5.73 -6.38 12.58
CA PRO D 69 -4.30 -6.64 12.84
C PRO D 69 -3.50 -5.38 13.17
N SER D 70 -2.50 -5.52 14.02
CA SER D 70 -1.59 -4.39 14.20
C SER D 70 -0.64 -4.33 13.01
N PRO D 71 -0.30 -3.14 12.55
CA PRO D 71 0.54 -3.01 11.36
C PRO D 71 2.00 -3.30 11.64
N LEU D 72 2.72 -3.58 10.57
CA LEU D 72 4.17 -3.74 10.58
C LEU D 72 4.77 -2.55 9.85
N TYR D 73 5.70 -1.85 10.50
CA TYR D 73 6.21 -0.58 9.99
C TYR D 73 7.74 -0.60 9.96
N GLU D 74 8.31 -0.25 8.81
CA GLU D 74 9.76 -0.20 8.64
C GLU D 74 10.26 1.17 9.08
N ALA D 75 10.98 1.22 10.19
CA ALA D 75 11.54 2.46 10.73
C ALA D 75 12.82 2.79 10.00
N THR D 76 12.68 3.44 8.85
CA THR D 76 13.85 3.69 7.99
C THR D 76 14.79 4.73 8.59
N ARG D 77 14.27 5.64 9.42
CA ARG D 77 15.12 6.62 10.08
C ARG D 77 15.96 6.02 11.21
N LEU D 78 15.65 4.80 11.65
CA LEU D 78 16.49 4.09 12.60
C LEU D 78 17.64 3.36 11.94
N SER D 79 17.57 3.15 10.62
CA SER D 79 18.52 2.28 9.93
C SER D 79 19.96 2.74 10.14
N GLN D 80 20.21 4.04 10.03
CA GLN D 80 21.57 4.56 10.24
C GLN D 80 22.07 4.31 11.66
N HIS D 81 21.17 4.10 12.62
CA HIS D 81 21.55 3.80 13.99
C HIS D 81 21.60 2.31 14.28
N ALA D 82 21.21 1.47 13.33
CA ALA D 82 21.24 0.03 13.47
C ALA D 82 22.19 -0.60 12.46
N GLY D 83 23.32 0.07 12.21
CA GLY D 83 24.27 -0.44 11.24
C GLY D 83 23.72 -0.62 9.85
N SER D 84 22.79 0.25 9.43
CA SER D 84 22.14 0.22 8.13
C SER D 84 21.28 -1.03 7.93
N ALA D 85 20.94 -1.72 9.02
CA ALA D 85 19.95 -2.78 8.94
C ALA D 85 18.57 -2.18 8.71
N ARG D 86 17.59 -3.06 8.50
CA ARG D 86 16.21 -2.65 8.23
C ARG D 86 15.35 -3.07 9.41
N ILE D 87 15.00 -2.10 10.25
CA ILE D 87 14.20 -2.37 11.45
C ILE D 87 12.72 -2.28 11.10
N PHE D 88 11.98 -3.34 11.41
CA PHE D 88 10.54 -3.41 11.21
C PHE D 88 9.88 -3.49 12.58
N LEU D 89 8.97 -2.56 12.85
CA LEU D 89 8.30 -2.47 14.15
C LEU D 89 6.91 -3.07 14.06
N LYS D 90 6.70 -4.19 14.74
CA LYS D 90 5.36 -4.76 14.92
C LYS D 90 4.61 -3.90 15.93
N ARG D 91 3.58 -3.19 15.47
CA ARG D 91 3.00 -2.08 16.23
C ARG D 91 1.89 -2.54 17.18
N GLU D 92 2.27 -3.38 18.16
CA GLU D 92 1.33 -3.73 19.20
C GLU D 92 0.93 -2.52 20.05
N ASP D 93 1.74 -1.45 20.04
CA ASP D 93 1.42 -0.22 20.76
C ASP D 93 0.12 0.42 20.29
N LEU D 94 -0.43 -0.02 19.17
CA LEU D 94 -1.64 0.59 18.62
C LEU D 94 -2.90 -0.15 19.01
N ASN D 95 -2.79 -1.26 19.75
CA ASN D 95 -3.97 -1.99 20.18
C ASN D 95 -4.78 -1.16 21.17
N HIS D 96 -6.05 -1.53 21.31
CA HIS D 96 -6.86 -0.98 22.38
C HIS D 96 -6.17 -1.21 23.71
N THR D 97 -6.25 -0.20 24.59
CA THR D 97 -5.55 -0.09 25.88
C THR D 97 -4.06 0.19 25.68
N GLY D 98 -3.49 -0.22 24.55
CA GLY D 98 -2.17 0.20 24.17
C GLY D 98 -1.03 -0.77 24.40
N SER D 99 -1.30 -2.08 24.42
CA SER D 99 -0.23 -3.06 24.48
C SER D 99 -0.78 -4.41 24.05
N HIS D 100 0.14 -5.37 23.92
CA HIS D 100 -0.23 -6.74 23.54
C HIS D 100 -1.14 -7.41 24.57
N LYS D 101 -1.19 -6.90 25.80
CA LYS D 101 -1.89 -7.60 26.87
C LYS D 101 -3.35 -7.83 26.54
N ILE D 102 -3.94 -6.98 25.70
CA ILE D 102 -5.37 -7.13 25.39
C ILE D 102 -5.64 -8.44 24.66
N ASN D 103 -4.67 -8.94 23.88
CA ASN D 103 -4.84 -10.21 23.19
C ASN D 103 -5.11 -11.33 24.19
N ASN D 104 -4.23 -11.47 25.17
CA ASN D 104 -4.37 -12.51 26.18
C ASN D 104 -5.61 -12.30 27.05
N VAL D 105 -5.91 -11.04 27.37
CA VAL D 105 -7.03 -10.74 28.26
C VAL D 105 -8.36 -11.07 27.60
N LEU D 106 -8.53 -10.71 26.33
CA LEU D 106 -9.79 -10.99 25.65
C LEU D 106 -10.07 -12.48 25.55
N GLY D 107 -9.01 -13.30 25.46
CA GLY D 107 -9.22 -14.74 25.46
C GLY D 107 -9.65 -15.25 26.82
N GLN D 108 -8.93 -14.85 27.88
CA GLN D 108 -9.24 -15.36 29.20
C GLN D 108 -10.52 -14.74 29.77
N ALA D 109 -10.82 -13.49 29.41
CA ALA D 109 -12.07 -12.90 29.88
C ALA D 109 -13.28 -13.63 29.31
N LEU D 110 -13.26 -13.92 28.00
CA LEU D 110 -14.34 -14.70 27.41
C LEU D 110 -14.42 -16.07 28.06
N LEU D 111 -13.27 -16.65 28.40
CA LEU D 111 -13.24 -17.98 29.00
C LEU D 111 -13.83 -17.97 30.41
N ALA D 112 -13.52 -16.95 31.20
CA ALA D 112 -14.14 -16.81 32.51
C ALA D 112 -15.66 -16.77 32.40
N ARG D 113 -16.17 -16.08 31.39
CA ARG D 113 -17.62 -16.03 31.20
C ARG D 113 -18.16 -17.40 30.80
N ARG D 114 -17.42 -18.15 30.00
CA ARG D 114 -17.87 -19.48 29.60
C ARG D 114 -17.91 -20.43 30.79
N MET D 115 -17.09 -20.20 31.82
CA MET D 115 -17.00 -21.07 32.97
C MET D 115 -17.98 -20.74 34.07
N GLY D 116 -18.79 -19.70 33.91
CA GLY D 116 -19.73 -19.31 34.93
C GLY D 116 -19.14 -18.49 36.06
N LYS D 117 -17.86 -18.15 35.99
CA LYS D 117 -17.25 -17.30 37.00
C LYS D 117 -17.89 -15.91 36.99
N THR D 118 -17.97 -15.31 38.17
CA THR D 118 -18.55 -13.98 38.33
C THR D 118 -17.54 -12.94 38.80
N ARG D 119 -16.28 -13.32 38.99
CA ARG D 119 -15.28 -12.41 39.54
C ARG D 119 -13.95 -12.71 38.88
N VAL D 120 -13.23 -11.67 38.48
CA VAL D 120 -11.94 -11.82 37.82
C VAL D 120 -10.91 -11.03 38.61
N ILE D 121 -9.84 -11.70 39.01
CA ILE D 121 -8.70 -11.04 39.62
C ILE D 121 -7.51 -11.11 38.66
N ALA D 122 -6.55 -10.21 38.86
CA ALA D 122 -5.36 -10.17 38.03
C ALA D 122 -4.27 -9.39 38.74
N GLU D 123 -3.03 -9.76 38.47
CA GLU D 123 -1.87 -8.97 38.87
C GLU D 123 -1.55 -7.94 37.80
N THR D 124 -0.74 -6.96 38.16
CA THR D 124 -0.21 -6.04 37.14
C THR D 124 1.04 -5.35 37.67
N GLY D 125 1.98 -5.10 36.77
CA GLY D 125 3.23 -4.44 37.12
C GLY D 125 3.35 -3.07 36.49
N ALA D 126 3.30 -3.02 35.17
CA ALA D 126 3.27 -1.75 34.46
C ALA D 126 1.89 -1.14 34.39
N GLY D 127 0.85 -1.88 34.76
CA GLY D 127 -0.52 -1.42 34.66
C GLY D 127 -1.19 -1.73 33.35
N GLN D 128 -0.46 -2.19 32.34
CA GLN D 128 -1.07 -2.49 31.05
C GLN D 128 -1.97 -3.71 31.15
N HIS D 129 -1.49 -4.78 31.80
CA HIS D 129 -2.35 -5.95 31.98
C HIS D 129 -3.54 -5.62 32.86
N GLY D 130 -3.33 -4.80 33.89
CA GLY D 130 -4.45 -4.36 34.70
C GLY D 130 -5.49 -3.58 33.92
N VAL D 131 -5.03 -2.64 33.08
CA VAL D 131 -5.95 -1.84 32.28
C VAL D 131 -6.69 -2.72 31.28
N ALA D 132 -5.97 -3.64 30.62
CA ALA D 132 -6.63 -4.56 29.69
C ALA D 132 -7.66 -5.42 30.41
N THR D 133 -7.29 -6.00 31.55
CA THR D 133 -8.21 -6.82 32.31
C THR D 133 -9.43 -6.01 32.75
N ALA D 134 -9.19 -4.83 33.31
CA ALA D 134 -10.29 -3.95 33.68
C ALA D 134 -11.15 -3.59 32.47
N THR D 135 -10.51 -3.42 31.31
CA THR D 135 -11.25 -3.11 30.08
C THR D 135 -12.21 -4.24 29.72
N ALA D 136 -11.71 -5.48 29.67
CA ALA D 136 -12.57 -6.60 29.29
C ALA D 136 -13.65 -6.88 30.35
N CYS D 137 -13.34 -6.68 31.63
CA CYS D 137 -14.36 -6.89 32.65
C CYS D 137 -15.46 -5.85 32.56
N ALA D 138 -15.12 -4.62 32.17
CA ALA D 138 -16.16 -3.63 31.94
C ALA D 138 -17.02 -4.04 30.75
N LEU D 139 -16.38 -4.57 29.70
CA LEU D 139 -17.10 -4.95 28.50
C LEU D 139 -18.04 -6.12 28.74
N LEU D 140 -17.62 -7.09 29.55
CA LEU D 140 -18.38 -8.31 29.76
C LEU D 140 -19.20 -8.30 31.05
N GLY D 141 -19.11 -7.24 31.86
CA GLY D 141 -19.90 -7.17 33.07
C GLY D 141 -19.40 -8.01 34.22
N LEU D 142 -18.08 -8.17 34.34
CA LEU D 142 -17.48 -8.96 35.39
C LEU D 142 -16.94 -8.06 36.50
N ASP D 143 -16.95 -8.58 37.73
CA ASP D 143 -16.29 -7.90 38.83
C ASP D 143 -14.78 -8.06 38.71
N CYS D 144 -14.06 -6.97 38.86
CA CYS D 144 -12.62 -6.94 38.61
C CYS D 144 -11.89 -6.44 39.84
N VAL D 145 -10.83 -7.15 40.22
CA VAL D 145 -9.93 -6.73 41.28
C VAL D 145 -8.51 -6.89 40.77
N ILE D 146 -7.73 -5.82 40.85
CA ILE D 146 -6.37 -5.79 40.30
C ILE D 146 -5.40 -5.58 41.44
N TYR D 147 -4.45 -6.51 41.60
CA TYR D 147 -3.40 -6.41 42.59
C TYR D 147 -2.16 -5.78 41.97
N MET D 148 -1.63 -4.75 42.63
CA MET D 148 -0.51 -3.98 42.08
C MET D 148 0.43 -3.59 43.20
N GLY D 149 1.74 -3.72 42.94
CA GLY D 149 2.72 -3.38 43.96
C GLY D 149 2.73 -1.89 44.26
N GLY D 150 2.89 -1.56 45.54
CA GLY D 150 2.84 -0.16 45.96
C GLY D 150 3.83 0.72 45.22
N ILE D 151 5.02 0.20 44.95
CA ILE D 151 6.00 0.96 44.16
C ILE D 151 5.47 1.17 42.74
N ASP D 152 4.80 0.16 42.18
CA ASP D 152 4.30 0.29 40.82
C ASP D 152 3.09 1.22 40.74
N THR D 153 2.29 1.31 41.80
CA THR D 153 1.18 2.26 41.79
C THR D 153 1.68 3.70 41.77
N ALA D 154 2.92 3.94 42.20
CA ALA D 154 3.47 5.29 42.20
C ALA D 154 4.05 5.65 40.83
N ARG D 155 4.88 4.78 40.26
CA ARG D 155 5.57 5.08 39.00
C ARG D 155 4.74 4.78 37.76
N GLN D 156 3.53 4.25 37.91
CA GLN D 156 2.62 4.02 36.81
C GLN D 156 1.22 4.53 37.16
N ALA D 157 1.16 5.66 37.88
CA ALA D 157 -0.09 6.16 38.44
C ALA D 157 -1.15 6.45 37.38
N LEU D 158 -0.75 6.72 36.14
CA LEU D 158 -1.73 6.95 35.08
C LEU D 158 -2.62 5.73 34.90
N ASN D 159 -2.02 4.53 34.84
CA ASN D 159 -2.80 3.33 34.60
C ASN D 159 -3.68 2.96 35.81
N VAL D 160 -3.31 3.40 37.00
CA VAL D 160 -4.16 3.15 38.17
C VAL D 160 -5.48 3.88 38.00
N ALA D 161 -5.43 5.14 37.59
CA ALA D 161 -6.66 5.90 37.41
C ALA D 161 -7.48 5.39 36.23
N ARG D 162 -6.81 4.94 35.16
CA ARG D 162 -7.53 4.29 34.07
C ARG D 162 -8.29 3.06 34.58
N MET D 163 -7.65 2.26 35.42
CA MET D 163 -8.31 1.08 35.97
C MET D 163 -9.53 1.46 36.81
N ARG D 164 -9.37 2.47 37.67
CA ARG D 164 -10.48 2.89 38.53
C ARG D 164 -11.63 3.44 37.71
N LEU D 165 -11.33 4.20 36.65
CA LEU D 165 -12.39 4.73 35.79
C LEU D 165 -13.13 3.61 35.08
N LEU D 166 -12.44 2.53 34.73
CA LEU D 166 -13.07 1.40 34.07
C LEU D 166 -13.91 0.54 35.00
N GLY D 167 -14.04 0.92 36.27
CA GLY D 167 -14.87 0.20 37.21
C GLY D 167 -14.20 -0.90 37.98
N ALA D 168 -12.88 -1.01 37.93
CA ALA D 168 -12.16 -2.07 38.60
C ALA D 168 -11.62 -1.58 39.94
N GLU D 169 -11.63 -2.48 40.92
CA GLU D 169 -11.01 -2.21 42.21
C GLU D 169 -9.51 -2.50 42.12
N VAL D 170 -8.70 -1.61 42.69
CA VAL D 170 -7.26 -1.77 42.72
C VAL D 170 -6.82 -1.92 44.17
N VAL D 171 -6.00 -2.93 44.43
CA VAL D 171 -5.44 -3.20 45.75
C VAL D 171 -3.94 -3.02 45.68
N ALA D 172 -3.41 -2.07 46.45
CA ALA D 172 -1.98 -1.82 46.46
C ALA D 172 -1.29 -2.81 47.40
N VAL D 173 -0.35 -3.57 46.87
CA VAL D 173 0.38 -4.56 47.65
C VAL D 173 1.65 -3.92 48.20
N GLN D 174 1.79 -3.89 49.53
CA GLN D 174 2.91 -3.24 50.19
C GLN D 174 3.92 -4.23 50.75
N THR D 175 3.71 -5.53 50.56
CA THR D 175 4.63 -6.52 51.10
C THR D 175 5.71 -6.86 50.08
N GLY D 176 6.83 -7.38 50.59
CA GLY D 176 7.93 -7.77 49.72
C GLY D 176 8.57 -6.58 49.05
N SER D 177 8.93 -6.76 47.77
CA SER D 177 9.53 -5.71 46.97
C SER D 177 8.50 -4.70 46.45
N LYS D 178 7.22 -4.90 46.76
CA LYS D 178 6.15 -3.99 46.35
C LYS D 178 6.12 -3.81 44.83
N THR D 179 6.51 -4.84 44.08
CA THR D 179 6.48 -4.79 42.63
C THR D 179 5.76 -6.03 42.12
N LEU D 180 5.95 -6.33 40.84
CA LEU D 180 5.13 -7.34 40.15
C LEU D 180 5.18 -8.69 40.85
N LYS D 181 6.33 -9.03 41.43
CA LYS D 181 6.48 -10.30 42.11
C LYS D 181 5.48 -10.44 43.26
N ASP D 182 5.22 -9.36 43.96
CA ASP D 182 4.39 -9.41 45.15
C ASP D 182 2.90 -9.23 44.85
N ALA D 183 2.57 -8.57 43.74
CA ALA D 183 1.18 -8.55 43.31
C ALA D 183 0.71 -9.97 42.96
N ILE D 184 1.58 -10.73 42.31
CA ILE D 184 1.24 -12.10 41.93
C ILE D 184 1.01 -12.95 43.17
N ASN D 185 1.86 -12.80 44.19
CA ASN D 185 1.69 -13.55 45.43
C ASN D 185 0.32 -13.32 46.02
N GLU D 186 -0.08 -12.05 46.18
CA GLU D 186 -1.36 -11.74 46.80
C GLU D 186 -2.53 -12.22 45.95
N ALA D 187 -2.43 -12.06 44.62
CA ALA D 187 -3.48 -12.56 43.74
C ALA D 187 -3.62 -14.07 43.85
N PHE D 188 -2.50 -14.77 44.07
CA PHE D 188 -2.57 -16.20 44.29
C PHE D 188 -3.32 -16.53 45.57
N ARG D 189 -3.02 -15.80 46.66
CA ARG D 189 -3.75 -16.00 47.91
C ARG D 189 -5.24 -15.72 47.74
N ASP D 190 -5.59 -14.70 46.95
CA ASP D 190 -6.99 -14.42 46.65
C ASP D 190 -7.64 -15.62 45.97
N TRP D 191 -6.96 -16.22 45.01
CA TRP D 191 -7.54 -17.34 44.27
C TRP D 191 -7.73 -18.56 45.16
N VAL D 192 -6.78 -18.83 46.05
CA VAL D 192 -6.91 -19.94 46.98
C VAL D 192 -8.21 -19.82 47.78
N ALA D 193 -8.56 -18.60 48.16
CA ALA D 193 -9.75 -18.39 49.00
C ALA D 193 -11.03 -18.42 48.17
N ASN D 194 -11.04 -17.79 47.00
CA ASN D 194 -12.27 -17.54 46.26
C ASN D 194 -12.35 -18.32 44.95
N ALA D 195 -11.74 -19.51 44.90
CA ALA D 195 -11.68 -20.26 43.66
C ALA D 195 -13.06 -20.70 43.15
N ASP D 196 -14.08 -20.71 44.00
CA ASP D 196 -15.39 -21.17 43.57
C ASP D 196 -15.97 -20.30 42.47
N ASN D 197 -15.78 -18.99 42.57
CA ASN D 197 -16.39 -18.05 41.63
C ASN D 197 -15.41 -17.09 40.98
N THR D 198 -14.12 -17.21 41.25
CA THR D 198 -13.13 -16.26 40.77
C THR D 198 -12.24 -16.90 39.70
N TYR D 199 -12.10 -16.22 38.58
CA TYR D 199 -11.13 -16.57 37.55
C TYR D 199 -9.89 -15.71 37.72
N TYR D 200 -8.72 -16.35 37.74
CA TYR D 200 -7.46 -15.62 37.76
C TYR D 200 -7.02 -15.40 36.31
N CYS D 201 -7.02 -14.14 35.90
CA CYS D 201 -6.59 -13.74 34.55
C CYS D 201 -5.10 -13.41 34.63
N PHE D 202 -4.28 -14.41 34.32
CA PHE D 202 -2.83 -14.26 34.44
C PHE D 202 -2.27 -13.50 33.24
N GLY D 203 -1.33 -12.59 33.52
CA GLY D 203 -0.91 -11.63 32.53
C GLY D 203 0.30 -11.97 31.70
N THR D 204 1.00 -13.07 31.99
CA THR D 204 2.20 -13.36 31.25
C THR D 204 2.34 -14.86 31.07
N ALA D 205 3.26 -15.26 30.19
CA ALA D 205 3.45 -16.66 29.81
C ALA D 205 4.16 -17.48 30.88
N ALA D 206 3.83 -17.25 32.16
CA ALA D 206 4.39 -18.04 33.24
C ALA D 206 3.27 -18.73 34.01
N GLY D 207 3.54 -19.11 35.27
CA GLY D 207 2.53 -19.74 36.10
C GLY D 207 2.42 -21.22 35.85
N PRO D 208 1.49 -21.87 36.55
CA PRO D 208 1.29 -23.31 36.35
C PRO D 208 0.53 -23.59 35.07
N HIS D 209 0.73 -24.79 34.55
CA HIS D 209 -0.11 -25.27 33.45
C HIS D 209 -1.58 -25.06 33.84
N PRO D 210 -2.42 -24.52 32.95
CA PRO D 210 -2.24 -24.31 31.51
C PRO D 210 -1.79 -22.92 31.08
N PHE D 211 -1.43 -22.08 32.03
CA PHE D 211 -1.27 -20.65 31.74
C PHE D 211 -0.12 -20.35 30.79
N PRO D 212 1.07 -20.97 30.92
CA PRO D 212 2.11 -20.70 29.92
C PRO D 212 1.70 -21.04 28.50
N THR D 213 0.99 -22.17 28.32
CA THR D 213 0.52 -22.51 26.98
C THR D 213 -0.62 -21.61 26.55
N MET D 214 -1.57 -21.35 27.45
CA MET D 214 -2.76 -20.60 27.08
C MET D 214 -2.42 -19.15 26.74
N VAL D 215 -1.58 -18.51 27.55
CA VAL D 215 -1.19 -17.14 27.27
C VAL D 215 -0.47 -17.06 25.93
N ARG D 216 0.45 -17.98 25.68
CA ARG D 216 1.15 -18.00 24.40
C ARG D 216 0.17 -18.19 23.24
N ASP D 217 -0.82 -19.09 23.41
CA ASP D 217 -1.78 -19.32 22.35
C ASP D 217 -2.55 -18.05 22.00
N PHE D 218 -2.98 -17.30 23.02
CA PHE D 218 -3.70 -16.07 22.75
C PHE D 218 -2.81 -14.97 22.19
N GLN D 219 -1.49 -15.11 22.29
CA GLN D 219 -0.56 -14.13 21.75
C GLN D 219 0.08 -14.58 20.44
N ARG D 220 -0.16 -15.82 20.02
CA ARG D 220 0.39 -16.30 18.75
C ARG D 220 -0.01 -15.41 17.59
N ILE D 221 -1.17 -14.75 17.70
CA ILE D 221 -1.68 -13.89 16.63
C ILE D 221 -0.66 -12.83 16.25
N ILE D 222 0.19 -12.40 17.20
CA ILE D 222 1.21 -11.40 16.88
C ILE D 222 2.19 -11.95 15.86
N GLY D 223 2.80 -13.09 16.16
CA GLY D 223 3.78 -13.66 15.25
C GLY D 223 3.19 -14.12 13.94
N MET D 224 1.98 -14.70 13.98
CA MET D 224 1.33 -15.13 12.75
C MET D 224 1.12 -13.96 11.81
N GLU D 225 0.59 -12.86 12.33
CA GLU D 225 0.46 -11.64 11.53
C GLU D 225 1.83 -11.17 11.04
N ALA D 226 2.82 -11.18 11.92
CA ALA D 226 4.14 -10.66 11.55
C ALA D 226 4.77 -11.47 10.44
N ARG D 227 4.59 -12.79 10.47
CA ARG D 227 5.22 -13.64 9.46
C ARG D 227 4.59 -13.44 8.09
N VAL D 228 3.30 -13.11 8.04
CA VAL D 228 2.66 -12.82 6.76
C VAL D 228 3.05 -11.42 6.29
N GLN D 229 3.13 -10.47 7.21
CA GLN D 229 3.38 -9.08 6.83
C GLN D 229 4.81 -8.88 6.38
N ILE D 230 5.77 -9.57 7.02
CA ILE D 230 7.17 -9.37 6.64
C ILE D 230 7.42 -9.92 5.24
N GLN D 231 6.77 -11.03 4.89
CA GLN D 231 6.96 -11.59 3.55
C GLN D 231 6.35 -10.67 2.49
N GLY D 232 5.17 -10.13 2.75
CA GLY D 232 4.57 -9.21 1.80
C GLY D 232 5.38 -7.95 1.64
N GLN D 233 5.87 -7.38 2.75
CA GLN D 233 6.56 -6.10 2.67
C GLN D 233 8.02 -6.25 2.27
N ALA D 234 8.67 -7.36 2.63
CA ALA D 234 10.08 -7.52 2.34
C ALA D 234 10.39 -8.62 1.34
N GLY D 235 9.44 -9.48 1.02
CA GLY D 235 9.67 -10.55 0.08
C GLY D 235 10.32 -11.78 0.65
N ARG D 236 10.67 -11.80 1.93
CA ARG D 236 11.32 -12.95 2.53
C ARG D 236 11.08 -12.93 4.03
N LEU D 237 11.36 -14.06 4.66
CA LEU D 237 11.34 -14.14 6.10
C LEU D 237 12.46 -13.27 6.69
N PRO D 238 12.30 -12.77 7.90
CA PRO D 238 13.33 -11.89 8.48
C PRO D 238 14.60 -12.65 8.79
N ASP D 239 15.67 -11.88 9.00
CA ASP D 239 16.92 -12.47 9.46
C ASP D 239 16.90 -12.70 10.96
N ALA D 240 16.09 -11.92 11.69
CA ALA D 240 15.98 -12.04 13.13
C ALA D 240 14.67 -11.44 13.58
N VAL D 241 14.12 -12.01 14.66
CA VAL D 241 12.92 -11.49 15.31
C VAL D 241 13.24 -11.31 16.79
N VAL D 242 13.04 -10.10 17.31
CA VAL D 242 13.44 -9.78 18.67
C VAL D 242 12.26 -9.18 19.43
N ALA D 243 12.29 -9.36 20.76
CA ALA D 243 11.30 -8.78 21.66
C ALA D 243 11.92 -8.66 23.04
N CYS D 244 11.25 -7.90 23.91
CA CYS D 244 11.62 -7.82 25.30
C CYS D 244 10.96 -8.96 26.08
N VAL D 245 11.58 -9.36 27.19
CA VAL D 245 11.14 -10.51 27.96
C VAL D 245 11.06 -10.13 29.44
N GLY D 246 9.84 -9.95 29.94
CA GLY D 246 9.60 -9.93 31.37
C GLY D 246 9.22 -11.33 31.82
N GLY D 247 7.93 -11.63 31.79
CA GLY D 247 7.49 -13.02 31.94
C GLY D 247 7.52 -13.78 30.64
N GLY D 248 7.30 -13.10 29.51
CA GLY D 248 7.54 -13.71 28.23
C GLY D 248 6.36 -13.77 27.27
N SER D 249 5.27 -13.06 27.57
CA SER D 249 4.06 -13.21 26.76
C SER D 249 4.24 -12.58 25.38
N ASN D 250 4.72 -11.33 25.33
CA ASN D 250 4.84 -10.68 24.03
C ASN D 250 5.96 -11.29 23.21
N ALA D 251 7.00 -11.80 23.86
CA ALA D 251 8.09 -12.43 23.12
C ALA D 251 7.67 -13.78 22.57
N ILE D 252 7.00 -14.60 23.38
CA ILE D 252 6.59 -15.91 22.90
C ILE D 252 5.52 -15.76 21.81
N GLY D 253 4.72 -14.70 21.87
CA GLY D 253 3.66 -14.55 20.88
C GLY D 253 4.20 -14.23 19.49
N ILE D 254 5.23 -13.40 19.42
CA ILE D 254 5.81 -13.07 18.12
C ILE D 254 6.82 -14.13 17.67
N PHE D 255 7.39 -14.92 18.59
CA PHE D 255 8.37 -15.93 18.21
C PHE D 255 7.73 -17.16 17.59
N HIS D 256 6.51 -17.51 18.04
CA HIS D 256 6.03 -18.88 17.85
C HIS D 256 5.85 -19.22 16.38
N ALA D 257 5.32 -18.28 15.59
CA ALA D 257 5.13 -18.54 14.17
C ALA D 257 6.45 -18.77 13.44
N PHE D 258 7.58 -18.41 14.05
CA PHE D 258 8.88 -18.52 13.41
C PHE D 258 9.73 -19.66 13.95
N LEU D 259 9.21 -20.49 14.86
CA LEU D 259 10.04 -21.50 15.50
C LEU D 259 10.62 -22.49 14.50
N ASP D 260 9.85 -22.86 13.49
CA ASP D 260 10.24 -23.90 12.55
C ASP D 260 10.85 -23.35 11.27
N ASP D 261 11.18 -22.05 11.23
CA ASP D 261 11.92 -21.47 10.12
C ASP D 261 13.40 -21.45 10.50
N PRO D 262 14.24 -22.31 9.92
CA PRO D 262 15.58 -22.52 10.48
C PRO D 262 16.51 -21.32 10.35
N GLY D 263 16.29 -20.42 9.39
CA GLY D 263 17.17 -19.29 9.20
C GLY D 263 16.81 -18.03 9.94
N VAL D 264 15.80 -18.06 10.82
CA VAL D 264 15.32 -16.87 11.51
C VAL D 264 15.90 -16.87 12.92
N ARG D 265 16.78 -15.91 13.20
CA ARG D 265 17.29 -15.74 14.55
C ARG D 265 16.19 -15.22 15.47
N LEU D 266 16.17 -15.73 16.69
CA LEU D 266 15.23 -15.29 17.72
C LEU D 266 16.02 -14.83 18.93
N VAL D 267 15.87 -13.56 19.29
CA VAL D 267 16.62 -12.96 20.39
C VAL D 267 15.65 -12.29 21.34
N GLY D 268 15.67 -12.69 22.60
CA GLY D 268 14.91 -12.02 23.65
C GLY D 268 15.82 -11.16 24.49
N PHE D 269 15.37 -9.94 24.77
CA PHE D 269 16.14 -8.99 25.55
C PHE D 269 15.47 -8.77 26.90
N GLU D 270 16.23 -8.96 27.97
CA GLU D 270 15.73 -8.84 29.34
C GLU D 270 16.35 -7.63 30.01
N ALA D 271 15.63 -7.11 31.02
CA ALA D 271 16.07 -5.92 31.73
C ALA D 271 17.34 -6.21 32.53
N ALA D 272 18.34 -5.34 32.38
CA ALA D 272 19.58 -5.46 33.12
C ALA D 272 19.78 -4.34 34.13
N GLY D 273 18.80 -3.46 34.30
CA GLY D 273 18.85 -2.45 35.35
C GLY D 273 20.09 -1.57 35.27
N ASP D 274 20.78 -1.44 36.41
CA ASP D 274 22.03 -0.71 36.48
C ASP D 274 23.22 -1.53 36.01
N GLY D 275 23.00 -2.74 35.49
CA GLY D 275 24.07 -3.62 35.09
C GLY D 275 24.01 -4.95 35.82
N VAL D 276 24.34 -6.04 35.14
CA VAL D 276 24.18 -7.36 35.75
C VAL D 276 25.14 -7.56 36.91
N GLU D 277 26.30 -6.93 36.87
CA GLU D 277 27.31 -7.09 37.92
C GLU D 277 26.98 -6.27 39.16
N THR D 278 25.82 -5.64 39.21
CA THR D 278 25.47 -4.74 40.31
C THR D 278 24.42 -5.29 41.25
N GLY D 279 23.77 -6.39 40.92
CA GLY D 279 22.71 -6.89 41.77
C GLY D 279 21.44 -6.06 41.76
N ARG D 280 21.33 -5.09 40.85
CA ARG D 280 20.12 -4.30 40.66
C ARG D 280 19.68 -4.48 39.22
N HIS D 281 19.11 -5.65 38.92
CA HIS D 281 18.71 -5.99 37.56
C HIS D 281 17.58 -7.00 37.61
N ALA D 282 17.12 -7.41 36.43
CA ALA D 282 16.11 -8.44 36.30
C ALA D 282 16.46 -9.39 35.16
N ALA D 283 17.76 -9.65 34.99
CA ALA D 283 18.26 -10.45 33.87
C ALA D 283 18.20 -11.93 34.26
N THR D 284 17.03 -12.53 34.05
CA THR D 284 16.78 -13.86 34.60
C THR D 284 17.67 -14.92 33.97
N PHE D 285 17.78 -14.93 32.64
CA PHE D 285 18.61 -15.95 31.99
C PHE D 285 20.09 -15.66 32.16
N THR D 286 20.48 -14.38 32.10
CA THR D 286 21.89 -14.03 32.23
C THR D 286 22.46 -14.40 33.59
N ALA D 287 21.66 -14.31 34.65
CA ALA D 287 22.17 -14.46 36.02
C ALA D 287 21.42 -15.45 36.89
N GLY D 288 20.26 -15.94 36.47
CA GLY D 288 19.48 -16.87 37.25
C GLY D 288 19.91 -18.31 37.04
N SER D 289 19.09 -19.22 37.57
CA SER D 289 19.34 -20.65 37.48
C SER D 289 18.01 -21.37 37.59
N PRO D 290 17.94 -22.64 37.17
CA PRO D 290 16.67 -23.37 37.24
C PRO D 290 16.12 -23.45 38.67
N GLY D 291 14.80 -23.39 38.75
CA GLY D 291 14.12 -23.47 40.03
C GLY D 291 12.62 -23.41 39.81
N ALA D 292 11.88 -23.65 40.89
CA ALA D 292 10.43 -23.60 40.88
C ALA D 292 9.97 -22.30 41.52
N PHE D 293 9.13 -21.55 40.79
CA PHE D 293 8.69 -20.24 41.27
C PHE D 293 7.39 -19.87 40.56
N HIS D 294 6.39 -19.47 41.34
CA HIS D 294 5.09 -19.04 40.83
C HIS D 294 4.45 -20.11 39.94
N GLY D 295 4.54 -21.37 40.38
CA GLY D 295 3.77 -22.44 39.79
C GLY D 295 4.45 -23.23 38.70
N SER D 296 5.64 -22.82 38.26
CA SER D 296 6.33 -23.50 37.17
C SER D 296 7.78 -23.73 37.53
N PHE D 297 8.40 -24.66 36.81
CA PHE D 297 9.84 -24.88 36.88
C PHE D 297 10.48 -24.16 35.71
N SER D 298 11.34 -23.19 36.00
CA SER D 298 11.89 -22.34 34.98
C SER D 298 13.21 -21.75 35.51
N TYR D 299 13.65 -20.65 34.93
CA TYR D 299 14.77 -19.88 35.47
C TYR D 299 14.24 -18.78 36.38
N LEU D 300 15.02 -18.47 37.42
CA LEU D 300 14.70 -17.35 38.29
C LEU D 300 15.95 -16.90 39.02
N LEU D 301 15.93 -15.64 39.47
CA LEU D 301 17.00 -15.09 40.28
C LEU D 301 16.83 -15.57 41.72
N GLN D 302 17.80 -16.35 42.20
CA GLN D 302 17.70 -16.95 43.52
C GLN D 302 19.09 -17.01 44.14
N ASP D 303 19.14 -16.94 45.47
CA ASP D 303 20.42 -17.01 46.18
C ASP D 303 20.78 -18.48 46.38
N GLU D 304 21.85 -18.73 47.15
CA GLU D 304 22.38 -20.07 47.29
C GLU D 304 21.41 -21.03 47.97
N ASP D 305 20.47 -20.54 48.77
CA ASP D 305 19.51 -21.39 49.45
C ASP D 305 18.20 -21.57 48.67
N GLY D 306 18.01 -20.81 47.60
CA GLY D 306 16.77 -20.87 46.85
C GLY D 306 15.79 -19.75 47.14
N GLN D 307 16.17 -18.76 47.93
CA GLN D 307 15.31 -17.60 48.15
C GLN D 307 15.33 -16.70 46.94
N THR D 308 14.16 -16.20 46.58
CA THR D 308 14.04 -15.32 45.41
C THR D 308 14.78 -14.02 45.66
N ILE D 309 15.70 -13.69 44.76
CA ILE D 309 16.36 -12.39 44.79
C ILE D 309 15.43 -11.35 44.21
N GLU D 310 15.27 -10.23 44.91
CA GLU D 310 14.43 -9.16 44.40
C GLU D 310 15.08 -8.49 43.20
N SER D 311 14.27 -8.19 42.19
CA SER D 311 14.74 -7.59 40.95
C SER D 311 14.51 -6.08 40.96
N HIS D 312 15.25 -5.39 40.11
CA HIS D 312 15.13 -3.95 39.95
C HIS D 312 15.30 -3.57 38.49
N SER D 313 14.43 -2.69 38.00
CA SER D 313 14.50 -2.20 36.63
C SER D 313 13.75 -0.87 36.58
N ILE D 314 14.22 0.03 35.70
CA ILE D 314 13.48 1.27 35.49
C ILE D 314 12.12 0.97 34.87
N SER D 315 12.01 -0.15 34.15
CA SER D 315 10.76 -0.58 33.54
C SER D 315 9.98 -1.45 34.53
N ALA D 316 8.74 -1.06 34.81
CA ALA D 316 7.94 -1.83 35.75
C ALA D 316 7.52 -3.19 35.18
N GLY D 317 7.37 -3.27 33.85
CA GLY D 317 6.89 -4.51 33.25
C GLY D 317 7.92 -5.60 33.19
N LEU D 318 9.20 -5.24 33.11
CA LEU D 318 10.28 -6.21 33.09
C LEU D 318 10.88 -6.45 34.48
N ASP D 319 10.37 -5.76 35.50
CA ASP D 319 10.92 -5.83 36.86
C ASP D 319 10.39 -7.09 37.56
N TYR D 320 10.86 -8.25 37.07
CA TYR D 320 10.37 -9.55 37.52
C TYR D 320 11.53 -10.54 37.52
N PRO D 321 11.73 -11.29 38.61
CA PRO D 321 12.90 -12.17 38.70
C PRO D 321 12.73 -13.52 38.05
N GLY D 322 11.52 -13.88 37.59
CA GLY D 322 11.29 -15.14 36.91
C GLY D 322 11.12 -14.96 35.41
N VAL D 323 10.74 -16.06 34.75
CA VAL D 323 10.50 -16.07 33.31
C VAL D 323 9.74 -17.34 32.97
N GLY D 324 8.92 -17.26 31.92
CA GLY D 324 8.05 -18.34 31.53
C GLY D 324 8.80 -19.61 31.16
N PRO D 325 8.20 -20.76 31.46
CA PRO D 325 8.91 -22.03 31.27
C PRO D 325 9.19 -22.37 29.83
N GLU D 326 8.34 -21.97 28.88
CA GLU D 326 8.62 -22.29 27.49
C GLU D 326 9.90 -21.59 27.01
N HIS D 327 10.18 -20.40 27.54
CA HIS D 327 11.44 -19.73 27.22
C HIS D 327 12.62 -20.52 27.74
N ALA D 328 12.52 -21.06 28.95
CA ALA D 328 13.58 -21.92 29.47
C ALA D 328 13.78 -23.13 28.57
N TRP D 329 12.70 -23.64 27.98
CA TRP D 329 12.84 -24.76 27.05
C TRP D 329 13.47 -24.31 25.75
N LEU D 330 13.12 -23.10 25.28
CA LEU D 330 13.71 -22.60 24.05
C LEU D 330 15.18 -22.23 24.24
N LYS D 331 15.53 -21.71 25.42
CA LYS D 331 16.94 -21.40 25.68
C LYS D 331 17.76 -22.67 25.76
N GLU D 332 17.22 -23.72 26.40
CA GLU D 332 17.96 -24.96 26.52
C GLU D 332 18.20 -25.60 25.16
N ALA D 333 17.21 -25.51 24.27
CA ALA D 333 17.33 -26.08 22.94
C ALA D 333 18.18 -25.23 21.99
N GLY D 334 18.57 -24.02 22.40
CA GLY D 334 19.35 -23.17 21.53
C GLY D 334 18.56 -22.47 20.45
N ARG D 335 17.23 -22.57 20.47
CA ARG D 335 16.42 -21.94 19.44
C ARG D 335 16.36 -20.43 19.61
N VAL D 336 16.42 -19.95 20.86
CA VAL D 336 16.37 -18.52 21.16
C VAL D 336 17.57 -18.17 22.04
N ASP D 337 18.18 -17.03 21.75
CA ASP D 337 19.19 -16.45 22.62
C ASP D 337 18.57 -15.33 23.44
N TYR D 338 19.11 -15.12 24.63
CA TYR D 338 18.59 -14.10 25.54
C TYR D 338 19.74 -13.22 26.01
N ARG D 339 19.60 -11.92 25.82
CA ARG D 339 20.67 -10.99 26.12
C ARG D 339 20.18 -9.87 27.01
N PRO D 340 21.05 -9.30 27.84
CA PRO D 340 20.65 -8.20 28.73
C PRO D 340 20.74 -6.82 28.08
N ILE D 341 19.83 -5.96 28.52
CA ILE D 341 19.79 -4.56 28.10
C ILE D 341 19.63 -3.71 29.35
N THR D 342 20.52 -2.74 29.54
CA THR D 342 20.52 -1.94 30.75
C THR D 342 19.51 -0.80 30.66
N ASP D 343 19.27 -0.16 31.81
CA ASP D 343 18.41 1.01 31.86
C ASP D 343 18.88 2.09 30.90
N SER D 344 20.17 2.42 30.94
CA SER D 344 20.72 3.45 30.07
C SER D 344 20.48 3.11 28.60
N GLU D 345 20.76 1.87 28.21
CA GLU D 345 20.57 1.47 26.82
C GLU D 345 19.10 1.62 26.41
N ALA D 346 18.19 1.15 27.25
CA ALA D 346 16.77 1.22 26.91
C ALA D 346 16.31 2.65 26.76
N MET D 347 16.79 3.54 27.63
CA MET D 347 16.35 4.93 27.57
C MET D 347 16.90 5.65 26.35
N ASP D 348 18.10 5.26 25.88
CA ASP D 348 18.62 5.81 24.64
C ASP D 348 17.73 5.43 23.45
N ALA D 349 17.40 4.14 23.34
CA ALA D 349 16.47 3.72 22.29
C ALA D 349 15.13 4.40 22.44
N PHE D 350 14.70 4.65 23.69
CA PHE D 350 13.47 5.40 23.93
C PHE D 350 13.50 6.75 23.23
N GLY D 351 14.47 7.60 23.62
CA GLY D 351 14.57 8.91 23.00
C GLY D 351 14.83 8.86 21.52
N LEU D 352 15.61 7.88 21.07
CA LEU D 352 15.89 7.75 19.64
C LEU D 352 14.61 7.48 18.85
N LEU D 353 13.78 6.55 19.33
CA LEU D 353 12.52 6.26 18.64
C LEU D 353 11.58 7.46 18.65
N CYS D 354 11.66 8.30 19.68
CA CYS D 354 10.86 9.52 19.70
C CYS D 354 11.31 10.50 18.63
N ARG D 355 12.62 10.74 18.55
CA ARG D 355 13.14 11.75 17.65
C ARG D 355 13.20 11.28 16.19
N MET D 356 13.38 9.98 15.97
CA MET D 356 13.52 9.46 14.62
C MET D 356 12.18 9.08 14.00
N GLU D 357 11.25 8.53 14.79
CA GLU D 357 10.04 7.96 14.23
C GLU D 357 8.74 8.52 14.81
N GLY D 358 8.82 9.45 15.75
CA GLY D 358 7.60 9.99 16.35
C GLY D 358 6.77 8.96 17.08
N ILE D 359 7.41 7.93 17.63
CA ILE D 359 6.72 6.88 18.38
C ILE D 359 7.29 6.89 19.79
N ILE D 360 6.44 7.21 20.77
CA ILE D 360 6.80 7.14 22.18
C ILE D 360 6.51 5.71 22.65
N PRO D 361 7.53 4.89 22.90
CA PRO D 361 7.29 3.49 23.25
C PRO D 361 7.22 3.28 24.75
N ALA D 362 6.68 2.13 25.13
CA ALA D 362 6.82 1.66 26.50
C ALA D 362 8.29 1.41 26.81
N ILE D 363 8.69 1.67 28.04
CA ILE D 363 10.08 1.44 28.42
C ILE D 363 10.41 -0.04 28.32
N GLU D 364 9.42 -0.91 28.53
CA GLU D 364 9.59 -2.33 28.23
C GLU D 364 10.00 -2.51 26.77
N SER D 365 9.17 -2.01 25.85
CA SER D 365 9.44 -2.17 24.43
C SER D 365 10.76 -1.49 24.03
N ALA D 366 11.12 -0.41 24.72
CA ALA D 366 12.36 0.28 24.40
C ALA D 366 13.57 -0.64 24.59
N HIS D 367 13.46 -1.65 25.45
CA HIS D 367 14.55 -2.60 25.61
C HIS D 367 14.78 -3.39 24.32
N ALA D 368 13.69 -3.79 23.66
CA ALA D 368 13.81 -4.54 22.41
C ALA D 368 14.44 -3.69 21.32
N VAL D 369 14.04 -2.42 21.22
CA VAL D 369 14.63 -1.54 20.22
C VAL D 369 16.11 -1.35 20.48
N ALA D 370 16.48 -1.13 21.75
CA ALA D 370 17.90 -1.00 22.09
C ALA D 370 18.67 -2.24 21.70
N GLY D 371 18.10 -3.42 21.96
CA GLY D 371 18.74 -4.64 21.52
C GLY D 371 18.74 -4.79 20.01
N ALA D 372 17.67 -4.33 19.36
CA ALA D 372 17.62 -4.35 17.91
C ALA D 372 18.73 -3.52 17.30
N LEU D 373 18.98 -2.32 17.86
CA LEU D 373 20.06 -1.48 17.35
C LEU D 373 21.39 -2.20 17.41
N LYS D 374 21.67 -2.89 18.51
CA LYS D 374 22.92 -3.63 18.62
C LYS D 374 22.95 -4.78 17.62
N LEU D 375 21.81 -5.47 17.46
CA LEU D 375 21.75 -6.60 16.54
C LEU D 375 21.88 -6.15 15.09
N GLY D 376 21.45 -4.94 14.77
CA GLY D 376 21.65 -4.42 13.43
C GLY D 376 23.11 -4.21 13.09
N VAL D 377 23.89 -3.73 14.06
CA VAL D 377 25.33 -3.59 13.85
C VAL D 377 25.97 -4.96 13.62
N GLU D 378 25.44 -6.00 14.28
CA GLU D 378 26.03 -7.32 14.17
C GLU D 378 25.73 -7.96 12.81
N LEU D 379 24.52 -7.74 12.28
CA LEU D 379 24.11 -8.42 11.05
C LEU D 379 24.45 -7.65 9.79
N GLY D 380 24.64 -6.33 9.88
CA GLY D 380 25.08 -5.57 8.73
C GLY D 380 23.96 -4.95 7.92
N ARG D 381 24.36 -4.32 6.83
CA ARG D 381 23.42 -3.63 5.95
C ARG D 381 22.48 -4.63 5.28
N GLY D 382 21.23 -4.21 5.09
CA GLY D 382 20.25 -5.01 4.41
C GLY D 382 19.59 -6.08 5.26
N ALA D 383 20.11 -6.36 6.45
CA ALA D 383 19.51 -7.38 7.29
C ALA D 383 18.14 -6.93 7.78
N VAL D 384 17.18 -7.84 7.77
CA VAL D 384 15.81 -7.56 8.17
C VAL D 384 15.61 -8.05 9.59
N ILE D 385 15.21 -7.14 10.48
CA ILE D 385 15.00 -7.45 11.90
C ILE D 385 13.61 -6.99 12.29
N VAL D 386 12.76 -7.93 12.69
CA VAL D 386 11.42 -7.60 13.15
C VAL D 386 11.44 -7.45 14.67
N VAL D 387 10.93 -6.33 15.15
CA VAL D 387 10.93 -6.00 16.57
C VAL D 387 9.48 -5.92 17.05
N ASN D 388 9.17 -6.65 18.11
CA ASN D 388 7.86 -6.51 18.74
C ASN D 388 7.83 -5.22 19.54
N LEU D 389 7.05 -4.24 19.09
CA LEU D 389 6.83 -3.01 19.85
C LEU D 389 5.64 -3.26 20.76
N SER D 390 5.91 -3.72 21.98
CA SER D 390 4.88 -4.34 22.80
C SER D 390 3.84 -3.34 23.30
N GLY D 391 4.22 -2.09 23.54
CA GLY D 391 3.25 -1.13 24.03
C GLY D 391 3.74 0.30 23.88
N ARG D 392 2.80 1.23 23.96
CA ARG D 392 3.13 2.64 23.89
C ARG D 392 3.46 3.17 25.29
N GLY D 393 4.09 4.34 25.32
CA GLY D 393 4.67 4.83 26.57
C GLY D 393 3.98 6.02 27.20
N ASP D 394 2.66 6.13 27.09
CA ASP D 394 1.94 7.16 27.82
C ASP D 394 2.11 7.00 29.32
N LYS D 395 2.17 5.76 29.80
CA LYS D 395 2.39 5.49 31.21
C LYS D 395 3.77 5.91 31.67
N ASP D 396 4.73 6.06 30.76
CA ASP D 396 6.12 6.29 31.08
C ASP D 396 6.59 7.70 30.74
N VAL D 397 5.70 8.57 30.26
CA VAL D 397 6.11 9.90 29.81
C VAL D 397 6.73 10.68 30.95
N GLU D 398 6.15 10.59 32.14
CA GLU D 398 6.68 11.33 33.28
C GLU D 398 8.04 10.80 33.70
N THR D 399 8.21 9.47 33.71
CA THR D 399 9.52 8.88 34.00
C THR D 399 10.56 9.36 33.00
N ALA D 400 10.22 9.31 31.70
CA ALA D 400 11.18 9.65 30.65
C ALA D 400 11.50 11.13 30.64
N ALA D 401 10.51 11.98 30.89
CA ALA D 401 10.76 13.42 30.92
C ALA D 401 11.74 13.78 32.03
N LYS D 402 11.64 13.10 33.18
CA LYS D 402 12.61 13.33 34.25
C LYS D 402 13.98 12.81 33.86
N TRP D 403 14.02 11.70 33.11
CA TRP D 403 15.30 11.13 32.69
C TRP D 403 16.08 12.08 31.79
N PHE D 404 15.39 12.74 30.86
CA PHE D 404 16.03 13.64 29.91
C PHE D 404 16.05 15.09 30.37
N GLY D 405 15.60 15.38 31.58
CA GLY D 405 15.60 16.74 32.09
C GLY D 405 14.67 17.67 31.34
N LEU D 406 13.39 17.31 31.29
CA LEU D 406 12.38 18.10 30.60
C LEU D 406 11.30 18.57 31.57
N LEU D 407 11.70 18.94 32.78
CA LEU D 407 10.76 19.41 33.80
C LEU D 407 11.31 20.64 34.52
N ALA E 9 40.96 39.26 -51.45
CA ALA E 9 40.33 38.65 -52.62
C ALA E 9 40.29 37.12 -52.47
N SER E 10 39.32 36.50 -53.13
CA SER E 10 39.14 35.05 -53.03
C SER E 10 40.19 34.33 -53.88
N ARG E 11 40.07 32.99 -53.93
CA ARG E 11 40.99 32.16 -54.69
C ARG E 11 40.39 31.61 -55.97
N LEU E 12 39.06 31.62 -56.11
CA LEU E 12 38.41 31.25 -57.36
C LEU E 12 37.91 32.45 -58.14
N GLY E 13 38.03 33.65 -57.59
CA GLY E 13 37.68 34.88 -58.27
C GLY E 13 38.27 35.00 -59.67
N PRO E 14 39.59 34.81 -59.81
CA PRO E 14 40.19 34.88 -61.16
C PRO E 14 39.55 33.97 -62.18
N VAL E 15 39.01 32.82 -61.77
CA VAL E 15 38.35 31.93 -62.72
C VAL E 15 37.00 32.50 -63.12
N PHE E 16 36.28 33.10 -62.17
CA PHE E 16 34.99 33.70 -62.48
C PHE E 16 35.14 35.00 -63.26
N ASP E 17 36.27 35.68 -63.13
CA ASP E 17 36.52 36.86 -63.95
C ASP E 17 36.77 36.48 -65.39
N SER E 18 37.53 35.40 -65.62
CA SER E 18 37.76 34.92 -66.98
C SER E 18 36.47 34.44 -67.63
N CYS E 19 35.53 33.91 -66.83
CA CYS E 19 34.25 33.49 -67.38
C CYS E 19 33.31 34.67 -67.57
N ARG E 20 33.36 35.65 -66.67
CA ARG E 20 32.48 36.82 -66.81
C ARG E 20 32.97 37.74 -67.92
N ALA E 21 34.28 37.82 -68.14
CA ALA E 21 34.82 38.63 -69.22
C ALA E 21 34.65 37.99 -70.59
N ASN E 22 34.53 36.66 -70.64
CA ASN E 22 34.32 35.95 -71.89
C ASN E 22 32.84 35.68 -72.17
N ASN E 23 31.94 36.22 -71.36
CA ASN E 23 30.50 36.05 -71.52
C ASN E 23 30.13 34.55 -71.56
N ARG E 24 30.26 33.92 -70.40
CA ARG E 24 29.91 32.52 -70.24
C ARG E 24 29.79 32.20 -68.75
N ALA E 25 29.33 30.99 -68.47
CA ALA E 25 29.23 30.49 -67.11
C ALA E 25 30.27 29.40 -66.90
N ALA E 26 30.79 29.34 -65.67
CA ALA E 26 31.79 28.33 -65.34
C ALA E 26 31.13 26.97 -65.20
N LEU E 27 31.74 25.96 -65.82
CA LEU E 27 31.24 24.58 -65.73
C LEU E 27 31.93 23.89 -64.57
N ILE E 28 31.19 23.63 -63.49
CA ILE E 28 31.73 23.04 -62.28
C ILE E 28 31.24 21.60 -62.20
N GLY E 29 32.18 20.66 -62.33
CA GLY E 29 31.86 19.24 -62.39
C GLY E 29 32.29 18.52 -61.13
N TYR E 30 31.50 17.51 -60.75
CA TYR E 30 31.72 16.72 -59.54
C TYR E 30 32.03 15.28 -59.93
N LEU E 31 32.93 14.65 -59.18
CA LEU E 31 33.23 13.24 -59.36
C LEU E 31 33.72 12.67 -58.03
N PRO E 32 33.27 11.48 -57.64
CA PRO E 32 33.70 10.89 -56.38
C PRO E 32 35.02 10.14 -56.53
N THR E 33 35.90 10.35 -55.56
CA THR E 33 37.20 9.69 -55.57
C THR E 33 37.03 8.17 -55.46
N GLY E 34 37.75 7.45 -56.32
CA GLY E 34 37.74 6.00 -56.23
C GLY E 34 36.56 5.31 -56.89
N TYR E 35 35.86 5.97 -57.79
CA TYR E 35 34.82 5.33 -58.58
C TYR E 35 35.22 5.33 -60.05
N PRO E 36 35.21 4.17 -60.73
CA PRO E 36 34.86 2.85 -60.18
C PRO E 36 35.99 2.26 -59.33
N ASP E 37 37.19 2.82 -59.46
CA ASP E 37 38.29 2.54 -58.55
C ASP E 37 39.16 3.79 -58.50
N VAL E 38 40.22 3.73 -57.70
CA VAL E 38 41.06 4.91 -57.47
C VAL E 38 41.81 5.31 -58.74
N PRO E 39 42.51 4.42 -59.45
CA PRO E 39 43.18 4.87 -60.69
C PRO E 39 42.23 5.33 -61.77
N ALA E 40 41.14 4.58 -62.01
CA ALA E 40 40.19 4.96 -63.04
C ALA E 40 39.52 6.29 -62.73
N SER E 41 39.32 6.60 -61.45
CA SER E 41 38.70 7.87 -61.09
C SER E 41 39.61 9.05 -61.41
N VAL E 42 40.92 8.86 -61.34
CA VAL E 42 41.83 9.93 -61.72
C VAL E 42 41.89 10.06 -63.24
N ALA E 43 41.79 8.95 -63.97
CA ALA E 43 41.71 9.02 -65.42
C ALA E 43 40.45 9.77 -65.87
N ALA E 44 39.39 9.71 -65.06
CA ALA E 44 38.17 10.42 -65.39
C ALA E 44 38.22 11.88 -64.96
N MET E 45 38.86 12.17 -63.82
CA MET E 45 39.03 13.56 -63.40
C MET E 45 39.98 14.30 -64.34
N THR E 46 41.02 13.62 -64.79
CA THR E 46 41.89 14.20 -65.82
C THR E 46 41.09 14.54 -67.07
N ALA E 47 40.22 13.63 -67.49
CA ALA E 47 39.41 13.88 -68.68
C ALA E 47 38.51 15.10 -68.51
N LEU E 48 38.07 15.38 -67.27
CA LEU E 48 37.22 16.55 -67.05
C LEU E 48 37.97 17.84 -67.37
N VAL E 49 39.24 17.93 -66.97
CA VAL E 49 40.02 19.11 -67.29
C VAL E 49 40.27 19.19 -68.79
N GLU E 50 40.52 18.04 -69.42
CA GLU E 50 40.76 18.01 -70.87
C GLU E 50 39.49 18.36 -71.65
N SER E 51 38.34 17.87 -71.19
CA SER E 51 37.07 18.12 -71.89
C SER E 51 36.49 19.50 -71.61
N GLY E 52 37.20 20.35 -70.88
CA GLY E 52 36.83 21.74 -70.73
C GLY E 52 36.07 22.10 -69.46
N CYS E 53 36.36 21.46 -68.34
CA CYS E 53 35.78 21.84 -67.07
C CYS E 53 36.57 22.99 -66.45
N ASP E 54 35.85 24.00 -65.96
CA ASP E 54 36.52 25.17 -65.37
C ASP E 54 36.87 24.96 -63.91
N ILE E 55 36.01 24.28 -63.16
CA ILE E 55 36.26 23.96 -61.75
C ILE E 55 35.84 22.51 -61.52
N ILE E 56 36.69 21.75 -60.82
CA ILE E 56 36.41 20.35 -60.51
C ILE E 56 35.98 20.24 -59.05
N GLU E 57 34.94 19.46 -58.79
CA GLU E 57 34.50 19.14 -57.44
C GLU E 57 34.95 17.71 -57.13
N VAL E 58 36.00 17.59 -56.33
CA VAL E 58 36.48 16.29 -55.87
C VAL E 58 35.66 15.89 -54.65
N GLY E 59 34.91 14.80 -54.77
CA GLY E 59 33.99 14.37 -53.72
C GLY E 59 34.62 13.29 -52.85
N VAL E 60 34.46 13.47 -51.54
CA VAL E 60 34.96 12.51 -50.56
C VAL E 60 33.82 11.53 -50.26
N PRO E 61 33.95 10.25 -50.59
CA PRO E 61 32.86 9.29 -50.33
C PRO E 61 32.61 9.13 -48.84
N TYR E 62 31.37 9.39 -48.44
CA TYR E 62 30.92 9.24 -47.06
C TYR E 62 29.93 8.10 -46.97
N SER E 63 29.89 7.45 -45.81
CA SER E 63 29.09 6.25 -45.64
C SER E 63 27.59 6.55 -45.55
N ASP E 64 27.23 7.72 -45.02
CA ASP E 64 25.82 8.11 -44.88
C ASP E 64 25.62 9.48 -45.52
N PRO E 65 25.65 9.55 -46.86
CA PRO E 65 25.51 10.85 -47.53
C PRO E 65 24.05 11.29 -47.65
N GLY E 66 23.61 12.13 -46.71
CA GLY E 66 22.20 12.46 -46.64
C GLY E 66 21.74 13.40 -47.73
N MET E 67 22.62 14.27 -48.23
CA MET E 67 22.25 15.26 -49.23
C MET E 67 22.41 14.76 -50.66
N ASP E 68 22.97 13.57 -50.87
CA ASP E 68 23.29 13.10 -52.21
C ASP E 68 22.16 12.24 -52.78
N GLY E 69 21.92 12.39 -54.08
CA GLY E 69 20.91 11.62 -54.76
C GLY E 69 21.33 10.18 -54.94
N PRO E 70 20.42 9.33 -55.43
CA PRO E 70 20.72 7.89 -55.50
C PRO E 70 21.81 7.55 -56.50
N THR E 71 22.12 8.43 -57.46
CA THR E 71 23.18 8.14 -58.41
C THR E 71 24.55 8.34 -57.78
N ILE E 72 24.75 9.48 -57.12
CA ILE E 72 26.01 9.75 -56.45
C ILE E 72 26.17 8.84 -55.22
N ALA E 73 25.07 8.49 -54.56
CA ALA E 73 25.16 7.69 -53.34
C ALA E 73 25.57 6.26 -53.65
N ARG E 74 24.95 5.65 -54.66
CA ARG E 74 25.31 4.28 -55.03
C ARG E 74 26.72 4.18 -55.59
N ALA E 75 27.27 5.29 -56.09
CA ALA E 75 28.65 5.28 -56.56
C ALA E 75 29.63 5.42 -55.40
N THR E 76 29.28 6.22 -54.38
CA THR E 76 30.17 6.35 -53.23
C THR E 76 30.19 5.06 -52.40
N GLU E 77 29.11 4.28 -52.42
CA GLU E 77 29.16 2.94 -51.84
C GLU E 77 30.17 2.08 -52.58
N ALA E 78 30.14 2.13 -53.92
CA ALA E 78 31.07 1.34 -54.71
C ALA E 78 32.50 1.78 -54.46
N ALA E 79 32.73 3.08 -54.27
CA ALA E 79 34.07 3.55 -53.94
C ALA E 79 34.52 3.04 -52.58
N LEU E 80 33.61 3.06 -51.60
CA LEU E 80 33.97 2.64 -50.24
C LEU E 80 34.19 1.13 -50.16
N ARG E 81 33.41 0.35 -50.92
CA ARG E 81 33.69 -1.08 -51.00
C ARG E 81 35.03 -1.36 -51.66
N GLY E 82 35.44 -0.51 -52.60
CA GLY E 82 36.76 -0.65 -53.19
C GLY E 82 37.89 -0.33 -52.24
N GLY E 83 37.60 0.36 -51.15
CA GLY E 83 38.60 0.72 -50.17
C GLY E 83 39.19 2.10 -50.30
N VAL E 84 38.42 3.08 -50.79
CA VAL E 84 38.94 4.43 -50.95
C VAL E 84 39.26 5.03 -49.59
N ARG E 85 40.31 5.84 -49.54
CA ARG E 85 40.68 6.55 -48.33
C ARG E 85 40.51 8.05 -48.55
N VAL E 86 40.45 8.78 -47.44
CA VAL E 86 40.37 10.24 -47.53
C VAL E 86 41.66 10.79 -48.11
N ARG E 87 42.79 10.14 -47.85
CA ARG E 87 44.04 10.57 -48.47
C ARG E 87 44.01 10.40 -49.98
N ASP E 88 43.21 9.46 -50.49
CA ASP E 88 43.09 9.29 -51.93
C ASP E 88 42.46 10.51 -52.58
N THR E 89 41.57 11.19 -51.88
CA THR E 89 41.00 12.44 -52.39
C THR E 89 42.10 13.49 -52.57
N LEU E 90 42.99 13.63 -51.58
CA LEU E 90 44.09 14.58 -51.71
C LEU E 90 45.02 14.21 -52.85
N ALA E 91 45.18 12.91 -53.12
CA ALA E 91 46.03 12.48 -54.23
C ALA E 91 45.46 12.95 -55.57
N ALA E 92 44.14 12.92 -55.71
CA ALA E 92 43.52 13.37 -56.95
C ALA E 92 43.60 14.88 -57.12
N VAL E 93 43.63 15.62 -56.01
CA VAL E 93 43.77 17.07 -56.10
C VAL E 93 45.14 17.45 -56.64
N GLU E 94 46.18 16.73 -56.23
CA GLU E 94 47.52 16.99 -56.74
C GLU E 94 47.60 16.66 -58.23
N ALA E 95 46.97 15.56 -58.65
CA ALA E 95 46.98 15.19 -60.06
C ALA E 95 46.24 16.22 -60.91
N ILE E 96 45.13 16.76 -60.40
CA ILE E 96 44.36 17.75 -61.15
C ILE E 96 45.16 19.04 -61.28
N SER E 97 45.75 19.51 -60.18
CA SER E 97 46.55 20.74 -60.24
C SER E 97 47.80 20.56 -61.08
N ILE E 98 48.40 19.37 -61.05
CA ILE E 98 49.58 19.10 -61.88
C ILE E 98 49.20 19.05 -63.35
N ALA E 99 47.96 18.62 -63.65
CA ALA E 99 47.47 18.63 -65.02
C ALA E 99 46.91 19.97 -65.45
N GLY E 100 47.01 21.01 -64.60
CA GLY E 100 46.60 22.34 -64.96
C GLY E 100 45.18 22.73 -64.56
N GLY E 101 44.44 21.83 -63.91
CA GLY E 101 43.06 22.09 -63.57
C GLY E 101 42.90 22.85 -62.26
N ARG E 102 41.64 23.18 -61.97
CA ARG E 102 41.26 23.85 -60.72
C ARG E 102 40.35 22.91 -59.93
N ALA E 103 40.73 22.62 -58.69
CA ALA E 103 40.06 21.59 -57.91
C ALA E 103 39.61 22.12 -56.55
N VAL E 104 38.41 21.73 -56.15
CA VAL E 104 37.91 21.93 -54.79
C VAL E 104 37.42 20.58 -54.27
N VAL E 105 37.30 20.49 -52.95
CA VAL E 105 36.88 19.26 -52.28
C VAL E 105 35.49 19.47 -51.71
N MET E 106 34.55 18.61 -52.10
CA MET E 106 33.22 18.58 -51.50
C MET E 106 33.13 17.37 -50.58
N THR E 107 32.95 17.63 -49.29
CA THR E 107 32.99 16.56 -48.30
C THR E 107 32.04 16.87 -47.16
N TYR E 108 31.49 15.82 -46.57
CA TYR E 108 30.81 15.96 -45.30
C TYR E 108 31.84 16.24 -44.21
N TRP E 109 31.35 16.72 -43.06
CA TRP E 109 32.25 17.32 -42.09
C TRP E 109 32.93 16.32 -41.18
N ASN E 110 32.31 15.17 -40.90
CA ASN E 110 32.93 14.23 -39.97
C ASN E 110 34.27 13.68 -40.47
N PRO E 111 34.43 13.27 -41.75
CA PRO E 111 35.78 12.87 -42.20
C PRO E 111 36.80 13.97 -42.01
N VAL E 112 36.40 15.24 -42.12
CA VAL E 112 37.31 16.33 -41.85
C VAL E 112 37.67 16.38 -40.37
N LEU E 113 36.69 16.16 -39.49
CA LEU E 113 36.93 16.20 -38.05
C LEU E 113 37.91 15.11 -37.63
N ARG E 114 37.75 13.91 -38.19
CA ARG E 114 38.68 12.81 -37.88
C ARG E 114 40.09 13.15 -38.31
N TYR E 115 40.23 13.71 -39.53
CA TYR E 115 41.54 14.12 -40.02
C TYR E 115 42.14 15.23 -39.17
N GLY E 116 41.30 16.09 -38.61
CA GLY E 116 41.75 17.31 -37.97
C GLY E 116 41.54 18.47 -38.91
N VAL E 117 40.75 19.47 -38.49
CA VAL E 117 40.38 20.55 -39.39
C VAL E 117 41.60 21.34 -39.83
N ASP E 118 42.44 21.75 -38.87
CA ASP E 118 43.64 22.51 -39.24
C ASP E 118 44.60 21.66 -40.06
N ALA E 119 44.71 20.37 -39.72
CA ALA E 119 45.60 19.50 -40.48
C ALA E 119 45.08 19.26 -41.89
N PHE E 120 43.76 19.20 -42.07
CA PHE E 120 43.21 18.93 -43.38
C PHE E 120 43.28 20.16 -44.28
N ALA E 121 43.09 21.36 -43.72
CA ALA E 121 43.24 22.57 -44.52
C ALA E 121 44.69 22.76 -44.95
N ARG E 122 45.65 22.21 -44.20
CA ARG E 122 47.06 22.35 -44.54
C ARG E 122 47.44 21.41 -45.69
N ASP E 123 47.10 20.14 -45.57
CA ASP E 123 47.43 19.17 -46.61
C ASP E 123 46.65 19.45 -47.90
N LEU E 124 45.47 20.06 -47.78
CA LEU E 124 44.72 20.43 -48.98
C LEU E 124 45.40 21.57 -49.72
N ALA E 125 45.80 22.62 -48.99
CA ALA E 125 46.51 23.74 -49.61
C ALA E 125 47.83 23.29 -50.20
N ALA E 126 48.51 22.32 -49.56
CA ALA E 126 49.79 21.84 -50.04
C ALA E 126 49.67 20.93 -51.25
N ALA E 127 48.48 20.39 -51.53
CA ALA E 127 48.27 19.49 -52.66
C ALA E 127 47.60 20.20 -53.84
N GLY E 128 47.64 21.53 -53.87
CA GLY E 128 46.86 22.29 -54.82
C GLY E 128 45.77 23.04 -54.09
N GLY E 129 44.62 22.39 -53.92
CA GLY E 129 43.56 22.82 -53.02
C GLY E 129 43.13 24.27 -53.11
N LEU E 130 41.96 24.50 -53.71
CA LEU E 130 41.45 25.85 -53.86
C LEU E 130 40.34 26.18 -52.88
N GLY E 131 39.45 25.23 -52.59
CA GLY E 131 38.35 25.50 -51.70
C GLY E 131 37.77 24.22 -51.12
N LEU E 132 36.71 24.39 -50.32
CA LEU E 132 36.05 23.28 -49.66
C LEU E 132 34.56 23.55 -49.66
N ILE E 133 33.79 22.66 -50.29
CA ILE E 133 32.33 22.73 -50.28
C ILE E 133 31.84 21.84 -49.14
N THR E 134 31.19 22.45 -48.14
CA THR E 134 30.76 21.77 -46.93
C THR E 134 29.23 21.72 -46.88
N PRO E 135 28.60 20.65 -47.38
CA PRO E 135 27.13 20.62 -47.47
C PRO E 135 26.43 20.34 -46.14
N ASP E 136 27.13 19.90 -45.10
CA ASP E 136 26.51 19.66 -43.81
C ASP E 136 27.12 20.51 -42.70
N LEU E 137 27.95 21.48 -43.04
CA LEU E 137 28.51 22.42 -42.09
C LEU E 137 27.92 23.79 -42.39
N ILE E 138 27.10 24.29 -41.47
CA ILE E 138 26.54 25.65 -41.58
C ILE E 138 27.52 26.60 -40.90
N PRO E 139 27.48 27.90 -41.19
CA PRO E 139 28.40 28.84 -40.53
C PRO E 139 28.28 28.83 -39.02
N ASP E 140 27.16 28.36 -38.46
CA ASP E 140 26.99 28.36 -37.01
C ASP E 140 27.98 27.44 -36.32
N GLU E 141 28.45 26.39 -36.99
CA GLU E 141 29.39 25.44 -36.42
C GLU E 141 30.78 25.53 -37.05
N ALA E 142 31.03 26.56 -37.86
CA ALA E 142 32.22 26.63 -38.68
C ALA E 142 33.36 27.43 -38.04
N GLN E 143 33.33 27.59 -36.71
CA GLN E 143 34.34 28.42 -36.05
C GLN E 143 35.76 27.92 -36.34
N GLN E 144 35.96 26.60 -36.29
CA GLN E 144 37.27 26.05 -36.62
C GLN E 144 37.58 26.18 -38.11
N TRP E 145 36.56 26.04 -38.97
CA TRP E 145 36.79 26.07 -40.40
C TRP E 145 37.11 27.47 -40.89
N LEU E 146 36.55 28.51 -40.27
CA LEU E 146 36.90 29.88 -40.64
C LEU E 146 38.38 30.15 -40.36
N ALA E 147 38.86 29.73 -39.18
CA ALA E 147 40.26 29.94 -38.85
C ALA E 147 41.18 29.16 -39.76
N ALA E 148 40.82 27.90 -40.06
CA ALA E 148 41.63 27.08 -40.95
C ALA E 148 41.64 27.62 -42.37
N SER E 149 40.55 28.25 -42.81
CA SER E 149 40.52 28.80 -44.17
C SER E 149 41.36 30.06 -44.29
N GLU E 150 41.33 30.92 -43.26
CA GLU E 150 42.14 32.14 -43.30
C GLU E 150 43.62 31.82 -43.16
N GLU E 151 43.97 30.92 -42.24
CA GLU E 151 45.37 30.58 -42.00
C GLU E 151 46.01 29.93 -43.21
N HIS E 152 45.25 29.17 -43.99
CA HIS E 152 45.80 28.41 -45.10
C HIS E 152 45.27 28.87 -46.45
N ARG E 153 44.58 30.01 -46.50
CA ARG E 153 44.15 30.66 -47.75
C ARG E 153 43.35 29.70 -48.64
N LEU E 154 42.25 29.21 -48.07
CA LEU E 154 41.32 28.35 -48.79
C LEU E 154 39.96 29.03 -48.86
N ASP E 155 39.19 28.69 -49.90
CA ASP E 155 37.87 29.24 -50.08
C ASP E 155 36.83 28.34 -49.40
N ARG E 156 35.80 28.97 -48.86
CA ARG E 156 34.73 28.27 -48.15
C ARG E 156 33.43 28.46 -48.93
N ILE E 157 32.95 27.38 -49.55
CA ILE E 157 31.73 27.40 -50.34
C ILE E 157 30.62 26.82 -49.47
N PHE E 158 29.70 27.67 -49.04
CA PHE E 158 28.53 27.24 -48.28
C PHE E 158 27.32 27.13 -49.19
N LEU E 159 26.26 26.55 -48.66
CA LEU E 159 25.05 26.28 -49.41
C LEU E 159 23.88 27.11 -48.89
N VAL E 160 23.10 27.65 -49.81
CA VAL E 160 21.80 28.23 -49.49
C VAL E 160 20.74 27.36 -50.16
N ALA E 161 19.52 27.48 -49.68
CA ALA E 161 18.40 26.69 -50.16
C ALA E 161 17.22 27.61 -50.45
N PRO E 162 16.28 27.16 -51.28
CA PRO E 162 15.08 27.98 -51.51
C PRO E 162 14.29 28.29 -50.24
N SER E 163 14.45 27.48 -49.19
CA SER E 163 13.76 27.70 -47.93
C SER E 163 14.59 28.49 -46.92
N SER E 164 15.79 28.94 -47.31
CA SER E 164 16.60 29.74 -46.41
C SER E 164 15.91 31.06 -46.08
N THR E 165 15.90 31.41 -44.79
CA THR E 165 15.31 32.66 -44.36
C THR E 165 16.17 33.83 -44.84
N PRO E 166 15.60 35.04 -44.88
CA PRO E 166 16.42 36.21 -45.25
C PRO E 166 17.62 36.40 -44.34
N GLU E 167 17.48 36.19 -43.03
CA GLU E 167 18.60 36.38 -42.11
C GLU E 167 19.69 35.34 -42.34
N ARG E 168 19.30 34.08 -42.53
CA ARG E 168 20.29 33.02 -42.71
C ARG E 168 20.90 33.05 -44.11
N LEU E 169 20.12 33.40 -45.13
CA LEU E 169 20.69 33.57 -46.47
C LEU E 169 21.75 34.65 -46.45
N ALA E 170 21.48 35.77 -45.79
CA ALA E 170 22.46 36.86 -45.72
C ALA E 170 23.72 36.42 -44.99
N ALA E 171 23.56 35.72 -43.85
CA ALA E 171 24.73 35.34 -43.06
C ALA E 171 25.53 34.23 -43.73
N THR E 172 24.86 33.31 -44.45
CA THR E 172 25.59 32.24 -45.12
C THR E 172 26.40 32.79 -46.29
N VAL E 173 25.84 33.75 -47.03
CA VAL E 173 26.56 34.35 -48.15
C VAL E 173 27.80 35.08 -47.66
N GLU E 174 27.66 35.86 -46.59
CA GLU E 174 28.78 36.65 -46.09
C GLU E 174 29.93 35.77 -45.60
N ALA E 175 29.62 34.57 -45.09
CA ALA E 175 30.66 33.67 -44.60
C ALA E 175 31.33 32.87 -45.70
N SER E 176 30.99 33.13 -46.97
CA SER E 176 31.52 32.37 -48.08
C SER E 176 32.58 33.16 -48.84
N ARG E 177 33.62 32.47 -49.29
CA ARG E 177 34.62 33.01 -50.18
C ARG E 177 34.70 32.13 -51.42
N GLY E 178 34.77 32.76 -52.59
CA GLY E 178 34.77 32.00 -53.84
C GLY E 178 33.44 32.04 -54.54
N PHE E 179 32.50 31.21 -54.11
CA PHE E 179 31.15 31.24 -54.64
C PHE E 179 30.21 30.54 -53.67
N VAL E 180 28.92 30.81 -53.82
CA VAL E 180 27.88 30.24 -52.98
C VAL E 180 27.13 29.17 -53.77
N TYR E 181 26.98 28.00 -53.18
CA TYR E 181 26.31 26.87 -53.82
C TYR E 181 24.81 26.97 -53.56
N ALA E 182 24.03 27.09 -54.63
CA ALA E 182 22.58 27.22 -54.53
C ALA E 182 21.95 25.94 -55.07
N ALA E 183 21.47 25.08 -54.16
CA ALA E 183 21.00 23.75 -54.51
C ALA E 183 19.48 23.68 -54.41
N SER E 184 18.84 23.12 -55.43
CA SER E 184 17.39 22.87 -55.41
C SER E 184 17.09 21.38 -55.56
N SER E 196 10.97 25.53 -63.18
CA SER E 196 10.53 25.52 -61.79
C SER E 196 10.57 26.92 -61.19
N GLN E 197 11.43 27.77 -61.74
CA GLN E 197 11.63 29.16 -61.32
C GLN E 197 12.09 29.28 -59.87
N ALA E 198 12.47 28.17 -59.24
CA ALA E 198 12.97 28.22 -57.86
C ALA E 198 14.47 28.49 -57.80
N ALA E 199 15.22 28.02 -58.80
CA ALA E 199 16.66 28.30 -58.81
C ALA E 199 16.97 29.76 -59.10
N PRO E 200 16.46 30.39 -60.17
CA PRO E 200 16.85 31.79 -60.43
C PRO E 200 16.42 32.74 -59.33
N GLU E 201 15.28 32.50 -58.69
CA GLU E 201 14.85 33.36 -57.60
C GLU E 201 15.79 33.26 -56.42
N LEU E 202 16.28 32.05 -56.11
CA LEU E 202 17.27 31.89 -55.06
C LEU E 202 18.55 32.64 -55.40
N VAL E 203 18.96 32.59 -56.66
CA VAL E 203 20.15 33.33 -57.09
C VAL E 203 19.92 34.83 -56.96
N GLY E 204 18.71 35.28 -57.30
CA GLY E 204 18.41 36.70 -57.17
C GLY E 204 18.47 37.18 -55.74
N ARG E 205 18.04 36.34 -54.80
CA ARG E 205 18.13 36.70 -53.38
C ARG E 205 19.57 36.89 -52.95
N VAL E 206 20.50 36.14 -53.54
CA VAL E 206 21.91 36.33 -53.24
C VAL E 206 22.45 37.57 -53.93
N LYS E 207 22.04 37.81 -55.18
CA LYS E 207 22.48 39.01 -55.89
C LYS E 207 22.04 40.27 -55.17
N ALA E 208 20.90 40.22 -54.48
CA ALA E 208 20.37 41.38 -53.76
C ALA E 208 21.14 41.71 -52.49
N VAL E 209 22.16 40.93 -52.14
CA VAL E 209 22.98 41.24 -50.97
C VAL E 209 24.48 41.20 -51.24
N SER E 210 24.94 40.52 -52.28
CA SER E 210 26.37 40.38 -52.48
C SER E 210 26.65 40.13 -53.96
N ASP E 211 27.87 40.48 -54.37
CA ASP E 211 28.34 40.25 -55.74
C ASP E 211 29.15 38.97 -55.85
N ILE E 212 29.04 38.08 -54.88
CA ILE E 212 29.81 36.83 -54.91
C ILE E 212 29.28 35.95 -56.03
N PRO E 213 30.13 35.20 -56.74
CA PRO E 213 29.63 34.26 -57.73
C PRO E 213 28.70 33.23 -57.12
N VAL E 214 27.76 32.75 -57.93
CA VAL E 214 26.71 31.82 -57.48
C VAL E 214 26.73 30.61 -58.40
N GLY E 215 26.94 29.44 -57.81
CA GLY E 215 26.83 28.18 -58.53
C GLY E 215 25.46 27.55 -58.31
N VAL E 216 24.97 26.85 -59.32
CA VAL E 216 23.62 26.29 -59.30
C VAL E 216 23.67 24.84 -59.77
N GLY E 217 23.02 23.96 -59.02
CA GLY E 217 22.90 22.57 -59.41
C GLY E 217 21.47 22.09 -59.40
N LEU E 218 20.97 21.63 -60.56
CA LEU E 218 19.58 21.19 -60.69
C LEU E 218 19.49 19.81 -61.33
N GLY E 219 20.57 19.03 -61.28
CA GLY E 219 20.59 17.78 -62.01
C GLY E 219 20.69 18.03 -63.51
N VAL E 220 21.62 18.90 -63.90
CA VAL E 220 21.81 19.22 -65.30
C VAL E 220 22.31 17.98 -66.03
N ARG E 221 21.61 17.59 -67.10
CA ARG E 221 21.98 16.41 -67.87
C ARG E 221 22.05 16.66 -69.37
N SER E 222 21.84 17.90 -69.83
CA SER E 222 21.85 18.20 -71.25
C SER E 222 22.43 19.60 -71.46
N ARG E 223 22.87 19.85 -72.70
CA ARG E 223 23.38 21.17 -73.06
C ARG E 223 22.27 22.21 -73.03
N ALA E 224 21.03 21.80 -73.27
CA ALA E 224 19.92 22.74 -73.20
C ALA E 224 19.72 23.26 -71.78
N GLN E 225 19.79 22.36 -70.78
CA GLN E 225 19.61 22.79 -69.40
C GLN E 225 20.77 23.66 -68.93
N ALA E 226 22.01 23.29 -69.31
CA ALA E 226 23.16 24.09 -68.93
C ALA E 226 23.06 25.50 -69.48
N ALA E 227 22.40 25.67 -70.62
CA ALA E 227 22.29 26.99 -71.23
C ALA E 227 21.39 27.91 -70.42
N GLN E 228 20.21 27.40 -70.02
CA GLN E 228 19.26 28.24 -69.28
C GLN E 228 19.87 28.74 -67.97
N ILE E 229 20.56 27.87 -67.25
CA ILE E 229 21.14 28.26 -65.97
C ILE E 229 22.23 29.32 -66.16
N ALA E 230 22.95 29.26 -67.28
CA ALA E 230 24.01 30.23 -67.54
C ALA E 230 23.46 31.64 -67.77
N GLN E 231 22.16 31.79 -68.03
CA GLN E 231 21.58 33.10 -68.27
C GLN E 231 21.44 33.90 -66.98
N TYR E 232 21.52 33.26 -65.82
CA TYR E 232 21.44 33.96 -64.54
C TYR E 232 22.48 33.53 -63.51
N ALA E 233 23.09 32.36 -63.65
CA ALA E 233 24.01 31.83 -62.66
C ALA E 233 25.45 31.97 -63.11
N ASP E 234 26.34 32.35 -62.17
CA ASP E 234 27.75 32.51 -62.49
C ASP E 234 28.45 31.18 -62.72
N GLY E 235 27.89 30.08 -62.20
CA GLY E 235 28.47 28.77 -62.41
C GLY E 235 27.41 27.70 -62.48
N VAL E 236 27.60 26.73 -63.38
CA VAL E 236 26.69 25.59 -63.53
C VAL E 236 27.37 24.36 -62.96
N ILE E 237 26.67 23.66 -62.08
CA ILE E 237 27.21 22.54 -61.32
C ILE E 237 26.56 21.27 -61.82
N VAL E 238 27.37 20.30 -62.24
CA VAL E 238 26.91 19.02 -62.74
C VAL E 238 27.64 17.92 -61.98
N GLY E 239 26.89 16.92 -61.51
CA GLY E 239 27.47 15.81 -60.80
C GLY E 239 26.83 14.49 -61.15
N SER E 240 25.50 14.41 -61.05
CA SER E 240 24.78 13.18 -61.37
C SER E 240 25.06 12.73 -62.79
N ALA E 241 24.95 13.65 -63.76
CA ALA E 241 25.14 13.28 -65.16
C ALA E 241 26.56 12.80 -65.43
N LEU E 242 27.55 13.34 -64.72
CA LEU E 242 28.93 12.91 -64.94
C LEU E 242 29.15 11.50 -64.42
N VAL E 243 28.56 11.16 -63.28
CA VAL E 243 28.73 9.83 -62.72
C VAL E 243 28.01 8.79 -63.57
N THR E 244 26.83 9.15 -64.10
CA THR E 244 26.11 8.24 -64.99
C THR E 244 26.88 7.99 -66.27
N ALA E 245 27.55 9.02 -66.80
CA ALA E 245 28.32 8.86 -68.03
C ALA E 245 29.54 7.97 -67.82
N LEU E 246 30.27 8.18 -66.72
CA LEU E 246 31.47 7.39 -66.48
C LEU E 246 31.15 5.92 -66.28
N THR E 247 29.98 5.61 -65.71
CA THR E 247 29.59 4.20 -65.54
C THR E 247 29.42 3.53 -66.88
N GLU E 248 28.78 4.21 -67.84
CA GLU E 248 28.65 3.68 -69.18
C GLU E 248 30.01 3.55 -69.85
N GLY E 249 30.89 4.55 -69.65
CA GLY E 249 32.21 4.51 -70.21
C GLY E 249 32.93 5.85 -70.19
N LEU E 250 34.26 5.81 -70.14
CA LEU E 250 35.03 7.06 -70.18
C LEU E 250 34.83 7.85 -71.49
N PRO E 251 34.69 7.23 -72.67
CA PRO E 251 34.36 8.05 -73.85
C PRO E 251 33.04 8.78 -73.73
N ARG E 252 32.01 8.14 -73.17
CA ARG E 252 30.72 8.82 -72.98
C ARG E 252 30.86 10.02 -72.06
N LEU E 253 31.78 9.96 -71.09
CA LEU E 253 32.00 11.10 -70.21
C LEU E 253 32.68 12.25 -70.94
N ARG E 254 33.57 11.94 -71.88
CA ARG E 254 34.25 12.98 -72.65
C ARG E 254 33.26 13.74 -73.53
N ALA E 255 32.32 13.02 -74.15
CA ALA E 255 31.35 13.67 -75.02
C ALA E 255 30.39 14.54 -74.23
N LEU E 256 29.78 13.98 -73.17
CA LEU E 256 28.82 14.74 -72.38
C LEU E 256 29.44 15.99 -71.77
N THR E 257 30.69 15.88 -71.31
CA THR E 257 31.38 17.06 -70.80
C THR E 257 31.59 18.09 -71.90
N GLY E 258 31.94 17.63 -73.11
CA GLY E 258 32.05 18.54 -74.24
C GLY E 258 30.73 19.16 -74.63
N GLU E 259 29.63 18.41 -74.49
CA GLU E 259 28.31 18.98 -74.77
C GLU E 259 27.94 20.04 -73.74
N LEU E 260 28.32 19.83 -72.48
CA LEU E 260 28.01 20.81 -71.44
C LEU E 260 28.94 22.00 -71.50
N ALA E 261 30.18 21.81 -71.95
CA ALA E 261 31.09 22.95 -72.11
C ALA E 261 30.62 23.86 -73.23
N ALA E 262 29.97 23.30 -74.25
CA ALA E 262 29.31 24.09 -75.29
C ALA E 262 27.88 24.44 -74.92
N GLY E 263 27.34 23.85 -73.86
CA GLY E 263 26.02 24.25 -73.37
C GLY E 263 26.04 25.52 -72.56
N VAL E 264 27.17 25.89 -71.98
CA VAL E 264 27.31 27.12 -71.22
C VAL E 264 27.65 28.25 -72.18
N ARG E 265 27.50 28.00 -73.49
CA ARG E 265 27.77 28.99 -74.50
C ARG E 265 26.82 30.19 -74.37
N LEU E 266 27.25 31.32 -74.91
CA LEU E 266 26.55 32.59 -74.77
C LEU E 266 26.39 32.94 -73.29
N PRO F 8 12.77 25.29 -17.19
CA PRO F 8 14.12 24.90 -17.63
C PRO F 8 15.02 24.53 -16.45
N THR F 9 16.16 23.88 -16.73
CA THR F 9 17.12 23.47 -15.72
C THR F 9 18.45 24.19 -15.95
N SER F 10 19.40 23.96 -15.05
CA SER F 10 20.74 24.53 -15.20
C SER F 10 21.62 23.69 -16.11
N HIS F 11 21.23 22.45 -16.40
CA HIS F 11 21.97 21.57 -17.30
C HIS F 11 21.59 21.79 -18.77
N ASP F 12 20.89 22.86 -19.08
CA ASP F 12 20.44 23.10 -20.44
C ASP F 12 21.58 23.62 -21.31
N PRO F 13 21.56 23.33 -22.61
CA PRO F 13 22.58 23.86 -23.50
C PRO F 13 22.34 25.33 -23.82
N ASP F 14 23.32 25.94 -24.48
CA ASP F 14 23.20 27.33 -24.90
C ASP F 14 22.21 27.43 -26.06
N SER F 15 22.04 28.65 -26.58
CA SER F 15 21.07 28.86 -27.66
C SER F 15 21.45 28.09 -28.91
N GLY F 16 22.75 27.86 -29.13
CA GLY F 16 23.21 27.07 -30.24
C GLY F 16 23.02 25.58 -30.09
N GLY F 17 22.59 25.13 -28.92
CA GLY F 17 22.41 23.71 -28.67
C GLY F 17 23.62 22.99 -28.14
N HIS F 18 24.61 23.72 -27.62
CA HIS F 18 25.88 23.14 -27.21
C HIS F 18 25.91 22.89 -25.70
N PHE F 19 26.45 21.74 -25.31
CA PHE F 19 26.66 21.39 -23.92
C PHE F 19 28.14 21.56 -23.55
N GLY F 20 28.39 22.22 -22.44
CA GLY F 20 29.74 22.25 -21.89
C GLY F 20 30.72 23.14 -22.60
N GLY F 21 30.26 24.13 -23.37
CA GLY F 21 31.12 25.16 -23.90
C GLY F 21 32.16 24.69 -24.90
N PRO F 22 33.44 24.69 -24.49
CA PRO F 22 34.52 24.40 -25.45
C PRO F 22 34.43 23.04 -26.12
N SER F 23 34.14 21.98 -25.37
CA SER F 23 34.01 20.66 -25.99
C SER F 23 32.89 20.64 -27.02
N GLY F 24 31.89 21.51 -26.87
CA GLY F 24 30.92 21.74 -27.93
C GLY F 24 30.05 20.56 -28.29
N TRP F 25 29.64 19.78 -27.29
CA TRP F 25 28.73 18.67 -27.56
C TRP F 25 27.38 19.19 -28.04
N GLY F 26 26.82 18.53 -29.04
CA GLY F 26 25.49 18.85 -29.53
C GLY F 26 25.54 19.71 -30.79
N GLY F 27 24.85 20.85 -30.76
CA GLY F 27 24.85 21.74 -31.90
C GLY F 27 23.83 21.33 -32.96
N ARG F 28 24.11 21.80 -34.17
CA ARG F 28 23.26 21.54 -35.34
C ARG F 28 24.20 21.25 -36.53
N TYR F 29 24.46 19.98 -36.80
CA TYR F 29 25.23 19.60 -37.97
C TYR F 29 24.28 19.10 -39.05
N VAL F 30 23.55 20.05 -39.61
CA VAL F 30 22.50 19.77 -40.59
C VAL F 30 22.74 20.68 -41.80
N PRO F 31 22.20 20.30 -42.96
CA PRO F 31 22.30 21.19 -44.12
C PRO F 31 21.43 22.42 -43.95
N GLU F 32 21.84 23.51 -44.60
CA GLU F 32 21.09 24.76 -44.54
C GLU F 32 19.63 24.56 -44.97
N ALA F 33 19.38 23.57 -45.84
CA ALA F 33 18.02 23.34 -46.31
C ALA F 33 17.06 23.03 -45.16
N LEU F 34 17.55 22.50 -44.06
CA LEU F 34 16.72 22.15 -42.92
C LEU F 34 16.65 23.23 -41.84
N MET F 35 17.47 24.27 -41.94
CA MET F 35 17.57 25.23 -40.84
C MET F 35 16.28 26.01 -40.63
N ALA F 36 15.46 26.16 -41.67
CA ALA F 36 14.24 26.93 -41.54
C ALA F 36 13.25 26.22 -40.62
N VAL F 37 13.01 24.94 -40.86
CA VAL F 37 12.05 24.21 -40.04
C VAL F 37 12.65 23.86 -38.68
N ILE F 38 13.97 23.65 -38.61
CA ILE F 38 14.58 23.35 -37.31
C ILE F 38 14.45 24.54 -36.38
N GLU F 39 14.66 25.75 -36.90
CA GLU F 39 14.40 26.94 -36.10
C GLU F 39 12.91 27.11 -35.83
N GLU F 40 12.06 26.71 -36.77
CA GLU F 40 10.62 26.79 -36.57
C GLU F 40 10.17 25.86 -35.46
N VAL F 41 10.82 24.69 -35.33
CA VAL F 41 10.49 23.76 -34.25
C VAL F 41 11.01 24.29 -32.93
N THR F 42 12.23 24.84 -32.93
CA THR F 42 12.80 25.38 -31.69
C THR F 42 11.90 26.48 -31.13
N ALA F 43 11.52 27.44 -31.96
CA ALA F 43 10.66 28.53 -31.51
C ALA F 43 9.34 28.01 -30.96
N ALA F 44 8.70 27.09 -31.69
CA ALA F 44 7.41 26.55 -31.25
C ALA F 44 7.54 25.86 -29.90
N TYR F 45 8.64 25.14 -29.68
CA TYR F 45 8.83 24.47 -28.40
C TYR F 45 9.05 25.47 -27.27
N GLN F 46 9.84 26.52 -27.52
CA GLN F 46 10.02 27.55 -26.50
C GLN F 46 8.69 28.22 -26.17
N LYS F 47 7.84 28.41 -27.19
CA LYS F 47 6.57 29.08 -26.97
C LYS F 47 5.58 28.19 -26.22
N GLU F 48 5.43 26.94 -26.65
CA GLU F 48 4.41 26.07 -26.09
C GLU F 48 4.82 25.43 -24.77
N ARG F 49 6.11 25.33 -24.47
CA ARG F 49 6.52 24.70 -23.22
C ARG F 49 6.12 25.52 -21.99
N VAL F 50 5.73 26.78 -22.16
CA VAL F 50 5.24 27.62 -21.08
C VAL F 50 3.77 27.94 -21.25
N SER F 51 3.09 27.31 -22.19
CA SER F 51 1.65 27.49 -22.37
C SER F 51 0.91 26.57 -21.42
N GLN F 52 0.00 27.13 -20.62
CA GLN F 52 -0.78 26.29 -19.72
C GLN F 52 -1.71 25.37 -20.48
N ASP F 53 -2.25 25.84 -21.62
CA ASP F 53 -3.09 24.97 -22.43
C ASP F 53 -2.30 23.76 -22.94
N PHE F 54 -1.04 23.98 -23.33
CA PHE F 54 -0.23 22.87 -23.82
C PHE F 54 0.06 21.88 -22.71
N LEU F 55 0.50 22.38 -21.55
CA LEU F 55 0.84 21.49 -20.44
C LEU F 55 -0.38 20.79 -19.88
N ASP F 56 -1.54 21.45 -19.90
CA ASP F 56 -2.76 20.78 -19.46
C ASP F 56 -3.16 19.68 -20.45
N ASP F 57 -2.94 19.91 -21.74
CA ASP F 57 -3.21 18.86 -22.72
C ASP F 57 -2.27 17.67 -22.51
N LEU F 58 -0.98 17.94 -22.32
CA LEU F 58 -0.01 16.86 -22.18
C LEU F 58 -0.22 16.11 -20.88
N ASP F 59 -0.48 16.83 -19.78
CA ASP F 59 -0.71 16.17 -18.50
C ASP F 59 -1.96 15.28 -18.56
N ARG F 60 -3.01 15.75 -19.25
CA ARG F 60 -4.24 14.99 -19.30
C ARG F 60 -4.08 13.71 -20.13
N LEU F 61 -3.27 13.77 -21.19
CA LEU F 61 -3.05 12.58 -22.01
C LEU F 61 -2.14 11.57 -21.30
N GLN F 62 -1.13 12.06 -20.58
CA GLN F 62 -0.26 11.14 -19.86
C GLN F 62 -1.02 10.39 -18.77
N ALA F 63 -2.04 11.01 -18.17
CA ALA F 63 -2.77 10.40 -17.07
C ALA F 63 -3.89 9.48 -17.58
N ASN F 64 -4.81 10.02 -18.36
CA ASN F 64 -5.99 9.26 -18.77
C ASN F 64 -5.72 8.36 -19.96
N TYR F 65 -4.75 8.67 -20.81
CA TYR F 65 -4.49 7.92 -22.02
C TYR F 65 -3.28 7.00 -21.91
N ALA F 66 -2.12 7.57 -21.59
CA ALA F 66 -0.90 6.78 -21.47
C ALA F 66 -0.85 5.93 -20.21
N GLY F 67 -1.53 6.35 -19.14
CA GLY F 67 -1.57 5.57 -17.92
C GLY F 67 -0.58 5.97 -16.84
N ARG F 68 0.07 7.12 -16.96
CA ARG F 68 1.00 7.57 -15.94
C ARG F 68 0.27 7.86 -14.63
N PRO F 69 0.99 7.79 -13.49
CA PRO F 69 2.39 7.39 -13.37
C PRO F 69 2.60 5.88 -13.52
N SER F 70 3.80 5.50 -13.95
CA SER F 70 4.15 4.09 -13.98
C SER F 70 4.63 3.65 -12.60
N PRO F 71 4.29 2.43 -12.18
CA PRO F 71 4.67 1.99 -10.83
C PRO F 71 6.16 1.67 -10.72
N LEU F 72 6.63 1.73 -9.47
CA LEU F 72 7.98 1.32 -9.10
C LEU F 72 7.87 0.05 -8.29
N TYR F 73 8.50 -1.03 -8.76
CA TYR F 73 8.31 -2.35 -8.18
C TYR F 73 9.62 -2.92 -7.69
N GLU F 74 9.65 -3.34 -6.42
CA GLU F 74 10.84 -3.96 -5.84
C GLU F 74 10.86 -5.43 -6.23
N ALA F 75 11.79 -5.81 -7.11
CA ALA F 75 11.90 -7.18 -7.61
C ALA F 75 12.68 -8.01 -6.60
N THR F 76 11.99 -8.41 -5.53
CA THR F 76 12.66 -9.09 -4.42
C THR F 76 13.17 -10.47 -4.80
N ARG F 77 12.63 -11.08 -5.87
CA ARG F 77 13.12 -12.39 -6.29
C ARG F 77 14.44 -12.30 -7.06
N LEU F 78 14.76 -11.13 -7.63
CA LEU F 78 16.04 -10.93 -8.28
C LEU F 78 17.18 -10.71 -7.29
N SER F 79 16.86 -10.49 -6.01
CA SER F 79 17.88 -10.07 -5.06
C SER F 79 18.98 -11.11 -4.90
N GLN F 80 18.61 -12.39 -4.85
CA GLN F 80 19.61 -13.44 -4.69
C GLN F 80 20.59 -13.48 -5.87
N HIS F 81 20.15 -13.03 -7.04
CA HIS F 81 20.99 -13.01 -8.23
C HIS F 81 21.69 -11.66 -8.42
N ALA F 82 21.58 -10.75 -7.45
CA ALA F 82 22.15 -9.42 -7.55
C ALA F 82 22.97 -9.09 -6.31
N GLY F 83 23.65 -10.09 -5.76
CA GLY F 83 24.45 -9.86 -4.57
C GLY F 83 23.66 -9.45 -3.35
N SER F 84 22.40 -9.88 -3.26
CA SER F 84 21.48 -9.54 -2.18
C SER F 84 21.17 -8.03 -2.13
N ALA F 85 21.31 -7.34 -3.25
CA ALA F 85 20.89 -5.95 -3.34
C ALA F 85 19.39 -5.87 -3.63
N ARG F 86 18.86 -4.65 -3.62
CA ARG F 86 17.43 -4.41 -3.79
C ARG F 86 17.20 -3.75 -5.15
N ILE F 87 16.59 -4.48 -6.06
CA ILE F 87 16.36 -4.03 -7.44
C ILE F 87 14.94 -3.47 -7.53
N PHE F 88 14.83 -2.17 -7.82
CA PHE F 88 13.55 -1.52 -8.05
C PHE F 88 13.38 -1.27 -9.54
N LEU F 89 12.32 -1.85 -10.12
CA LEU F 89 12.02 -1.67 -11.54
C LEU F 89 11.03 -0.53 -11.73
N LYS F 90 11.43 0.48 -12.50
CA LYS F 90 10.50 1.52 -12.94
C LYS F 90 9.74 0.98 -14.15
N ARG F 91 8.43 0.80 -14.00
CA ARG F 91 7.64 -0.02 -14.92
C ARG F 91 7.12 0.80 -16.11
N GLU F 92 8.07 1.30 -16.91
CA GLU F 92 7.68 1.92 -18.16
C GLU F 92 7.05 0.92 -19.13
N ASP F 93 7.30 -0.37 -18.93
CA ASP F 93 6.70 -1.41 -19.77
C ASP F 93 5.18 -1.43 -19.65
N LEU F 94 4.60 -0.76 -18.67
CA LEU F 94 3.15 -0.75 -18.50
C LEU F 94 2.48 0.44 -19.19
N ASN F 95 3.24 1.34 -19.80
CA ASN F 95 2.64 2.44 -20.53
C ASN F 95 1.86 1.93 -21.73
N HIS F 96 0.96 2.78 -22.22
CA HIS F 96 0.28 2.52 -23.47
C HIS F 96 1.32 2.35 -24.59
N THR F 97 1.07 1.39 -25.47
CA THR F 97 1.96 0.91 -26.54
C THR F 97 3.13 0.08 -25.98
N GLY F 98 3.43 0.22 -24.70
CA GLY F 98 4.34 -0.68 -24.03
C GLY F 98 5.78 -0.24 -23.88
N SER F 99 6.06 1.06 -23.90
CA SER F 99 7.43 1.53 -23.67
C SER F 99 7.38 3.01 -23.29
N HIS F 100 8.56 3.56 -23.02
CA HIS F 100 8.71 4.96 -22.67
C HIS F 100 8.52 5.88 -23.86
N LYS F 101 8.56 5.35 -25.09
CA LYS F 101 8.50 6.19 -26.29
C LYS F 101 7.24 7.03 -26.34
N ILE F 102 6.15 6.55 -25.73
CA ILE F 102 4.89 7.30 -25.77
C ILE F 102 5.01 8.62 -25.03
N ASN F 103 5.90 8.70 -24.03
CA ASN F 103 6.09 9.97 -23.32
C ASN F 103 6.57 11.06 -24.28
N ASN F 104 7.60 10.76 -25.07
CA ASN F 104 8.16 11.75 -25.98
C ASN F 104 7.24 12.01 -27.16
N VAL F 105 6.56 10.96 -27.65
CA VAL F 105 5.69 11.08 -28.81
C VAL F 105 4.50 11.99 -28.49
N LEU F 106 3.92 11.85 -27.30
CA LEU F 106 2.77 12.67 -26.95
C LEU F 106 3.12 14.16 -26.94
N GLY F 107 4.33 14.49 -26.48
CA GLY F 107 4.74 15.88 -26.47
C GLY F 107 4.92 16.44 -27.87
N GLN F 108 5.60 15.69 -28.73
CA GLN F 108 5.89 16.18 -30.07
C GLN F 108 4.64 16.18 -30.94
N ALA F 109 3.75 15.19 -30.76
CA ALA F 109 2.52 15.15 -31.54
C ALA F 109 1.66 16.37 -31.25
N LEU F 110 1.49 16.71 -29.97
CA LEU F 110 0.75 17.93 -29.62
C LEU F 110 1.46 19.16 -30.18
N LEU F 111 2.79 19.18 -30.10
CA LEU F 111 3.53 20.30 -30.66
C LEU F 111 3.36 20.38 -32.18
N ALA F 112 3.36 19.23 -32.85
CA ALA F 112 3.19 19.21 -34.29
C ALA F 112 1.82 19.78 -34.68
N ARG F 113 0.79 19.48 -33.89
CA ARG F 113 -0.53 20.03 -34.18
C ARG F 113 -0.60 21.52 -33.86
N ARG F 114 0.19 21.97 -32.87
CA ARG F 114 0.25 23.40 -32.58
C ARG F 114 0.91 24.18 -33.70
N MET F 115 1.88 23.57 -34.39
CA MET F 115 2.60 24.22 -35.48
C MET F 115 1.85 24.22 -36.79
N GLY F 116 0.66 23.61 -36.85
CA GLY F 116 -0.05 23.54 -38.10
C GLY F 116 0.49 22.54 -39.10
N LYS F 117 1.44 21.70 -38.68
CA LYS F 117 1.89 20.62 -39.55
C LYS F 117 0.77 19.60 -39.73
N THR F 118 0.67 19.04 -40.93
CA THR F 118 -0.37 18.09 -41.26
C THR F 118 0.15 16.67 -41.44
N ARG F 119 1.46 16.49 -41.41
CA ARG F 119 2.10 15.22 -41.73
C ARG F 119 3.21 14.99 -40.72
N VAL F 120 3.32 13.75 -40.23
CA VAL F 120 4.34 13.39 -39.27
C VAL F 120 5.12 12.20 -39.80
N ILE F 121 6.45 12.32 -39.81
CA ILE F 121 7.32 11.21 -40.18
C ILE F 121 8.16 10.85 -38.98
N ALA F 122 8.61 9.60 -38.95
CA ALA F 122 9.38 9.11 -37.81
C ALA F 122 10.15 7.87 -38.22
N GLU F 123 11.38 7.76 -37.71
CA GLU F 123 12.18 6.56 -37.81
C GLU F 123 11.77 5.56 -36.73
N THR F 124 12.13 4.29 -36.93
CA THR F 124 11.96 3.32 -35.87
C THR F 124 12.88 2.13 -36.10
N GLY F 125 13.34 1.54 -35.01
CA GLY F 125 14.18 0.37 -35.05
C GLY F 125 13.49 -0.83 -34.47
N ALA F 126 13.13 -0.75 -33.19
CA ALA F 126 12.40 -1.83 -32.54
C ALA F 126 10.91 -1.81 -32.87
N GLY F 127 10.39 -0.68 -33.35
CA GLY F 127 8.98 -0.52 -33.60
C GLY F 127 8.22 0.15 -32.48
N GLN F 128 8.85 0.38 -31.33
CA GLN F 128 8.14 0.97 -30.21
C GLN F 128 7.91 2.46 -30.43
N HIS F 129 8.87 3.15 -31.02
CA HIS F 129 8.65 4.55 -31.39
C HIS F 129 7.74 4.66 -32.60
N GLY F 130 7.84 3.73 -33.55
CA GLY F 130 6.90 3.73 -34.66
C GLY F 130 5.47 3.55 -34.21
N VAL F 131 5.22 2.51 -33.40
CA VAL F 131 3.87 2.26 -32.91
C VAL F 131 3.38 3.45 -32.10
N ALA F 132 4.24 4.02 -31.26
CA ALA F 132 3.83 5.16 -30.44
C ALA F 132 3.44 6.35 -31.30
N THR F 133 4.26 6.67 -32.31
CA THR F 133 3.96 7.76 -33.22
C THR F 133 2.65 7.50 -33.97
N ALA F 134 2.51 6.30 -34.53
CA ALA F 134 1.27 5.92 -35.18
C ALA F 134 0.08 6.10 -34.24
N THR F 135 0.27 5.78 -32.97
CA THR F 135 -0.81 5.91 -31.98
C THR F 135 -1.20 7.36 -31.77
N ALA F 136 -0.23 8.24 -31.53
CA ALA F 136 -0.54 9.66 -31.34
C ALA F 136 -1.13 10.26 -32.60
N CYS F 137 -0.62 9.86 -33.78
CA CYS F 137 -1.17 10.39 -35.01
C CYS F 137 -2.60 9.91 -35.24
N ALA F 138 -2.89 8.67 -34.88
CA ALA F 138 -4.28 8.21 -34.94
C ALA F 138 -5.14 9.02 -33.98
N LEU F 139 -4.61 9.30 -32.79
CA LEU F 139 -5.39 10.02 -31.77
C LEU F 139 -5.65 11.46 -32.17
N LEU F 140 -4.76 12.07 -32.94
CA LEU F 140 -4.84 13.49 -33.28
C LEU F 140 -5.19 13.76 -34.73
N GLY F 141 -5.46 12.73 -35.53
CA GLY F 141 -5.88 12.93 -36.91
C GLY F 141 -4.78 13.30 -37.88
N LEU F 142 -3.53 13.02 -37.55
CA LEU F 142 -2.39 13.39 -38.39
C LEU F 142 -2.01 12.24 -39.32
N ASP F 143 -1.65 12.59 -40.55
CA ASP F 143 -1.07 11.60 -41.45
C ASP F 143 0.30 11.18 -40.96
N CYS F 144 0.57 9.88 -41.02
CA CYS F 144 1.76 9.31 -40.39
C CYS F 144 2.49 8.43 -41.39
N VAL F 145 3.82 8.59 -41.46
CA VAL F 145 4.68 7.73 -42.25
C VAL F 145 5.86 7.33 -41.38
N ILE F 146 6.12 6.03 -41.28
CA ILE F 146 7.19 5.49 -40.46
C ILE F 146 8.23 4.84 -41.38
N TYR F 147 9.50 5.16 -41.15
CA TYR F 147 10.60 4.53 -41.86
C TYR F 147 11.25 3.49 -40.95
N MET F 148 11.42 2.28 -41.47
CA MET F 148 11.93 1.17 -40.67
C MET F 148 12.91 0.36 -41.50
N GLY F 149 14.04 0.01 -40.89
CA GLY F 149 15.06 -0.74 -41.60
C GLY F 149 14.56 -2.11 -41.99
N GLY F 150 14.99 -2.57 -43.18
CA GLY F 150 14.50 -3.83 -43.71
C GLY F 150 14.79 -5.02 -42.80
N ILE F 151 15.96 -5.03 -42.16
CA ILE F 151 16.26 -6.07 -41.19
C ILE F 151 15.34 -5.97 -39.99
N ASP F 152 14.94 -4.75 -39.61
CA ASP F 152 14.09 -4.56 -38.44
C ASP F 152 12.63 -4.91 -38.71
N THR F 153 12.16 -4.75 -39.95
CA THR F 153 10.79 -5.17 -40.26
C THR F 153 10.61 -6.67 -40.17
N ALA F 154 11.70 -7.43 -40.17
CA ALA F 154 11.64 -8.88 -40.10
C ALA F 154 11.70 -9.40 -38.66
N ARG F 155 12.58 -8.84 -37.82
CA ARG F 155 12.73 -9.33 -36.45
C ARG F 155 11.83 -8.64 -35.45
N GLN F 156 11.17 -7.55 -35.84
CA GLN F 156 10.18 -6.86 -35.03
C GLN F 156 8.85 -6.79 -35.76
N ALA F 157 8.46 -7.91 -36.39
CA ALA F 157 7.30 -7.91 -37.29
C ALA F 157 6.00 -7.58 -36.56
N LEU F 158 5.91 -7.91 -35.27
CA LEU F 158 4.67 -7.63 -34.53
C LEU F 158 4.34 -6.15 -34.52
N ASN F 159 5.36 -5.30 -34.37
CA ASN F 159 5.13 -3.87 -34.34
C ASN F 159 4.84 -3.30 -35.72
N VAL F 160 5.22 -4.00 -36.80
CA VAL F 160 4.88 -3.52 -38.14
C VAL F 160 3.38 -3.63 -38.38
N ALA F 161 2.79 -4.76 -37.99
CA ALA F 161 1.36 -4.93 -38.17
C ALA F 161 0.56 -3.96 -37.28
N ARG F 162 1.06 -3.68 -36.08
CA ARG F 162 0.40 -2.70 -35.22
C ARG F 162 0.39 -1.33 -35.87
N MET F 163 1.49 -0.94 -36.51
CA MET F 163 1.57 0.37 -37.14
C MET F 163 0.58 0.50 -38.29
N ARG F 164 0.41 -0.56 -39.07
CA ARG F 164 -0.55 -0.52 -40.18
C ARG F 164 -1.98 -0.44 -39.66
N LEU F 165 -2.30 -1.20 -38.61
CA LEU F 165 -3.64 -1.15 -38.03
C LEU F 165 -3.95 0.22 -37.44
N LEU F 166 -2.93 0.92 -36.92
CA LEU F 166 -3.14 2.25 -36.35
C LEU F 166 -3.36 3.31 -37.42
N GLY F 167 -3.18 2.98 -38.70
CA GLY F 167 -3.41 3.91 -39.78
C GLY F 167 -2.16 4.50 -40.39
N ALA F 168 -0.98 4.11 -39.92
CA ALA F 168 0.27 4.67 -40.41
C ALA F 168 0.74 3.93 -41.66
N GLU F 169 1.59 4.62 -42.43
CA GLU F 169 2.24 4.04 -43.60
C GLU F 169 3.67 3.67 -43.24
N VAL F 170 4.04 2.42 -43.50
CA VAL F 170 5.37 1.91 -43.17
C VAL F 170 6.17 1.78 -44.45
N VAL F 171 7.36 2.39 -44.46
CA VAL F 171 8.28 2.33 -45.59
C VAL F 171 9.51 1.53 -45.15
N ALA F 172 9.73 0.39 -45.78
CA ALA F 172 10.88 -0.45 -45.47
C ALA F 172 12.13 0.12 -46.13
N VAL F 173 13.17 0.35 -45.34
CA VAL F 173 14.42 0.92 -45.82
C VAL F 173 15.41 -0.22 -46.09
N GLN F 174 15.92 -0.29 -47.32
CA GLN F 174 16.85 -1.33 -47.72
C GLN F 174 18.27 -0.83 -47.92
N THR F 175 18.52 0.45 -47.69
CA THR F 175 19.84 1.04 -47.88
C THR F 175 20.72 0.77 -46.65
N GLY F 176 22.03 0.83 -46.87
CA GLY F 176 22.98 0.72 -45.77
C GLY F 176 22.87 -0.62 -45.04
N SER F 177 22.95 -0.55 -43.71
CA SER F 177 22.89 -1.72 -42.84
C SER F 177 21.46 -2.19 -42.55
N LYS F 178 20.46 -1.55 -43.14
CA LYS F 178 19.06 -1.93 -43.01
C LYS F 178 18.56 -1.89 -41.55
N THR F 179 19.21 -1.09 -40.70
CA THR F 179 18.76 -0.97 -39.32
C THR F 179 18.40 0.47 -38.99
N LEU F 180 18.53 0.86 -37.72
CA LEU F 180 17.97 2.13 -37.26
C LEU F 180 18.63 3.33 -37.95
N LYS F 181 19.96 3.34 -38.05
CA LYS F 181 20.65 4.50 -38.62
C LYS F 181 20.27 4.70 -40.08
N ASP F 182 19.88 3.64 -40.77
CA ASP F 182 19.45 3.79 -42.17
C ASP F 182 18.02 4.30 -42.25
N ALA F 183 17.19 3.96 -41.25
CA ALA F 183 15.84 4.54 -41.20
C ALA F 183 15.89 6.03 -40.97
N ILE F 184 16.80 6.49 -40.10
CA ILE F 184 16.93 7.92 -39.83
C ILE F 184 17.38 8.66 -41.07
N ASN F 185 18.30 8.07 -41.84
CA ASN F 185 18.77 8.68 -43.06
C ASN F 185 17.62 8.92 -44.03
N GLU F 186 16.74 7.92 -44.18
CA GLU F 186 15.63 8.04 -45.12
C GLU F 186 14.59 9.03 -44.60
N ALA F 187 14.29 8.98 -43.30
CA ALA F 187 13.40 9.98 -42.72
C ALA F 187 13.98 11.38 -42.88
N PHE F 188 15.31 11.49 -42.81
CA PHE F 188 15.96 12.79 -43.00
C PHE F 188 15.75 13.30 -44.42
N ARG F 189 15.93 12.44 -45.41
CA ARG F 189 15.71 12.85 -46.80
C ARG F 189 14.27 13.27 -47.04
N ASP F 190 13.31 12.62 -46.37
CA ASP F 190 11.92 13.03 -46.47
C ASP F 190 11.73 14.43 -45.92
N TRP F 191 12.23 14.69 -44.72
CA TRP F 191 12.03 16.00 -44.09
C TRP F 191 12.62 17.11 -44.93
N VAL F 192 13.79 16.86 -45.54
CA VAL F 192 14.43 17.89 -46.36
C VAL F 192 13.51 18.29 -47.51
N ALA F 193 12.77 17.33 -48.06
CA ALA F 193 11.92 17.56 -49.20
C ALA F 193 10.50 18.00 -48.83
N ASN F 194 10.09 17.90 -47.57
CA ASN F 194 8.73 18.23 -47.18
C ASN F 194 8.70 19.06 -45.91
N ALA F 195 9.68 19.95 -45.75
CA ALA F 195 9.84 20.65 -44.47
C ALA F 195 8.66 21.56 -44.16
N ASP F 196 7.97 22.08 -45.19
CA ASP F 196 6.98 23.12 -44.95
C ASP F 196 5.68 22.58 -44.34
N ASN F 197 5.39 21.29 -44.49
CA ASN F 197 4.15 20.73 -43.98
C ASN F 197 4.35 19.50 -43.12
N THR F 198 5.58 19.01 -42.96
CA THR F 198 5.84 17.76 -42.27
C THR F 198 6.62 18.03 -40.97
N TYR F 199 6.21 17.35 -39.91
CA TYR F 199 6.92 17.36 -38.64
C TYR F 199 7.68 16.04 -38.50
N TYR F 200 8.94 16.13 -38.09
CA TYR F 200 9.76 14.95 -37.83
C TYR F 200 9.69 14.65 -36.33
N CYS F 201 9.05 13.55 -35.98
CA CYS F 201 8.93 13.12 -34.59
C CYS F 201 10.10 12.20 -34.29
N PHE F 202 11.22 12.78 -33.87
CA PHE F 202 12.42 12.00 -33.59
C PHE F 202 12.28 11.32 -32.24
N GLY F 203 12.63 10.04 -32.19
CA GLY F 203 12.32 9.18 -31.06
C GLY F 203 13.39 8.99 -30.02
N THR F 204 14.47 9.75 -30.04
CA THR F 204 15.52 9.54 -29.05
C THR F 204 16.24 10.85 -28.80
N ALA F 205 17.03 10.87 -27.71
CA ALA F 205 17.69 12.07 -27.20
C ALA F 205 18.94 12.45 -27.99
N ALA F 206 18.89 12.33 -29.31
CA ALA F 206 20.03 12.70 -30.15
C ALA F 206 19.53 13.69 -31.21
N GLY F 207 20.30 13.83 -32.28
CA GLY F 207 19.93 14.72 -33.35
C GLY F 207 20.35 16.15 -33.10
N PRO F 208 19.89 17.06 -33.96
CA PRO F 208 20.28 18.47 -33.82
C PRO F 208 19.39 19.19 -32.83
N HIS F 209 19.89 20.32 -32.35
CA HIS F 209 19.12 21.18 -31.47
C HIS F 209 17.82 21.57 -32.18
N PRO F 210 16.66 21.50 -31.51
CA PRO F 210 16.46 21.31 -30.08
C PRO F 210 16.09 19.89 -29.65
N PHE F 211 16.36 18.89 -30.49
CA PHE F 211 15.80 17.58 -30.23
C PHE F 211 16.42 16.87 -29.02
N PRO F 212 17.74 16.89 -28.83
CA PRO F 212 18.29 16.29 -27.59
C PRO F 212 17.67 16.85 -26.32
N THR F 213 17.44 18.16 -26.29
CA THR F 213 16.84 18.78 -25.11
C THR F 213 15.33 18.55 -25.07
N MET F 214 14.66 18.63 -26.21
CA MET F 214 13.20 18.48 -26.22
C MET F 214 12.79 17.06 -25.84
N VAL F 215 13.44 16.06 -26.43
CA VAL F 215 13.12 14.67 -26.10
C VAL F 215 13.41 14.40 -24.62
N ARG F 216 14.53 14.92 -24.13
CA ARG F 216 14.89 14.71 -22.74
C ARG F 216 13.84 15.32 -21.81
N ASP F 217 13.32 16.50 -22.17
CA ASP F 217 12.35 17.15 -21.29
C ASP F 217 11.06 16.34 -21.21
N PHE F 218 10.61 15.77 -22.32
CA PHE F 218 9.40 14.95 -22.28
C PHE F 218 9.62 13.67 -21.49
N GLN F 219 10.85 13.15 -21.46
CA GLN F 219 11.13 11.95 -20.70
C GLN F 219 11.57 12.22 -19.27
N ARG F 220 11.82 13.49 -18.92
CA ARG F 220 12.17 13.84 -17.54
C ARG F 220 11.17 13.29 -16.55
N ILE F 221 9.90 13.16 -16.95
CA ILE F 221 8.84 12.73 -16.06
C ILE F 221 9.16 11.38 -15.43
N ILE F 222 9.88 10.53 -16.15
CA ILE F 222 10.25 9.22 -15.63
C ILE F 222 11.06 9.37 -14.35
N GLY F 223 12.18 10.10 -14.44
CA GLY F 223 13.03 10.29 -13.27
C GLY F 223 12.35 11.06 -12.15
N MET F 224 11.47 12.00 -12.51
CA MET F 224 10.76 12.76 -11.47
C MET F 224 9.87 11.85 -10.63
N GLU F 225 9.10 10.97 -11.28
CA GLU F 225 8.27 10.04 -10.53
C GLU F 225 9.13 9.07 -9.73
N ALA F 226 10.16 8.51 -10.36
CA ALA F 226 11.01 7.54 -9.67
C ALA F 226 11.61 8.13 -8.41
N ARG F 227 12.08 9.39 -8.48
CA ARG F 227 12.73 10.00 -7.32
C ARG F 227 11.75 10.15 -6.15
N VAL F 228 10.49 10.51 -6.45
CA VAL F 228 9.49 10.58 -5.41
C VAL F 228 9.14 9.17 -4.91
N GLN F 229 8.99 8.22 -5.83
CA GLN F 229 8.53 6.88 -5.46
C GLN F 229 9.57 6.14 -4.63
N ILE F 230 10.84 6.20 -5.02
CA ILE F 230 11.86 5.46 -4.28
C ILE F 230 12.00 5.99 -2.87
N GLN F 231 11.83 7.30 -2.69
CA GLN F 231 11.92 7.86 -1.34
C GLN F 231 10.76 7.38 -0.47
N GLY F 232 9.56 7.31 -1.04
CA GLY F 232 8.43 6.78 -0.29
C GLY F 232 8.58 5.32 0.03
N GLN F 233 9.09 4.53 -0.91
CA GLN F 233 9.14 3.07 -0.74
C GLN F 233 10.36 2.63 0.05
N ALA F 234 11.51 3.26 -0.17
CA ALA F 234 12.74 2.82 0.49
C ALA F 234 13.16 3.73 1.64
N GLY F 235 12.68 4.97 1.69
CA GLY F 235 13.04 5.88 2.75
C GLY F 235 14.26 6.73 2.47
N ARG F 236 14.90 6.56 1.32
CA ARG F 236 16.08 7.34 0.99
C ARG F 236 16.24 7.36 -0.54
N LEU F 237 17.18 8.18 -1.00
CA LEU F 237 17.55 8.16 -2.41
C LEU F 237 18.32 6.87 -2.71
N PRO F 238 18.24 6.37 -3.93
CA PRO F 238 18.92 5.12 -4.27
C PRO F 238 20.43 5.26 -4.25
N ASP F 239 21.10 4.11 -4.17
CA ASP F 239 22.55 4.09 -4.34
C ASP F 239 22.96 4.19 -5.79
N ALA F 240 22.06 3.85 -6.72
CA ALA F 240 22.35 3.89 -8.14
C ALA F 240 21.06 3.86 -8.93
N VAL F 241 21.09 4.50 -10.09
CA VAL F 241 20.01 4.46 -11.07
C VAL F 241 20.61 4.02 -12.39
N VAL F 242 20.03 2.99 -13.00
CA VAL F 242 20.59 2.42 -14.22
C VAL F 242 19.52 2.32 -15.30
N ALA F 243 19.98 2.37 -16.55
CA ALA F 243 19.12 2.22 -17.71
C ALA F 243 19.99 1.84 -18.90
N CYS F 244 19.34 1.29 -19.93
CA CYS F 244 20.04 1.01 -21.17
C CYS F 244 20.14 2.27 -22.01
N VAL F 245 21.16 2.30 -22.86
CA VAL F 245 21.47 3.47 -23.68
C VAL F 245 21.56 3.04 -25.13
N GLY F 246 20.53 3.34 -25.91
CA GLY F 246 20.61 3.25 -27.36
C GLY F 246 20.91 4.61 -27.92
N GLY F 247 19.90 5.32 -28.41
CA GLY F 247 20.07 6.75 -28.64
C GLY F 247 20.23 7.51 -27.35
N GLY F 248 19.48 7.13 -26.32
CA GLY F 248 19.68 7.67 -24.99
C GLY F 248 18.48 8.36 -24.36
N SER F 249 17.28 8.13 -24.89
CA SER F 249 16.12 8.86 -24.39
C SER F 249 15.65 8.32 -23.04
N ASN F 250 15.51 6.98 -22.91
CA ASN F 250 14.97 6.44 -21.66
C ASN F 250 15.95 6.63 -20.51
N ALA F 251 17.26 6.58 -20.78
CA ALA F 251 18.23 6.76 -19.72
C ALA F 251 18.27 8.20 -19.25
N ILE F 252 18.32 9.16 -20.17
CA ILE F 252 18.38 10.57 -19.78
C ILE F 252 17.10 10.98 -19.08
N GLY F 253 15.98 10.33 -19.38
CA GLY F 253 14.73 10.67 -18.71
C GLY F 253 14.71 10.26 -17.26
N ILE F 254 15.25 9.07 -16.95
CA ILE F 254 15.30 8.63 -15.57
C ILE F 254 16.52 9.20 -14.84
N PHE F 255 17.54 9.66 -15.56
CA PHE F 255 18.73 10.19 -14.93
C PHE F 255 18.56 11.63 -14.47
N HIS F 256 17.74 12.42 -15.19
CA HIS F 256 17.83 13.86 -15.04
C HIS F 256 17.42 14.33 -13.65
N ALA F 257 16.41 13.68 -13.06
CA ALA F 257 15.96 14.08 -11.74
C ALA F 257 17.03 13.87 -10.67
N PHE F 258 18.04 13.05 -10.95
CA PHE F 258 19.05 12.68 -9.97
C PHE F 258 20.39 13.37 -10.18
N LEU F 259 20.53 14.20 -11.22
CA LEU F 259 21.85 14.75 -11.55
C LEU F 259 22.46 15.50 -10.37
N ASP F 260 21.66 16.29 -9.66
CA ASP F 260 22.16 17.12 -8.57
C ASP F 260 22.12 16.40 -7.23
N ASP F 261 21.94 15.08 -7.20
CA ASP F 261 22.03 14.29 -5.99
C ASP F 261 23.40 13.63 -5.94
N PRO F 262 24.36 14.18 -5.20
CA PRO F 262 25.75 13.72 -5.35
C PRO F 262 26.00 12.30 -4.86
N GLY F 263 25.07 11.68 -4.14
CA GLY F 263 25.28 10.35 -3.66
C GLY F 263 24.72 9.23 -4.52
N VAL F 264 24.10 9.55 -5.65
CA VAL F 264 23.41 8.59 -6.47
C VAL F 264 24.28 8.27 -7.69
N ARG F 265 24.66 7.00 -7.82
CA ARG F 265 25.38 6.56 -9.00
C ARG F 265 24.44 6.48 -10.20
N LEU F 266 24.93 6.91 -11.35
CA LEU F 266 24.18 6.82 -12.60
C LEU F 266 24.99 5.97 -13.58
N VAL F 267 24.43 4.85 -13.98
CA VAL F 267 25.11 3.90 -14.86
C VAL F 267 24.22 3.63 -16.06
N GLY F 268 24.72 3.92 -17.26
CA GLY F 268 24.06 3.52 -18.49
C GLY F 268 24.77 2.31 -19.09
N PHE F 269 23.98 1.34 -19.52
CA PHE F 269 24.50 0.13 -20.14
C PHE F 269 24.17 0.13 -21.63
N GLU F 270 25.15 -0.21 -22.46
CA GLU F 270 25.01 -0.19 -23.90
C GLU F 270 25.23 -1.59 -24.47
N ALA F 271 24.73 -1.79 -25.68
CA ALA F 271 24.75 -3.10 -26.32
C ALA F 271 26.15 -3.45 -26.80
N ALA F 272 26.59 -4.68 -26.51
CA ALA F 272 27.91 -5.14 -26.91
C ALA F 272 27.87 -6.29 -27.90
N GLY F 273 26.67 -6.71 -28.33
CA GLY F 273 26.57 -7.73 -29.35
C GLY F 273 27.28 -9.00 -28.97
N ASP F 274 28.11 -9.51 -29.89
CA ASP F 274 28.90 -10.70 -29.63
C ASP F 274 30.12 -10.41 -28.76
N GLY F 275 30.29 -9.16 -28.32
CA GLY F 275 31.48 -8.77 -27.58
C GLY F 275 32.14 -7.55 -28.20
N VAL F 276 32.59 -6.61 -27.37
CA VAL F 276 33.14 -5.36 -27.88
C VAL F 276 34.42 -5.58 -28.67
N GLU F 277 35.08 -6.73 -28.49
CA GLU F 277 36.34 -7.02 -29.17
C GLU F 277 36.14 -7.83 -30.45
N THR F 278 34.91 -7.94 -30.95
CA THR F 278 34.62 -8.78 -32.10
C THR F 278 34.14 -7.98 -33.31
N GLY F 279 33.98 -6.67 -33.19
CA GLY F 279 33.50 -5.87 -34.29
C GLY F 279 32.03 -6.01 -34.61
N ARG F 280 31.28 -6.81 -33.86
CA ARG F 280 29.84 -6.95 -34.03
C ARG F 280 29.17 -6.52 -32.72
N HIS F 281 29.14 -5.20 -32.50
CA HIS F 281 28.62 -4.65 -31.24
C HIS F 281 27.97 -3.31 -31.53
N ALA F 282 27.65 -2.58 -30.45
CA ALA F 282 27.11 -1.23 -30.56
C ALA F 282 27.48 -0.41 -29.34
N ALA F 283 28.67 -0.64 -28.78
CA ALA F 283 29.09 0.02 -27.54
C ALA F 283 29.73 1.35 -27.92
N THR F 284 28.89 2.38 -28.02
CA THR F 284 29.33 3.66 -28.56
C THR F 284 30.35 4.32 -27.65
N PHE F 285 30.06 4.37 -26.34
CA PHE F 285 31.01 5.01 -25.42
C PHE F 285 32.22 4.13 -25.17
N THR F 286 32.05 2.81 -25.25
CA THR F 286 33.16 1.89 -24.97
C THR F 286 34.15 1.84 -26.12
N ALA F 287 33.67 1.86 -27.36
CA ALA F 287 34.53 1.67 -28.51
C ALA F 287 34.63 2.89 -29.43
N GLY F 288 33.72 3.86 -29.31
CA GLY F 288 33.64 4.95 -30.25
C GLY F 288 34.57 6.10 -29.94
N SER F 289 34.39 7.18 -30.69
CA SER F 289 35.19 8.39 -30.55
C SER F 289 34.29 9.59 -30.84
N PRO F 290 34.69 10.80 -30.45
CA PRO F 290 33.89 11.98 -30.76
C PRO F 290 33.82 12.23 -32.26
N GLY F 291 32.73 12.83 -32.70
CA GLY F 291 32.56 13.13 -34.11
C GLY F 291 31.19 13.71 -34.39
N ALA F 292 30.99 14.09 -35.64
CA ALA F 292 29.73 14.65 -36.10
C ALA F 292 28.93 13.58 -36.83
N PHE F 293 27.70 13.35 -36.38
CA PHE F 293 26.86 12.33 -36.98
C PHE F 293 25.41 12.52 -36.59
N HIS F 294 24.50 12.42 -37.56
CA HIS F 294 23.06 12.58 -37.33
C HIS F 294 22.75 13.88 -36.60
N GLY F 295 23.35 14.96 -37.07
CA GLY F 295 22.97 16.30 -36.66
C GLY F 295 23.58 16.82 -35.39
N SER F 296 24.42 16.06 -34.71
CA SER F 296 25.03 16.52 -33.46
C SER F 296 26.47 16.05 -33.38
N PHE F 297 27.24 16.77 -32.58
CA PHE F 297 28.59 16.36 -32.21
C PHE F 297 28.51 15.53 -30.93
N SER F 298 28.88 14.26 -31.03
CA SER F 298 28.77 13.33 -29.91
C SER F 298 29.70 12.15 -30.19
N TYR F 299 29.50 11.05 -29.49
CA TYR F 299 30.28 9.84 -29.71
C TYR F 299 29.63 8.98 -30.78
N LEU F 300 30.46 8.26 -31.54
CA LEU F 300 29.96 7.34 -32.54
C LEU F 300 31.03 6.32 -32.88
N LEU F 301 30.59 5.17 -33.39
CA LEU F 301 31.50 4.14 -33.88
C LEU F 301 31.96 4.52 -35.28
N GLN F 302 33.24 4.85 -35.41
CA GLN F 302 33.79 5.32 -36.68
C GLN F 302 35.18 4.75 -36.87
N ASP F 303 35.57 4.60 -38.14
CA ASP F 303 36.86 4.03 -38.48
C ASP F 303 37.91 5.13 -38.56
N GLU F 304 39.08 4.81 -39.10
CA GLU F 304 40.20 5.76 -39.14
C GLU F 304 39.87 6.99 -39.98
N ASP F 305 39.01 6.85 -40.98
CA ASP F 305 38.68 7.94 -41.88
C ASP F 305 37.43 8.72 -41.48
N GLY F 306 36.73 8.29 -40.45
CA GLY F 306 35.51 8.95 -40.04
C GLY F 306 34.24 8.35 -40.63
N GLN F 307 34.33 7.27 -41.38
CA GLN F 307 33.13 6.59 -41.85
C GLN F 307 32.44 5.89 -40.69
N THR F 308 31.12 5.80 -40.78
CA THR F 308 30.35 5.15 -39.73
C THR F 308 30.51 3.65 -39.81
N ILE F 309 30.84 3.03 -38.67
CA ILE F 309 30.91 1.58 -38.57
C ILE F 309 29.52 1.05 -38.25
N GLU F 310 29.08 0.05 -39.01
CA GLU F 310 27.75 -0.52 -38.79
C GLU F 310 27.71 -1.27 -37.47
N SER F 311 26.69 -1.00 -36.68
CA SER F 311 26.52 -1.65 -35.39
C SER F 311 25.68 -2.91 -35.53
N HIS F 312 25.85 -3.81 -34.56
CA HIS F 312 25.10 -5.05 -34.51
C HIS F 312 24.76 -5.37 -33.06
N SER F 313 23.55 -5.87 -32.85
CA SER F 313 23.06 -6.22 -31.53
C SER F 313 21.80 -7.06 -31.70
N ILE F 314 21.60 -8.00 -30.77
CA ILE F 314 20.38 -8.79 -30.79
C ILE F 314 19.15 -7.91 -30.54
N SER F 315 19.34 -6.78 -29.87
CA SER F 315 18.26 -5.83 -29.63
C SER F 315 18.22 -4.80 -30.75
N ALA F 316 17.02 -4.61 -31.33
CA ALA F 316 16.89 -3.64 -32.41
C ALA F 316 16.95 -2.20 -31.91
N GLY F 317 16.45 -1.94 -30.70
CA GLY F 317 16.44 -0.59 -30.18
C GLY F 317 17.80 -0.05 -29.78
N LEU F 318 18.78 -0.94 -29.58
CA LEU F 318 20.14 -0.53 -29.25
C LEU F 318 21.10 -0.70 -30.42
N ASP F 319 20.61 -1.17 -31.57
CA ASP F 319 21.45 -1.40 -32.75
C ASP F 319 21.65 -0.06 -33.47
N TYR F 320 22.39 0.82 -32.80
CA TYR F 320 22.60 2.17 -33.28
C TYR F 320 24.02 2.59 -32.89
N PRO F 321 24.83 3.05 -33.84
CA PRO F 321 26.25 3.33 -33.55
C PRO F 321 26.55 4.71 -32.99
N GLY F 322 25.54 5.54 -32.74
CA GLY F 322 25.73 6.84 -32.13
C GLY F 322 25.13 6.91 -30.73
N VAL F 323 25.05 8.14 -30.22
CA VAL F 323 24.50 8.38 -28.88
C VAL F 323 24.24 9.86 -28.70
N GLY F 324 23.23 10.20 -27.88
CA GLY F 324 22.86 11.57 -27.65
C GLY F 324 23.97 12.40 -27.05
N PRO F 325 23.98 13.70 -27.39
CA PRO F 325 25.10 14.55 -26.94
C PRO F 325 25.08 14.87 -25.45
N GLU F 326 23.91 14.99 -24.82
CA GLU F 326 23.91 15.24 -23.38
C GLU F 326 24.53 14.08 -22.63
N HIS F 327 24.42 12.86 -23.16
CA HIS F 327 25.11 11.73 -22.56
C HIS F 327 26.62 11.87 -22.69
N ALA F 328 27.10 12.33 -23.85
CA ALA F 328 28.53 12.55 -24.02
C ALA F 328 29.04 13.64 -23.08
N TRP F 329 28.19 14.62 -22.77
CA TRP F 329 28.58 15.66 -21.82
C TRP F 329 28.62 15.12 -20.40
N LEU F 330 27.66 14.27 -20.03
CA LEU F 330 27.68 13.69 -18.69
C LEU F 330 28.83 12.71 -18.53
N LYS F 331 29.24 12.03 -19.61
CA LYS F 331 30.39 11.15 -19.52
C LYS F 331 31.68 11.95 -19.33
N GLU F 332 31.82 13.06 -20.05
CA GLU F 332 33.02 13.88 -19.94
C GLU F 332 33.14 14.47 -18.54
N ALA F 333 32.03 14.89 -17.95
CA ALA F 333 32.04 15.45 -16.61
C ALA F 333 32.10 14.38 -15.51
N GLY F 334 32.13 13.11 -15.89
CA GLY F 334 32.23 12.04 -14.90
C GLY F 334 31.00 11.85 -14.05
N ARG F 335 29.85 12.39 -14.46
CA ARG F 335 28.63 12.24 -13.69
C ARG F 335 27.98 10.88 -13.91
N VAL F 336 28.12 10.31 -15.10
CA VAL F 336 27.50 9.03 -15.45
C VAL F 336 28.57 8.09 -15.96
N ASP F 337 28.49 6.83 -15.55
N ASP F 337 28.49 6.83 -15.56
CA ASP F 337 29.35 5.77 -16.06
CA ASP F 337 29.36 5.78 -16.07
C ASP F 337 28.59 4.98 -17.12
C ASP F 337 28.61 4.95 -17.10
N TYR F 338 29.31 4.58 -18.17
CA TYR F 338 28.70 3.85 -19.27
C TYR F 338 29.49 2.56 -19.50
N ARG F 339 28.80 1.43 -19.39
CA ARG F 339 29.43 0.11 -19.43
C ARG F 339 28.72 -0.78 -20.44
N PRO F 340 29.44 -1.74 -21.02
CA PRO F 340 28.84 -2.61 -22.05
C PRO F 340 28.19 -3.86 -21.50
N ILE F 341 27.16 -4.31 -22.22
CA ILE F 341 26.44 -5.54 -21.92
C ILE F 341 26.26 -6.31 -23.21
N THR F 342 26.60 -7.60 -23.21
CA THR F 342 26.58 -8.41 -24.42
C THR F 342 25.20 -9.02 -24.66
N ASP F 343 25.07 -9.64 -25.84
CA ASP F 343 23.84 -10.37 -26.17
C ASP F 343 23.57 -11.46 -25.14
N SER F 344 24.60 -12.22 -24.79
CA SER F 344 24.42 -13.33 -23.84
C SER F 344 23.99 -12.82 -22.48
N GLU F 345 24.60 -11.72 -22.01
CA GLU F 345 24.26 -11.21 -20.69
C GLU F 345 22.83 -10.70 -20.65
N ALA F 346 22.38 -10.07 -21.72
CA ALA F 346 21.01 -9.55 -21.75
C ALA F 346 19.99 -10.68 -21.82
N MET F 347 20.24 -11.69 -22.65
CA MET F 347 19.30 -12.80 -22.75
C MET F 347 19.25 -13.62 -21.46
N ASP F 348 20.36 -13.69 -20.73
CA ASP F 348 20.34 -14.33 -19.41
C ASP F 348 19.44 -13.56 -18.45
N ALA F 349 19.60 -12.23 -18.39
CA ALA F 349 18.72 -11.43 -17.55
C ALA F 349 17.29 -11.44 -18.07
N PHE F 350 17.11 -11.56 -19.38
CA PHE F 350 15.77 -11.67 -19.95
C PHE F 350 15.01 -12.84 -19.33
N GLY F 351 15.57 -14.06 -19.46
CA GLY F 351 14.91 -15.23 -18.91
C GLY F 351 14.80 -15.18 -17.41
N LEU F 352 15.77 -14.56 -16.74
CA LEU F 352 15.72 -14.45 -15.29
C LEU F 352 14.54 -13.60 -14.84
N LEU F 353 14.34 -12.45 -15.49
CA LEU F 353 13.19 -11.61 -15.16
C LEU F 353 11.88 -12.33 -15.45
N CYS F 354 11.87 -13.22 -16.46
CA CYS F 354 10.67 -14.00 -16.76
C CYS F 354 10.36 -15.00 -15.65
N ARG F 355 11.35 -15.80 -15.28
N ARG F 355 11.34 -15.79 -15.24
CA ARG F 355 11.12 -16.87 -14.29
CA ARG F 355 11.09 -16.88 -14.31
C ARG F 355 10.95 -16.31 -12.89
C ARG F 355 11.20 -16.45 -12.85
N MET F 356 11.69 -15.24 -12.56
CA MET F 356 11.73 -14.74 -11.19
C MET F 356 10.61 -13.77 -10.87
N GLU F 357 10.30 -12.85 -11.78
CA GLU F 357 9.29 -11.83 -11.52
C GLU F 357 8.07 -11.93 -12.43
N GLY F 358 8.03 -12.87 -13.36
CA GLY F 358 6.91 -12.96 -14.27
C GLY F 358 6.77 -11.79 -15.22
N ILE F 359 7.84 -11.02 -15.42
CA ILE F 359 7.83 -9.88 -16.34
C ILE F 359 8.67 -10.24 -17.55
N ILE F 360 8.06 -10.14 -18.74
CA ILE F 360 8.77 -10.37 -20.00
C ILE F 360 9.28 -9.03 -20.51
N PRO F 361 10.56 -8.73 -20.35
CA PRO F 361 11.06 -7.41 -20.73
C PRO F 361 11.37 -7.32 -22.21
N ALA F 362 11.37 -6.09 -22.71
CA ALA F 362 12.00 -5.85 -24.00
C ALA F 362 13.49 -6.17 -23.89
N ILE F 363 14.05 -6.70 -24.98
CA ILE F 363 15.46 -7.08 -24.95
C ILE F 363 16.34 -5.86 -24.72
N GLU F 364 15.92 -4.68 -25.19
CA GLU F 364 16.58 -3.45 -24.81
C GLU F 364 16.68 -3.34 -23.30
N SER F 365 15.53 -3.47 -22.60
CA SER F 365 15.51 -3.32 -21.16
C SER F 365 16.30 -4.42 -20.46
N ALA F 366 16.34 -5.62 -21.06
CA ALA F 366 17.10 -6.72 -20.46
C ALA F 366 18.58 -6.37 -20.33
N HIS F 367 19.09 -5.49 -21.20
CA HIS F 367 20.46 -5.01 -21.02
C HIS F 367 20.61 -4.24 -19.71
N ALA F 368 19.59 -3.46 -19.34
CA ALA F 368 19.66 -2.71 -18.09
C ALA F 368 19.56 -3.63 -16.89
N VAL F 369 18.70 -4.66 -16.97
CA VAL F 369 18.59 -5.61 -15.87
C VAL F 369 19.91 -6.36 -15.69
N ALA F 370 20.49 -6.83 -16.78
CA ALA F 370 21.76 -7.55 -16.71
C ALA F 370 22.82 -6.71 -16.01
N GLY F 371 22.89 -5.42 -16.33
CA GLY F 371 23.87 -4.56 -15.69
C GLY F 371 23.57 -4.30 -14.23
N ALA F 372 22.30 -4.26 -13.86
CA ALA F 372 21.94 -4.08 -12.46
C ALA F 372 22.35 -5.29 -11.62
N LEU F 373 22.21 -6.50 -12.16
CA LEU F 373 22.68 -7.69 -11.47
C LEU F 373 24.17 -7.61 -11.21
N LYS F 374 24.95 -7.21 -12.23
CA LYS F 374 26.38 -7.05 -12.04
C LYS F 374 26.67 -5.92 -11.06
N LEU F 375 25.90 -4.84 -11.12
CA LEU F 375 26.10 -3.72 -10.21
C LEU F 375 25.67 -4.08 -8.78
N GLY F 376 24.67 -4.94 -8.64
CA GLY F 376 24.26 -5.37 -7.31
C GLY F 376 25.34 -6.16 -6.60
N VAL F 377 26.08 -6.99 -7.35
CA VAL F 377 27.20 -7.71 -6.75
C VAL F 377 28.31 -6.76 -6.35
N GLU F 378 28.40 -5.60 -7.00
CA GLU F 378 29.42 -4.62 -6.64
C GLU F 378 29.06 -3.89 -5.37
N LEU F 379 27.80 -3.48 -5.22
CA LEU F 379 27.38 -2.64 -4.11
C LEU F 379 27.00 -3.41 -2.85
N GLY F 380 26.77 -4.72 -2.97
CA GLY F 380 26.55 -5.54 -1.79
C GLY F 380 25.11 -5.53 -1.30
N ARG F 381 24.91 -6.26 -0.21
CA ARG F 381 23.57 -6.42 0.36
C ARG F 381 23.02 -5.07 0.81
N GLY F 382 21.70 -4.89 0.63
CA GLY F 382 21.00 -3.73 1.12
C GLY F 382 21.02 -2.52 0.22
N ALA F 383 21.91 -2.48 -0.78
CA ALA F 383 21.99 -1.33 -1.67
C ALA F 383 20.73 -1.25 -2.53
N VAL F 384 20.28 -0.03 -2.80
CA VAL F 384 19.07 0.21 -3.57
C VAL F 384 19.45 0.66 -4.97
N ILE F 385 19.03 -0.09 -5.97
CA ILE F 385 19.29 0.21 -7.37
C ILE F 385 17.96 0.34 -8.08
N VAL F 386 17.73 1.50 -8.69
CA VAL F 386 16.53 1.74 -9.48
C VAL F 386 16.86 1.49 -10.94
N VAL F 387 16.10 0.58 -11.56
CA VAL F 387 16.33 0.16 -12.94
C VAL F 387 15.17 0.61 -13.80
N ASN F 388 15.47 1.23 -14.93
CA ASN F 388 14.43 1.71 -15.84
C ASN F 388 14.05 0.57 -16.77
N LEU F 389 13.00 -0.15 -16.41
CA LEU F 389 12.47 -1.22 -17.26
C LEU F 389 11.70 -0.54 -18.38
N SER F 390 12.40 -0.26 -19.48
CA SER F 390 11.90 0.71 -20.46
C SER F 390 10.76 0.18 -21.32
N GLY F 391 10.68 -1.12 -21.53
CA GLY F 391 9.71 -1.61 -22.51
C GLY F 391 9.23 -3.02 -22.27
N ARG F 392 8.00 -3.26 -22.72
CA ARG F 392 7.40 -4.58 -22.82
C ARG F 392 8.12 -5.43 -23.87
N GLY F 393 8.18 -6.74 -23.63
CA GLY F 393 8.88 -7.63 -24.54
C GLY F 393 8.01 -8.54 -25.38
N ASP F 394 6.80 -8.10 -25.71
CA ASP F 394 5.95 -8.91 -26.60
C ASP F 394 6.53 -8.96 -28.01
N LYS F 395 7.09 -7.84 -28.46
CA LYS F 395 7.72 -7.78 -29.78
C LYS F 395 8.90 -8.73 -29.91
N ASP F 396 9.51 -9.12 -28.79
CA ASP F 396 10.72 -9.93 -28.79
C ASP F 396 10.45 -11.39 -28.49
N VAL F 397 9.17 -11.79 -28.45
CA VAL F 397 8.82 -13.12 -27.95
C VAL F 397 9.36 -14.20 -28.87
N GLU F 398 9.16 -14.06 -30.18
CA GLU F 398 9.64 -15.07 -31.11
C GLU F 398 11.17 -15.15 -31.10
N THR F 399 11.84 -14.01 -30.92
CA THR F 399 13.30 -14.02 -30.82
C THR F 399 13.75 -14.80 -29.60
N ALA F 400 13.17 -14.50 -28.44
CA ALA F 400 13.55 -15.18 -27.21
C ALA F 400 13.22 -16.67 -27.26
N ALA F 401 12.05 -17.02 -27.78
CA ALA F 401 11.66 -18.42 -27.87
C ALA F 401 12.66 -19.22 -28.69
N LYS F 402 13.15 -18.64 -29.78
CA LYS F 402 14.19 -19.29 -30.57
C LYS F 402 15.49 -19.39 -29.80
N TRP F 403 15.84 -18.35 -29.03
CA TRP F 403 17.08 -18.35 -28.28
C TRP F 403 17.09 -19.44 -27.20
N PHE F 404 15.96 -19.63 -26.53
CA PHE F 404 15.86 -20.59 -25.42
C PHE F 404 15.36 -21.96 -25.87
N GLY F 405 15.22 -22.19 -27.17
CA GLY F 405 14.81 -23.49 -27.67
C GLY F 405 13.39 -23.89 -27.33
N LEU F 406 12.45 -22.94 -27.43
CA LEU F 406 11.05 -23.21 -27.10
C LEU F 406 10.18 -23.20 -28.35
N LEU F 407 10.44 -24.13 -29.27
CA LEU F 407 9.68 -24.20 -30.51
C LEU F 407 9.26 -25.63 -30.82
N ALA G 9 -36.46 -51.16 1.86
CA ALA G 9 -36.22 -52.26 0.93
C ALA G 9 -35.98 -51.75 -0.49
N SER G 10 -34.71 -51.69 -0.89
CA SER G 10 -34.34 -51.13 -2.19
C SER G 10 -34.56 -52.15 -3.31
N ARG G 11 -34.54 -51.64 -4.55
CA ARG G 11 -34.75 -52.50 -5.71
C ARG G 11 -33.61 -53.50 -5.88
N LEU G 12 -32.38 -53.08 -5.62
CA LEU G 12 -31.22 -53.97 -5.75
C LEU G 12 -30.97 -54.80 -4.49
N GLY G 13 -31.82 -54.67 -3.48
CA GLY G 13 -31.71 -55.44 -2.27
C GLY G 13 -31.67 -56.95 -2.49
N PRO G 14 -32.68 -57.50 -3.19
CA PRO G 14 -32.65 -58.94 -3.48
C PRO G 14 -31.39 -59.42 -4.17
N VAL G 15 -30.84 -58.64 -5.09
CA VAL G 15 -29.65 -59.07 -5.83
C VAL G 15 -28.48 -59.27 -4.89
N PHE G 16 -28.28 -58.34 -3.96
CA PHE G 16 -27.16 -58.46 -3.03
C PHE G 16 -27.43 -59.46 -1.91
N ASP G 17 -28.69 -59.62 -1.51
CA ASP G 17 -29.03 -60.67 -0.54
C ASP G 17 -28.79 -62.05 -1.15
N SER G 18 -29.05 -62.20 -2.45
CA SER G 18 -28.80 -63.48 -3.10
C SER G 18 -27.31 -63.76 -3.21
N CYS G 19 -26.52 -62.74 -3.56
CA CYS G 19 -25.07 -62.92 -3.65
C CYS G 19 -24.46 -63.27 -2.30
N ARG G 20 -24.93 -62.63 -1.23
CA ARG G 20 -24.42 -62.94 0.11
C ARG G 20 -24.82 -64.34 0.58
N ALA G 21 -25.89 -64.90 0.01
CA ALA G 21 -26.25 -66.28 0.32
C ALA G 21 -25.37 -67.28 -0.41
N ASN G 22 -24.83 -66.90 -1.57
CA ASN G 22 -23.93 -67.75 -2.34
C ASN G 22 -22.46 -67.42 -2.08
N ASN G 23 -22.17 -66.64 -1.03
CA ASN G 23 -20.80 -66.34 -0.61
C ASN G 23 -19.97 -65.72 -1.74
N ARG G 24 -20.57 -64.77 -2.45
CA ARG G 24 -19.93 -64.13 -3.57
C ARG G 24 -20.34 -62.66 -3.63
N ALA G 25 -19.65 -61.91 -4.46
CA ALA G 25 -20.02 -60.54 -4.76
C ALA G 25 -20.78 -60.49 -6.08
N ALA G 26 -21.53 -59.41 -6.25
CA ALA G 26 -22.25 -59.20 -7.50
C ALA G 26 -21.31 -58.65 -8.57
N LEU G 27 -21.56 -59.05 -9.81
CA LEU G 27 -20.81 -58.53 -10.96
C LEU G 27 -21.63 -57.45 -11.63
N ILE G 28 -21.14 -56.21 -11.57
CA ILE G 28 -21.83 -55.06 -12.11
C ILE G 28 -21.06 -54.59 -13.35
N GLY G 29 -21.74 -54.60 -14.50
CA GLY G 29 -21.09 -54.34 -15.77
C GLY G 29 -21.63 -53.10 -16.45
N TYR G 30 -20.73 -52.31 -17.04
CA TYR G 30 -21.05 -51.04 -17.67
C TYR G 30 -20.81 -51.11 -19.17
N LEU G 31 -21.76 -50.57 -19.93
CA LEU G 31 -21.65 -50.43 -21.38
C LEU G 31 -22.37 -49.15 -21.78
N PRO G 32 -21.81 -48.36 -22.69
CA PRO G 32 -22.49 -47.16 -23.15
C PRO G 32 -23.48 -47.46 -24.26
N THR G 33 -24.65 -46.83 -24.16
CA THR G 33 -25.67 -46.98 -25.19
C THR G 33 -25.18 -46.42 -26.52
N GLY G 34 -25.29 -47.21 -27.58
CA GLY G 34 -24.97 -46.74 -28.91
C GLY G 34 -23.54 -46.96 -29.37
N TYR G 35 -22.75 -47.73 -28.64
CA TYR G 35 -21.42 -48.08 -29.12
C TYR G 35 -21.36 -49.56 -29.45
N PRO G 36 -20.94 -49.95 -30.67
CA PRO G 36 -20.53 -49.08 -31.79
C PRO G 36 -21.72 -48.47 -32.54
N ASP G 37 -22.88 -49.09 -32.40
CA ASP G 37 -24.15 -48.48 -32.78
C ASP G 37 -25.20 -48.95 -31.79
N VAL G 38 -26.41 -48.40 -31.91
CA VAL G 38 -27.46 -48.69 -30.94
C VAL G 38 -27.87 -50.17 -30.99
N PRO G 39 -28.16 -50.76 -32.16
CA PRO G 39 -28.48 -52.19 -32.15
C PRO G 39 -27.36 -53.08 -31.65
N ALA G 40 -26.11 -52.77 -32.00
CA ALA G 40 -25.00 -53.60 -31.56
C ALA G 40 -24.82 -53.54 -30.05
N SER G 41 -25.06 -52.36 -29.45
CA SER G 41 -24.90 -52.24 -28.01
C SER G 41 -26.00 -52.97 -27.27
N VAL G 42 -27.21 -53.06 -27.84
CA VAL G 42 -28.26 -53.83 -27.22
C VAL G 42 -27.93 -55.32 -27.24
N ALA G 43 -27.41 -55.81 -28.36
CA ALA G 43 -26.94 -57.19 -28.40
C ALA G 43 -25.81 -57.42 -27.39
N ALA G 44 -24.98 -56.40 -27.17
CA ALA G 44 -23.87 -56.54 -26.23
C ALA G 44 -24.38 -56.57 -24.79
N MET G 45 -25.34 -55.71 -24.46
CA MET G 45 -25.88 -55.71 -23.11
C MET G 45 -26.65 -56.99 -22.83
N THR G 46 -27.37 -57.50 -23.84
CA THR G 46 -28.00 -58.80 -23.70
C THR G 46 -26.97 -59.88 -23.41
N ALA G 47 -25.80 -59.80 -24.06
CA ALA G 47 -24.77 -60.80 -23.83
C ALA G 47 -24.24 -60.74 -22.40
N LEU G 48 -24.24 -59.56 -21.79
CA LEU G 48 -23.80 -59.45 -20.41
C LEU G 48 -24.75 -60.21 -19.46
N VAL G 49 -26.06 -60.11 -19.72
CA VAL G 49 -27.03 -60.87 -18.92
C VAL G 49 -26.77 -62.37 -19.05
N GLU G 50 -26.56 -62.84 -20.29
CA GLU G 50 -26.37 -64.26 -20.54
C GLU G 50 -25.05 -64.77 -19.94
N SER G 51 -24.06 -63.90 -19.82
CA SER G 51 -22.73 -64.32 -19.39
C SER G 51 -22.53 -64.29 -17.88
N GLY G 52 -23.35 -63.53 -17.14
CA GLY G 52 -23.30 -63.60 -15.69
C GLY G 52 -23.30 -62.28 -14.96
N CYS G 53 -23.55 -61.18 -15.65
CA CYS G 53 -23.66 -59.88 -15.00
C CYS G 53 -24.91 -59.85 -14.13
N ASP G 54 -24.75 -59.57 -12.84
CA ASP G 54 -25.90 -59.49 -11.95
C ASP G 54 -26.62 -58.16 -12.10
N ILE G 55 -25.85 -57.07 -12.24
CA ILE G 55 -26.40 -55.74 -12.46
C ILE G 55 -25.68 -55.15 -13.66
N ILE G 56 -26.42 -54.44 -14.52
CA ILE G 56 -25.86 -53.82 -15.70
C ILE G 56 -26.03 -52.31 -15.59
N GLU G 57 -24.94 -51.58 -15.79
CA GLU G 57 -24.95 -50.12 -15.82
C GLU G 57 -25.06 -49.68 -17.28
N VAL G 58 -26.21 -49.11 -17.64
CA VAL G 58 -26.44 -48.61 -18.99
C VAL G 58 -26.05 -47.14 -19.00
N GLY G 59 -24.88 -46.84 -19.56
CA GLY G 59 -24.37 -45.48 -19.52
C GLY G 59 -24.99 -44.60 -20.60
N VAL G 60 -25.35 -43.38 -20.22
CA VAL G 60 -25.89 -42.39 -21.13
C VAL G 60 -24.71 -41.58 -21.69
N PRO G 61 -24.40 -41.69 -22.98
CA PRO G 61 -23.29 -40.91 -23.53
C PRO G 61 -23.55 -39.42 -23.37
N TYR G 62 -22.52 -38.70 -22.90
CA TYR G 62 -22.61 -37.27 -22.68
C TYR G 62 -21.47 -36.59 -23.43
N SER G 63 -21.72 -35.35 -23.85
CA SER G 63 -20.77 -34.66 -24.73
C SER G 63 -19.49 -34.24 -24.00
N ASP G 64 -19.59 -33.95 -22.70
CA ASP G 64 -18.44 -33.50 -21.91
C ASP G 64 -18.30 -34.37 -20.66
N PRO G 65 -17.89 -35.64 -20.82
CA PRO G 65 -17.79 -36.53 -19.66
C PRO G 65 -16.46 -36.44 -18.93
N GLY G 66 -16.40 -35.64 -17.87
CA GLY G 66 -15.14 -35.40 -17.19
C GLY G 66 -14.66 -36.52 -16.31
N MET G 67 -15.56 -37.41 -15.89
CA MET G 67 -15.19 -38.51 -15.00
C MET G 67 -14.79 -39.77 -15.74
N ASP G 68 -14.73 -39.74 -17.07
CA ASP G 68 -14.51 -40.94 -17.87
C ASP G 68 -13.08 -40.98 -18.40
N GLY G 69 -12.47 -42.16 -18.31
CA GLY G 69 -11.16 -42.40 -18.87
C GLY G 69 -11.22 -42.43 -20.38
N PRO G 70 -10.04 -42.50 -21.02
CA PRO G 70 -10.00 -42.38 -22.48
C PRO G 70 -10.76 -43.48 -23.23
N THR G 71 -10.81 -44.70 -22.68
CA THR G 71 -11.48 -45.78 -23.39
C THR G 71 -12.98 -45.51 -23.51
N ILE G 72 -13.63 -45.17 -22.40
CA ILE G 72 -15.06 -44.88 -22.43
C ILE G 72 -15.32 -43.52 -23.06
N ALA G 73 -14.34 -42.62 -23.01
CA ALA G 73 -14.52 -41.29 -23.61
C ALA G 73 -14.61 -41.37 -25.12
N ARG G 74 -13.72 -42.15 -25.75
CA ARG G 74 -13.77 -42.31 -27.20
C ARG G 74 -15.03 -43.05 -27.63
N ALA G 75 -15.51 -43.99 -26.80
CA ALA G 75 -16.67 -44.78 -27.19
C ALA G 75 -17.95 -43.95 -27.17
N THR G 76 -18.11 -43.09 -26.17
CA THR G 76 -19.30 -42.24 -26.12
C THR G 76 -19.27 -41.20 -27.23
N GLU G 77 -18.10 -40.67 -27.55
CA GLU G 77 -17.98 -39.77 -28.70
C GLU G 77 -18.42 -40.47 -29.98
N ALA G 78 -17.96 -41.70 -30.17
CA ALA G 78 -18.38 -42.48 -31.33
C ALA G 78 -19.88 -42.73 -31.31
N ALA G 79 -20.44 -43.03 -30.14
CA ALA G 79 -21.87 -43.24 -30.03
C ALA G 79 -22.65 -41.97 -30.36
N LEU G 80 -22.12 -40.81 -29.94
CA LEU G 80 -22.79 -39.54 -30.23
C LEU G 80 -22.66 -39.18 -31.70
N ARG G 81 -21.51 -39.47 -32.31
CA ARG G 81 -21.38 -39.25 -33.76
C ARG G 81 -22.38 -40.08 -34.54
N GLY G 82 -22.73 -41.27 -34.04
CA GLY G 82 -23.72 -42.12 -34.66
C GLY G 82 -25.15 -41.75 -34.39
N GLY G 83 -25.39 -40.69 -33.61
CA GLY G 83 -26.74 -40.21 -33.39
C GLY G 83 -27.49 -40.84 -32.24
N VAL G 84 -26.79 -41.26 -31.18
CA VAL G 84 -27.47 -41.89 -30.05
C VAL G 84 -28.31 -40.85 -29.32
N ARG G 85 -29.43 -41.30 -28.78
CA ARG G 85 -30.36 -40.44 -28.04
C ARG G 85 -30.48 -40.94 -26.60
N VAL G 86 -31.06 -40.09 -25.76
CA VAL G 86 -31.31 -40.49 -24.39
C VAL G 86 -32.38 -41.58 -24.35
N ARG G 87 -33.39 -41.47 -25.21
CA ARG G 87 -34.44 -42.49 -25.26
C ARG G 87 -33.90 -43.83 -25.73
N ASP G 88 -32.75 -43.87 -26.41
CA ASP G 88 -32.13 -45.14 -26.73
C ASP G 88 -31.64 -45.86 -25.48
N THR G 89 -31.26 -45.10 -24.45
CA THR G 89 -30.91 -45.72 -23.17
C THR G 89 -32.14 -46.32 -22.50
N LEU G 90 -33.26 -45.61 -22.52
CA LEU G 90 -34.50 -46.17 -21.98
C LEU G 90 -34.93 -47.42 -22.73
N ALA G 91 -34.62 -47.49 -24.03
CA ALA G 91 -34.94 -48.67 -24.80
C ALA G 91 -34.01 -49.83 -24.48
N ALA G 92 -32.74 -49.54 -24.17
CA ALA G 92 -31.81 -50.60 -23.76
C ALA G 92 -32.17 -51.16 -22.39
N VAL G 93 -32.64 -50.30 -21.49
CA VAL G 93 -33.11 -50.77 -20.19
C VAL G 93 -34.24 -51.78 -20.37
N GLU G 94 -35.18 -51.48 -21.26
CA GLU G 94 -36.30 -52.39 -21.48
C GLU G 94 -35.82 -53.73 -22.08
N ALA G 95 -34.85 -53.68 -23.00
CA ALA G 95 -34.34 -54.91 -23.59
C ALA G 95 -33.64 -55.78 -22.56
N ILE G 96 -32.91 -55.14 -21.63
CA ILE G 96 -32.22 -55.89 -20.58
C ILE G 96 -33.24 -56.52 -19.63
N SER G 97 -34.31 -55.79 -19.29
CA SER G 97 -35.31 -56.34 -18.39
C SER G 97 -36.04 -57.51 -19.03
N ILE G 98 -36.30 -57.45 -20.33
CA ILE G 98 -36.99 -58.54 -21.01
C ILE G 98 -36.10 -59.77 -21.11
N ALA G 99 -34.77 -59.57 -21.18
CA ALA G 99 -33.83 -60.68 -21.19
C ALA G 99 -33.56 -61.25 -19.80
N GLY G 100 -34.22 -60.74 -18.76
CA GLY G 100 -34.05 -61.24 -17.41
C GLY G 100 -33.02 -60.51 -16.58
N GLY G 101 -32.51 -59.37 -17.04
CA GLY G 101 -31.46 -58.67 -16.34
C GLY G 101 -31.97 -57.58 -15.41
N ARG G 102 -31.05 -57.08 -14.58
CA ARG G 102 -31.30 -55.94 -13.71
C ARG G 102 -30.45 -54.78 -14.23
N ALA G 103 -31.11 -53.69 -14.62
CA ALA G 103 -30.43 -52.56 -15.24
C ALA G 103 -30.56 -51.32 -14.39
N VAL G 104 -29.44 -50.62 -14.19
CA VAL G 104 -29.43 -49.27 -13.67
C VAL G 104 -28.80 -48.37 -14.73
N VAL G 105 -29.03 -47.06 -14.61
CA VAL G 105 -28.56 -46.09 -15.57
C VAL G 105 -27.52 -45.20 -14.91
N MET G 106 -26.36 -45.08 -15.55
CA MET G 106 -25.33 -44.13 -15.14
C MET G 106 -25.34 -42.95 -16.10
N THR G 107 -25.47 -41.74 -15.56
CA THR G 107 -25.62 -40.57 -16.41
C THR G 107 -25.14 -39.32 -15.68
N TYR G 108 -24.55 -38.40 -16.44
CA TYR G 108 -24.32 -37.06 -15.92
C TYR G 108 -25.65 -36.34 -15.78
N TRP G 109 -25.64 -35.29 -14.97
CA TRP G 109 -26.92 -34.75 -14.50
C TRP G 109 -27.63 -33.89 -15.52
N ASN G 110 -26.90 -33.26 -16.44
CA ASN G 110 -27.56 -32.31 -17.33
C ASN G 110 -28.56 -32.95 -18.28
N PRO G 111 -28.28 -34.12 -18.88
CA PRO G 111 -29.33 -34.79 -19.66
C PRO G 111 -30.58 -35.09 -18.84
N VAL G 112 -30.42 -35.41 -17.56
CA VAL G 112 -31.59 -35.62 -16.71
C VAL G 112 -32.35 -34.32 -16.50
N LEU G 113 -31.64 -33.23 -16.22
CA LEU G 113 -32.27 -31.93 -16.05
C LEU G 113 -33.05 -31.53 -17.31
N ARG G 114 -32.40 -31.64 -18.48
CA ARG G 114 -33.07 -31.27 -19.72
C ARG G 114 -34.28 -32.14 -19.98
N TYR G 115 -34.18 -33.43 -19.66
CA TYR G 115 -35.32 -34.33 -19.82
C TYR G 115 -36.42 -34.02 -18.83
N GLY G 116 -36.05 -33.50 -17.66
CA GLY G 116 -36.98 -33.38 -16.54
C GLY G 116 -36.75 -34.48 -15.53
N VAL G 117 -36.40 -34.10 -14.29
CA VAL G 117 -36.00 -35.09 -13.28
C VAL G 117 -37.16 -36.04 -12.98
N ASP G 118 -38.35 -35.49 -12.74
CA ASP G 118 -39.50 -36.34 -12.45
C ASP G 118 -39.89 -37.17 -13.65
N ALA G 119 -39.92 -36.57 -14.84
CA ALA G 119 -40.33 -37.30 -16.03
C ALA G 119 -39.33 -38.40 -16.38
N PHE G 120 -38.05 -38.15 -16.15
CA PHE G 120 -37.05 -39.18 -16.41
C PHE G 120 -37.23 -40.35 -15.44
N ALA G 121 -37.44 -40.05 -14.16
CA ALA G 121 -37.66 -41.12 -13.17
C ALA G 121 -38.86 -41.98 -13.56
N ARG G 122 -39.91 -41.36 -14.09
CA ARG G 122 -41.09 -42.13 -14.48
C ARG G 122 -40.80 -43.00 -15.70
N ASP G 123 -40.14 -42.44 -16.71
CA ASP G 123 -39.82 -43.22 -17.91
C ASP G 123 -38.80 -44.30 -17.59
N LEU G 124 -37.85 -44.02 -16.70
CA LEU G 124 -36.90 -45.05 -16.29
C LEU G 124 -37.61 -46.18 -15.54
N ALA G 125 -38.55 -45.83 -14.65
CA ALA G 125 -39.29 -46.85 -13.93
C ALA G 125 -40.18 -47.65 -14.86
N ALA G 126 -40.74 -47.00 -15.88
CA ALA G 126 -41.60 -47.70 -16.83
C ALA G 126 -40.80 -48.61 -17.74
N ALA G 127 -39.53 -48.30 -17.99
CA ALA G 127 -38.68 -49.14 -18.81
C ALA G 127 -38.19 -50.38 -18.09
N GLY G 128 -38.50 -50.51 -16.79
CA GLY G 128 -37.98 -51.60 -15.98
C GLY G 128 -36.71 -51.28 -15.23
N GLY G 129 -36.23 -50.05 -15.30
CA GLY G 129 -34.99 -49.71 -14.63
C GLY G 129 -35.13 -49.71 -13.13
N LEU G 130 -34.03 -50.04 -12.45
CA LEU G 130 -34.04 -50.21 -11.01
C LEU G 130 -33.37 -49.07 -10.26
N GLY G 131 -32.57 -48.25 -10.92
CA GLY G 131 -31.85 -47.21 -10.21
C GLY G 131 -31.04 -46.35 -11.14
N LEU G 132 -30.47 -45.31 -10.56
CA LEU G 132 -29.72 -44.29 -11.29
C LEU G 132 -28.42 -44.03 -10.56
N ILE G 133 -27.31 -44.09 -11.29
CA ILE G 133 -25.99 -43.76 -10.76
C ILE G 133 -25.62 -42.37 -11.24
N THR G 134 -25.29 -41.48 -10.31
CA THR G 134 -25.12 -40.05 -10.59
C THR G 134 -23.71 -39.61 -10.19
N PRO G 135 -22.74 -39.69 -11.12
CA PRO G 135 -21.35 -39.39 -10.77
C PRO G 135 -21.04 -37.91 -10.57
N ASP G 136 -21.78 -37.00 -11.20
CA ASP G 136 -21.53 -35.56 -11.02
C ASP G 136 -22.65 -34.87 -10.25
N LEU G 137 -23.46 -35.65 -9.53
CA LEU G 137 -24.52 -35.12 -8.68
C LEU G 137 -24.21 -35.55 -7.25
N ILE G 138 -23.89 -34.58 -6.40
CA ILE G 138 -23.71 -34.86 -4.97
C ILE G 138 -25.07 -34.70 -4.30
N PRO G 139 -25.30 -35.32 -3.15
CA PRO G 139 -26.62 -35.19 -2.51
C PRO G 139 -26.99 -33.76 -2.14
N ASP G 140 -26.02 -32.84 -2.10
CA ASP G 140 -26.31 -31.45 -1.79
C ASP G 140 -27.24 -30.83 -2.83
N GLU G 141 -27.16 -31.27 -4.09
CA GLU G 141 -27.93 -30.71 -5.18
C GLU G 141 -29.09 -31.60 -5.61
N ALA G 142 -29.36 -32.68 -4.88
CA ALA G 142 -30.26 -33.72 -5.35
C ALA G 142 -31.64 -33.67 -4.71
N GLN G 143 -32.14 -32.47 -4.37
CA GLN G 143 -33.46 -32.37 -3.77
C GLN G 143 -34.53 -32.95 -4.71
N GLN G 144 -34.54 -32.50 -5.97
CA GLN G 144 -35.50 -33.02 -6.93
C GLN G 144 -35.36 -34.52 -7.10
N TRP G 145 -34.11 -35.02 -7.11
CA TRP G 145 -33.88 -36.43 -7.38
C TRP G 145 -34.28 -37.30 -6.19
N LEU G 146 -33.95 -36.87 -4.96
CA LEU G 146 -34.38 -37.63 -3.79
C LEU G 146 -35.89 -37.76 -3.72
N ALA G 147 -36.62 -36.74 -4.18
CA ALA G 147 -38.07 -36.81 -4.17
C ALA G 147 -38.58 -37.81 -5.21
N ALA G 148 -38.04 -37.76 -6.44
CA ALA G 148 -38.47 -38.69 -7.47
C ALA G 148 -38.04 -40.11 -7.15
N SER G 149 -36.86 -40.29 -6.53
CA SER G 149 -36.38 -41.62 -6.18
C SER G 149 -37.33 -42.32 -5.21
N GLU G 150 -37.80 -41.60 -4.19
CA GLU G 150 -38.76 -42.18 -3.26
C GLU G 150 -40.13 -42.36 -3.90
N GLU G 151 -40.53 -41.43 -4.76
CA GLU G 151 -41.90 -41.45 -5.28
C GLU G 151 -42.09 -42.55 -6.32
N HIS G 152 -41.08 -42.79 -7.17
CA HIS G 152 -41.20 -43.75 -8.25
C HIS G 152 -40.37 -45.00 -8.01
N ARG G 153 -39.98 -45.25 -6.75
CA ARG G 153 -39.36 -46.51 -6.31
C ARG G 153 -38.12 -46.86 -7.12
N LEU G 154 -37.15 -45.94 -7.10
CA LEU G 154 -35.89 -46.13 -7.80
C LEU G 154 -34.73 -46.02 -6.81
N ASP G 155 -33.68 -46.78 -7.08
CA ASP G 155 -32.49 -46.71 -6.25
C ASP G 155 -31.60 -45.56 -6.70
N ARG G 156 -30.88 -44.98 -5.74
CA ARG G 156 -30.01 -43.84 -6.00
C ARG G 156 -28.61 -44.19 -5.52
N ILE G 157 -27.69 -44.37 -6.47
CA ILE G 157 -26.32 -44.75 -6.18
C ILE G 157 -25.45 -43.49 -6.29
N PHE G 158 -24.96 -43.01 -5.16
CA PHE G 158 -23.99 -41.92 -5.12
C PHE G 158 -22.58 -42.50 -5.01
N LEU G 159 -21.60 -41.65 -5.28
CA LEU G 159 -20.20 -42.06 -5.25
C LEU G 159 -19.49 -41.48 -4.03
N VAL G 160 -18.55 -42.26 -3.50
CA VAL G 160 -17.63 -41.80 -2.47
C VAL G 160 -16.21 -42.01 -2.99
N ALA G 161 -15.31 -41.15 -2.56
CA ALA G 161 -13.92 -41.17 -2.98
C ALA G 161 -13.02 -41.42 -1.78
N PRO G 162 -11.77 -41.84 -2.01
CA PRO G 162 -10.81 -41.92 -0.89
C PRO G 162 -10.61 -40.60 -0.17
N SER G 163 -10.89 -39.47 -0.81
CA SER G 163 -10.71 -38.16 -0.21
C SER G 163 -11.93 -37.66 0.54
N SER G 164 -13.04 -38.41 0.52
CA SER G 164 -14.27 -37.98 1.18
C SER G 164 -14.02 -37.77 2.67
N THR G 165 -14.40 -36.59 3.16
CA THR G 165 -14.29 -36.29 4.57
C THR G 165 -15.26 -37.17 5.37
N PRO G 166 -14.97 -37.40 6.65
CA PRO G 166 -15.89 -38.23 7.46
C PRO G 166 -17.32 -37.72 7.45
N GLU G 167 -17.52 -36.40 7.49
CA GLU G 167 -18.88 -35.86 7.50
C GLU G 167 -19.58 -36.11 6.17
N ARG G 168 -18.85 -35.96 5.05
CA ARG G 168 -19.46 -36.14 3.74
C ARG G 168 -19.61 -37.61 3.37
N LEU G 169 -18.74 -38.48 3.90
CA LEU G 169 -18.94 -39.91 3.67
C LEU G 169 -20.22 -40.39 4.35
N ALA G 170 -20.51 -39.89 5.55
CA ALA G 170 -21.73 -40.29 6.24
C ALA G 170 -22.97 -39.78 5.52
N ALA G 171 -22.96 -38.52 5.07
CA ALA G 171 -24.13 -37.96 4.41
C ALA G 171 -24.36 -38.58 3.03
N THR G 172 -23.29 -38.98 2.36
CA THR G 172 -23.45 -39.62 1.05
C THR G 172 -23.98 -41.03 1.21
N VAL G 173 -23.53 -41.75 2.23
CA VAL G 173 -24.02 -43.10 2.48
C VAL G 173 -25.49 -43.08 2.88
N GLU G 174 -25.84 -42.21 3.84
CA GLU G 174 -27.23 -42.07 4.27
C GLU G 174 -28.16 -41.76 3.10
N ALA G 175 -27.67 -41.02 2.11
CA ALA G 175 -28.50 -40.61 0.99
C ALA G 175 -28.72 -41.71 -0.03
N SER G 176 -27.91 -42.77 -0.03
CA SER G 176 -27.95 -43.77 -1.08
C SER G 176 -28.93 -44.89 -0.76
N ARG G 177 -29.52 -45.45 -1.82
CA ARG G 177 -30.35 -46.64 -1.75
C ARG G 177 -29.87 -47.61 -2.82
N GLY G 178 -29.78 -48.89 -2.47
CA GLY G 178 -29.28 -49.88 -3.40
C GLY G 178 -27.84 -50.25 -3.10
N PHE G 179 -26.90 -49.43 -3.54
CA PHE G 179 -25.50 -49.61 -3.15
C PHE G 179 -24.77 -48.29 -3.30
N VAL G 180 -23.65 -48.19 -2.59
CA VAL G 180 -22.77 -47.03 -2.66
C VAL G 180 -21.62 -47.35 -3.60
N TYR G 181 -21.32 -46.43 -4.50
CA TYR G 181 -20.25 -46.62 -5.48
C TYR G 181 -18.96 -46.04 -4.92
N ALA G 182 -17.97 -46.90 -4.69
CA ALA G 182 -16.67 -46.47 -4.19
C ALA G 182 -15.69 -46.43 -5.36
N ALA G 183 -15.44 -45.23 -5.86
CA ALA G 183 -14.58 -45.02 -7.02
C ALA G 183 -13.16 -44.66 -6.58
N SER G 184 -12.19 -45.02 -7.42
CA SER G 184 -10.78 -44.72 -7.14
C SER G 184 -10.04 -44.36 -8.41
N SER G 196 -2.86 -47.54 -3.56
CA SER G 196 -2.81 -48.99 -3.76
C SER G 196 -3.68 -49.70 -2.73
N GLN G 197 -3.85 -49.05 -1.58
CA GLN G 197 -4.70 -49.55 -0.51
C GLN G 197 -5.96 -48.70 -0.33
N ALA G 198 -6.26 -47.85 -1.30
CA ALA G 198 -7.36 -46.89 -1.14
C ALA G 198 -8.70 -47.60 -1.06
N ALA G 199 -8.96 -48.54 -1.97
CA ALA G 199 -10.28 -49.15 -2.05
C ALA G 199 -10.70 -49.88 -0.77
N PRO G 200 -9.90 -50.81 -0.20
CA PRO G 200 -10.39 -51.51 0.99
C PRO G 200 -10.58 -50.61 2.21
N GLU G 201 -9.72 -49.61 2.39
CA GLU G 201 -9.91 -48.67 3.50
C GLU G 201 -11.20 -47.89 3.34
N LEU G 202 -11.52 -47.50 2.10
CA LEU G 202 -12.75 -46.75 1.84
C LEU G 202 -13.99 -47.58 2.17
N VAL G 203 -14.00 -48.84 1.71
CA VAL G 203 -15.10 -49.73 2.05
C VAL G 203 -15.18 -49.93 3.57
N GLY G 204 -14.02 -49.95 4.24
CA GLY G 204 -14.04 -50.04 5.68
C GLY G 204 -14.71 -48.85 6.33
N ARG G 205 -14.47 -47.65 5.80
CA ARG G 205 -15.09 -46.44 6.35
C ARG G 205 -16.58 -46.41 6.07
N VAL G 206 -17.02 -46.99 4.96
CA VAL G 206 -18.46 -47.03 4.68
C VAL G 206 -19.15 -48.07 5.56
N LYS G 207 -18.56 -49.25 5.70
CA LYS G 207 -19.18 -50.29 6.50
C LYS G 207 -19.15 -49.99 8.00
N ALA G 208 -18.37 -48.98 8.41
CA ALA G 208 -18.38 -48.53 9.80
C ALA G 208 -19.57 -47.65 10.13
N VAL G 209 -20.36 -47.25 9.14
CA VAL G 209 -21.47 -46.34 9.37
C VAL G 209 -22.78 -46.88 8.81
N SER G 210 -22.71 -47.95 8.02
CA SER G 210 -23.91 -48.46 7.37
C SER G 210 -23.68 -49.86 6.85
N ASP G 211 -24.75 -50.65 6.82
CA ASP G 211 -24.74 -51.99 6.27
C ASP G 211 -25.06 -52.01 4.78
N ILE G 212 -25.05 -50.86 4.12
CA ILE G 212 -25.45 -50.77 2.71
C ILE G 212 -24.45 -51.54 1.85
N PRO G 213 -24.88 -52.21 0.78
CA PRO G 213 -23.91 -52.81 -0.13
C PRO G 213 -23.00 -51.77 -0.74
N VAL G 214 -21.75 -52.16 -1.01
CA VAL G 214 -20.74 -51.26 -1.53
C VAL G 214 -20.15 -51.87 -2.80
N GLY G 215 -20.22 -51.13 -3.89
CA GLY G 215 -19.56 -51.51 -5.13
C GLY G 215 -18.23 -50.79 -5.26
N VAL G 216 -17.25 -51.47 -5.86
CA VAL G 216 -15.90 -50.93 -6.02
C VAL G 216 -15.54 -50.97 -7.49
N GLY G 217 -15.21 -49.82 -8.05
CA GLY G 217 -14.64 -49.71 -9.38
C GLY G 217 -13.17 -49.37 -9.27
N LEU G 218 -12.34 -50.15 -9.99
CA LEU G 218 -10.90 -50.01 -9.83
C LEU G 218 -10.13 -50.24 -11.12
N GLY G 219 -10.79 -50.18 -12.28
CA GLY G 219 -10.14 -50.54 -13.52
C GLY G 219 -9.90 -52.03 -13.65
N VAL G 220 -10.91 -52.84 -13.29
CA VAL G 220 -10.75 -54.29 -13.27
C VAL G 220 -10.57 -54.80 -14.70
N ARG G 221 -9.62 -55.73 -14.87
CA ARG G 221 -9.33 -56.30 -16.18
C ARG G 221 -9.24 -57.82 -16.19
N SER G 222 -9.04 -58.47 -15.05
CA SER G 222 -8.78 -59.91 -15.01
C SER G 222 -9.67 -60.58 -13.99
N ARG G 223 -9.69 -61.92 -14.05
CA ARG G 223 -10.39 -62.70 -13.04
C ARG G 223 -9.79 -62.47 -11.66
N ALA G 224 -8.46 -62.40 -11.58
CA ALA G 224 -7.79 -62.23 -10.29
C ALA G 224 -8.16 -60.89 -9.65
N GLN G 225 -8.14 -59.81 -10.43
CA GLN G 225 -8.51 -58.50 -9.89
C GLN G 225 -9.94 -58.50 -9.37
N ALA G 226 -10.86 -59.12 -10.10
CA ALA G 226 -12.23 -59.24 -9.61
C ALA G 226 -12.27 -60.05 -8.32
N ALA G 227 -11.46 -61.11 -8.24
CA ALA G 227 -11.44 -61.94 -7.04
C ALA G 227 -10.91 -61.17 -5.84
N GLN G 228 -9.91 -60.29 -6.06
CA GLN G 228 -9.35 -59.53 -4.95
C GLN G 228 -10.38 -58.60 -4.34
N ILE G 229 -11.10 -57.85 -5.20
CA ILE G 229 -12.10 -56.90 -4.73
C ILE G 229 -13.26 -57.61 -4.05
N ALA G 230 -13.53 -58.87 -4.43
CA ALA G 230 -14.65 -59.60 -3.88
C ALA G 230 -14.44 -60.03 -2.44
N GLN G 231 -13.21 -59.97 -1.93
CA GLN G 231 -12.96 -60.32 -0.54
C GLN G 231 -13.48 -59.28 0.45
N TYR G 232 -13.67 -58.04 0.01
CA TYR G 232 -14.12 -56.97 0.90
C TYR G 232 -15.30 -56.16 0.39
N ALA G 233 -15.54 -56.11 -0.92
CA ALA G 233 -16.66 -55.35 -1.47
C ALA G 233 -17.84 -56.28 -1.76
N ASP G 234 -19.03 -55.68 -1.78
CA ASP G 234 -20.26 -56.41 -2.06
C ASP G 234 -20.57 -56.48 -3.55
N GLY G 235 -19.91 -55.66 -4.37
CA GLY G 235 -20.09 -55.70 -5.81
C GLY G 235 -18.86 -55.21 -6.53
N VAL G 236 -18.51 -55.85 -7.64
CA VAL G 236 -17.34 -55.50 -8.44
C VAL G 236 -17.83 -54.80 -9.70
N ILE G 237 -17.37 -53.57 -9.91
CA ILE G 237 -17.79 -52.74 -11.04
C ILE G 237 -16.71 -52.78 -12.09
N VAL G 238 -17.08 -53.18 -13.31
CA VAL G 238 -16.16 -53.27 -14.44
C VAL G 238 -16.77 -52.49 -15.60
N GLY G 239 -16.04 -51.50 -16.10
CA GLY G 239 -16.52 -50.67 -17.18
C GLY G 239 -15.58 -50.62 -18.38
N SER G 240 -14.38 -50.06 -18.20
CA SER G 240 -13.47 -49.86 -19.32
C SER G 240 -13.08 -51.19 -19.97
N ALA G 241 -13.00 -52.26 -19.19
CA ALA G 241 -12.61 -53.54 -19.75
C ALA G 241 -13.69 -54.13 -20.66
N LEU G 242 -14.96 -53.88 -20.34
CA LEU G 242 -16.05 -54.40 -21.17
C LEU G 242 -16.14 -53.64 -22.49
N VAL G 243 -15.87 -52.33 -22.47
CA VAL G 243 -15.86 -51.55 -23.71
C VAL G 243 -14.71 -52.00 -24.61
N THR G 244 -13.57 -52.35 -24.01
CA THR G 244 -12.44 -52.82 -24.79
C THR G 244 -12.72 -54.18 -25.42
N ALA G 245 -13.27 -55.10 -24.62
CA ALA G 245 -13.58 -56.43 -25.13
C ALA G 245 -14.63 -56.39 -26.24
N LEU G 246 -15.57 -55.43 -26.15
CA LEU G 246 -16.56 -55.29 -27.20
C LEU G 246 -15.96 -54.75 -28.48
N THR G 247 -14.93 -53.90 -28.37
CA THR G 247 -14.23 -53.41 -29.55
C THR G 247 -13.59 -54.57 -30.32
N GLU G 248 -13.12 -55.60 -29.60
CA GLU G 248 -12.61 -56.77 -30.28
C GLU G 248 -13.73 -57.61 -30.89
N GLY G 249 -14.91 -57.60 -30.27
CA GLY G 249 -16.06 -58.30 -30.80
C GLY G 249 -16.87 -58.94 -29.68
N LEU G 250 -18.12 -59.29 -30.00
CA LEU G 250 -18.99 -59.95 -29.03
C LEU G 250 -18.39 -61.20 -28.42
N PRO G 251 -17.74 -62.11 -29.15
CA PRO G 251 -17.17 -63.30 -28.49
C PRO G 251 -16.15 -62.96 -27.41
N ARG G 252 -15.33 -61.92 -27.61
CA ARG G 252 -14.40 -61.52 -26.56
C ARG G 252 -15.15 -61.00 -25.34
N LEU G 253 -16.27 -60.30 -25.56
CA LEU G 253 -17.07 -59.81 -24.44
C LEU G 253 -17.64 -60.96 -23.61
N ARG G 254 -18.16 -61.98 -24.28
N ARG G 254 -18.16 -61.98 -24.28
CA ARG G 254 -18.71 -63.13 -23.55
CA ARG G 254 -18.71 -63.14 -23.56
C ARG G 254 -17.62 -63.86 -22.78
C ARG G 254 -17.63 -63.86 -22.78
N ALA G 255 -16.42 -63.95 -23.34
CA ALA G 255 -15.34 -64.66 -22.66
C ALA G 255 -14.88 -63.88 -21.43
N LEU G 256 -14.61 -62.59 -21.59
CA LEU G 256 -14.14 -61.79 -20.45
C LEU G 256 -15.17 -61.77 -19.34
N THR G 257 -16.45 -61.62 -19.68
CA THR G 257 -17.49 -61.61 -18.66
C THR G 257 -17.56 -62.94 -17.92
N GLY G 258 -17.29 -64.04 -18.62
CA GLY G 258 -17.25 -65.34 -17.96
C GLY G 258 -16.10 -65.43 -16.96
N GLU G 259 -14.93 -64.90 -17.33
CA GLU G 259 -13.80 -64.92 -16.42
C GLU G 259 -14.02 -64.00 -15.22
N LEU G 260 -14.77 -62.91 -15.42
CA LEU G 260 -15.06 -62.02 -14.30
C LEU G 260 -16.14 -62.60 -13.39
N ALA G 261 -17.13 -63.28 -13.97
CA ALA G 261 -18.17 -63.88 -13.15
C ALA G 261 -17.62 -65.01 -12.30
N ALA G 262 -16.58 -65.69 -12.77
CA ALA G 262 -15.94 -66.70 -11.94
C ALA G 262 -15.10 -66.07 -10.85
N GLY G 263 -14.50 -64.90 -11.12
CA GLY G 263 -13.64 -64.27 -10.13
C GLY G 263 -14.39 -63.78 -8.92
N VAL G 264 -15.61 -63.28 -9.11
CA VAL G 264 -16.41 -62.77 -8.01
C VAL G 264 -16.93 -63.85 -7.08
N ARG G 265 -16.75 -65.12 -7.43
CA ARG G 265 -17.19 -66.23 -6.59
C ARG G 265 -16.07 -66.83 -5.76
N LEU G 266 -14.83 -66.41 -5.98
CA LEU G 266 -13.70 -66.93 -5.21
C LEU G 266 -13.74 -66.40 -3.78
N GLY G 267 -12.86 -66.95 -2.94
CA GLY G 267 -12.77 -66.56 -1.55
C GLY G 267 -13.53 -67.48 -0.62
N ILE H 5 -10.45 -2.93 2.78
CA ILE H 5 -11.63 -3.18 3.60
C ILE H 5 -12.55 -4.19 2.91
N ALA H 6 -13.17 -5.07 3.70
CA ALA H 6 -14.05 -6.09 3.15
C ALA H 6 -15.36 -5.46 2.68
N GLU H 7 -15.71 -5.68 1.42
CA GLU H 7 -16.93 -5.12 0.86
C GLU H 7 -18.15 -5.89 1.37
N PRO H 8 -19.32 -5.25 1.44
CA PRO H 8 -20.51 -5.95 1.94
C PRO H 8 -20.85 -7.18 1.11
N THR H 9 -21.38 -8.18 1.79
CA THR H 9 -21.77 -9.45 1.18
C THR H 9 -23.27 -9.49 0.90
N SER H 10 -23.78 -8.46 0.23
CA SER H 10 -25.22 -8.33 0.06
C SER H 10 -25.75 -9.19 -1.08
N HIS H 11 -25.05 -9.22 -2.21
CA HIS H 11 -25.48 -9.97 -3.39
C HIS H 11 -24.94 -11.39 -3.41
N ASP H 12 -24.26 -11.82 -2.35
CA ASP H 12 -23.59 -13.11 -2.33
C ASP H 12 -24.62 -14.25 -2.32
N PRO H 13 -24.20 -15.45 -2.70
CA PRO H 13 -25.08 -16.63 -2.61
C PRO H 13 -25.09 -17.18 -1.19
N ASP H 14 -25.86 -18.24 -1.00
CA ASP H 14 -25.91 -18.91 0.30
C ASP H 14 -24.66 -19.75 0.49
N SER H 15 -24.62 -20.53 1.57
CA SER H 15 -23.45 -21.36 1.85
C SER H 15 -23.23 -22.42 0.77
N GLY H 16 -24.30 -22.84 0.09
CA GLY H 16 -24.18 -23.79 -1.00
C GLY H 16 -23.83 -23.19 -2.35
N GLY H 17 -23.68 -21.86 -2.43
CA GLY H 17 -23.33 -21.23 -3.67
C GLY H 17 -24.48 -20.94 -4.61
N HIS H 18 -25.69 -20.77 -4.08
CA HIS H 18 -26.88 -20.59 -4.89
C HIS H 18 -27.35 -19.14 -4.83
N PHE H 19 -27.59 -18.55 -6.00
CA PHE H 19 -28.13 -17.20 -6.13
C PHE H 19 -29.65 -17.27 -6.31
N GLY H 20 -30.37 -16.44 -5.57
CA GLY H 20 -31.80 -16.28 -5.77
C GLY H 20 -32.68 -17.47 -5.44
N GLY H 21 -32.47 -18.09 -4.29
CA GLY H 21 -33.23 -19.25 -3.90
C GLY H 21 -32.33 -20.40 -3.48
N PRO H 22 -32.81 -21.24 -2.57
CA PRO H 22 -31.98 -22.37 -2.09
C PRO H 22 -31.67 -23.42 -3.16
N SER H 23 -32.32 -23.37 -4.32
CA SER H 23 -32.00 -24.27 -5.44
C SER H 23 -32.03 -23.50 -6.75
N GLY H 24 -31.47 -22.29 -6.75
CA GLY H 24 -31.39 -21.49 -7.95
C GLY H 24 -30.08 -21.66 -8.68
N TRP H 25 -29.50 -20.56 -9.12
CA TRP H 25 -28.31 -20.61 -9.96
C TRP H 25 -27.05 -20.85 -9.12
N GLY H 26 -26.07 -21.48 -9.74
CA GLY H 26 -24.78 -21.73 -9.10
C GLY H 26 -24.71 -23.12 -8.50
N GLY H 27 -24.31 -23.20 -7.25
CA GLY H 27 -24.21 -24.48 -6.58
C GLY H 27 -22.92 -25.19 -6.93
N ARG H 28 -22.96 -26.52 -6.79
CA ARG H 28 -21.77 -27.36 -7.01
C ARG H 28 -22.23 -28.61 -7.76
N TYR H 29 -22.05 -28.61 -9.07
CA TYR H 29 -22.30 -29.80 -9.87
C TYR H 29 -20.97 -30.45 -10.23
N VAL H 30 -20.38 -31.05 -9.20
CA VAL H 30 -19.04 -31.66 -9.30
C VAL H 30 -19.12 -33.05 -8.68
N PRO H 31 -18.20 -33.94 -9.05
CA PRO H 31 -18.17 -35.26 -8.40
C PRO H 31 -17.72 -35.16 -6.95
N GLU H 32 -18.04 -36.20 -6.18
CA GLU H 32 -17.63 -36.25 -4.79
C GLU H 32 -16.11 -36.24 -4.64
N ALA H 33 -15.40 -36.74 -5.65
CA ALA H 33 -13.94 -36.81 -5.58
C ALA H 33 -13.30 -35.43 -5.52
N LEU H 34 -14.02 -34.36 -5.87
CA LEU H 34 -13.49 -33.01 -5.78
C LEU H 34 -13.98 -32.25 -4.57
N MET H 35 -14.97 -32.78 -3.84
CA MET H 35 -15.59 -32.00 -2.78
C MET H 35 -14.63 -31.68 -1.64
N ALA H 36 -13.61 -32.51 -1.44
CA ALA H 36 -12.66 -32.24 -0.37
C ALA H 36 -11.87 -30.96 -0.65
N VAL H 37 -11.26 -30.86 -1.83
CA VAL H 37 -10.44 -29.69 -2.12
C VAL H 37 -11.32 -28.47 -2.39
N ILE H 38 -12.54 -28.68 -2.86
CA ILE H 38 -13.42 -27.53 -3.07
C ILE H 38 -13.85 -26.95 -1.73
N GLU H 39 -14.18 -27.80 -0.76
CA GLU H 39 -14.46 -27.30 0.59
C GLU H 39 -13.22 -26.69 1.22
N GLU H 40 -12.05 -27.23 0.92
CA GLU H 40 -10.80 -26.65 1.43
C GLU H 40 -10.56 -25.26 0.84
N VAL H 41 -10.87 -25.07 -0.45
CA VAL H 41 -10.70 -23.76 -1.07
C VAL H 41 -11.75 -22.79 -0.55
N THR H 42 -12.98 -23.28 -0.33
CA THR H 42 -14.03 -22.42 0.21
C THR H 42 -13.64 -21.92 1.60
N ALA H 43 -13.21 -22.84 2.48
CA ALA H 43 -12.83 -22.43 3.83
C ALA H 43 -11.66 -21.46 3.81
N ALA H 44 -10.66 -21.72 2.97
CA ALA H 44 -9.51 -20.82 2.88
C ALA H 44 -9.92 -19.45 2.37
N TYR H 45 -10.88 -19.39 1.45
CA TYR H 45 -11.30 -18.10 0.91
C TYR H 45 -12.17 -17.34 1.90
N GLN H 46 -13.05 -18.04 2.63
CA GLN H 46 -13.85 -17.36 3.65
C GLN H 46 -12.95 -16.73 4.71
N LYS H 47 -11.81 -17.33 4.99
CA LYS H 47 -10.91 -16.85 6.04
C LYS H 47 -10.05 -15.69 5.55
N GLU H 48 -9.62 -15.73 4.29
CA GLU H 48 -8.73 -14.71 3.76
C GLU H 48 -9.46 -13.50 3.20
N ARG H 49 -10.72 -13.64 2.79
CA ARG H 49 -11.46 -12.51 2.24
C ARG H 49 -11.74 -11.44 3.30
N VAL H 50 -11.67 -11.79 4.58
CA VAL H 50 -11.79 -10.84 5.67
C VAL H 50 -10.45 -10.51 6.30
N SER H 51 -9.37 -11.16 5.89
CA SER H 51 -8.05 -10.91 6.45
C SER H 51 -7.50 -9.61 5.87
N GLN H 52 -7.45 -8.57 6.72
CA GLN H 52 -6.90 -7.30 6.26
C GLN H 52 -5.47 -7.45 5.78
N ASP H 53 -4.73 -8.43 6.31
CA ASP H 53 -3.37 -8.64 5.85
C ASP H 53 -3.33 -9.31 4.48
N PHE H 54 -4.28 -10.19 4.18
CA PHE H 54 -4.39 -10.73 2.84
C PHE H 54 -4.75 -9.65 1.84
N LEU H 55 -5.60 -8.70 2.24
CA LEU H 55 -5.99 -7.64 1.31
C LEU H 55 -4.87 -6.64 1.11
N ASP H 56 -4.06 -6.40 2.15
CA ASP H 56 -2.87 -5.57 1.97
C ASP H 56 -1.92 -6.20 0.97
N ASP H 57 -1.73 -7.53 1.03
CA ASP H 57 -0.87 -8.20 0.08
C ASP H 57 -1.41 -8.06 -1.34
N LEU H 58 -2.71 -8.27 -1.51
CA LEU H 58 -3.31 -8.16 -2.83
C LEU H 58 -3.27 -6.72 -3.34
N ASP H 59 -3.56 -5.75 -2.47
CA ASP H 59 -3.52 -4.35 -2.89
C ASP H 59 -2.11 -3.93 -3.28
N ARG H 60 -1.12 -4.34 -2.48
CA ARG H 60 0.26 -3.94 -2.74
C ARG H 60 0.76 -4.45 -4.08
N LEU H 61 0.30 -5.63 -4.49
CA LEU H 61 0.68 -6.16 -5.80
C LEU H 61 -0.06 -5.45 -6.93
N GLN H 62 -1.35 -5.17 -6.74
N GLN H 62 -1.35 -5.17 -6.75
CA GLN H 62 -2.11 -4.48 -7.78
CA GLN H 62 -2.10 -4.47 -7.79
C GLN H 62 -1.54 -3.09 -8.05
C GLN H 62 -1.53 -3.08 -8.05
N ALA H 63 -1.05 -2.41 -7.00
CA ALA H 63 -0.53 -1.06 -7.17
C ALA H 63 0.84 -1.07 -7.83
N ASN H 64 1.81 -1.77 -7.22
CA ASN H 64 3.21 -1.68 -7.64
C ASN H 64 3.59 -2.65 -8.74
N TYR H 65 2.86 -3.76 -8.89
CA TYR H 65 3.19 -4.78 -9.87
C TYR H 65 2.25 -4.77 -11.06
N ALA H 66 0.94 -4.71 -10.81
CA ALA H 66 -0.02 -4.72 -11.90
C ALA H 66 -0.24 -3.32 -12.49
N GLY H 67 0.14 -2.28 -11.76
CA GLY H 67 -0.02 -0.92 -12.25
C GLY H 67 -1.37 -0.29 -12.02
N ARG H 68 -2.17 -0.80 -11.08
CA ARG H 68 -3.43 -0.18 -10.75
C ARG H 68 -3.19 1.15 -10.05
N PRO H 69 -4.18 2.07 -10.08
CA PRO H 69 -5.45 1.96 -10.80
C PRO H 69 -5.29 2.13 -12.31
N SER H 70 -6.18 1.50 -13.08
CA SER H 70 -6.21 1.77 -14.50
C SER H 70 -6.99 3.06 -14.77
N PRO H 71 -6.60 3.82 -15.80
CA PRO H 71 -7.26 5.09 -16.07
C PRO H 71 -8.64 4.89 -16.69
N LEU H 72 -9.40 5.98 -16.74
CA LEU H 72 -10.68 6.04 -17.43
C LEU H 72 -10.58 7.14 -18.47
N TYR H 73 -10.54 6.75 -19.74
CA TYR H 73 -10.31 7.68 -20.85
C TYR H 73 -11.60 7.92 -21.62
N GLU H 74 -11.93 9.20 -21.82
CA GLU H 74 -13.09 9.57 -22.63
C GLU H 74 -12.69 9.57 -24.09
N ALA H 75 -13.16 8.57 -24.85
CA ALA H 75 -12.86 8.42 -26.27
C ALA H 75 -13.76 9.38 -27.05
N THR H 76 -13.35 10.64 -27.08
CA THR H 76 -14.17 11.68 -27.70
C THR H 76 -14.35 11.47 -29.20
N ARG H 77 -13.36 10.86 -29.86
CA ARG H 77 -13.45 10.61 -31.30
C ARG H 77 -14.29 9.40 -31.65
N LEU H 78 -14.91 8.73 -30.67
CA LEU H 78 -15.91 7.70 -30.93
C LEU H 78 -17.32 8.24 -30.87
N SER H 79 -17.51 9.49 -30.47
CA SER H 79 -18.85 9.98 -30.14
C SER H 79 -19.76 9.98 -31.36
N GLN H 80 -19.26 10.42 -32.52
CA GLN H 80 -20.12 10.53 -33.69
C GLN H 80 -20.60 9.17 -34.18
N HIS H 81 -19.93 8.07 -33.81
CA HIS H 81 -20.35 6.73 -34.19
C HIS H 81 -21.23 6.07 -33.14
N ALA H 82 -21.53 6.76 -32.05
CA ALA H 82 -22.36 6.23 -30.97
C ALA H 82 -23.48 7.20 -30.64
N GLY H 83 -24.14 7.72 -31.67
CA GLY H 83 -25.27 8.62 -31.48
C GLY H 83 -24.93 9.89 -30.73
N SER H 84 -23.68 10.33 -30.78
CA SER H 84 -23.18 11.49 -30.04
C SER H 84 -23.22 11.28 -28.53
N ALA H 85 -23.20 10.03 -28.08
CA ALA H 85 -23.01 9.73 -26.68
C ALA H 85 -21.53 9.85 -26.31
N ARG H 86 -21.26 9.78 -25.01
CA ARG H 86 -19.90 9.93 -24.49
C ARG H 86 -19.41 8.56 -24.03
N ILE H 87 -18.44 8.02 -24.76
CA ILE H 87 -17.88 6.71 -24.46
C ILE H 87 -16.66 6.89 -23.55
N PHE H 88 -16.72 6.30 -22.36
CA PHE H 88 -15.58 6.26 -21.45
C PHE H 88 -15.02 4.85 -21.43
N LEU H 89 -13.73 4.72 -21.67
CA LEU H 89 -13.08 3.42 -21.74
C LEU H 89 -12.32 3.16 -20.44
N LYS H 90 -12.69 2.09 -19.74
CA LYS H 90 -11.95 1.64 -18.56
C LYS H 90 -10.78 0.80 -19.03
N ARG H 91 -9.56 1.31 -18.82
CA ARG H 91 -8.39 0.83 -19.55
C ARG H 91 -7.72 -0.34 -18.83
N GLU H 92 -8.44 -1.46 -18.76
CA GLU H 92 -7.80 -2.67 -18.26
C GLU H 92 -6.76 -3.21 -19.24
N ASP H 93 -6.72 -2.68 -20.46
CA ASP H 93 -5.69 -3.09 -21.43
C ASP H 93 -4.30 -2.66 -21.01
N LEU H 94 -4.19 -1.72 -20.07
CA LEU H 94 -2.90 -1.25 -19.58
C LEU H 94 -2.43 -2.02 -18.35
N ASN H 95 -3.18 -3.03 -17.91
CA ASN H 95 -2.71 -3.85 -16.80
C ASN H 95 -1.54 -4.72 -17.24
N HIS H 96 -0.70 -5.08 -16.27
CA HIS H 96 0.38 -6.02 -16.53
C HIS H 96 -0.20 -7.32 -17.09
N THR H 97 0.39 -7.80 -18.18
CA THR H 97 0.01 -8.91 -19.04
C THR H 97 -1.05 -8.51 -20.06
N GLY H 98 -1.71 -7.37 -19.91
CA GLY H 98 -2.54 -6.83 -20.97
C GLY H 98 -4.03 -7.08 -20.87
N SER H 99 -4.53 -7.55 -19.73
CA SER H 99 -5.97 -7.76 -19.57
C SER H 99 -6.32 -7.70 -18.10
N HIS H 100 -7.61 -7.90 -17.83
CA HIS H 100 -8.16 -7.93 -16.48
C HIS H 100 -7.87 -9.23 -15.74
N LYS H 101 -7.47 -10.28 -16.46
CA LYS H 101 -7.28 -11.59 -15.84
C LYS H 101 -6.26 -11.54 -14.71
N ILE H 102 -5.34 -10.57 -14.74
CA ILE H 102 -4.31 -10.50 -13.71
C ILE H 102 -4.91 -10.18 -12.34
N ASN H 103 -6.05 -9.49 -12.32
CA ASN H 103 -6.67 -9.14 -11.04
C ASN H 103 -7.10 -10.39 -10.29
N ASN H 104 -7.79 -11.31 -10.98
CA ASN H 104 -8.24 -12.54 -10.35
C ASN H 104 -7.09 -13.51 -10.11
N VAL H 105 -6.08 -13.49 -10.98
CA VAL H 105 -4.95 -14.40 -10.82
C VAL H 105 -4.16 -14.05 -9.58
N LEU H 106 -3.91 -12.75 -9.35
CA LEU H 106 -3.14 -12.35 -8.18
C LEU H 106 -3.85 -12.76 -6.90
N GLY H 107 -5.17 -12.72 -6.87
CA GLY H 107 -5.89 -13.15 -5.69
C GLY H 107 -5.77 -14.63 -5.44
N GLN H 108 -6.04 -15.45 -6.48
CA GLN H 108 -6.01 -16.89 -6.31
C GLN H 108 -4.59 -17.42 -6.14
N ALA H 109 -3.59 -16.72 -6.70
CA ALA H 109 -2.21 -17.14 -6.50
C ALA H 109 -1.75 -16.90 -5.07
N LEU H 110 -2.07 -15.72 -4.53
CA LEU H 110 -1.85 -15.49 -3.10
C LEU H 110 -2.60 -16.52 -2.26
N LEU H 111 -3.82 -16.86 -2.66
CA LEU H 111 -4.60 -17.84 -1.92
C LEU H 111 -3.95 -19.21 -1.98
N ALA H 112 -3.37 -19.57 -3.14
CA ALA H 112 -2.73 -20.87 -3.27
C ALA H 112 -1.52 -20.99 -2.35
N ARG H 113 -0.76 -19.90 -2.18
CA ARG H 113 0.37 -19.93 -1.27
C ARG H 113 -0.08 -20.00 0.19
N ARG H 114 -1.19 -19.30 0.53
CA ARG H 114 -1.73 -19.41 1.88
C ARG H 114 -2.13 -20.84 2.19
N MET H 115 -2.69 -21.56 1.22
CA MET H 115 -3.12 -22.93 1.40
C MET H 115 -1.98 -23.94 1.39
N GLY H 116 -0.77 -23.52 1.05
CA GLY H 116 0.34 -24.44 0.99
C GLY H 116 0.42 -25.28 -0.27
N LYS H 117 -0.42 -25.00 -1.26
CA LYS H 117 -0.30 -25.70 -2.53
C LYS H 117 1.03 -25.34 -3.20
N THR H 118 1.55 -26.27 -3.98
CA THR H 118 2.81 -26.09 -4.67
C THR H 118 2.69 -26.22 -6.18
N ARG H 119 1.50 -26.56 -6.69
CA ARG H 119 1.28 -26.73 -8.11
C ARG H 119 -0.02 -26.03 -8.48
N VAL H 120 -0.02 -25.36 -9.62
CA VAL H 120 -1.17 -24.59 -10.08
C VAL H 120 -1.49 -25.00 -11.52
N ILE H 121 -2.76 -25.30 -11.78
CA ILE H 121 -3.23 -25.60 -13.12
C ILE H 121 -4.28 -24.58 -13.51
N ALA H 122 -4.40 -24.31 -14.81
CA ALA H 122 -5.40 -23.38 -15.29
C ALA H 122 -5.73 -23.67 -16.74
N GLU H 123 -6.98 -23.39 -17.11
CA GLU H 123 -7.44 -23.40 -18.49
C GLU H 123 -7.19 -22.02 -19.11
N THR H 124 -7.19 -21.97 -20.44
CA THR H 124 -7.12 -20.68 -21.09
C THR H 124 -7.62 -20.78 -22.52
N GLY H 125 -8.39 -19.78 -22.94
CA GLY H 125 -8.89 -19.72 -24.29
C GLY H 125 -8.11 -18.74 -25.15
N ALA H 126 -8.17 -17.46 -24.82
CA ALA H 126 -7.41 -16.46 -25.54
C ALA H 126 -5.94 -16.45 -25.15
N GLY H 127 -5.55 -17.20 -24.13
CA GLY H 127 -4.20 -17.17 -23.62
C GLY H 127 -3.92 -16.07 -22.63
N GLN H 128 -4.84 -15.14 -22.42
CA GLN H 128 -4.61 -14.05 -21.47
C GLN H 128 -4.66 -14.56 -20.03
N HIS H 129 -5.55 -15.50 -19.72
CA HIS H 129 -5.58 -16.06 -18.38
C HIS H 129 -4.38 -16.98 -18.14
N GLY H 130 -4.00 -17.77 -19.15
CA GLY H 130 -2.83 -18.63 -19.00
C GLY H 130 -1.55 -17.84 -18.79
N VAL H 131 -1.41 -16.71 -19.48
CA VAL H 131 -0.23 -15.87 -19.31
C VAL H 131 -0.21 -15.28 -17.91
N ALA H 132 -1.36 -14.75 -17.45
CA ALA H 132 -1.42 -14.19 -16.11
C ALA H 132 -1.16 -15.26 -15.05
N THR H 133 -1.69 -16.47 -15.26
CA THR H 133 -1.43 -17.55 -14.31
C THR H 133 0.05 -17.92 -14.30
N ALA H 134 0.64 -18.12 -15.49
CA ALA H 134 2.07 -18.34 -15.57
C ALA H 134 2.86 -17.18 -14.99
N THR H 135 2.31 -15.96 -15.08
CA THR H 135 2.99 -14.79 -14.54
C THR H 135 3.01 -14.83 -13.01
N ALA H 136 1.87 -15.12 -12.39
CA ALA H 136 1.81 -15.16 -10.93
C ALA H 136 2.60 -16.33 -10.37
N CYS H 137 2.60 -17.46 -11.08
CA CYS H 137 3.36 -18.61 -10.61
C CYS H 137 4.86 -18.37 -10.67
N ALA H 138 5.32 -17.57 -11.64
CA ALA H 138 6.73 -17.21 -11.65
C ALA H 138 7.05 -16.24 -10.52
N LEU H 139 6.13 -15.33 -10.24
CA LEU H 139 6.33 -14.35 -9.18
C LEU H 139 6.42 -15.02 -7.81
N LEU H 140 5.67 -16.11 -7.61
CA LEU H 140 5.54 -16.75 -6.31
C LEU H 140 6.16 -18.13 -6.25
N GLY H 141 6.94 -18.52 -7.26
CA GLY H 141 7.64 -19.79 -7.24
C GLY H 141 6.75 -21.02 -7.19
N LEU H 142 5.59 -20.98 -7.82
CA LEU H 142 4.71 -22.13 -7.92
C LEU H 142 4.88 -22.81 -9.27
N ASP H 143 4.80 -24.14 -9.28
CA ASP H 143 4.84 -24.87 -10.53
C ASP H 143 3.53 -24.69 -11.28
N CYS H 144 3.63 -24.42 -12.58
CA CYS H 144 2.48 -24.02 -13.37
C CYS H 144 2.29 -24.97 -14.55
N VAL H 145 1.04 -25.38 -14.77
CA VAL H 145 0.65 -26.15 -15.95
C VAL H 145 -0.60 -25.52 -16.53
N ILE H 146 -0.61 -25.28 -17.84
CA ILE H 146 -1.70 -24.58 -18.51
C ILE H 146 -2.29 -25.49 -19.58
N TYR H 147 -3.63 -25.51 -19.65
CA TYR H 147 -4.34 -26.28 -20.66
C TYR H 147 -5.01 -25.32 -21.64
N MET H 148 -4.77 -25.55 -22.94
CA MET H 148 -5.27 -24.68 -23.98
C MET H 148 -5.78 -25.52 -25.15
N GLY H 149 -6.90 -25.10 -25.73
CA GLY H 149 -7.44 -25.81 -26.88
C GLY H 149 -6.53 -25.73 -28.09
N GLY H 150 -6.43 -26.83 -28.82
CA GLY H 150 -5.53 -26.90 -29.96
C GLY H 150 -5.79 -25.83 -31.00
N ILE H 151 -7.06 -25.52 -31.26
CA ILE H 151 -7.37 -24.44 -32.19
C ILE H 151 -6.94 -23.09 -31.61
N ASP H 152 -7.02 -22.93 -30.29
CA ASP H 152 -6.63 -21.66 -29.66
C ASP H 152 -5.12 -21.49 -29.57
N THR H 153 -4.34 -22.58 -29.49
CA THR H 153 -2.89 -22.47 -29.54
C THR H 153 -2.38 -22.05 -30.91
N ALA H 154 -3.24 -22.03 -31.92
CA ALA H 154 -2.88 -21.61 -33.27
C ALA H 154 -3.22 -20.15 -33.55
N ARG H 155 -4.43 -19.72 -33.22
CA ARG H 155 -4.85 -18.35 -33.48
C ARG H 155 -4.44 -17.38 -32.38
N GLN H 156 -3.86 -17.88 -31.29
CA GLN H 156 -3.34 -17.05 -30.20
C GLN H 156 -1.93 -17.49 -29.82
N ALA H 157 -1.12 -17.85 -30.81
CA ALA H 157 0.19 -18.45 -30.56
C ALA H 157 1.16 -17.50 -29.88
N LEU H 158 0.96 -16.18 -29.98
CA LEU H 158 1.82 -15.25 -29.26
C LEU H 158 1.74 -15.48 -27.75
N ASN H 159 0.55 -15.82 -27.25
CA ASN H 159 0.40 -16.08 -25.82
C ASN H 159 0.96 -17.45 -25.44
N VAL H 160 0.93 -18.42 -26.36
CA VAL H 160 1.53 -19.72 -26.04
C VAL H 160 3.01 -19.56 -25.76
N ALA H 161 3.70 -18.75 -26.56
CA ALA H 161 5.13 -18.55 -26.36
C ALA H 161 5.41 -17.75 -25.10
N ARG H 162 4.56 -16.76 -24.80
CA ARG H 162 4.72 -16.01 -23.56
C ARG H 162 4.63 -16.94 -22.35
N MET H 163 3.68 -17.87 -22.36
CA MET H 163 3.55 -18.81 -21.25
C MET H 163 4.79 -19.66 -21.11
N ARG H 164 5.30 -20.19 -22.23
CA ARG H 164 6.45 -21.08 -22.15
C ARG H 164 7.70 -20.34 -21.69
N LEU H 165 7.84 -19.07 -22.04
CA LEU H 165 8.95 -18.27 -21.54
C LEU H 165 8.84 -18.04 -20.05
N LEU H 166 7.62 -17.97 -19.51
CA LEU H 166 7.40 -17.76 -18.09
C LEU H 166 7.59 -19.02 -17.25
N GLY H 167 7.90 -20.16 -17.87
CA GLY H 167 8.16 -21.38 -17.14
C GLY H 167 7.01 -22.37 -17.10
N ALA H 168 5.85 -21.99 -17.61
CA ALA H 168 4.68 -22.86 -17.57
C ALA H 168 4.76 -23.94 -18.65
N GLU H 169 4.30 -25.15 -18.30
CA GLU H 169 4.06 -26.17 -19.31
C GLU H 169 2.70 -25.94 -19.95
N VAL H 170 2.66 -25.92 -21.28
CA VAL H 170 1.43 -25.71 -22.02
C VAL H 170 1.04 -27.02 -22.68
N VAL H 171 -0.21 -27.44 -22.46
CA VAL H 171 -0.73 -28.70 -22.98
C VAL H 171 -1.85 -28.38 -23.95
N ALA H 172 -1.68 -28.80 -25.21
CA ALA H 172 -2.68 -28.56 -26.25
C ALA H 172 -3.79 -29.60 -26.16
N VAL H 173 -5.02 -29.15 -25.96
CA VAL H 173 -6.17 -30.04 -25.81
C VAL H 173 -6.77 -30.31 -27.19
N GLN H 174 -6.84 -31.59 -27.56
CA GLN H 174 -7.35 -31.98 -28.86
C GLN H 174 -8.72 -32.66 -28.80
N THR H 175 -9.33 -32.74 -27.62
CA THR H 175 -10.66 -33.31 -27.49
C THR H 175 -11.73 -32.27 -27.84
N GLY H 176 -12.87 -32.78 -28.30
CA GLY H 176 -14.02 -31.90 -28.51
C GLY H 176 -13.80 -30.87 -29.60
N SER H 177 -14.21 -29.64 -29.32
CA SER H 177 -14.10 -28.53 -30.26
C SER H 177 -12.75 -27.84 -30.22
N LYS H 178 -11.83 -28.30 -29.36
CA LYS H 178 -10.47 -27.77 -29.27
C LYS H 178 -10.45 -26.30 -28.88
N THR H 179 -11.40 -25.87 -28.05
CA THR H 179 -11.44 -24.49 -27.60
C THR H 179 -11.48 -24.41 -26.07
N LEU H 180 -12.14 -23.38 -25.54
CA LEU H 180 -12.05 -23.11 -24.10
C LEU H 180 -12.77 -24.18 -23.29
N LYS H 181 -13.96 -24.61 -23.73
CA LYS H 181 -14.71 -25.58 -22.93
C LYS H 181 -14.00 -26.92 -22.88
N ASP H 182 -13.18 -27.24 -23.88
CA ASP H 182 -12.43 -28.49 -23.85
C ASP H 182 -11.15 -28.37 -23.05
N ALA H 183 -10.57 -27.17 -23.01
CA ALA H 183 -9.45 -26.94 -22.11
C ALA H 183 -9.88 -27.10 -20.66
N ILE H 184 -11.10 -26.68 -20.33
CA ILE H 184 -11.59 -26.78 -18.96
C ILE H 184 -11.79 -28.24 -18.57
N ASN H 185 -12.32 -29.05 -19.49
CA ASN H 185 -12.53 -30.47 -19.17
C ASN H 185 -11.21 -31.16 -18.84
N GLU H 186 -10.14 -30.81 -19.55
CA GLU H 186 -8.84 -31.44 -19.27
C GLU H 186 -8.28 -30.94 -17.95
N ALA H 187 -8.41 -29.65 -17.67
CA ALA H 187 -8.00 -29.13 -16.37
C ALA H 187 -8.77 -29.80 -15.24
N PHE H 188 -10.06 -30.05 -15.45
CA PHE H 188 -10.86 -30.76 -14.47
C PHE H 188 -10.26 -32.13 -14.16
N ARG H 189 -9.90 -32.88 -15.20
CA ARG H 189 -9.32 -34.21 -14.99
C ARG H 189 -7.99 -34.12 -14.26
N ASP H 190 -7.21 -33.07 -14.52
CA ASP H 190 -5.96 -32.88 -13.80
C ASP H 190 -6.23 -32.71 -12.30
N TRP H 191 -7.26 -31.94 -11.95
CA TRP H 191 -7.50 -31.63 -10.55
C TRP H 191 -7.99 -32.86 -9.79
N VAL H 192 -8.90 -33.63 -10.38
CA VAL H 192 -9.38 -34.86 -9.76
C VAL H 192 -8.21 -35.78 -9.43
N ALA H 193 -7.19 -35.80 -10.30
CA ALA H 193 -6.05 -36.69 -10.12
C ALA H 193 -5.04 -36.15 -9.11
N ASN H 194 -4.91 -34.82 -8.99
CA ASN H 194 -3.85 -34.23 -8.20
C ASN H 194 -4.40 -33.21 -7.21
N ALA H 195 -5.55 -33.52 -6.60
CA ALA H 195 -6.17 -32.57 -5.68
C ALA H 195 -5.34 -32.34 -4.43
N ASP H 196 -4.47 -33.28 -4.06
CA ASP H 196 -3.72 -33.16 -2.81
C ASP H 196 -2.75 -31.98 -2.86
N ASN H 197 -2.14 -31.74 -4.01
CA ASN H 197 -1.06 -30.78 -4.13
C ASN H 197 -1.36 -29.58 -5.04
N THR H 198 -2.39 -29.67 -5.88
CA THR H 198 -2.59 -28.72 -6.95
C THR H 198 -3.76 -27.78 -6.65
N TYR H 199 -3.57 -26.50 -6.96
CA TYR H 199 -4.63 -25.50 -6.93
C TYR H 199 -5.10 -25.25 -8.35
N TYR H 200 -6.42 -25.28 -8.56
CA TYR H 200 -7.02 -24.97 -9.85
C TYR H 200 -7.35 -23.48 -9.87
N CYS H 201 -6.59 -22.72 -10.65
CA CYS H 201 -6.77 -21.27 -10.76
C CYS H 201 -7.72 -21.00 -11.91
N PHE H 202 -9.02 -21.03 -11.61
CA PHE H 202 -10.04 -20.85 -12.66
C PHE H 202 -10.12 -19.38 -13.06
N GLY H 203 -10.28 -19.14 -14.35
CA GLY H 203 -10.13 -17.81 -14.91
C GLY H 203 -11.38 -17.05 -15.27
N THR H 204 -12.56 -17.51 -14.85
CA THR H 204 -13.77 -16.78 -15.19
C THR H 204 -14.80 -16.97 -14.09
N ALA H 205 -15.78 -16.07 -14.05
CA ALA H 205 -16.75 -16.05 -12.98
C ALA H 205 -17.78 -17.17 -13.12
N ALA H 206 -17.30 -18.40 -13.33
CA ALA H 206 -18.17 -19.55 -13.46
C ALA H 206 -17.59 -20.67 -12.59
N GLY H 207 -18.02 -21.90 -12.86
CA GLY H 207 -17.57 -23.04 -12.09
C GLY H 207 -18.40 -23.24 -10.84
N PRO H 208 -18.02 -24.21 -10.01
CA PRO H 208 -18.73 -24.43 -8.76
C PRO H 208 -18.35 -23.40 -7.70
N HIS H 209 -19.25 -23.23 -6.74
CA HIS H 209 -18.93 -22.46 -5.54
C HIS H 209 -17.62 -22.98 -4.95
N PRO H 210 -16.69 -22.10 -4.54
CA PRO H 210 -16.85 -20.65 -4.39
C PRO H 210 -16.30 -19.81 -5.54
N PHE H 211 -16.04 -20.41 -6.69
CA PHE H 211 -15.32 -19.69 -7.74
C PHE H 211 -16.12 -18.54 -8.35
N PRO H 212 -17.42 -18.70 -8.66
CA PRO H 212 -18.19 -17.54 -9.14
C PRO H 212 -18.10 -16.34 -8.22
N THR H 213 -18.13 -16.57 -6.90
CA THR H 213 -18.04 -15.47 -5.94
C THR H 213 -16.61 -14.97 -5.79
N MET H 214 -15.64 -15.88 -5.75
CA MET H 214 -14.26 -15.48 -5.54
C MET H 214 -13.73 -14.66 -6.72
N VAL H 215 -13.99 -15.12 -7.94
CA VAL H 215 -13.53 -14.39 -9.11
C VAL H 215 -14.17 -13.01 -9.15
N ARG H 216 -15.46 -12.93 -8.84
CA ARG H 216 -16.14 -11.64 -8.82
C ARG H 216 -15.50 -10.70 -7.79
N ASP H 217 -15.22 -11.21 -6.58
CA ASP H 217 -14.65 -10.35 -5.55
C ASP H 217 -13.27 -9.84 -5.94
N PHE H 218 -12.45 -10.67 -6.58
CA PHE H 218 -11.14 -10.22 -7.04
C PHE H 218 -11.25 -9.28 -8.24
N GLN H 219 -12.39 -9.25 -8.94
CA GLN H 219 -12.58 -8.35 -10.07
C GLN H 219 -13.42 -7.13 -9.73
N ARG H 220 -14.03 -7.09 -8.55
CA ARG H 220 -14.79 -5.91 -8.11
C ARG H 220 -14.00 -4.63 -8.26
N ILE H 221 -12.67 -4.70 -8.14
CA ILE H 221 -11.83 -3.51 -8.14
C ILE H 221 -12.04 -2.67 -9.40
N ILE H 222 -12.41 -3.30 -10.52
CA ILE H 222 -12.64 -2.55 -11.75
C ILE H 222 -13.80 -1.59 -11.58
N GLY H 223 -14.93 -2.09 -11.07
CA GLY H 223 -16.09 -1.24 -10.87
C GLY H 223 -15.91 -0.22 -9.76
N MET H 224 -15.18 -0.58 -8.70
N MET H 224 -15.20 -0.60 -8.69
CA MET H 224 -14.97 0.37 -7.61
CA MET H 224 -14.93 0.33 -7.60
C MET H 224 -14.12 1.55 -8.06
C MET H 224 -14.17 1.55 -8.12
N GLU H 225 -13.13 1.32 -8.90
CA GLU H 225 -12.36 2.42 -9.47
C GLU H 225 -13.20 3.21 -10.47
N ALA H 226 -13.91 2.51 -11.35
CA ALA H 226 -14.68 3.19 -12.38
C ALA H 226 -15.76 4.08 -11.79
N ARG H 227 -16.47 3.61 -10.77
CA ARG H 227 -17.57 4.39 -10.21
C ARG H 227 -17.07 5.69 -9.59
N VAL H 228 -15.84 5.69 -9.07
CA VAL H 228 -15.28 6.93 -8.55
C VAL H 228 -14.79 7.83 -9.67
N GLN H 229 -14.17 7.24 -10.69
CA GLN H 229 -13.60 8.02 -11.77
C GLN H 229 -14.68 8.70 -12.60
N ILE H 230 -15.74 7.96 -12.94
CA ILE H 230 -16.76 8.52 -13.82
C ILE H 230 -17.47 9.70 -13.15
N GLN H 231 -17.61 9.66 -11.82
CA GLN H 231 -18.18 10.81 -11.14
C GLN H 231 -17.22 11.98 -11.13
N GLY H 232 -15.91 11.71 -11.20
CA GLY H 232 -14.94 12.78 -11.22
C GLY H 232 -14.79 13.43 -12.58
N GLN H 233 -14.94 12.66 -13.66
CA GLN H 233 -14.72 13.19 -15.00
C GLN H 233 -16.02 13.63 -15.67
N ALA H 234 -17.11 12.90 -15.45
CA ALA H 234 -18.39 13.25 -16.04
C ALA H 234 -19.31 14.00 -15.08
N GLY H 235 -19.02 14.00 -13.78
CA GLY H 235 -19.81 14.73 -12.80
C GLY H 235 -21.03 14.01 -12.29
N ARG H 236 -21.26 12.76 -12.68
CA ARG H 236 -22.46 12.04 -12.28
C ARG H 236 -22.25 10.56 -12.59
N LEU H 237 -23.16 9.74 -12.06
CA LEU H 237 -23.15 8.33 -12.40
C LEU H 237 -23.54 8.14 -13.86
N PRO H 238 -22.98 7.13 -14.52
CA PRO H 238 -23.23 6.97 -15.95
C PRO H 238 -24.65 6.52 -16.22
N ASP H 239 -25.07 6.74 -17.47
CA ASP H 239 -26.36 6.22 -17.90
C ASP H 239 -26.31 4.73 -18.22
N ALA H 240 -25.12 4.20 -18.49
CA ALA H 240 -24.98 2.79 -18.83
C ALA H 240 -23.54 2.37 -18.58
N VAL H 241 -23.38 1.09 -18.22
CA VAL H 241 -22.07 0.44 -18.11
C VAL H 241 -22.14 -0.85 -18.91
N VAL H 242 -21.19 -1.04 -19.83
CA VAL H 242 -21.21 -2.18 -20.73
C VAL H 242 -19.89 -2.92 -20.69
N ALA H 243 -19.93 -4.21 -21.01
CA ALA H 243 -18.76 -5.07 -21.06
C ALA H 243 -19.11 -6.31 -21.85
N CYS H 244 -18.09 -6.95 -22.41
CA CYS H 244 -18.31 -8.22 -23.08
C CYS H 244 -18.42 -9.35 -22.05
N VAL H 245 -19.04 -10.44 -22.46
CA VAL H 245 -19.38 -11.54 -21.56
C VAL H 245 -18.97 -12.86 -22.23
N GLY H 246 -17.80 -13.37 -21.84
CA GLY H 246 -17.45 -14.74 -22.15
C GLY H 246 -18.00 -15.67 -21.09
N GLY H 247 -17.18 -15.99 -20.10
CA GLY H 247 -17.69 -16.62 -18.89
C GLY H 247 -18.29 -15.61 -17.94
N GLY H 248 -17.81 -14.36 -17.96
CA GLY H 248 -18.44 -13.28 -17.25
C GLY H 248 -17.60 -12.57 -16.20
N SER H 249 -16.29 -12.84 -16.15
CA SER H 249 -15.49 -12.32 -15.04
C SER H 249 -15.28 -10.81 -15.15
N ASN H 250 -14.93 -10.32 -16.35
CA ASN H 250 -14.67 -8.88 -16.46
C ASN H 250 -15.96 -8.08 -16.43
N ALA H 251 -17.07 -8.66 -16.89
CA ALA H 251 -18.34 -7.96 -16.86
C ALA H 251 -18.84 -7.81 -15.43
N ILE H 252 -18.87 -8.91 -14.67
CA ILE H 252 -19.30 -8.83 -13.28
C ILE H 252 -18.36 -7.93 -12.47
N GLY H 253 -17.09 -7.85 -12.88
CA GLY H 253 -16.15 -7.02 -12.15
C GLY H 253 -16.47 -5.54 -12.23
N ILE H 254 -16.90 -5.07 -13.41
CA ILE H 254 -17.25 -3.67 -13.55
C ILE H 254 -18.73 -3.41 -13.24
N PHE H 255 -19.59 -4.43 -13.35
CA PHE H 255 -21.00 -4.23 -13.02
C PHE H 255 -21.20 -4.02 -11.53
N HIS H 256 -20.43 -4.72 -10.69
CA HIS H 256 -20.86 -4.99 -9.32
C HIS H 256 -21.02 -3.70 -8.51
N ALA H 257 -20.07 -2.77 -8.64
CA ALA H 257 -20.15 -1.52 -7.88
C ALA H 257 -21.36 -0.68 -8.27
N PHE H 258 -22.00 -0.96 -9.40
CA PHE H 258 -23.15 -0.17 -9.85
C PHE H 258 -24.49 -0.86 -9.60
N LEU H 259 -24.49 -2.05 -9.00
CA LEU H 259 -25.72 -2.84 -8.94
C LEU H 259 -26.83 -2.10 -8.22
N ASP H 260 -26.50 -1.37 -7.16
CA ASP H 260 -27.50 -0.71 -6.33
C ASP H 260 -27.82 0.71 -6.78
N ASP H 261 -27.22 1.17 -7.88
CA ASP H 261 -27.56 2.48 -8.46
C ASP H 261 -28.70 2.30 -9.47
N PRO H 262 -29.93 2.62 -9.09
CA PRO H 262 -31.10 2.20 -9.89
C PRO H 262 -31.19 2.87 -11.26
N GLY H 263 -30.46 3.95 -11.50
CA GLY H 263 -30.50 4.64 -12.77
C GLY H 263 -29.42 4.23 -13.75
N VAL H 264 -28.59 3.25 -13.41
CA VAL H 264 -27.47 2.84 -14.26
C VAL H 264 -27.86 1.57 -15.00
N ARG H 265 -28.03 1.68 -16.31
CA ARG H 265 -28.27 0.51 -17.15
C ARG H 265 -27.00 -0.33 -17.25
N LEU H 266 -27.14 -1.64 -17.12
CA LEU H 266 -26.04 -2.57 -17.24
C LEU H 266 -26.31 -3.52 -18.40
N VAL H 267 -25.42 -3.54 -19.38
CA VAL H 267 -25.61 -4.33 -20.59
C VAL H 267 -24.37 -5.19 -20.81
N GLY H 268 -24.58 -6.48 -21.02
CA GLY H 268 -23.51 -7.40 -21.37
C GLY H 268 -23.65 -7.82 -22.82
N PHE H 269 -22.51 -7.98 -23.50
CA PHE H 269 -22.49 -8.28 -24.93
C PHE H 269 -21.75 -9.59 -25.15
N GLU H 270 -22.44 -10.58 -25.71
CA GLU H 270 -21.90 -11.90 -25.93
C GLU H 270 -21.60 -12.11 -27.41
N ALA H 271 -20.73 -13.09 -27.69
CA ALA H 271 -20.24 -13.33 -29.04
C ALA H 271 -21.30 -14.03 -29.88
N ALA H 272 -21.76 -13.38 -30.94
CA ALA H 272 -22.75 -13.95 -31.83
C ALA H 272 -22.14 -14.64 -33.04
N GLY H 273 -20.82 -14.61 -33.18
CA GLY H 273 -20.17 -15.35 -34.26
C GLY H 273 -20.68 -14.96 -35.63
N ASP H 274 -21.01 -15.96 -36.44
CA ASP H 274 -21.56 -15.71 -37.76
C ASP H 274 -22.99 -15.20 -37.72
N GLY H 275 -23.63 -15.20 -36.56
CA GLY H 275 -25.01 -14.82 -36.43
C GLY H 275 -25.77 -15.83 -35.59
N VAL H 276 -26.67 -15.35 -34.72
CA VAL H 276 -27.39 -16.22 -33.81
C VAL H 276 -28.26 -17.23 -34.56
N GLU H 277 -28.59 -16.95 -35.81
CA GLU H 277 -29.45 -17.80 -36.62
C GLU H 277 -28.67 -18.73 -37.55
N THR H 278 -27.35 -18.79 -37.41
CA THR H 278 -26.51 -19.66 -38.24
C THR H 278 -26.02 -20.88 -37.48
N GLY H 279 -26.29 -20.98 -36.19
CA GLY H 279 -25.78 -22.09 -35.42
C GLY H 279 -24.28 -22.09 -35.22
N ARG H 280 -23.58 -21.02 -35.61
CA ARG H 280 -22.15 -20.87 -35.41
C ARG H 280 -21.95 -19.59 -34.59
N HIS H 281 -22.20 -19.68 -33.29
CA HIS H 281 -22.17 -18.52 -32.42
C HIS H 281 -21.79 -18.98 -31.02
N ALA H 282 -21.83 -18.03 -30.07
CA ALA H 282 -21.67 -18.32 -28.66
C ALA H 282 -22.62 -17.48 -27.82
N ALA H 283 -23.80 -17.16 -28.37
CA ALA H 283 -24.78 -16.32 -27.69
C ALA H 283 -25.52 -17.16 -26.66
N THR H 284 -24.90 -17.30 -25.49
CA THR H 284 -25.42 -18.19 -24.47
C THR H 284 -26.77 -17.73 -23.95
N PHE H 285 -26.89 -16.45 -23.59
CA PHE H 285 -28.17 -15.96 -23.09
C PHE H 285 -29.22 -15.82 -24.20
N THR H 286 -28.78 -15.51 -25.42
CA THR H 286 -29.72 -15.26 -26.51
C THR H 286 -30.28 -16.55 -27.11
N ALA H 287 -29.48 -17.63 -27.14
CA ALA H 287 -29.90 -18.87 -27.78
C ALA H 287 -29.86 -20.09 -26.87
N GLY H 288 -29.36 -19.95 -25.64
CA GLY H 288 -29.23 -21.07 -24.73
C GLY H 288 -30.42 -21.22 -23.81
N SER H 289 -30.26 -22.13 -22.84
CA SER H 289 -31.31 -22.49 -21.91
C SER H 289 -30.67 -22.95 -20.61
N PRO H 290 -31.43 -23.00 -19.51
CA PRO H 290 -30.83 -23.36 -18.22
C PRO H 290 -30.40 -24.83 -18.17
N GLY H 291 -29.24 -25.06 -17.58
CA GLY H 291 -28.75 -26.42 -17.38
C GLY H 291 -27.51 -26.42 -16.54
N ALA H 292 -27.03 -27.62 -16.22
CA ALA H 292 -25.85 -27.81 -15.42
C ALA H 292 -24.65 -28.06 -16.33
N PHE H 293 -23.57 -27.33 -16.10
CA PHE H 293 -22.40 -27.41 -16.95
C PHE H 293 -21.22 -26.77 -16.24
N HIS H 294 -20.09 -27.49 -16.22
CA HIS H 294 -18.87 -27.02 -15.60
C HIS H 294 -19.06 -26.65 -14.13
N GLY H 295 -19.92 -27.40 -13.44
CA GLY H 295 -20.02 -27.28 -12.00
C GLY H 295 -21.05 -26.31 -11.46
N SER H 296 -21.84 -25.67 -12.32
CA SER H 296 -22.84 -24.74 -11.85
C SER H 296 -24.12 -24.87 -12.68
N PHE H 297 -25.23 -24.43 -12.09
CA PHE H 297 -26.49 -24.32 -12.81
C PHE H 297 -26.58 -22.90 -13.36
N SER H 298 -26.58 -22.78 -14.68
CA SER H 298 -26.59 -21.49 -15.35
C SER H 298 -27.19 -21.64 -16.73
N TYR H 299 -26.80 -20.78 -17.66
CA TYR H 299 -27.22 -20.90 -19.04
C TYR H 299 -26.11 -21.57 -19.87
N LEU H 300 -26.51 -22.33 -20.87
CA LEU H 300 -25.56 -22.89 -21.82
C LEU H 300 -26.27 -23.28 -23.10
N LEU H 301 -25.52 -23.31 -24.19
CA LEU H 301 -26.03 -23.79 -25.47
C LEU H 301 -26.11 -25.32 -25.43
N GLN H 302 -27.31 -25.85 -25.61
CA GLN H 302 -27.52 -27.29 -25.52
C GLN H 302 -28.64 -27.70 -26.45
N ASP H 303 -28.61 -28.96 -26.89
CA ASP H 303 -29.61 -29.46 -27.82
C ASP H 303 -30.78 -30.06 -27.04
N GLU H 304 -31.65 -30.81 -27.75
CA GLU H 304 -32.85 -31.37 -27.11
C GLU H 304 -32.50 -32.37 -26.03
N ASP H 305 -31.40 -33.10 -26.17
CA ASP H 305 -31.02 -34.12 -25.21
C ASP H 305 -30.19 -33.58 -24.05
N GLY H 306 -29.83 -32.30 -24.07
CA GLY H 306 -28.94 -31.76 -23.06
C GLY H 306 -27.48 -31.90 -23.35
N GLN H 307 -27.10 -32.30 -24.56
CA GLN H 307 -25.70 -32.33 -24.96
C GLN H 307 -25.22 -30.93 -25.26
N THR H 308 -23.95 -30.69 -24.98
CA THR H 308 -23.38 -29.36 -25.12
C THR H 308 -23.11 -29.04 -26.58
N ILE H 309 -23.61 -27.89 -27.03
CA ILE H 309 -23.42 -27.45 -28.41
C ILE H 309 -22.07 -26.73 -28.51
N GLU H 310 -21.25 -27.17 -29.46
CA GLU H 310 -19.97 -26.52 -29.70
C GLU H 310 -20.18 -25.09 -30.17
N SER H 311 -19.45 -24.15 -29.56
CA SER H 311 -19.57 -22.74 -29.85
C SER H 311 -18.50 -22.30 -30.85
N HIS H 312 -18.76 -21.17 -31.50
CA HIS H 312 -17.83 -20.59 -32.47
C HIS H 312 -17.83 -19.08 -32.35
N SER H 313 -16.64 -18.50 -32.44
CA SER H 313 -16.46 -17.06 -32.47
C SER H 313 -15.06 -16.76 -32.99
N ILE H 314 -14.91 -15.60 -33.63
CA ILE H 314 -13.57 -15.18 -34.04
C ILE H 314 -12.73 -14.82 -32.82
N SER H 315 -13.38 -14.48 -31.71
CA SER H 315 -12.70 -14.20 -30.46
C SER H 315 -12.59 -15.48 -29.64
N ALA H 316 -11.36 -15.88 -29.32
CA ALA H 316 -11.17 -17.10 -28.54
C ALA H 316 -11.59 -16.92 -27.10
N GLY H 317 -11.61 -15.68 -26.59
CA GLY H 317 -12.00 -15.45 -25.21
C GLY H 317 -13.49 -15.59 -24.97
N LEU H 318 -14.31 -15.29 -25.97
CA LEU H 318 -15.75 -15.43 -25.87
C LEU H 318 -16.28 -16.73 -26.46
N ASP H 319 -15.40 -17.58 -27.02
CA ASP H 319 -15.79 -18.83 -27.65
C ASP H 319 -16.10 -19.87 -26.57
N TYR H 320 -17.24 -19.68 -25.91
CA TYR H 320 -17.61 -20.48 -24.76
C TYR H 320 -19.12 -20.62 -24.73
N PRO H 321 -19.65 -21.84 -24.69
CA PRO H 321 -21.11 -22.03 -24.75
C PRO H 321 -21.83 -21.83 -23.44
N GLY H 322 -21.11 -21.63 -22.33
CA GLY H 322 -21.70 -21.42 -21.03
C GLY H 322 -21.54 -19.98 -20.54
N VAL H 323 -21.99 -19.76 -19.31
CA VAL H 323 -21.91 -18.44 -18.70
C VAL H 323 -21.99 -18.62 -17.19
N GLY H 324 -21.41 -17.67 -16.46
CA GLY H 324 -21.39 -17.72 -15.01
C GLY H 324 -22.76 -17.58 -14.40
N PRO H 325 -22.96 -18.19 -13.24
CA PRO H 325 -24.31 -18.24 -12.66
C PRO H 325 -24.81 -16.91 -12.13
N GLU H 326 -23.93 -16.03 -11.64
CA GLU H 326 -24.43 -14.75 -11.14
C GLU H 326 -25.02 -13.92 -12.28
N HIS H 327 -24.51 -14.09 -13.50
CA HIS H 327 -25.12 -13.42 -14.66
C HIS H 327 -26.50 -13.99 -14.96
N ALA H 328 -26.67 -15.30 -14.80
CA ALA H 328 -27.99 -15.90 -14.99
C ALA H 328 -29.01 -15.33 -14.01
N TRP H 329 -28.59 -15.15 -12.75
CA TRP H 329 -29.48 -14.55 -11.75
C TRP H 329 -29.77 -13.09 -12.08
N LEU H 330 -28.73 -12.34 -12.44
CA LEU H 330 -28.93 -10.93 -12.78
C LEU H 330 -29.81 -10.76 -14.01
N LYS H 331 -29.74 -11.70 -14.96
CA LYS H 331 -30.63 -11.63 -16.11
C LYS H 331 -32.06 -11.95 -15.70
N GLU H 332 -32.25 -13.00 -14.90
CA GLU H 332 -33.59 -13.37 -14.45
C GLU H 332 -34.22 -12.24 -13.65
N ALA H 333 -33.42 -11.54 -12.84
CA ALA H 333 -33.92 -10.43 -12.05
C ALA H 333 -34.23 -9.19 -12.89
N GLY H 334 -33.90 -9.20 -14.18
CA GLY H 334 -34.08 -8.01 -15.00
C GLY H 334 -33.14 -6.88 -14.69
N ARG H 335 -32.04 -7.15 -13.98
CA ARG H 335 -31.11 -6.09 -13.63
C ARG H 335 -30.13 -5.81 -14.76
N VAL H 336 -29.64 -6.85 -15.44
CA VAL H 336 -28.68 -6.72 -16.52
C VAL H 336 -29.30 -7.25 -17.79
N ASP H 337 -29.02 -6.59 -18.90
CA ASP H 337 -29.51 -6.97 -20.22
C ASP H 337 -28.36 -7.54 -21.03
N TYR H 338 -28.60 -8.65 -21.73
CA TYR H 338 -27.56 -9.32 -22.49
C TYR H 338 -27.95 -9.40 -23.95
N ARG H 339 -27.06 -8.92 -24.82
CA ARG H 339 -27.32 -8.77 -26.24
C ARG H 339 -26.19 -9.35 -27.07
N PRO H 340 -26.47 -9.80 -28.28
CA PRO H 340 -25.43 -10.39 -29.13
C PRO H 340 -24.71 -9.38 -30.00
N ILE H 341 -23.44 -9.69 -30.27
CA ILE H 341 -22.60 -8.93 -31.18
C ILE H 341 -21.89 -9.92 -32.10
N THR H 342 -22.03 -9.73 -33.41
CA THR H 342 -21.47 -10.67 -34.37
C THR H 342 -19.97 -10.41 -34.57
N ASP H 343 -19.30 -11.39 -35.20
CA ASP H 343 -17.89 -11.22 -35.55
C ASP H 343 -17.67 -9.95 -36.35
N SER H 344 -18.53 -9.69 -37.33
CA SER H 344 -18.39 -8.50 -38.16
C SER H 344 -18.54 -7.24 -37.34
N GLU H 345 -19.58 -7.18 -36.49
CA GLU H 345 -19.79 -5.99 -35.67
C GLU H 345 -18.58 -5.72 -34.79
N ALA H 346 -17.96 -6.78 -34.26
CA ALA H 346 -16.81 -6.59 -33.37
C ALA H 346 -15.60 -6.06 -34.13
N MET H 347 -15.28 -6.66 -35.28
CA MET H 347 -14.10 -6.21 -36.04
C MET H 347 -14.28 -4.78 -36.55
N ASP H 348 -15.51 -4.39 -36.88
CA ASP H 348 -15.76 -3.00 -37.24
C ASP H 348 -15.40 -2.06 -36.09
N ALA H 349 -15.78 -2.41 -34.87
CA ALA H 349 -15.38 -1.59 -33.73
C ALA H 349 -13.88 -1.71 -33.45
N PHE H 350 -13.31 -2.89 -33.68
CA PHE H 350 -11.86 -3.06 -33.54
C PHE H 350 -11.10 -2.01 -34.34
N GLY H 351 -11.44 -1.88 -35.63
CA GLY H 351 -10.74 -0.93 -36.47
C GLY H 351 -11.05 0.51 -36.12
N LEU H 352 -12.30 0.80 -35.78
CA LEU H 352 -12.68 2.16 -35.40
C LEU H 352 -11.87 2.63 -34.20
N LEU H 353 -11.66 1.75 -33.21
CA LEU H 353 -10.85 2.13 -32.05
C LEU H 353 -9.39 2.34 -32.44
N CYS H 354 -8.89 1.55 -33.39
CA CYS H 354 -7.52 1.73 -33.86
C CYS H 354 -7.35 3.06 -34.56
N ARG H 355 -8.25 3.38 -35.49
CA ARG H 355 -8.10 4.58 -36.32
C ARG H 355 -8.43 5.86 -35.57
N MET H 356 -9.40 5.81 -34.65
CA MET H 356 -9.86 7.02 -33.98
C MET H 356 -9.07 7.31 -32.71
N GLU H 357 -8.84 6.30 -31.86
CA GLU H 357 -8.25 6.55 -30.55
C GLU H 357 -6.84 6.00 -30.40
N GLY H 358 -6.31 5.31 -31.40
CA GLY H 358 -4.97 4.77 -31.27
C GLY H 358 -4.83 3.64 -30.28
N ILE H 359 -5.92 2.94 -29.97
CA ILE H 359 -5.90 1.83 -29.03
C ILE H 359 -6.22 0.56 -29.80
N ILE H 360 -5.34 -0.43 -29.69
CA ILE H 360 -5.59 -1.73 -30.33
C ILE H 360 -6.24 -2.63 -29.30
N PRO H 361 -7.55 -2.83 -29.35
CA PRO H 361 -8.23 -3.61 -28.32
C PRO H 361 -8.14 -5.11 -28.61
N ALA H 362 -8.37 -5.89 -27.57
CA ALA H 362 -8.59 -7.31 -27.78
C ALA H 362 -9.89 -7.51 -28.54
N ILE H 363 -9.94 -8.55 -29.37
CA ILE H 363 -11.15 -8.84 -30.12
C ILE H 363 -12.31 -9.11 -29.18
N GLU H 364 -12.02 -9.67 -27.99
CA GLU H 364 -13.03 -9.80 -26.96
C GLU H 364 -13.61 -8.44 -26.59
N SER H 365 -12.73 -7.50 -26.21
CA SER H 365 -13.18 -6.16 -25.83
C SER H 365 -13.91 -5.47 -26.97
N ALA H 366 -13.48 -5.71 -28.21
CA ALA H 366 -14.10 -5.04 -29.35
C ALA H 366 -15.58 -5.35 -29.45
N HIS H 367 -16.02 -6.50 -28.92
CA HIS H 367 -17.45 -6.76 -28.81
C HIS H 367 -18.13 -5.76 -27.89
N ALA H 368 -17.48 -5.42 -26.77
CA ALA H 368 -18.06 -4.45 -25.84
C ALA H 368 -18.10 -3.06 -26.47
N VAL H 369 -17.03 -2.67 -27.16
CA VAL H 369 -17.01 -1.38 -27.85
C VAL H 369 -18.11 -1.33 -28.90
N ALA H 370 -18.22 -2.42 -29.68
CA ALA H 370 -19.27 -2.49 -30.70
C ALA H 370 -20.66 -2.31 -30.08
N GLY H 371 -20.91 -2.96 -28.96
CA GLY H 371 -22.20 -2.80 -28.32
C GLY H 371 -22.46 -1.41 -27.79
N ALA H 372 -21.41 -0.74 -27.31
CA ALA H 372 -21.58 0.62 -26.81
C ALA H 372 -21.98 1.58 -27.92
N LEU H 373 -21.40 1.41 -29.12
CA LEU H 373 -21.79 2.24 -30.25
C LEU H 373 -23.28 2.12 -30.54
N LYS H 374 -23.79 0.88 -30.54
CA LYS H 374 -25.21 0.68 -30.75
C LYS H 374 -26.03 1.26 -29.60
N LEU H 375 -25.55 1.08 -28.37
CA LEU H 375 -26.27 1.59 -27.21
C LEU H 375 -26.26 3.12 -27.16
N GLY H 376 -25.18 3.74 -27.66
CA GLY H 376 -25.16 5.19 -27.72
C GLY H 376 -26.20 5.76 -28.67
N VAL H 377 -26.49 5.05 -29.76
CA VAL H 377 -27.48 5.52 -30.72
C VAL H 377 -28.87 5.53 -30.09
N GLU H 378 -29.19 4.52 -29.29
CA GLU H 378 -30.51 4.46 -28.68
C GLU H 378 -30.61 5.34 -27.44
N LEU H 379 -29.50 5.57 -26.75
CA LEU H 379 -29.53 6.48 -25.60
C LEU H 379 -29.45 7.94 -26.02
N GLY H 380 -28.75 8.24 -27.12
CA GLY H 380 -28.77 9.57 -27.69
C GLY H 380 -27.64 10.46 -27.22
N ARG H 381 -27.69 11.70 -27.72
CA ARG H 381 -26.65 12.69 -27.49
C ARG H 381 -26.48 12.99 -26.01
N GLY H 382 -25.22 13.00 -25.55
CA GLY H 382 -24.89 13.36 -24.20
C GLY H 382 -24.87 12.20 -23.21
N ALA H 383 -25.45 11.06 -23.56
CA ALA H 383 -25.49 9.93 -22.65
C ALA H 383 -24.08 9.46 -22.32
N VAL H 384 -23.88 9.13 -21.04
CA VAL H 384 -22.57 8.71 -20.53
C VAL H 384 -22.55 7.20 -20.44
N ILE H 385 -21.65 6.58 -21.21
CA ILE H 385 -21.52 5.13 -21.27
C ILE H 385 -20.10 4.75 -20.88
N VAL H 386 -19.97 3.87 -19.89
CA VAL H 386 -18.68 3.36 -19.44
C VAL H 386 -18.47 1.99 -20.05
N VAL H 387 -17.35 1.82 -20.75
CA VAL H 387 -17.04 0.58 -21.46
C VAL H 387 -15.81 -0.05 -20.82
N ASN H 388 -15.93 -1.31 -20.44
CA ASN H 388 -14.80 -2.05 -19.89
C ASN H 388 -13.96 -2.55 -21.05
N LEU H 389 -12.82 -1.90 -21.29
CA LEU H 389 -11.87 -2.35 -22.31
C LEU H 389 -10.99 -3.41 -21.67
N SER H 390 -11.42 -4.68 -21.78
CA SER H 390 -10.89 -5.72 -20.91
C SER H 390 -9.46 -6.13 -21.26
N GLY H 391 -9.00 -5.85 -22.47
CA GLY H 391 -7.64 -6.23 -22.84
C GLY H 391 -7.17 -5.53 -24.09
N ARG H 392 -5.85 -5.54 -24.26
CA ARG H 392 -5.25 -5.03 -25.48
C ARG H 392 -5.15 -6.16 -26.51
N GLY H 393 -5.01 -5.78 -27.78
CA GLY H 393 -5.14 -6.72 -28.88
C GLY H 393 -3.85 -7.28 -29.45
N ASP H 394 -2.75 -7.20 -28.70
CA ASP H 394 -1.47 -7.70 -29.20
C ASP H 394 -1.57 -9.16 -29.64
N LYS H 395 -2.30 -9.97 -28.89
CA LYS H 395 -2.51 -11.37 -29.26
C LYS H 395 -3.31 -11.51 -30.54
N ASP H 396 -4.12 -10.52 -30.90
CA ASP H 396 -5.01 -10.61 -32.04
C ASP H 396 -4.50 -9.85 -33.26
N VAL H 397 -3.27 -9.31 -33.18
CA VAL H 397 -2.74 -8.48 -34.25
C VAL H 397 -2.70 -9.26 -35.56
N GLU H 398 -2.32 -10.53 -35.51
CA GLU H 398 -2.23 -11.33 -36.73
C GLU H 398 -3.61 -11.60 -37.31
N THR H 399 -4.59 -11.92 -36.47
CA THR H 399 -5.95 -12.17 -36.96
C THR H 399 -6.55 -10.90 -37.55
N ALA H 400 -6.42 -9.77 -36.84
CA ALA H 400 -6.92 -8.51 -37.36
C ALA H 400 -6.25 -8.13 -38.67
N ALA H 401 -4.94 -8.35 -38.76
CA ALA H 401 -4.20 -7.99 -39.97
C ALA H 401 -4.74 -8.74 -41.20
N LYS H 402 -5.16 -10.00 -41.02
CA LYS H 402 -5.73 -10.71 -42.14
C LYS H 402 -7.14 -10.22 -42.44
N TRP H 403 -7.90 -9.88 -41.39
CA TRP H 403 -9.26 -9.40 -41.59
C TRP H 403 -9.29 -8.13 -42.43
N PHE H 404 -8.32 -7.24 -42.21
CA PHE H 404 -8.27 -5.95 -42.89
C PHE H 404 -7.32 -5.94 -44.08
N GLY H 405 -6.85 -7.12 -44.51
CA GLY H 405 -6.06 -7.23 -45.72
C GLY H 405 -4.72 -6.54 -45.66
N LEU H 406 -3.97 -6.76 -44.59
CA LEU H 406 -2.66 -6.13 -44.41
C LEU H 406 -1.53 -7.15 -44.35
N LEU H 407 -1.76 -8.35 -44.86
CA LEU H 407 -0.71 -9.38 -44.90
C LEU H 407 0.43 -8.97 -45.82
C FMT I . -0.19 52.06 12.83
O1 FMT I . -0.42 51.07 13.52
O2 FMT I . -0.59 52.13 11.58
C1 MLA J . 4.32 50.51 12.01
O1A MLA J . 5.40 50.21 12.56
O1B MLA J . 3.94 50.03 10.92
C2 MLA J . 3.40 51.48 12.71
C3 MLA J . 4.08 52.06 13.92
O3A MLA J . 4.97 52.93 13.74
O3B MLA J . 3.75 51.66 15.06
C FMT K . -20.41 38.94 3.89
O1 FMT K . -20.98 39.62 3.04
O2 FMT K . -19.54 38.01 3.53
OP1 P1T L . -12.60 17.80 15.10
P P1T L . -12.39 19.23 15.54
OP2 P1T L . -11.41 19.99 14.69
OP3 P1T L . -13.67 19.97 15.89
OP4 P1T L . -11.65 19.07 16.96
C5A P1T L . -12.36 18.79 18.16
C5 P1T L . -11.66 17.58 18.77
C6 P1T L . -12.27 16.35 18.80
N1 P1T L . -11.68 15.25 19.32
C2 P1T L . -10.43 15.27 19.84
C2A P1T L . -9.83 14.01 20.39
C3 P1T L . -9.64 16.53 19.86
O3A P1T L . -8.38 16.56 20.38
C4 P1T L . -10.28 17.74 19.30
C4A P1T L . -9.60 19.09 19.26
N P1T L . -8.16 18.98 19.38
CA P1T L . -7.38 20.03 19.18
CB P1T L . -7.98 21.16 19.45
C P1T L . -6.01 20.06 19.62
O P1T L . -5.62 19.24 20.48
OXT P1T L . -5.24 20.91 19.13
C1 H9V M . -5.74 34.53 13.15
N2 H9V M . -5.71 39.86 10.86
C3 H9V M . -5.63 35.77 11.10
C4 H9V M . -5.46 34.58 10.41
C5 H9V M . -5.56 33.34 11.04
C6 H9V M . -5.61 33.36 12.43
C8 H9V M . -4.43 32.04 9.35
C9 H9V M . -4.06 30.82 8.81
C10 H9V M . -4.51 29.64 9.36
C11 H9V M . -5.32 29.67 10.48
C12 H9V M . -5.66 30.89 11.05
C13 H9V M . -5.88 36.90 13.24
C14 H9V M . -7.17 36.97 14.07
C15 H9V M . -6.54 38.26 12.85
C16 H9V M . -8.48 36.91 13.20
C17 H9V M . -6.08 39.19 11.72
C2 H9V M . -5.75 35.74 12.49
C7 H9V M . -5.31 32.11 10.44
F1 H9V M . -6.49 30.82 12.11
F2 H9V M . -3.97 33.09 8.77
F3 H9V M . -9.43 37.65 13.74
N1 H9V M . -6.42 38.25 14.33
CL1 H9V M . -4.03 28.16 8.67
CS CS N . -17.38 25.53 18.47
C FMT O . 5.06 21.68 -4.40
O1 FMT O . 5.55 22.33 -5.31
O2 FMT O . 4.53 20.48 -4.65
C FMT P . -17.24 5.89 36.52
O1 FMT P . -16.46 5.73 35.60
O2 FMT P . -18.43 6.44 36.30
C FMT Q . -32.57 13.45 6.38
O1 FMT Q . -32.10 14.58 6.47
O2 FMT Q . -33.32 12.96 7.35
C ACT R . -12.29 27.24 30.91
O ACT R . -12.45 27.46 29.69
OXT ACT R . -11.42 27.84 31.57
CH3 ACT R . -13.27 26.34 31.62
C FMT S . -5.59 -0.03 12.44
O1 FMT S . -6.11 0.30 13.51
O2 FMT S . -5.54 -1.33 12.15
C FMT T . -16.51 15.72 42.38
O1 FMT T . -15.36 16.05 42.26
O2 FMT T . -17.36 15.91 41.37
C1 MLA U . -2.92 -24.13 59.91
O1A MLA U . -2.20 -25.05 60.36
O1B MLA U . -3.68 -24.29 58.93
C2 MLA U . -2.85 -22.77 60.58
C3 MLA U . -1.86 -22.80 61.73
O3A MLA U . -0.72 -22.31 61.53
O3B MLA U . -2.21 -23.27 62.83
C FMT V . 12.64 -31.18 38.22
O1 FMT V . 13.76 -30.90 38.63
O2 FMT V . 12.49 -31.63 36.97
OP1 P1T W . 4.76 -10.89 29.51
P P1T W . 5.84 -10.06 28.84
OP2 P1T W . 7.25 -10.54 29.09
OP3 P1T W . 5.54 -9.68 27.42
OP4 P1T W . 5.76 -8.65 29.62
C5A P1T W . 6.71 -7.63 29.37
C5 P1T W . 6.00 -6.38 28.90
C6 P1T W . 6.29 -5.85 27.65
N1 P1T W . 5.71 -4.75 27.16
C2 P1T W . 4.77 -4.04 27.84
C2A P1T W . 4.16 -2.82 27.21
C3 P1T W . 4.35 -4.49 29.18
O3A P1T W . 3.41 -3.79 29.88
C4 P1T W . 4.99 -5.71 29.75
C4A P1T W . 4.63 -6.24 31.12
N P1T W . 3.41 -5.62 31.57
CA P1T W . 2.78 -6.02 32.64
CB P1T W . 3.61 -6.30 33.60
C P1T W . 1.59 -5.39 33.16
O P1T W . 1.10 -5.82 34.23
OXT P1T W . 1.08 -4.44 32.53
C1 H9V X . 2.69 -17.70 43.59
N2 H9V X . 2.73 -22.15 47.21
C3 H9V X . 1.94 -19.94 43.99
C4 H9V X . 1.20 -19.89 42.82
C5 H9V X . 1.25 -18.79 41.96
C6 H9V X . 1.96 -17.68 42.41
C8 H9V X . -0.69 -19.48 40.59
C9 H9V X . -1.48 -19.32 39.47
C10 H9V X . -1.19 -18.36 38.51
C11 H9V X . -0.09 -17.57 38.71
C12 H9V X . 0.70 -17.68 39.84
C13 H9V X . 3.41 -18.83 45.56
C14 H9V X . 4.93 -18.67 45.38
C15 H9V X . 4.07 -20.05 46.29
C16 H9V X . 5.60 -19.79 44.52
C17 H9V X . 3.30 -21.26 46.84
C2 H9V X . 2.68 -18.83 44.38
C7 H9V X . 0.46 -18.70 40.79
F1 H9V X . 1.70 -16.91 39.88
F2 H9V X . -1.06 -20.43 41.44
F3 H9V X . 6.88 -20.13 44.94
N1 H9V X . 4.68 -18.82 46.86
CL1 H9V X . -2.15 -18.14 37.09
CS CS Y . 12.78 -11.41 33.65
C1 PGE Z . 19.96 -21.56 15.86
O1 PGE Z . 19.33 -22.63 16.52
C2 PGE Z . 18.88 -20.61 15.39
O2 PGE Z . 19.43 -19.65 14.50
C3 PGE Z . 19.53 -20.11 13.16
C4 PGE Z . 19.66 -18.91 12.24
O4 PGE Z . 23.65 -19.51 11.16
C6 PGE Z . 23.16 -18.24 11.59
C5 PGE Z . 21.68 -18.15 11.26
O3 PGE Z . 20.93 -18.32 12.44
C FMT AA . 16.22 21.42 -50.79
O1 FMT AA . 17.15 21.79 -51.49
O2 FMT AA . 15.62 20.26 -51.02
C1 MLA BA . 24.10 17.54 -59.33
O1A MLA BA . 24.26 16.86 -58.30
O1B MLA BA . 24.67 17.28 -60.42
C2 MLA BA . 23.18 18.73 -59.29
C3 MLA BA . 22.77 19.01 -57.87
O3A MLA BA . 23.32 19.97 -57.28
O3B MLA BA . 21.91 18.28 -57.34
OP1 P1T CA . 15.97 5.25 -24.68
P P1T CA . 16.69 5.12 -26.00
OP2 P1T CA . 16.42 6.23 -26.99
OP3 P1T CA . 18.13 4.69 -25.86
OP4 P1T CA . 15.98 3.85 -26.67
C5A P1T CA . 16.46 2.54 -26.44
C5 P1T CA . 15.22 1.71 -26.22
C6 P1T CA . 14.93 1.19 -24.95
N1 P1T CA . 13.82 0.46 -24.72
C2 P1T CA . 12.90 0.18 -25.68
C2A P1T CA . 11.68 -0.64 -25.35
C3 P1T CA . 13.08 0.67 -27.06
O3A P1T CA . 12.16 0.40 -28.02
C4 P1T CA . 14.29 1.48 -27.34
C4A P1T CA . 14.60 2.05 -28.71
N P1T CA . 13.55 1.74 -29.65
CA P1T CA . 13.39 2.47 -30.73
CB P1T CA . 14.50 2.54 -31.41
C P1T CA . 12.25 2.38 -31.62
O P1T CA . 11.31 1.62 -31.30
OXT P1T CA . 12.21 3.08 -32.65
C1 H9V DA . 20.88 12.29 -40.74
N2 H9V DA . 24.34 15.97 -43.49
C3 H9V DA . 21.37 14.60 -41.13
C4 H9V DA . 20.47 14.96 -40.13
C5 H9V DA . 19.84 14.01 -39.33
C6 H9V DA . 20.01 12.68 -39.72
C8 H9V DA . 18.09 15.47 -38.48
C9 H9V DA . 17.04 15.74 -37.62
C10 H9V DA . 16.69 14.85 -36.63
C11 H9V DA . 17.40 13.66 -36.53
C12 H9V DA . 18.42 13.36 -37.42
C13 H9V DA . 22.43 12.89 -42.49
C14 H9V DA . 23.33 11.59 -42.56
C15 H9V DA . 23.84 13.49 -42.85
C16 H9V DA . 24.40 11.36 -41.43
C17 H9V DA . 24.16 14.93 -43.22
C2 H9V DA . 21.57 13.26 -41.44
C7 H9V DA . 18.87 14.31 -38.37
F1 H9V DA . 19.07 12.22 -37.21
F2 H9V DA . 18.33 16.44 -39.42
F3 H9V DA . 24.86 12.42 -40.61
N1 H9V DA . 23.50 12.45 -43.78
CL1 H9V DA . 15.38 15.19 -35.53
CS CS EA . 24.65 3.06 -28.59
C FMT FA . 31.07 -5.09 -0.98
O1 FMT FA . 30.34 -4.20 -0.58
O2 FMT FA . 30.57 -6.29 -1.30
C FMT GA . 33.73 20.47 -32.19
O1 FMT GA . 34.74 19.92 -32.59
O2 FMT GA . 33.80 21.46 -31.30
C1 MLA HA . -3.68 8.65 -40.09
O1A MLA HA . -3.19 8.53 -38.94
O1B MLA HA . -3.24 8.01 -41.09
C2 MLA HA . -4.85 9.57 -40.31
C3 MLA HA . -5.85 9.43 -39.19
O3A MLA HA . -6.92 8.80 -39.42
O3B MLA HA . -5.59 9.93 -38.08
C1 PGE IA . 30.12 6.85 -3.77
O1 PGE IA . 29.32 7.42 -2.74
C2 PGE IA . 30.05 7.73 -5.01
O2 PGE IA . 28.71 8.09 -5.25
C3 PGE IA . 28.39 8.22 -6.62
C4 PGE IA . 28.53 9.66 -7.05
O4 PGE IA . 30.01 12.06 -9.66
C6 PGE IA . 30.42 10.73 -9.90
C5 PGE IA . 30.25 9.92 -8.64
O3 PGE IA . 28.86 9.70 -8.41
C1 MLA JA . -14.44 -49.15 -14.64
O1A MLA JA . -13.85 -50.26 -14.67
O1B MLA JA . -14.72 -48.49 -15.66
C2 MLA JA . -14.81 -48.57 -13.30
C3 MLA JA . -13.57 -48.06 -12.60
O3A MLA JA . -12.45 -48.37 -13.07
O3B MLA JA . -13.71 -47.37 -11.57
C FMT KA . -7.99 0.07 -39.56
O1 FMT KA . -7.11 -0.71 -39.26
O2 FMT KA . -9.17 -0.39 -39.98
OP1 P1T LA . -16.11 -13.13 -19.72
P P1T LA . -14.71 -13.06 -19.15
OP2 P1T LA . -14.41 -14.12 -18.12
OP3 P1T LA . -14.25 -11.67 -18.76
OP4 P1T LA . -13.76 -13.44 -20.38
C5A P1T LA . -13.89 -12.82 -21.66
C5 P1T LA . -12.60 -12.10 -21.97
C6 P1T LA . -12.57 -10.72 -22.13
N1 P1T LA . -11.45 -10.03 -22.39
C2 P1T LA . -10.24 -10.63 -22.54
C2A P1T LA . -9.01 -9.80 -22.84
C3 P1T LA . -10.11 -12.10 -22.40
O3A P1T LA . -8.90 -12.70 -22.54
C4 P1T LA . -11.35 -12.87 -22.10
C4A P1T LA . -11.36 -14.37 -21.95
N P1T LA . -10.01 -14.90 -21.97
CA P1T LA . -9.72 -16.06 -21.44
CB P1T LA . -10.58 -16.99 -21.79
C P1T LA . -8.38 -16.57 -21.39
O P1T LA . -8.19 -17.79 -21.23
OXT P1T LA . -7.44 -15.75 -21.50
C1 H9V MA . -15.77 -29.57 -15.88
N2 H9V MA . -18.66 -33.97 -13.68
C3 H9V MA . -16.75 -30.57 -13.92
C4 H9V MA . -16.29 -29.51 -13.15
C5 H9V MA . -15.67 -28.40 -13.73
C6 H9V MA . -15.35 -28.51 -15.09
C8 H9V MA . -14.65 -27.55 -11.70
C9 H9V MA . -13.99 -26.55 -11.00
C10 H9V MA . -13.70 -25.34 -11.60
C11 H9V MA . -14.07 -25.13 -12.91
C12 H9V MA . -14.71 -26.14 -13.63
C13 H9V MA . -16.91 -31.69 -16.04
C14 H9V MA . -17.58 -31.62 -17.47
C15 H9V MA . -18.18 -32.58 -15.81
C16 H9V MA . -18.94 -30.80 -17.60
C17 H9V MA . -18.52 -33.39 -14.60
C2 H9V MA . -16.48 -30.61 -15.28
C7 H9V MA . -15.11 -27.33 -13.01
F1 H9V MA . -15.05 -25.82 -14.87
F2 H9V MA . -14.88 -28.66 -11.03
F3 H9V MA . -19.72 -30.44 -16.44
N1 H9V MA . -17.44 -33.03 -16.96
CL1 H9V MA . -12.88 -24.09 -10.75
CS CS NA . -21.04 -16.92 -23.52
C FMT OA . -32.53 -27.22 -10.45
O1 FMT OA . -32.42 -26.70 -9.37
O2 FMT OA . -32.86 -26.48 -11.51
C1 EDO PA . -33.50 -0.67 -15.29
O1 EDO PA . -33.34 -2.00 -14.76
C2 EDO PA . -32.17 0.07 -15.25
O2 EDO PA . -32.32 1.41 -15.71
C FMT QA . -30.59 -2.39 -17.71
O1 FMT QA . -30.13 -2.82 -18.76
O2 FMT QA . -29.91 -2.51 -16.58
C FMT RA . 1.31 -34.04 -11.11
O1 FMT RA . 2.12 -34.08 -10.20
O2 FMT RA . 1.39 -34.89 -12.13
#